data_8ASC
#
_entry.id   8ASC
#
_cell.length_a   85.024
_cell.length_b   428.570
_cell.length_c   96.065
_cell.angle_alpha   90.000
_cell.angle_beta   90.010
_cell.angle_gamma   90.000
#
_symmetry.space_group_name_H-M   'P 1 21 1'
#
loop_
_entity.id
_entity.type
_entity.pdbx_description
1 polymer 'X-ray repair cross-complementing protein 6'
2 polymer 'X-ray repair cross-complementing protein 5'
3 polymer "DNA (5'-D(P*CP*GP*GP*AP*TP*CP*GP*AP*GP*GP*GP*CP*CP*CP*GP*AP*TP*AP*T)-3')"
4 polymer "DNA (5'-D(P*GP*GP*GP*CP*CP*CP*TP*CP*GP*AP*TP*CP*CP*G)-3')"
5 polymer 'Protein PAXX'
6 non-polymer 'SULFATE ION'
7 water water
#
loop_
_entity_poly.entity_id
_entity_poly.type
_entity_poly.pdbx_seq_one_letter_code
_entity_poly.pdbx_strand_id
1 'polypeptide(L)'
;MSGWESYYKTEGDEEAEEEQEENLEASGDYKYSGRDSLIFLVDASKAMFESQSEDELTPFDMSIQCIQSVYISKIISSDR
DLLAVVFYGTEKDKNSVNFKNIYVLQELDNPGAKRILELDQFKGQQGQKRFQDMMGHGSDYSLSEVLWVCANLFSDVQFK
MSHKRIMLFTNEDNPHGNDSAKASRARTKAGDLRDTGIFLDLMHLKKPGGFDISLFYRDIISIAEDEDLRVHFEESSKLE
DLLRKVRAKETRKRALSRLKLKLNKDIVISVGIYNLVQKALKPPPIKLYRETNEPVKTKTRTFNTSTGGLLLPSDTKRSQ
IYGSRQIILEKEETEELKRFDDPGLMLMGFKPLVLLKKHHYLRPSLFVYPEESLVIGSSTLFSALLIKCLEKEVAALCRY
TPRRNIPPYFVALVPQEEELDDQKIQVTPPGFQLVFLPFADDKRKMPFTEKIMATPEQVGKMKAIVEKLRFTYRSDSFEN
PVLQQHFRNLEALALDLMEPEQAVDLTLPKVEAMNKRLGSLVDEFKELVYPPDYNPEGKVTKRK
;
A,E,K,O
2 'polypeptide(L)'
;MHHHHHHHHHHENLYFQGVRSGNKAAVVLCMDVGFTMSNSIPGIESPFEQAKKVITMFVQRQVFAENKDEIALVLFGTDG
TDNPLSGGDQYQNITVHRHLMLPDFDLLEDIESKIQPGSQQADFLDALIVSMDVIQHETIGKKFEKRHIEIFTDLSSRFS
KSQLDIIIHSLKKCDISLQFFLPFSLGKEDGSGDRGDGPFRLGGHGPSFPLKGITEQQKEGLEIVKMVMISLEGEDGLDE
IYSFSESLRKLCVFKKIERHSIHWPCRLTIGSNLSIRIAAYKSILQERVKKTWTVVDAKTLKKEDIQKETVYCLNDDDET
EVLKEDIIQGFRYGSDIVPFSKVDEEQMKYKSEGKCFSVLGFCKSSQVQRRFFMGNQVLKVFAARDDEAAAVALSSLIHA
LDDLDMVAIVRYAYDKRANPQVGVAFPHIKHNYECLVYVQLPFMEDLRQYMFSSLKNSKKYAPTEAQLNAVDALIDSMSL
AKKDEKTDTLEDLFPTTKIPNPRFQRLFQCLLHRALHPREPLPPIQQHIWNMLNPPAEVTTKSQIPLSKIKTLFPLIEAK
KKDQVTAQEIFQ
;
B,F,L,P
3 'polydeoxyribonucleotide'
;(DC)(DG)(DG)(DA)(DT)(DC)(DG)(DA)(DG)(DG)(DG)(DC)(DC)(DC)(DG)(DA)(DT)(DA)(DT)(DC)
(DT)(DA)(DG)(DA)(DG)(DG)(DG)(DA)(DT)(DC)
;
C,G,M,Q
4 'polydeoxyribonucleotide' (DC)(DG)(DG)(DG)(DC)(DC)(DC)(DT)(DC)(DG)(DA)(DT)(DC)(DC)(DG) D,H,N,R
5 'polypeptide(L)' RRRCPGESLINPGFKSKKPAGGVDFDET J,T
#
loop_
_chem_comp.id
_chem_comp.type
_chem_comp.name
_chem_comp.formula
DA DNA linking 2'-DEOXYADENOSINE-5'-MONOPHOSPHATE 'C10 H14 N5 O6 P'
DC DNA linking 2'-DEOXYCYTIDINE-5'-MONOPHOSPHATE 'C9 H14 N3 O7 P'
DG DNA linking 2'-DEOXYGUANOSINE-5'-MONOPHOSPHATE 'C10 H14 N5 O7 P'
DT DNA linking THYMIDINE-5'-MONOPHOSPHATE 'C10 H15 N2 O8 P'
SO4 non-polymer 'SULFATE ION' 'O4 S -2'
#
# COMPACT_ATOMS: atom_id res chain seq x y z
N SER A 33 12.75 40.92 9.85
CA SER A 33 12.07 39.82 9.21
C SER A 33 11.01 39.22 10.13
N GLY A 34 10.10 38.45 9.56
CA GLY A 34 9.08 37.78 10.36
C GLY A 34 8.13 37.01 9.47
N ARG A 35 7.44 36.06 10.11
CA ARG A 35 6.48 35.19 9.44
C ARG A 35 5.11 35.87 9.39
N ASP A 36 4.47 35.84 8.22
CA ASP A 36 3.17 36.47 8.07
C ASP A 36 2.04 35.48 8.39
N SER A 37 1.00 35.97 9.07
CA SER A 37 -0.15 35.14 9.43
C SER A 37 -1.35 35.52 8.57
N LEU A 38 -2.00 34.53 7.95
CA LEU A 38 -3.16 34.80 7.10
C LEU A 38 -4.29 33.83 7.46
N ILE A 39 -5.47 34.35 7.80
CA ILE A 39 -6.61 33.53 8.17
C ILE A 39 -7.73 33.70 7.15
N PHE A 40 -8.19 32.58 6.58
CA PHE A 40 -9.29 32.56 5.61
C PHE A 40 -10.61 32.23 6.32
N LEU A 41 -11.51 33.22 6.38
CA LEU A 41 -12.82 33.06 7.01
C LEU A 41 -13.90 32.88 5.95
N VAL A 42 -14.59 31.73 5.97
CA VAL A 42 -15.59 31.41 4.96
C VAL A 42 -16.97 31.24 5.58
N ASP A 43 -17.95 31.95 5.01
CA ASP A 43 -19.36 31.88 5.40
C ASP A 43 -19.95 30.56 4.92
N ALA A 44 -20.71 29.88 5.78
CA ALA A 44 -21.33 28.61 5.42
C ALA A 44 -22.85 28.65 5.57
N SER A 45 -23.46 29.80 5.26
CA SER A 45 -24.91 29.95 5.32
C SER A 45 -25.56 29.42 4.04
N LYS A 46 -26.90 29.25 4.12
CA LYS A 46 -27.69 28.73 3.00
C LYS A 46 -27.41 29.47 1.70
N ALA A 47 -27.22 30.80 1.77
CA ALA A 47 -26.97 31.59 0.57
C ALA A 47 -25.65 31.20 -0.11
N MET A 48 -24.66 30.74 0.66
CA MET A 48 -23.34 30.36 0.13
C MET A 48 -23.39 29.12 -0.76
N PHE A 49 -24.40 28.27 -0.60
CA PHE A 49 -24.63 27.02 -1.32
C PHE A 49 -25.57 27.23 -2.50
N GLU A 50 -25.84 28.49 -2.81
CA GLU A 50 -26.75 28.90 -3.87
C GLU A 50 -25.84 29.39 -4.99
N SER A 51 -26.06 28.89 -6.20
CA SER A 51 -25.20 29.35 -7.29
C SER A 51 -25.67 30.64 -7.87
N GLN A 52 -26.37 31.36 -7.02
CA GLN A 52 -26.98 32.65 -7.28
C GLN A 52 -27.28 32.90 -8.76
N SER A 53 -28.03 31.96 -9.30
CA SER A 53 -28.50 31.87 -10.69
C SER A 53 -27.55 32.15 -11.85
N GLU A 54 -26.33 31.63 -11.81
CA GLU A 54 -25.37 31.85 -12.90
C GLU A 54 -24.67 30.50 -13.15
N ASP A 55 -23.85 30.41 -14.22
CA ASP A 55 -23.14 29.16 -14.44
C ASP A 55 -21.91 28.93 -13.57
N GLU A 56 -21.43 29.97 -12.91
CA GLU A 56 -20.29 29.85 -12.03
C GLU A 56 -20.67 29.06 -10.78
N LEU A 57 -19.68 28.38 -10.23
CA LEU A 57 -19.88 27.56 -9.05
C LEU A 57 -20.31 28.47 -7.91
N THR A 58 -21.00 27.86 -6.95
CA THR A 58 -21.50 28.61 -5.82
C THR A 58 -20.36 29.25 -5.05
N PRO A 59 -20.63 30.41 -4.43
CA PRO A 59 -19.59 31.14 -3.69
C PRO A 59 -18.80 30.27 -2.75
N PHE A 60 -19.41 29.23 -2.19
CA PHE A 60 -18.66 28.34 -1.32
C PHE A 60 -17.61 27.61 -2.15
N ASP A 61 -18.02 27.05 -3.30
CA ASP A 61 -17.11 26.35 -4.19
C ASP A 61 -15.99 27.28 -4.66
N MET A 62 -16.35 28.53 -4.99
CA MET A 62 -15.38 29.52 -5.41
C MET A 62 -14.36 29.76 -4.32
N SER A 63 -14.82 29.89 -3.08
CA SER A 63 -13.94 30.14 -1.95
C SER A 63 -12.97 28.99 -1.74
N ILE A 64 -13.50 27.76 -1.59
CA ILE A 64 -12.65 26.58 -1.40
C ILE A 64 -11.58 26.47 -2.48
N GLN A 65 -11.93 26.68 -3.76
CA GLN A 65 -10.92 26.59 -4.81
C GLN A 65 -9.89 27.71 -4.71
N CYS A 66 -10.33 28.92 -4.38
CA CYS A 66 -9.41 30.04 -4.23
C CYS A 66 -8.42 29.76 -3.10
N ILE A 67 -8.93 29.24 -1.98
CA ILE A 67 -8.08 28.93 -0.83
C ILE A 67 -7.02 27.92 -1.23
N GLN A 68 -7.44 26.83 -1.89
CA GLN A 68 -6.51 25.81 -2.35
C GLN A 68 -5.42 26.40 -3.25
N SER A 69 -5.82 27.26 -4.20
CA SER A 69 -4.85 27.89 -5.10
C SER A 69 -3.82 28.72 -4.34
N VAL A 70 -4.28 29.43 -3.31
CA VAL A 70 -3.33 30.21 -2.51
C VAL A 70 -2.36 29.30 -1.79
N TYR A 71 -2.87 28.22 -1.19
CA TYR A 71 -2.01 27.25 -0.50
C TYR A 71 -0.91 26.70 -1.41
N ILE A 72 -1.27 26.29 -2.63
CA ILE A 72 -0.24 25.76 -3.54
C ILE A 72 0.77 26.84 -3.90
N SER A 73 0.31 28.04 -4.22
CA SER A 73 1.26 29.12 -4.55
C SER A 73 2.19 29.42 -3.37
N LYS A 74 1.67 29.36 -2.14
CA LYS A 74 2.49 29.63 -0.97
C LYS A 74 3.54 28.55 -0.81
N ILE A 75 3.24 27.33 -1.24
CA ILE A 75 4.23 26.26 -1.19
C ILE A 75 5.30 26.52 -2.24
N ILE A 76 4.87 26.93 -3.43
CA ILE A 76 5.79 27.25 -4.52
C ILE A 76 6.71 28.39 -4.13
N SER A 77 6.15 29.51 -3.67
CA SER A 77 7.00 30.64 -3.29
C SER A 77 7.79 30.32 -2.03
N SER A 78 8.95 30.98 -1.91
CA SER A 78 9.89 30.86 -0.78
C SER A 78 9.46 31.60 0.47
N ASP A 79 8.17 31.61 0.79
CA ASP A 79 7.64 32.28 1.96
C ASP A 79 7.18 31.36 3.10
N ARG A 80 7.64 31.66 4.31
CA ARG A 80 7.40 31.01 5.60
C ARG A 80 6.00 31.28 6.14
N ASP A 81 5.16 32.05 5.42
CA ASP A 81 3.84 32.46 5.90
C ASP A 81 2.96 31.29 6.36
N LEU A 82 2.23 31.56 7.45
CA LEU A 82 1.31 30.65 8.12
C LEU A 82 -0.13 30.92 7.69
N LEU A 83 -0.86 29.88 7.31
CA LEU A 83 -2.23 30.01 6.83
C LEU A 83 -3.21 29.30 7.75
N ALA A 84 -4.48 29.72 7.69
CA ALA A 84 -5.55 29.12 8.48
C ALA A 84 -6.88 29.22 7.74
N VAL A 85 -7.77 28.25 7.99
CA VAL A 85 -9.09 28.16 7.37
C VAL A 85 -10.16 28.01 8.46
N VAL A 86 -11.03 29.03 8.59
CA VAL A 86 -12.09 29.05 9.59
C VAL A 86 -13.45 29.21 8.91
N PHE A 87 -14.43 28.42 9.36
CA PHE A 87 -15.80 28.45 8.87
C PHE A 87 -16.72 28.92 9.99
N TYR A 88 -17.80 29.61 9.60
CA TYR A 88 -18.81 30.07 10.55
C TYR A 88 -20.20 29.81 9.98
N GLY A 89 -21.15 29.61 10.89
CA GLY A 89 -22.52 29.29 10.53
C GLY A 89 -22.78 27.80 10.32
N THR A 90 -21.91 26.95 10.84
CA THR A 90 -22.00 25.50 10.78
C THR A 90 -22.59 24.95 12.07
N GLU A 91 -23.35 23.86 11.95
CA GLU A 91 -23.94 23.24 13.13
C GLU A 91 -22.85 22.68 14.05
N LYS A 92 -21.90 21.92 13.49
CA LYS A 92 -20.80 21.38 14.27
C LYS A 92 -19.79 22.47 14.59
N ASP A 93 -19.48 22.66 15.87
CA ASP A 93 -18.51 23.68 16.26
C ASP A 93 -17.27 23.03 16.85
N LYS A 94 -16.10 23.41 16.35
CA LYS A 94 -14.82 22.89 16.84
C LYS A 94 -13.87 24.07 17.03
N ASN A 95 -13.74 24.61 18.24
CA ASN A 95 -12.83 25.74 18.41
C ASN A 95 -12.37 25.84 19.86
N SER A 96 -11.27 26.59 20.03
CA SER A 96 -10.59 26.81 21.31
C SER A 96 -11.49 27.01 22.53
N VAL A 97 -12.44 27.94 22.46
CA VAL A 97 -13.29 28.26 23.60
C VAL A 97 -14.71 27.74 23.42
N ASN A 98 -14.90 26.81 22.49
CA ASN A 98 -16.18 26.16 22.19
C ASN A 98 -17.33 27.14 21.92
N PHE A 99 -17.06 28.16 21.11
CA PHE A 99 -18.14 29.06 20.70
C PHE A 99 -19.04 28.36 19.68
N LYS A 100 -20.35 28.45 19.90
CA LYS A 100 -21.30 27.75 19.04
C LYS A 100 -21.19 28.23 17.60
N ASN A 101 -21.26 27.26 16.68
CA ASN A 101 -21.30 27.43 15.23
C ASN A 101 -20.01 28.00 14.62
N ILE A 102 -18.85 27.69 15.18
CA ILE A 102 -17.55 28.11 14.63
C ILE A 102 -16.64 26.91 14.47
N TYR A 103 -16.31 26.54 13.22
CA TYR A 103 -15.43 25.40 12.95
C TYR A 103 -14.09 25.86 12.37
N VAL A 104 -13.04 25.77 13.18
CA VAL A 104 -11.68 26.10 12.74
C VAL A 104 -11.10 24.84 12.11
N LEU A 105 -11.19 24.74 10.77
CA LEU A 105 -10.70 23.56 10.09
C LEU A 105 -9.19 23.41 10.25
N GLN A 106 -8.45 24.50 10.00
CA GLN A 106 -7.00 24.48 10.10
C GLN A 106 -6.52 25.66 10.92
N GLU A 107 -5.69 25.36 11.91
CA GLU A 107 -5.06 26.36 12.76
C GLU A 107 -3.99 27.08 11.96
N LEU A 108 -3.43 28.13 12.55
CA LEU A 108 -2.40 28.88 11.85
C LEU A 108 -1.16 28.00 11.81
N ASP A 109 -0.82 27.54 10.60
CA ASP A 109 0.33 26.66 10.41
C ASP A 109 0.77 26.72 8.95
N ASN A 110 1.96 26.18 8.73
CA ASN A 110 2.59 26.14 7.42
C ASN A 110 1.70 25.43 6.39
N PRO A 111 1.81 25.79 5.11
CA PRO A 111 1.02 25.11 4.10
C PRO A 111 1.57 23.70 3.87
N GLY A 112 0.67 22.74 3.68
CA GLY A 112 1.09 21.37 3.46
C GLY A 112 0.31 20.68 2.37
N ALA A 113 0.88 19.55 1.94
CA ALA A 113 0.24 18.70 0.93
C ALA A 113 -1.02 18.09 1.49
N LYS A 114 -0.96 17.72 2.77
CA LYS A 114 -2.06 17.11 3.49
C LYS A 114 -3.17 18.12 3.72
N ARG A 115 -2.80 19.38 3.91
CA ARG A 115 -3.78 20.44 4.11
C ARG A 115 -4.57 20.68 2.83
N ILE A 116 -3.87 20.71 1.69
CA ILE A 116 -4.54 20.89 0.40
C ILE A 116 -5.42 19.69 0.12
N LEU A 117 -4.95 18.49 0.50
CA LEU A 117 -5.79 17.31 0.30
C LEU A 117 -7.08 17.41 1.11
N GLU A 118 -6.99 17.98 2.33
CA GLU A 118 -8.20 18.16 3.13
C GLU A 118 -9.15 19.16 2.48
N LEU A 119 -8.60 20.25 1.91
CA LEU A 119 -9.45 21.23 1.22
C LEU A 119 -10.08 20.64 -0.03
N ASP A 120 -9.40 19.71 -0.68
CA ASP A 120 -9.92 19.10 -1.90
C ASP A 120 -11.19 18.28 -1.64
N GLN A 121 -11.45 17.89 -0.39
CA GLN A 121 -12.64 17.13 -0.06
C GLN A 121 -13.92 17.96 -0.15
N PHE A 122 -13.82 19.29 -0.23
CA PHE A 122 -14.96 20.19 -0.32
C PHE A 122 -15.08 20.84 -1.70
N LYS A 123 -14.08 20.66 -2.55
CA LYS A 123 -14.08 21.24 -3.90
C LYS A 123 -15.13 20.58 -4.79
N GLY A 124 -15.92 21.42 -5.47
CA GLY A 124 -16.91 20.90 -6.39
C GLY A 124 -18.27 20.61 -5.77
N GLN A 125 -19.14 20.13 -6.65
CA GLN A 125 -20.50 19.76 -6.30
C GLN A 125 -20.44 18.53 -5.42
N GLN A 126 -19.46 17.68 -5.70
CA GLN A 126 -19.26 16.46 -4.93
C GLN A 126 -18.66 16.84 -3.59
N GLY A 127 -17.82 17.88 -3.60
CA GLY A 127 -17.27 18.38 -2.36
C GLY A 127 -18.31 19.09 -1.52
N GLN A 128 -19.26 19.77 -2.18
CA GLN A 128 -20.34 20.41 -1.42
C GLN A 128 -21.15 19.37 -0.67
N LYS A 129 -21.44 18.23 -1.32
CA LYS A 129 -22.15 17.18 -0.60
C LYS A 129 -21.34 16.72 0.60
N ARG A 130 -20.03 16.57 0.42
CA ARG A 130 -19.18 16.15 1.52
C ARG A 130 -19.17 17.16 2.66
N PHE A 131 -19.20 18.45 2.33
CA PHE A 131 -19.24 19.48 3.38
C PHE A 131 -20.53 19.44 4.17
N GLN A 132 -21.67 19.42 3.47
CA GLN A 132 -22.95 19.36 4.18
C GLN A 132 -23.04 18.12 5.06
N ASP A 133 -22.39 17.03 4.66
CA ASP A 133 -22.46 15.82 5.49
C ASP A 133 -21.53 15.91 6.69
N MET A 134 -20.29 16.37 6.49
CA MET A 134 -19.33 16.48 7.60
C MET A 134 -19.80 17.49 8.64
N MET A 135 -20.18 18.69 8.22
CA MET A 135 -20.65 19.72 9.14
C MET A 135 -21.90 20.37 8.56
N GLY A 136 -22.72 20.93 9.44
CA GLY A 136 -23.96 21.53 9.00
C GLY A 136 -23.76 22.83 8.25
N HIS A 137 -24.91 23.47 7.97
CA HIS A 137 -24.91 24.73 7.24
C HIS A 137 -26.18 25.53 7.53
N GLY A 138 -26.09 26.82 7.23
CA GLY A 138 -27.17 27.79 7.42
C GLY A 138 -27.62 28.04 8.84
N SER A 139 -26.74 27.80 9.81
CA SER A 139 -27.05 27.97 11.23
C SER A 139 -26.80 29.40 11.67
N ASP A 140 -27.55 29.85 12.69
CA ASP A 140 -27.38 31.19 13.21
C ASP A 140 -26.00 31.35 13.86
N TYR A 141 -25.26 32.35 13.40
CA TYR A 141 -23.92 32.66 13.88
C TYR A 141 -23.89 34.03 14.57
N SER A 142 -22.70 34.40 15.05
CA SER A 142 -22.49 35.70 15.71
C SER A 142 -21.09 36.20 15.34
N LEU A 143 -21.04 37.12 14.36
CA LEU A 143 -19.79 37.67 13.86
C LEU A 143 -18.85 38.14 14.98
N SER A 144 -19.39 38.61 16.09
CA SER A 144 -18.56 39.02 17.22
C SER A 144 -17.71 37.86 17.73
N GLU A 145 -18.36 36.72 17.94
CA GLU A 145 -17.65 35.53 18.39
C GLU A 145 -16.69 35.02 17.32
N VAL A 146 -17.09 35.14 16.04
CA VAL A 146 -16.24 34.68 14.94
C VAL A 146 -14.91 35.44 14.96
N LEU A 147 -14.95 36.77 15.01
CA LEU A 147 -13.71 37.52 15.05
C LEU A 147 -12.96 37.27 16.36
N TRP A 148 -13.69 37.01 17.45
CA TRP A 148 -13.01 36.74 18.71
C TRP A 148 -12.16 35.47 18.60
N VAL A 149 -12.73 34.41 18.01
CA VAL A 149 -11.96 33.17 17.84
C VAL A 149 -10.76 33.42 16.92
N CYS A 150 -10.97 34.13 15.79
CA CYS A 150 -9.86 34.42 14.88
C CYS A 150 -8.72 35.17 15.60
N ALA A 151 -9.06 36.20 16.36
CA ALA A 151 -8.01 36.92 17.09
C ALA A 151 -7.33 35.98 18.06
N ASN A 152 -8.10 35.12 18.72
CA ASN A 152 -7.48 34.19 19.63
C ASN A 152 -6.60 33.23 18.86
N LEU A 153 -6.85 33.06 17.55
CA LEU A 153 -5.96 32.20 16.80
C LEU A 153 -4.64 32.91 16.56
N PHE A 154 -4.64 34.24 16.44
CA PHE A 154 -3.29 34.77 16.27
C PHE A 154 -2.55 34.76 17.59
N SER A 155 -3.31 34.87 18.70
CA SER A 155 -2.71 34.86 20.03
C SER A 155 -1.78 33.69 20.30
N ASP A 156 -2.16 32.50 19.81
CA ASP A 156 -1.47 31.23 19.97
C ASP A 156 -0.27 31.02 19.04
N VAL A 157 0.20 32.03 18.33
CA VAL A 157 1.40 31.88 17.51
C VAL A 157 2.59 32.41 18.31
N GLN A 158 3.72 31.71 18.20
CA GLN A 158 4.92 32.09 18.96
C GLN A 158 5.89 32.91 18.14
N PHE A 159 6.07 32.62 16.86
CA PHE A 159 6.99 33.41 16.05
C PHE A 159 6.37 34.77 15.74
N LYS A 160 7.23 35.78 15.64
CA LYS A 160 6.80 37.16 15.40
C LYS A 160 5.96 37.28 14.13
N MET A 161 4.72 37.74 14.30
CA MET A 161 3.79 37.95 13.19
C MET A 161 4.04 39.34 12.59
N SER A 162 4.60 39.39 11.37
CA SER A 162 4.83 40.67 10.74
C SER A 162 3.52 41.34 10.34
N HIS A 163 2.59 40.58 9.76
CA HIS A 163 1.29 41.11 9.35
C HIS A 163 0.22 40.11 9.76
N LYS A 164 -0.85 40.61 10.38
CA LYS A 164 -1.96 39.78 10.78
C LYS A 164 -3.11 40.16 9.85
N ARG A 165 -3.66 39.17 9.15
CA ARG A 165 -4.70 39.46 8.16
C ARG A 165 -5.80 38.40 8.13
N ILE A 166 -7.05 38.88 8.10
CA ILE A 166 -8.25 38.05 8.00
C ILE A 166 -8.96 38.37 6.70
N MET A 167 -9.26 37.34 5.90
CA MET A 167 -9.97 37.49 4.62
C MET A 167 -11.33 36.80 4.71
N LEU A 168 -12.38 37.61 4.81
CA LEU A 168 -13.76 37.13 4.96
C LEU A 168 -14.43 36.88 3.61
N PHE A 169 -14.70 35.61 3.30
CA PHE A 169 -15.38 35.22 2.07
C PHE A 169 -16.86 35.05 2.40
N THR A 170 -17.68 35.99 1.93
CA THR A 170 -19.11 35.93 2.21
C THR A 170 -19.90 36.63 1.11
N ASN A 171 -21.15 36.21 0.95
CA ASN A 171 -22.07 36.79 -0.02
C ASN A 171 -23.24 37.47 0.67
N GLU A 172 -23.20 37.61 1.99
CA GLU A 172 -24.25 38.27 2.75
C GLU A 172 -23.81 39.70 2.97
N ASP A 173 -24.45 40.62 2.26
CA ASP A 173 -24.10 42.03 2.31
C ASP A 173 -24.49 42.69 3.63
N ASN A 174 -25.55 42.22 4.29
CA ASN A 174 -26.00 42.79 5.57
C ASN A 174 -26.29 41.69 6.59
N PRO A 175 -25.26 41.07 7.16
CA PRO A 175 -25.47 40.08 8.21
C PRO A 175 -25.90 40.74 9.51
N HIS A 176 -26.74 40.04 10.28
CA HIS A 176 -27.33 40.57 11.51
C HIS A 176 -28.13 41.83 11.25
N GLY A 177 -28.87 41.81 10.14
CA GLY A 177 -29.72 42.92 9.79
C GLY A 177 -30.92 42.90 10.71
N ASN A 178 -31.33 41.70 11.11
CA ASN A 178 -32.43 41.48 12.03
C ASN A 178 -32.01 41.67 13.48
N ASP A 179 -30.81 41.21 13.83
CA ASP A 179 -30.29 41.33 15.19
C ASP A 179 -29.45 42.59 15.33
N SER A 180 -29.93 43.56 16.09
CA SER A 180 -29.18 44.80 16.29
C SER A 180 -27.97 44.60 17.21
N ALA A 181 -28.15 43.79 18.27
CA ALA A 181 -27.07 43.54 19.22
C ALA A 181 -25.88 42.83 18.59
N LYS A 182 -26.14 41.75 17.84
CA LYS A 182 -25.03 41.04 17.21
C LYS A 182 -24.27 41.96 16.25
N ALA A 183 -25.00 42.83 15.54
CA ALA A 183 -24.36 43.74 14.59
C ALA A 183 -23.47 44.77 15.29
N SER A 184 -23.95 45.37 16.38
CA SER A 184 -23.10 46.36 17.06
C SER A 184 -21.90 45.69 17.73
N ARG A 185 -22.10 44.52 18.33
CA ARG A 185 -20.97 43.84 18.94
C ARG A 185 -19.93 43.47 17.90
N ALA A 186 -20.37 43.06 16.71
CA ALA A 186 -19.42 42.73 15.65
C ALA A 186 -18.66 43.98 15.21
N ARG A 187 -19.35 45.12 15.12
CA ARG A 187 -18.66 46.36 14.74
C ARG A 187 -17.60 46.73 15.76
N THR A 188 -17.91 46.50 17.05
CA THR A 188 -16.99 46.80 18.14
C THR A 188 -15.77 45.89 18.09
N LYS A 189 -15.98 44.58 17.94
CA LYS A 189 -14.86 43.66 17.88
C LYS A 189 -14.01 43.91 16.63
N ALA A 190 -14.62 44.37 15.54
CA ALA A 190 -13.82 44.71 14.36
C ALA A 190 -12.92 45.89 14.66
N GLY A 191 -13.45 46.86 15.42
CA GLY A 191 -12.62 47.98 15.82
C GLY A 191 -11.47 47.52 16.70
N ASP A 192 -11.76 46.63 17.66
CA ASP A 192 -10.70 46.09 18.52
C ASP A 192 -9.62 45.40 17.69
N LEU A 193 -10.01 44.70 16.62
CA LEU A 193 -9.02 44.04 15.78
C LEU A 193 -8.16 45.06 15.04
N ARG A 194 -8.78 46.11 14.48
CA ARG A 194 -7.99 47.10 13.76
C ARG A 194 -7.01 47.80 14.69
N ASP A 195 -7.42 48.05 15.94
CA ASP A 195 -6.54 48.68 16.92
C ASP A 195 -5.39 47.76 17.34
N THR A 196 -5.54 46.45 17.12
CA THR A 196 -4.48 45.50 17.46
C THR A 196 -3.42 45.46 16.37
N GLY A 197 -3.82 45.62 15.11
CA GLY A 197 -2.92 45.59 13.98
C GLY A 197 -3.30 44.54 12.96
N ILE A 198 -4.47 43.94 13.18
CA ILE A 198 -5.02 42.92 12.29
C ILE A 198 -5.74 43.59 11.13
N PHE A 199 -5.45 43.13 9.91
CA PHE A 199 -6.08 43.67 8.71
C PHE A 199 -7.35 42.88 8.41
N LEU A 200 -8.43 43.58 8.09
CA LEU A 200 -9.70 42.94 7.75
C LEU A 200 -10.05 43.28 6.32
N ASP A 201 -10.00 42.28 5.45
CA ASP A 201 -10.28 42.41 4.03
C ASP A 201 -11.49 41.58 3.66
N LEU A 202 -12.42 42.20 2.95
CA LEU A 202 -13.67 41.58 2.51
C LEU A 202 -13.55 40.92 1.16
N MET A 203 -14.07 39.70 1.05
CA MET A 203 -14.07 38.99 -0.23
C MET A 203 -15.53 38.80 -0.63
N HIS A 204 -16.23 39.92 -0.83
CA HIS A 204 -17.64 39.91 -1.19
C HIS A 204 -17.89 39.16 -2.49
N LEU A 205 -18.87 38.25 -2.43
CA LEU A 205 -19.30 37.32 -3.46
C LEU A 205 -20.67 37.69 -4.01
N LYS A 206 -20.99 37.12 -5.18
CA LYS A 206 -22.23 37.38 -5.91
C LYS A 206 -23.47 37.27 -5.02
N LYS A 207 -24.26 38.36 -5.01
CA LYS A 207 -25.47 38.45 -4.21
C LYS A 207 -26.61 38.89 -5.13
N PRO A 208 -27.77 38.24 -5.04
CA PRO A 208 -28.93 38.65 -5.85
C PRO A 208 -29.25 40.10 -5.57
N GLY A 209 -29.21 40.92 -6.60
CA GLY A 209 -29.47 42.31 -6.35
C GLY A 209 -28.24 43.06 -5.93
N GLY A 210 -27.06 42.52 -6.24
CA GLY A 210 -25.81 43.16 -5.89
C GLY A 210 -25.42 43.03 -4.44
N PHE A 211 -24.16 43.36 -4.19
CA PHE A 211 -23.57 43.34 -2.86
C PHE A 211 -23.38 44.80 -2.45
N ASP A 212 -23.90 45.16 -1.29
CA ASP A 212 -23.81 46.52 -0.78
C ASP A 212 -22.84 46.60 0.39
N ILE A 213 -21.87 47.49 0.26
CA ILE A 213 -20.90 47.70 1.33
C ILE A 213 -21.50 48.59 2.40
N SER A 214 -22.32 49.56 1.99
CA SER A 214 -22.94 50.48 2.93
C SER A 214 -23.80 49.76 3.96
N LEU A 215 -24.42 48.64 3.61
CA LEU A 215 -25.25 47.92 4.57
C LEU A 215 -24.39 47.31 5.66
N PHE A 216 -23.33 46.62 5.26
CA PHE A 216 -22.35 45.99 6.14
C PHE A 216 -21.07 45.80 5.38
N TYR A 217 -19.99 45.78 6.16
CA TYR A 217 -18.59 45.59 5.79
C TYR A 217 -17.93 46.94 5.57
N ARG A 218 -18.72 48.01 5.40
CA ARG A 218 -18.14 49.34 5.21
C ARG A 218 -17.33 49.82 6.42
N ASP A 219 -17.86 49.62 7.63
CA ASP A 219 -17.16 50.02 8.85
C ASP A 219 -16.20 48.99 9.42
N ILE A 220 -16.52 47.71 9.24
CA ILE A 220 -15.67 46.64 9.79
C ILE A 220 -14.31 46.59 9.11
N ILE A 221 -14.29 46.60 7.78
CA ILE A 221 -13.02 46.44 7.07
C ILE A 221 -12.02 47.53 7.42
N SER A 222 -10.75 47.14 7.35
CA SER A 222 -9.57 47.96 7.58
C SER A 222 -9.29 48.70 6.29
N ILE A 223 -9.28 50.03 6.36
CA ILE A 223 -9.04 50.83 5.17
C ILE A 223 -7.63 51.41 5.22
N ALA A 224 -7.31 52.23 4.22
CA ALA A 224 -5.95 52.71 4.02
C ALA A 224 -5.92 54.22 4.10
N GLU A 225 -4.75 54.74 4.47
CA GLU A 225 -4.55 56.18 4.51
C GLU A 225 -4.84 56.82 3.16
N ASP A 226 -4.33 56.21 2.09
CA ASP A 226 -4.61 56.68 0.73
C ASP A 226 -5.83 55.94 0.19
N GLU A 227 -6.98 56.25 0.79
CA GLU A 227 -8.27 55.66 0.43
C GLU A 227 -8.23 54.14 0.47
N VAL A 231 -12.69 53.25 -4.12
CA VAL A 231 -12.49 52.97 -2.71
C VAL A 231 -12.15 51.50 -2.51
N HIS A 232 -12.98 50.65 -3.11
CA HIS A 232 -12.95 49.22 -2.86
C HIS A 232 -13.29 48.49 -4.15
N PHE A 233 -12.64 47.36 -4.35
CA PHE A 233 -12.95 46.44 -5.44
C PHE A 233 -14.44 46.08 -5.46
N GLU A 234 -14.94 45.76 -6.65
CA GLU A 234 -16.32 45.37 -6.87
C GLU A 234 -16.52 43.88 -6.55
N GLU A 235 -17.79 43.49 -6.42
CA GLU A 235 -18.11 42.10 -6.11
C GLU A 235 -17.61 41.13 -7.17
N SER A 236 -17.08 40.02 -6.67
CA SER A 236 -16.50 38.95 -7.47
C SER A 236 -17.54 37.97 -7.99
N SER A 237 -17.48 37.69 -9.29
CA SER A 237 -18.39 36.77 -9.95
C SER A 237 -17.69 35.52 -10.47
N LYS A 238 -16.44 35.64 -10.90
CA LYS A 238 -15.63 34.54 -11.39
C LYS A 238 -14.51 34.20 -10.41
N LEU A 239 -14.07 32.95 -10.45
CA LEU A 239 -12.98 32.51 -9.59
C LEU A 239 -11.69 33.25 -9.92
N GLU A 240 -11.46 33.51 -11.21
CA GLU A 240 -10.26 34.24 -11.63
C GLU A 240 -10.21 35.61 -10.99
N ASP A 241 -11.37 36.26 -10.84
CA ASP A 241 -11.42 37.58 -10.22
C ASP A 241 -11.15 37.47 -8.72
N LEU A 242 -11.76 36.50 -8.05
CA LEU A 242 -11.51 36.34 -6.63
C LEU A 242 -10.04 36.08 -6.37
N LEU A 243 -9.47 35.13 -7.11
CA LEU A 243 -8.05 34.81 -6.97
C LEU A 243 -7.14 36.02 -7.23
N ARG A 244 -7.49 36.84 -8.23
CA ARG A 244 -6.67 38.02 -8.51
C ARG A 244 -6.80 39.06 -7.41
N LYS A 245 -8.00 39.21 -6.83
CA LYS A 245 -8.15 40.17 -5.73
C LYS A 245 -7.48 39.66 -4.46
N VAL A 246 -7.59 38.36 -4.20
CA VAL A 246 -6.98 37.72 -3.04
C VAL A 246 -5.47 37.83 -3.15
N ARG A 247 -4.94 37.48 -4.32
CA ARG A 247 -3.52 37.56 -4.55
C ARG A 247 -3.03 39.00 -4.57
N ALA A 248 -3.90 40.00 -4.75
CA ALA A 248 -3.27 41.32 -4.68
C ALA A 248 -2.93 41.65 -3.24
N LYS A 249 -3.87 41.54 -2.31
CA LYS A 249 -3.52 41.79 -0.91
C LYS A 249 -2.92 40.54 -0.23
N GLU A 250 -2.51 39.54 -1.00
CA GLU A 250 -1.96 38.32 -0.40
C GLU A 250 -0.75 38.61 0.45
N THR A 251 0.30 39.14 -0.16
CA THR A 251 1.53 39.37 0.56
C THR A 251 1.84 40.86 0.54
N ARG A 252 2.27 41.33 1.69
CA ARG A 252 2.67 42.71 1.89
C ARG A 252 3.87 43.07 1.02
N LYS A 253 3.85 44.29 0.51
CA LYS A 253 4.91 44.76 -0.36
C LYS A 253 6.24 44.59 0.35
N ARG A 254 7.15 43.93 -0.34
CA ARG A 254 8.49 43.64 0.15
C ARG A 254 9.48 44.34 -0.78
N ALA A 255 10.07 45.41 -0.27
CA ALA A 255 11.02 46.18 -1.06
C ALA A 255 12.37 45.48 -1.19
N LEU A 256 12.78 45.34 -2.45
CA LEU A 256 14.06 44.72 -2.79
C LEU A 256 15.20 45.57 -2.24
N SER A 257 15.05 46.89 -2.29
CA SER A 257 16.10 47.74 -1.73
C SER A 257 15.54 49.12 -1.45
N ARG A 258 16.16 49.82 -0.51
CA ARG A 258 15.76 51.19 -0.20
C ARG A 258 16.95 52.08 -0.53
N LEU A 259 16.84 52.85 -1.61
CA LEU A 259 17.95 53.68 -2.07
C LEU A 259 17.58 55.15 -2.03
N LYS A 260 18.61 55.98 -2.16
CA LYS A 260 18.47 57.42 -2.20
C LYS A 260 18.44 57.90 -3.65
N LEU A 261 17.42 58.67 -4.01
CA LEU A 261 17.27 59.27 -5.32
C LEU A 261 17.71 60.74 -5.23
N LYS A 262 18.96 61.05 -5.65
CA LYS A 262 19.53 62.37 -5.57
C LYS A 262 19.24 63.22 -6.79
N LEU A 263 18.29 64.14 -6.66
CA LEU A 263 18.01 65.07 -7.78
C LEU A 263 19.22 65.95 -8.01
N ASN A 264 19.86 66.34 -6.92
CA ASN A 264 21.02 67.21 -6.91
C ASN A 264 21.73 66.96 -5.58
N LYS A 265 22.98 67.43 -5.47
CA LYS A 265 23.77 67.25 -4.25
C LYS A 265 22.98 67.56 -2.98
N ASP A 266 22.09 68.54 -3.02
CA ASP A 266 21.34 68.91 -1.83
C ASP A 266 19.91 68.37 -1.79
N ILE A 267 19.27 68.17 -2.94
CA ILE A 267 17.92 67.62 -3.04
C ILE A 267 17.95 66.10 -3.18
N VAL A 268 17.70 65.38 -2.08
CA VAL A 268 17.74 63.91 -2.08
C VAL A 268 16.45 63.38 -1.47
N ILE A 269 15.71 62.58 -2.24
CA ILE A 269 14.49 61.90 -1.77
C ILE A 269 14.82 60.42 -1.63
N SER A 270 14.03 59.70 -0.84
CA SER A 270 14.25 58.26 -0.65
C SER A 270 13.21 57.42 -1.38
N VAL A 271 13.67 56.42 -2.14
CA VAL A 271 12.78 55.56 -2.91
C VAL A 271 13.03 54.08 -2.62
N GLY A 272 11.96 53.30 -2.76
CA GLY A 272 12.01 51.85 -2.61
C GLY A 272 11.93 51.17 -3.97
N ILE A 273 12.87 50.26 -4.19
CA ILE A 273 12.97 49.48 -5.42
C ILE A 273 12.35 48.11 -5.19
N TYR A 274 11.27 47.82 -5.93
CA TYR A 274 10.48 46.61 -5.87
C TYR A 274 10.55 45.83 -7.17
N ASN A 275 10.76 44.52 -7.07
CA ASN A 275 10.79 43.65 -8.24
C ASN A 275 9.39 43.03 -8.42
N LEU A 276 8.58 43.67 -9.27
CA LEU A 276 7.21 43.23 -9.52
C LEU A 276 7.15 42.00 -10.42
N VAL A 277 8.26 41.65 -11.06
CA VAL A 277 8.39 40.46 -11.87
C VAL A 277 9.72 39.84 -11.50
N GLN A 278 9.71 38.56 -11.15
CA GLN A 278 10.95 37.90 -10.77
C GLN A 278 10.85 36.44 -11.17
N LYS A 279 11.80 35.99 -11.98
CA LYS A 279 11.85 34.63 -12.49
C LYS A 279 11.78 33.60 -11.36
N ALA A 280 10.66 32.86 -11.31
CA ALA A 280 10.44 31.82 -10.33
C ALA A 280 11.20 30.57 -10.75
N LEU A 281 12.12 30.12 -9.90
CA LEU A 281 12.98 28.99 -10.22
C LEU A 281 12.73 27.78 -9.34
N LYS A 282 13.22 26.64 -9.84
CA LYS A 282 13.14 25.37 -9.15
C LYS A 282 13.83 25.45 -7.80
N PRO A 283 13.16 25.09 -6.70
CA PRO A 283 13.80 25.18 -5.38
C PRO A 283 15.05 24.33 -5.31
N PRO A 284 16.09 24.80 -4.63
CA PRO A 284 17.34 24.04 -4.55
C PRO A 284 17.16 22.78 -3.71
N PRO A 285 17.82 21.68 -4.07
CA PRO A 285 17.68 20.44 -3.30
C PRO A 285 18.37 20.52 -1.95
N ILE A 286 17.91 19.68 -1.02
CA ILE A 286 18.45 19.58 0.33
C ILE A 286 19.14 18.22 0.50
N LYS A 287 20.40 18.26 0.92
CA LYS A 287 21.20 17.05 1.15
C LYS A 287 20.79 16.39 2.47
N LEU A 288 20.26 15.17 2.38
CA LEU A 288 19.79 14.43 3.54
C LEU A 288 20.71 13.25 3.86
N TYR A 289 20.25 12.37 4.78
CA TYR A 289 20.95 11.16 5.17
C TYR A 289 20.09 9.95 4.79
N ARG A 290 20.75 8.85 4.44
CA ARG A 290 20.03 7.66 3.98
C ARG A 290 19.09 7.06 5.03
N GLU A 291 19.42 7.15 6.32
CA GLU A 291 18.56 6.54 7.33
C GLU A 291 17.65 7.55 8.03
N THR A 292 18.23 8.61 8.61
CA THR A 292 17.45 9.59 9.35
C THR A 292 16.63 10.50 8.43
N ASN A 293 17.14 10.80 7.23
CA ASN A 293 16.45 11.69 6.28
C ASN A 293 16.32 13.10 6.84
N GLU A 294 17.34 13.53 7.56
CA GLU A 294 17.46 14.83 8.17
C GLU A 294 18.45 15.68 7.36
N PRO A 295 18.30 17.01 7.34
CA PRO A 295 19.21 17.84 6.54
C PRO A 295 20.66 17.78 7.00
N VAL A 296 21.56 17.92 6.04
CA VAL A 296 23.00 17.87 6.26
C VAL A 296 23.62 19.22 5.89
N LYS A 297 24.34 19.80 6.84
CA LYS A 297 25.01 21.09 6.67
C LYS A 297 26.35 20.93 5.94
N THR A 298 26.58 21.76 4.92
CA THR A 298 27.80 21.70 4.14
C THR A 298 28.76 22.80 4.60
N LYS A 299 29.99 22.42 4.91
CA LYS A 299 31.04 23.34 5.33
C LYS A 299 32.17 23.27 4.32
N THR A 300 32.27 24.28 3.46
CA THR A 300 33.31 24.30 2.44
C THR A 300 34.55 25.03 2.94
N ARG A 301 35.55 24.26 3.36
CA ARG A 301 36.79 24.79 3.91
C ARG A 301 37.89 24.84 2.85
N THR A 302 38.58 25.96 2.78
CA THR A 302 39.69 26.20 1.85
C THR A 302 40.99 26.25 2.65
N PHE A 303 41.93 25.36 2.32
CA PHE A 303 43.19 25.31 3.06
C PHE A 303 44.35 24.96 2.12
N ASN A 304 45.56 25.16 2.65
CA ASN A 304 46.83 24.94 1.98
C ASN A 304 47.15 23.49 1.67
N THR A 305 48.03 23.35 0.66
CA THR A 305 48.57 22.08 0.15
C THR A 305 49.88 21.77 0.84
N SER A 306 50.75 22.76 0.96
CA SER A 306 52.04 22.57 1.57
C SER A 306 51.92 22.33 3.07
N THR A 307 51.05 23.09 3.74
CA THR A 307 50.87 22.99 5.19
C THR A 307 49.68 22.14 5.63
N GLY A 308 48.51 22.30 5.01
CA GLY A 308 47.35 21.52 5.36
C GLY A 308 46.38 22.22 6.29
N GLY A 309 46.81 23.27 6.99
CA GLY A 309 45.95 24.00 7.89
C GLY A 309 45.15 25.08 7.21
N LEU A 310 44.05 25.47 7.86
CA LEU A 310 43.17 26.51 7.33
C LEU A 310 43.95 27.80 7.11
N LEU A 311 43.80 28.38 5.91
CA LEU A 311 44.52 29.59 5.54
C LEU A 311 43.69 30.83 5.80
N LEU A 312 44.35 31.86 6.33
CA LEU A 312 43.70 33.14 6.57
C LEU A 312 43.48 33.89 5.27
N PRO A 313 42.43 34.72 5.19
CA PRO A 313 42.23 35.53 3.97
C PRO A 313 43.29 36.59 3.75
N SER A 314 44.07 36.95 4.77
CA SER A 314 45.14 37.93 4.58
C SER A 314 46.29 37.35 3.76
N ASP A 315 46.52 36.05 3.86
CA ASP A 315 47.56 35.34 3.14
C ASP A 315 47.20 35.04 1.69
N THR A 316 45.99 35.39 1.25
CA THR A 316 45.54 35.13 -0.11
C THR A 316 45.55 36.43 -0.92
N LYS A 317 45.86 36.28 -2.21
CA LYS A 317 45.92 37.38 -3.16
C LYS A 317 45.28 36.93 -4.47
N ARG A 318 44.87 37.91 -5.29
CA ARG A 318 44.23 37.62 -6.57
C ARG A 318 45.20 37.92 -7.70
N SER A 319 45.20 37.04 -8.71
CA SER A 319 46.10 37.14 -9.84
C SER A 319 45.38 36.97 -11.18
N GLN A 320 45.96 37.61 -12.20
CA GLN A 320 45.49 37.51 -13.58
C GLN A 320 46.75 37.47 -14.45
N ILE A 321 46.89 36.42 -15.25
CA ILE A 321 48.09 36.19 -16.06
C ILE A 321 47.81 36.42 -17.53
N TYR A 322 48.52 37.39 -18.11
CA TYR A 322 48.44 37.74 -19.52
C TYR A 322 49.78 37.38 -20.16
N GLY A 323 49.80 36.25 -20.86
CA GLY A 323 50.99 35.74 -21.50
C GLY A 323 51.98 35.28 -20.47
N SER A 324 53.04 36.07 -20.30
CA SER A 324 54.07 35.83 -19.32
C SER A 324 53.89 36.69 -18.09
N ARG A 325 53.32 37.87 -18.25
CA ARG A 325 53.13 38.79 -17.13
C ARG A 325 51.99 38.33 -16.21
N GLN A 326 52.22 38.45 -14.91
CA GLN A 326 51.23 38.10 -13.89
C GLN A 326 50.93 39.36 -13.07
N ILE A 327 49.68 39.82 -13.12
CA ILE A 327 49.25 40.99 -12.38
C ILE A 327 48.63 40.54 -11.06
N ILE A 328 49.16 41.09 -9.97
CA ILE A 328 48.77 40.76 -8.60
C ILE A 328 48.00 41.92 -7.98
N LEU A 329 46.78 41.65 -7.51
CA LEU A 329 45.95 42.63 -6.83
C LEU A 329 45.36 42.01 -5.57
N GLU A 330 45.24 42.85 -4.54
CA GLU A 330 44.63 42.43 -3.28
C GLU A 330 43.10 42.45 -3.43
N LYS A 331 42.43 41.73 -2.53
CA LYS A 331 40.96 41.67 -2.57
C LYS A 331 40.36 43.06 -2.46
N GLU A 332 41.02 43.93 -1.68
CA GLU A 332 40.57 45.30 -1.52
C GLU A 332 40.72 46.06 -2.83
N GLU A 333 41.83 45.83 -3.53
CA GLU A 333 42.07 46.50 -4.80
C GLU A 333 41.07 46.03 -5.87
N THR A 334 40.76 44.73 -5.87
CA THR A 334 39.80 44.20 -6.84
C THR A 334 38.43 44.79 -6.60
N GLU A 335 38.13 45.19 -5.36
CA GLU A 335 36.84 45.82 -5.12
C GLU A 335 36.92 47.33 -5.34
N GLU A 336 38.08 47.93 -5.06
CA GLU A 336 38.31 49.36 -5.23
C GLU A 336 38.13 49.77 -6.69
N LEU A 337 38.53 48.91 -7.62
CA LEU A 337 38.39 49.24 -9.04
C LEU A 337 36.93 49.22 -9.46
N LYS A 338 36.10 48.45 -8.76
CA LYS A 338 34.66 48.36 -8.98
C LYS A 338 33.97 49.65 -8.57
N ARG A 339 34.58 50.37 -7.63
CA ARG A 339 34.05 51.60 -7.04
C ARG A 339 33.91 52.77 -8.01
N PHE A 340 32.71 53.36 -8.01
CA PHE A 340 32.36 54.54 -8.80
C PHE A 340 31.37 55.43 -8.06
N ASP A 341 30.09 55.07 -8.03
CA ASP A 341 29.12 55.89 -7.33
C ASP A 341 28.67 55.21 -6.05
N ASP A 342 28.08 56.01 -5.17
CA ASP A 342 27.56 55.48 -3.93
C ASP A 342 26.19 54.91 -4.23
N PRO A 343 25.71 53.97 -3.42
CA PRO A 343 24.43 53.33 -3.72
C PRO A 343 23.28 54.32 -3.78
N GLY A 344 22.55 54.26 -4.88
CA GLY A 344 21.40 55.13 -5.10
C GLY A 344 21.24 55.49 -6.55
N LEU A 345 20.18 56.26 -6.81
CA LEU A 345 19.82 56.74 -8.13
C LEU A 345 20.20 58.20 -8.29
N MET A 346 20.91 58.53 -9.37
CA MET A 346 21.35 59.90 -9.62
C MET A 346 20.65 60.43 -10.87
N LEU A 347 19.79 61.42 -10.68
CA LEU A 347 19.01 61.99 -11.79
C LEU A 347 19.92 62.67 -12.81
N MET A 348 19.89 62.18 -14.04
CA MET A 348 20.67 62.73 -15.15
C MET A 348 19.86 63.78 -15.88
N GLY A 349 18.58 63.50 -16.14
CA GLY A 349 17.76 64.47 -16.83
C GLY A 349 16.45 63.86 -17.30
N PHE A 350 15.85 64.48 -18.32
CA PHE A 350 14.55 64.00 -18.81
C PHE A 350 14.59 63.79 -20.31
N LYS A 351 14.51 62.52 -20.74
CA LYS A 351 14.52 62.10 -22.14
C LYS A 351 13.11 61.75 -22.61
N PRO A 352 12.62 62.32 -23.71
CA PRO A 352 11.27 61.96 -24.16
C PRO A 352 11.18 60.47 -24.50
N LEU A 353 10.06 59.85 -24.10
CA LEU A 353 9.82 58.43 -24.26
C LEU A 353 10.09 57.89 -25.68
N VAL A 354 9.86 58.71 -26.71
CA VAL A 354 10.08 58.25 -28.08
C VAL A 354 11.52 57.82 -28.31
N LEU A 355 12.48 58.47 -27.66
CA LEU A 355 13.88 58.10 -27.81
C LEU A 355 14.20 56.74 -27.20
N LEU A 356 13.45 56.32 -26.18
CA LEU A 356 13.69 55.02 -25.57
C LEU A 356 13.15 53.92 -26.47
N LYS A 357 14.02 53.05 -27.01
CA LYS A 357 13.56 52.02 -27.94
C LYS A 357 13.11 50.73 -27.24
N LYS A 358 12.07 50.11 -27.79
CA LYS A 358 11.50 48.87 -27.27
C LYS A 358 12.46 47.67 -27.28
N HIS A 359 13.31 47.57 -28.32
CA HIS A 359 14.35 46.53 -28.46
C HIS A 359 15.66 46.70 -27.69
N HIS A 360 15.75 47.59 -26.71
CA HIS A 360 16.96 47.85 -25.95
C HIS A 360 16.88 47.30 -24.53
N TYR A 361 16.17 46.19 -24.38
CA TYR A 361 16.01 45.52 -23.09
C TYR A 361 17.25 44.68 -22.77
N LEU A 362 17.74 44.89 -21.54
CA LEU A 362 18.93 44.26 -20.98
C LEU A 362 18.62 43.27 -19.87
N ARG A 363 17.89 43.70 -18.83
CA ARG A 363 17.55 42.86 -17.69
C ARG A 363 16.16 43.31 -17.24
N PRO A 364 15.43 42.47 -16.48
CA PRO A 364 14.05 42.83 -16.13
C PRO A 364 13.91 44.13 -15.36
N SER A 365 12.89 44.89 -15.76
CA SER A 365 12.58 46.20 -15.19
C SER A 365 12.17 46.09 -13.73
N LEU A 366 12.37 47.19 -13.01
CA LEU A 366 12.01 47.33 -11.60
C LEU A 366 10.91 48.37 -11.45
N PHE A 367 10.41 48.50 -10.24
CA PHE A 367 9.37 49.46 -9.91
C PHE A 367 9.88 50.38 -8.80
N VAL A 368 9.81 51.68 -9.06
CA VAL A 368 10.25 52.70 -8.12
C VAL A 368 9.03 53.32 -7.45
N TYR A 369 9.02 53.31 -6.12
CA TYR A 369 7.91 53.87 -5.37
C TYR A 369 8.55 54.67 -4.24
N PRO A 370 7.95 55.77 -3.79
CA PRO A 370 8.61 56.56 -2.75
C PRO A 370 8.63 55.84 -1.40
N GLU A 371 9.54 56.28 -0.54
CA GLU A 371 9.74 55.73 0.81
C GLU A 371 9.72 56.87 1.84
N GLU A 372 8.50 57.24 2.26
CA GLU A 372 8.36 58.32 3.23
C GLU A 372 9.00 57.96 4.57
N SER A 373 9.10 56.65 4.86
CA SER A 373 9.70 56.19 6.12
C SER A 373 11.15 56.67 6.31
N LEU A 374 11.91 56.84 5.23
CA LEU A 374 13.29 57.29 5.42
C LEU A 374 13.45 58.81 5.30
N VAL A 375 12.96 59.40 4.21
CA VAL A 375 13.03 60.85 4.03
C VAL A 375 11.60 61.37 3.89
N ILE A 376 11.21 62.23 4.82
CA ILE A 376 9.88 62.80 4.87
C ILE A 376 9.77 63.96 3.87
N GLY A 377 8.77 63.86 2.99
CA GLY A 377 8.51 64.80 1.92
C GLY A 377 8.89 64.23 0.57
N SER A 378 9.34 62.98 0.54
CA SER A 378 9.72 62.31 -0.70
C SER A 378 8.49 62.10 -1.59
N SER A 379 7.41 61.58 -0.98
CA SER A 379 6.18 61.27 -1.70
C SER A 379 5.59 62.49 -2.44
N THR A 380 5.67 63.67 -1.85
CA THR A 380 5.14 64.86 -2.51
C THR A 380 5.92 65.18 -3.80
N LEU A 381 7.25 65.19 -3.71
CA LEU A 381 8.05 65.47 -4.90
C LEU A 381 7.92 64.34 -5.91
N PHE A 382 7.80 63.11 -5.45
CA PHE A 382 7.61 61.96 -6.33
C PHE A 382 6.30 62.10 -7.10
N SER A 383 5.21 62.45 -6.40
CA SER A 383 3.92 62.63 -7.05
C SER A 383 3.96 63.75 -8.08
N ALA A 384 4.55 64.90 -7.71
CA ALA A 384 4.68 66.02 -8.64
C ALA A 384 5.48 65.63 -9.88
N LEU A 385 6.57 64.86 -9.68
CA LEU A 385 7.39 64.42 -10.79
C LEU A 385 6.64 63.45 -11.69
N LEU A 386 5.93 62.49 -11.11
CA LEU A 386 5.16 61.53 -11.90
C LEU A 386 4.09 62.22 -12.73
N ILE A 387 3.32 63.12 -12.10
CA ILE A 387 2.26 63.83 -12.81
C ILE A 387 2.82 64.66 -13.97
N LYS A 388 3.87 65.44 -13.72
CA LYS A 388 4.39 66.27 -14.79
C LYS A 388 5.12 65.46 -15.86
N CYS A 389 5.67 64.30 -15.50
CA CYS A 389 6.35 63.47 -16.49
C CYS A 389 5.32 62.83 -17.40
N LEU A 390 4.21 62.35 -16.84
CA LEU A 390 3.16 61.80 -17.67
C LEU A 390 2.60 62.88 -18.59
N GLU A 391 2.38 64.08 -18.06
CA GLU A 391 1.87 65.17 -18.89
C GLU A 391 2.79 65.49 -20.06
N LYS A 392 4.10 65.57 -19.81
CA LYS A 392 5.03 65.89 -20.89
C LYS A 392 5.51 64.69 -21.67
N GLU A 393 5.10 63.48 -21.28
CA GLU A 393 5.51 62.24 -21.94
C GLU A 393 7.03 62.16 -22.08
N VAL A 394 7.68 62.15 -20.92
CA VAL A 394 9.14 62.16 -20.79
C VAL A 394 9.51 61.26 -19.61
N ALA A 395 10.66 60.60 -19.72
CA ALA A 395 11.18 59.71 -18.67
C ALA A 395 12.37 60.33 -17.97
N ALA A 396 12.55 59.96 -16.70
CA ALA A 396 13.66 60.48 -15.90
C ALA A 396 14.88 59.57 -16.00
N LEU A 397 15.93 60.04 -16.67
CA LEU A 397 17.17 59.31 -16.82
C LEU A 397 18.07 59.46 -15.59
N CYS A 398 18.48 58.31 -15.02
CA CYS A 398 19.30 58.21 -13.81
C CYS A 398 20.51 57.31 -14.03
N ARG A 399 21.49 57.43 -13.11
CA ARG A 399 22.69 56.59 -13.05
C ARG A 399 22.57 55.68 -11.83
N TYR A 400 22.03 54.48 -12.05
CA TYR A 400 21.70 53.51 -11.01
C TYR A 400 22.93 52.72 -10.54
N THR A 401 23.18 52.78 -9.23
CA THR A 401 24.23 52.03 -8.55
C THR A 401 23.55 51.29 -7.40
N PRO A 402 23.28 49.99 -7.55
CA PRO A 402 22.52 49.27 -6.51
C PRO A 402 23.24 49.06 -5.19
N ARG A 403 24.53 48.72 -5.20
CA ARG A 403 25.24 48.47 -3.97
C ARG A 403 26.62 49.12 -4.00
N ARG A 404 27.27 49.13 -2.83
CA ARG A 404 28.61 49.70 -2.71
C ARG A 404 29.60 48.94 -3.60
N ASN A 405 30.59 49.67 -4.10
CA ASN A 405 31.64 49.13 -4.97
C ASN A 405 31.05 48.36 -6.15
N ILE A 406 30.16 49.02 -6.89
CA ILE A 406 29.52 48.44 -8.06
C ILE A 406 29.52 49.46 -9.19
N PRO A 407 29.87 49.10 -10.42
CA PRO A 407 29.86 50.07 -11.51
C PRO A 407 28.45 50.50 -11.83
N PRO A 408 28.24 51.74 -12.28
CA PRO A 408 26.89 52.24 -12.52
C PRO A 408 26.31 51.76 -13.84
N TYR A 409 25.00 51.95 -13.98
CA TYR A 409 24.27 51.63 -15.19
C TYR A 409 23.20 52.68 -15.41
N PHE A 410 23.00 53.12 -16.64
CA PHE A 410 21.99 54.12 -16.92
C PHE A 410 20.61 53.49 -17.04
N VAL A 411 19.68 53.98 -16.21
CA VAL A 411 18.31 53.49 -16.20
C VAL A 411 17.37 54.64 -16.52
N ALA A 412 16.21 54.30 -17.07
CA ALA A 412 15.18 55.29 -17.41
C ALA A 412 13.91 54.99 -16.61
N LEU A 413 13.55 55.92 -15.74
CA LEU A 413 12.34 55.80 -14.93
C LEU A 413 11.16 56.29 -15.76
N VAL A 414 10.43 55.35 -16.36
CA VAL A 414 9.27 55.64 -17.22
C VAL A 414 8.02 55.84 -16.36
N PRO A 415 7.33 56.97 -16.49
CA PRO A 415 6.13 57.21 -15.66
C PRO A 415 4.98 56.24 -15.95
N GLN A 416 4.64 55.45 -14.93
CA GLN A 416 3.58 54.43 -14.99
C GLN A 416 2.34 54.93 -14.27
N GLU A 417 1.24 55.05 -15.00
CA GLU A 417 -0.04 55.50 -14.47
C GLU A 417 -0.82 54.34 -13.86
N GLU A 418 -1.67 54.68 -12.88
CA GLU A 418 -2.50 53.69 -12.20
C GLU A 418 -3.62 53.17 -13.10
N GLU A 419 -3.84 51.86 -13.04
CA GLU A 419 -4.87 51.16 -13.81
C GLU A 419 -5.58 50.21 -12.87
N LEU A 420 -6.91 50.28 -12.89
CA LEU A 420 -7.78 49.45 -12.08
C LEU A 420 -8.68 48.71 -13.05
N ASP A 421 -8.84 47.40 -12.90
CA ASP A 421 -9.70 46.70 -13.85
C ASP A 421 -11.17 46.91 -13.49
N ASP A 422 -12.06 46.27 -14.26
CA ASP A 422 -13.48 46.46 -13.94
C ASP A 422 -13.80 45.98 -12.53
N GLN A 423 -13.01 45.07 -11.97
CA GLN A 423 -13.25 44.67 -10.60
C GLN A 423 -12.52 45.63 -9.68
N LYS A 424 -11.90 46.67 -10.27
CA LYS A 424 -11.17 47.74 -9.53
C LYS A 424 -9.94 47.22 -8.83
N ILE A 425 -9.30 46.21 -9.42
CA ILE A 425 -8.08 45.63 -8.89
C ILE A 425 -7.00 46.33 -9.68
N GLN A 426 -6.02 46.85 -8.96
CA GLN A 426 -4.89 47.59 -9.47
C GLN A 426 -3.98 46.75 -10.35
N VAL A 427 -4.19 46.89 -11.66
CA VAL A 427 -3.43 46.13 -12.63
C VAL A 427 -2.07 46.81 -12.87
N THR A 428 -2.00 48.13 -12.72
CA THR A 428 -0.76 48.89 -12.90
C THR A 428 -0.61 49.88 -11.75
N PRO A 429 0.35 49.71 -10.86
CA PRO A 429 0.48 50.63 -9.75
C PRO A 429 1.06 51.94 -10.24
N PRO A 430 0.79 53.06 -9.54
CA PRO A 430 1.35 54.36 -9.97
C PRO A 430 2.76 54.56 -9.45
N GLY A 431 3.66 54.92 -10.36
CA GLY A 431 5.05 55.15 -9.99
C GLY A 431 5.92 55.17 -11.23
N PHE A 432 7.17 54.74 -11.07
CA PHE A 432 8.09 54.70 -12.20
C PHE A 432 8.62 53.31 -12.42
N GLN A 433 8.70 52.92 -13.69
CA GLN A 433 9.26 51.65 -14.10
C GLN A 433 10.74 51.86 -14.39
N LEU A 434 11.60 51.20 -13.63
CA LEU A 434 13.05 51.32 -13.81
C LEU A 434 13.46 50.44 -14.98
N VAL A 435 13.62 51.06 -16.15
CA VAL A 435 13.97 50.37 -17.39
C VAL A 435 15.48 50.39 -17.58
N PHE A 436 16.11 49.21 -17.54
CA PHE A 436 17.56 49.11 -17.71
C PHE A 436 17.98 49.35 -19.15
N LEU A 437 18.94 50.30 -19.34
CA LEU A 437 19.46 50.65 -20.64
C LEU A 437 20.87 50.08 -20.84
N PRO A 438 21.14 49.51 -22.01
CA PRO A 438 22.43 48.91 -22.28
C PRO A 438 23.51 49.91 -22.65
N PHE A 439 24.74 49.54 -22.34
CA PHE A 439 25.90 50.33 -22.72
C PHE A 439 26.32 49.93 -24.13
N ALA A 440 27.27 50.68 -24.69
CA ALA A 440 27.77 50.39 -26.04
C ALA A 440 28.24 48.94 -26.16
N ASP A 441 28.76 48.38 -25.07
CA ASP A 441 29.26 47.01 -25.07
C ASP A 441 28.14 45.98 -25.23
N ASP A 442 26.97 46.24 -24.65
CA ASP A 442 25.86 45.29 -24.67
C ASP A 442 25.17 45.21 -26.03
N LYS A 443 25.31 46.22 -26.89
CA LYS A 443 24.69 46.15 -28.22
C LYS A 443 25.62 45.35 -29.13
N ARG A 444 25.13 44.22 -29.60
CA ARG A 444 25.92 43.30 -30.43
C ARG A 444 25.76 43.63 -31.91
N LYS A 445 26.87 43.51 -32.65
CA LYS A 445 26.89 43.79 -34.09
C LYS A 445 25.97 42.84 -34.85
N MET A 446 25.37 43.35 -35.94
CA MET A 446 24.44 42.47 -36.64
C MET A 446 24.94 42.01 -38.01
N PRO A 447 24.71 40.73 -38.36
CA PRO A 447 25.09 40.19 -39.68
C PRO A 447 24.24 40.73 -40.83
N PHE A 448 24.86 41.58 -41.66
CA PHE A 448 24.20 42.26 -42.76
C PHE A 448 23.58 41.42 -43.88
N THR A 449 22.26 41.46 -43.99
CA THR A 449 21.55 40.70 -45.01
C THR A 449 20.88 41.72 -45.92
N GLU A 450 20.67 41.33 -47.18
CA GLU A 450 20.01 42.17 -48.18
C GLU A 450 18.50 42.27 -48.00
N LYS A 451 17.99 43.50 -48.04
CA LYS A 451 16.56 43.77 -47.86
C LYS A 451 15.76 43.36 -49.09
N ILE A 452 14.86 42.40 -48.87
CA ILE A 452 13.93 41.85 -49.85
C ILE A 452 12.51 42.08 -49.33
N MET A 453 11.77 42.97 -50.00
CA MET A 453 10.42 43.33 -49.57
C MET A 453 9.34 42.58 -50.34
N ALA A 454 8.35 42.08 -49.60
CA ALA A 454 7.22 41.33 -50.14
C ALA A 454 6.25 42.22 -50.91
N THR A 455 5.55 41.60 -51.86
CA THR A 455 4.56 42.32 -52.66
C THR A 455 3.32 42.59 -51.80
N PRO A 456 2.55 43.65 -52.10
CA PRO A 456 1.36 43.95 -51.29
C PRO A 456 0.33 42.82 -51.26
N GLU A 457 0.31 41.91 -52.23
CA GLU A 457 -0.63 40.80 -52.20
C GLU A 457 -0.24 39.81 -51.11
N GLN A 458 1.05 39.54 -50.97
CA GLN A 458 1.50 38.62 -49.94
C GLN A 458 1.27 39.19 -48.55
N VAL A 459 1.51 40.49 -48.38
CA VAL A 459 1.26 41.10 -47.08
C VAL A 459 -0.24 41.07 -46.78
N GLY A 460 -1.10 41.39 -47.76
CA GLY A 460 -2.53 41.34 -47.50
C GLY A 460 -2.99 39.95 -47.10
N LYS A 461 -2.36 38.92 -47.65
CA LYS A 461 -2.72 37.56 -47.27
C LYS A 461 -2.23 37.24 -45.86
N MET A 462 -1.05 37.74 -45.50
CA MET A 462 -0.57 37.51 -44.14
C MET A 462 -1.42 38.29 -43.16
N LYS A 463 -1.94 39.44 -43.60
CA LYS A 463 -2.86 40.24 -42.80
C LYS A 463 -4.10 39.42 -42.48
N ALA A 464 -4.59 38.69 -43.48
CA ALA A 464 -5.76 37.83 -43.25
C ALA A 464 -5.44 36.71 -42.27
N ILE A 465 -4.23 36.16 -42.34
CA ILE A 465 -3.84 35.11 -41.39
C ILE A 465 -3.78 35.66 -39.98
N VAL A 466 -3.18 36.84 -39.82
CA VAL A 466 -3.07 37.45 -38.49
C VAL A 466 -4.46 37.79 -37.95
N GLU A 467 -5.30 38.41 -38.78
CA GLU A 467 -6.64 38.78 -38.36
C GLU A 467 -7.44 37.55 -37.93
N LYS A 468 -7.21 36.40 -38.56
CA LYS A 468 -7.97 35.21 -38.16
C LYS A 468 -7.41 34.56 -36.90
N LEU A 469 -6.10 34.65 -36.68
CA LEU A 469 -5.49 34.07 -35.47
C LEU A 469 -5.38 35.08 -34.33
N ARG A 470 -6.10 36.20 -34.42
CA ARG A 470 -6.06 37.20 -33.36
C ARG A 470 -6.62 36.62 -32.07
N PHE A 471 -5.93 36.92 -30.97
CA PHE A 471 -6.30 36.50 -29.63
C PHE A 471 -5.87 37.54 -28.61
N THR A 472 -6.39 37.39 -27.39
CA THR A 472 -6.16 38.30 -26.27
C THR A 472 -5.07 37.79 -25.32
N TYR A 473 -3.97 38.55 -25.24
CA TYR A 473 -2.84 38.18 -24.38
C TYR A 473 -3.03 38.70 -22.97
N ARG A 474 -2.77 37.83 -22.01
CA ARG A 474 -2.78 38.12 -20.58
C ARG A 474 -1.42 37.76 -20.00
N SER A 475 -0.95 38.54 -19.03
CA SER A 475 0.33 38.23 -18.41
C SER A 475 0.32 36.87 -17.71
N ASP A 476 -0.81 36.49 -17.12
CA ASP A 476 -0.98 35.22 -16.44
C ASP A 476 -1.55 34.12 -17.34
N SER A 477 -1.45 34.28 -18.66
CA SER A 477 -2.02 33.27 -19.56
C SER A 477 -1.30 31.94 -19.49
N PHE A 478 0.01 31.94 -19.25
CA PHE A 478 0.76 30.69 -19.27
C PHE A 478 1.44 30.40 -17.94
N GLU A 479 1.50 29.12 -17.62
CA GLU A 479 2.16 28.60 -16.42
C GLU A 479 3.44 27.89 -16.84
N ASN A 480 4.48 28.03 -16.01
CA ASN A 480 5.77 27.40 -16.25
C ASN A 480 5.59 25.89 -16.23
N PRO A 481 5.77 25.20 -17.37
CA PRO A 481 5.55 23.75 -17.36
C PRO A 481 6.58 22.99 -16.56
N VAL A 482 7.81 23.49 -16.46
CA VAL A 482 8.83 22.82 -15.66
C VAL A 482 8.44 22.87 -14.19
N LEU A 483 8.03 24.05 -13.72
CA LEU A 483 7.62 24.21 -12.34
C LEU A 483 6.33 23.43 -12.08
N GLN A 484 5.33 23.60 -12.95
CA GLN A 484 4.09 22.87 -12.77
C GLN A 484 4.33 21.38 -12.67
N GLN A 485 5.22 20.85 -13.51
CA GLN A 485 5.53 19.43 -13.45
C GLN A 485 6.33 19.08 -12.19
N HIS A 486 7.29 19.93 -11.80
CA HIS A 486 8.08 19.68 -10.60
C HIS A 486 7.21 19.61 -9.36
N PHE A 487 6.31 20.58 -9.18
CA PHE A 487 5.45 20.57 -8.00
C PHE A 487 4.33 19.56 -8.12
N ARG A 488 3.95 19.17 -9.34
CA ARG A 488 2.97 18.13 -9.48
C ARG A 488 3.60 16.80 -9.09
N ASN A 489 4.90 16.68 -9.39
CA ASN A 489 5.67 15.51 -9.04
C ASN A 489 5.84 15.45 -7.54
N LEU A 490 6.21 16.58 -6.92
CA LEU A 490 6.39 16.60 -5.47
C LEU A 490 5.07 16.35 -4.75
N GLU A 491 3.96 16.85 -5.27
CA GLU A 491 2.67 16.58 -4.64
C GLU A 491 2.41 15.09 -4.68
N ALA A 492 2.58 14.48 -5.86
CA ALA A 492 2.32 13.05 -6.00
C ALA A 492 3.26 12.18 -5.16
N LEU A 493 4.53 12.52 -5.08
CA LEU A 493 5.47 11.76 -4.25
C LEU A 493 5.13 11.99 -2.78
N ALA A 494 4.63 13.19 -2.51
CA ALA A 494 4.22 13.61 -1.18
C ALA A 494 3.03 12.80 -0.68
N LEU A 495 2.08 12.35 -1.56
CA LEU A 495 1.02 11.56 -0.92
C LEU A 495 1.47 10.10 -0.85
N ASP A 496 2.71 9.82 -1.30
CA ASP A 496 3.36 8.50 -1.24
C ASP A 496 2.48 7.42 -1.87
N LEU A 497 1.55 7.84 -2.71
CA LEU A 497 0.66 6.89 -3.36
C LEU A 497 0.21 7.49 -4.68
N MET A 498 0.19 8.80 -4.71
CA MET A 498 -0.23 9.46 -5.90
C MET A 498 0.78 9.11 -7.00
N GLU A 499 0.29 8.89 -8.22
CA GLU A 499 1.21 8.58 -9.30
C GLU A 499 1.60 10.00 -9.60
N PRO A 500 2.64 10.27 -10.39
CA PRO A 500 2.95 11.70 -10.55
C PRO A 500 2.05 12.35 -11.59
N GLU A 501 1.64 13.57 -11.24
CA GLU A 501 0.75 14.53 -11.91
C GLU A 501 1.39 15.17 -13.13
N GLN A 502 0.96 14.80 -14.33
CA GLN A 502 1.52 15.31 -15.58
C GLN A 502 1.02 16.68 -16.00
N ALA A 503 1.87 17.69 -15.84
CA ALA A 503 1.48 19.03 -16.22
C ALA A 503 1.59 19.05 -17.73
N VAL A 504 0.64 19.72 -18.38
CA VAL A 504 0.63 19.83 -19.83
C VAL A 504 1.18 21.19 -20.18
N ASP A 505 2.11 21.21 -21.12
CA ASP A 505 2.77 22.44 -21.54
C ASP A 505 1.79 23.35 -22.25
N LEU A 506 1.51 24.49 -21.59
CA LEU A 506 0.61 25.54 -22.06
C LEU A 506 1.26 26.38 -23.13
N THR A 507 2.60 26.39 -23.18
CA THR A 507 3.36 27.15 -24.15
C THR A 507 3.26 26.55 -25.55
N LEU A 508 2.73 25.32 -25.67
CA LEU A 508 2.57 24.72 -26.99
C LEU A 508 1.30 25.26 -27.66
N PRO A 509 1.36 25.54 -28.96
CA PRO A 509 0.18 26.08 -29.67
C PRO A 509 -0.91 25.08 -30.00
N LYS A 510 -2.14 25.59 -30.04
CA LYS A 510 -3.32 24.78 -30.38
C LYS A 510 -3.30 24.52 -31.90
N VAL A 511 -2.36 23.68 -32.32
CA VAL A 511 -2.12 23.34 -33.73
C VAL A 511 -3.40 23.08 -34.52
N GLU A 512 -4.19 22.11 -34.03
CA GLU A 512 -5.42 21.69 -34.69
C GLU A 512 -6.46 22.80 -34.73
N ALA A 513 -6.57 23.58 -33.65
CA ALA A 513 -7.53 24.67 -33.63
C ALA A 513 -7.16 25.72 -34.67
N MET A 514 -5.87 25.99 -34.82
CA MET A 514 -5.39 26.95 -35.80
C MET A 514 -5.61 26.43 -37.22
N ASN A 515 -5.38 25.13 -37.43
CA ASN A 515 -5.62 24.56 -38.76
C ASN A 515 -7.11 24.58 -39.10
N LYS A 516 -7.96 24.49 -38.08
CA LYS A 516 -9.40 24.56 -38.27
C LYS A 516 -9.79 25.99 -38.60
N ARG A 517 -9.17 26.94 -37.91
CA ARG A 517 -9.44 28.36 -38.14
C ARG A 517 -9.04 28.78 -39.55
N LEU A 518 -7.91 28.27 -40.04
CA LEU A 518 -7.42 28.61 -41.39
C LEU A 518 -7.11 27.33 -42.14
N GLY A 519 -7.95 26.97 -43.11
CA GLY A 519 -7.67 25.78 -43.92
C GLY A 519 -7.27 26.10 -45.35
N SER A 520 -8.16 26.82 -46.05
CA SER A 520 -7.90 27.19 -47.44
C SER A 520 -6.82 28.24 -47.52
N LEU A 521 -6.88 29.23 -46.63
CA LEU A 521 -5.96 30.36 -46.60
C LEU A 521 -4.52 29.89 -46.52
N VAL A 522 -4.24 28.88 -45.72
CA VAL A 522 -2.87 28.40 -45.58
C VAL A 522 -2.34 27.85 -46.89
N ASP A 523 -3.09 26.96 -47.55
CA ASP A 523 -2.64 26.41 -48.83
C ASP A 523 -2.59 27.47 -49.94
N GLU A 524 -3.50 28.43 -49.92
CA GLU A 524 -3.52 29.49 -50.92
C GLU A 524 -2.31 30.39 -50.78
N PHE A 525 -2.03 30.76 -49.54
CA PHE A 525 -0.89 31.61 -49.23
C PHE A 525 0.41 30.87 -49.50
N LYS A 526 0.48 29.61 -49.05
CA LYS A 526 1.65 28.78 -49.30
C LYS A 526 1.95 28.71 -50.79
N GLU A 527 0.90 28.61 -51.62
CA GLU A 527 1.15 28.61 -53.06
C GLU A 527 1.65 29.97 -53.55
N LEU A 528 1.10 31.07 -52.99
CA LEU A 528 1.47 32.45 -53.37
C LEU A 528 2.82 32.93 -52.84
N VAL A 529 3.21 32.59 -51.61
CA VAL A 529 4.46 33.10 -51.05
C VAL A 529 5.54 32.06 -51.26
N TYR A 530 5.29 30.81 -50.89
CA TYR A 530 6.25 29.73 -51.16
C TYR A 530 5.97 29.07 -52.51
N PRO A 531 6.25 29.67 -53.67
CA PRO A 531 6.00 28.92 -54.90
C PRO A 531 7.02 27.80 -55.12
N PRO A 532 8.30 27.93 -54.76
CA PRO A 532 9.21 26.79 -54.99
C PRO A 532 8.81 25.62 -54.11
N ASP A 533 9.35 24.45 -54.42
CA ASP A 533 9.06 23.23 -53.66
C ASP A 533 9.96 23.06 -52.43
N TYR A 534 11.21 22.66 -52.64
CA TYR A 534 12.21 22.47 -51.57
C TYR A 534 11.68 21.83 -50.29
N ASN B 23 38.34 36.43 -36.86
CA ASN B 23 38.36 37.80 -37.36
C ASN B 23 39.62 38.57 -36.97
N LYS B 24 40.63 38.48 -37.82
CA LYS B 24 41.90 39.16 -37.66
C LYS B 24 41.89 40.47 -38.44
N ALA B 25 42.81 41.36 -38.11
CA ALA B 25 42.87 42.62 -38.82
C ALA B 25 44.17 43.36 -38.51
N ALA B 26 44.76 43.94 -39.56
CA ALA B 26 45.98 44.73 -39.47
C ALA B 26 45.62 46.21 -39.25
N VAL B 27 45.88 46.74 -38.07
CA VAL B 27 45.56 48.13 -37.77
C VAL B 27 46.86 48.89 -37.60
N VAL B 28 46.98 50.04 -38.27
CA VAL B 28 48.14 50.91 -38.15
C VAL B 28 47.63 52.28 -37.69
N LEU B 29 48.10 52.71 -36.52
CA LEU B 29 47.71 53.99 -35.93
C LEU B 29 48.73 55.05 -36.32
N CYS B 30 48.26 56.04 -37.08
CA CYS B 30 49.09 57.12 -37.61
C CYS B 30 48.84 58.37 -36.78
N MET B 31 49.72 58.62 -35.82
CA MET B 31 49.60 59.70 -34.86
C MET B 31 50.48 60.89 -35.21
N ASP B 32 49.89 62.08 -35.21
CA ASP B 32 50.65 63.30 -35.42
C ASP B 32 51.25 63.69 -34.08
N VAL B 33 52.58 63.82 -34.03
CA VAL B 33 53.25 64.21 -32.78
C VAL B 33 53.92 65.56 -32.94
N GLY B 34 53.69 66.23 -34.06
CA GLY B 34 54.22 67.53 -34.37
C GLY B 34 54.01 68.60 -33.33
N PHE B 35 54.84 69.65 -33.37
CA PHE B 35 54.76 70.74 -32.42
C PHE B 35 53.33 71.25 -32.24
N THR B 36 52.59 71.40 -33.34
CA THR B 36 51.23 71.92 -33.26
C THR B 36 50.33 71.01 -32.43
N MET B 37 50.69 69.74 -32.31
CA MET B 37 49.90 68.85 -31.47
C MET B 37 50.14 69.24 -30.01
N SER B 38 51.30 69.85 -29.74
CA SER B 38 51.67 70.29 -28.40
C SER B 38 50.99 71.61 -28.04
N ASN B 39 50.57 72.39 -29.04
CA ASN B 39 49.90 73.67 -28.77
C ASN B 39 48.59 73.38 -28.08
N SER B 40 48.45 73.89 -26.87
CA SER B 40 47.25 73.59 -26.12
C SER B 40 46.50 74.89 -25.90
N ILE B 41 45.20 74.76 -26.03
CA ILE B 41 44.23 75.82 -25.83
C ILE B 41 43.68 75.77 -24.42
N PRO B 42 43.64 76.90 -23.69
CA PRO B 42 43.20 76.89 -22.29
C PRO B 42 41.99 76.06 -21.91
N GLY B 43 42.17 75.22 -20.88
CA GLY B 43 41.17 74.32 -20.35
C GLY B 43 41.17 72.96 -21.00
N ILE B 44 41.51 72.92 -22.27
CA ILE B 44 41.57 71.72 -23.11
C ILE B 44 42.95 71.09 -23.11
N GLU B 45 43.00 69.78 -22.92
CA GLU B 45 44.25 69.04 -22.96
C GLU B 45 44.76 69.12 -24.39
N SER B 46 46.08 69.23 -24.54
CA SER B 46 46.67 69.38 -25.85
C SER B 46 46.35 68.19 -26.76
N PRO B 47 46.01 68.45 -28.04
CA PRO B 47 45.69 67.36 -28.99
C PRO B 47 46.66 66.21 -28.92
N PHE B 48 47.90 66.46 -28.53
CA PHE B 48 48.85 65.36 -28.36
C PHE B 48 48.41 64.46 -27.22
N GLU B 49 48.08 65.06 -26.08
CA GLU B 49 47.62 64.28 -24.94
C GLU B 49 46.24 63.67 -25.23
N GLN B 50 45.41 64.37 -25.99
CA GLN B 50 44.10 63.85 -26.37
C GLN B 50 44.24 62.60 -27.24
N ALA B 51 45.08 62.70 -28.28
CA ALA B 51 45.31 61.57 -29.15
C ALA B 51 45.95 60.43 -28.38
N LYS B 52 46.88 60.76 -27.49
CA LYS B 52 47.51 59.75 -26.65
C LYS B 52 46.47 59.00 -25.84
N LYS B 53 45.52 59.75 -25.23
CA LYS B 53 44.45 59.12 -24.45
C LYS B 53 43.61 58.20 -25.32
N VAL B 54 43.33 58.61 -26.56
CA VAL B 54 42.52 57.77 -27.46
C VAL B 54 43.29 56.52 -27.88
N ILE B 55 44.56 56.68 -28.22
CA ILE B 55 45.38 55.54 -28.64
C ILE B 55 45.50 54.54 -27.50
N THR B 56 45.81 55.04 -26.30
CA THR B 56 45.90 54.16 -25.13
C THR B 56 44.59 53.43 -24.92
N MET B 57 43.46 54.13 -25.10
CA MET B 57 42.15 53.50 -24.97
C MET B 57 41.98 52.33 -25.93
N PHE B 58 42.40 52.51 -27.19
CA PHE B 58 42.29 51.46 -28.20
C PHE B 58 43.19 50.26 -27.85
N VAL B 59 44.48 50.54 -27.66
CA VAL B 59 45.47 49.50 -27.38
C VAL B 59 45.13 48.73 -26.11
N GLN B 60 44.69 49.41 -25.04
CA GLN B 60 44.33 48.70 -23.82
C GLN B 60 43.29 47.60 -24.07
N ARG B 61 42.24 47.91 -24.82
CA ARG B 61 41.22 46.91 -25.13
C ARG B 61 41.81 45.78 -25.95
N GLN B 62 42.60 46.11 -26.97
CA GLN B 62 43.20 45.08 -27.81
C GLN B 62 44.20 44.21 -27.05
N VAL B 63 44.86 44.77 -26.05
CA VAL B 63 45.86 44.05 -25.25
C VAL B 63 45.19 43.13 -24.24
N PHE B 64 44.32 43.67 -23.38
CA PHE B 64 43.77 42.83 -22.31
C PHE B 64 42.78 41.77 -22.79
N ALA B 65 42.05 41.99 -23.90
CA ALA B 65 41.18 40.89 -24.34
C ALA B 65 41.89 39.84 -25.19
N GLU B 66 43.15 40.08 -25.51
CA GLU B 66 44.08 39.21 -26.27
C GLU B 66 43.54 38.71 -27.62
N ASN B 67 42.96 39.63 -28.39
CA ASN B 67 42.50 39.39 -29.76
C ASN B 67 43.72 39.45 -30.69
N LYS B 68 43.68 38.64 -31.73
CA LYS B 68 44.77 38.43 -32.66
C LYS B 68 44.99 39.56 -33.68
N ASP B 69 44.22 40.64 -33.63
CA ASP B 69 44.47 41.74 -34.58
C ASP B 69 45.85 42.31 -34.29
N GLU B 70 46.66 42.51 -35.33
CA GLU B 70 48.00 43.07 -35.18
C GLU B 70 47.98 44.59 -35.33
N ILE B 71 48.68 45.29 -34.43
CA ILE B 71 48.68 46.74 -34.40
C ILE B 71 50.10 47.30 -34.55
N ALA B 72 50.25 48.25 -35.48
CA ALA B 72 51.47 49.00 -35.78
C ALA B 72 51.27 50.46 -35.42
N LEU B 73 52.35 51.16 -35.08
CA LEU B 73 52.26 52.57 -34.70
C LEU B 73 53.27 53.42 -35.45
N VAL B 74 52.76 54.41 -36.19
CA VAL B 74 53.54 55.36 -36.96
C VAL B 74 53.30 56.74 -36.38
N LEU B 75 54.36 57.50 -36.18
CA LEU B 75 54.29 58.85 -35.64
C LEU B 75 54.84 59.80 -36.68
N PHE B 76 54.12 60.87 -36.98
CA PHE B 76 54.57 61.86 -37.96
C PHE B 76 54.70 63.23 -37.32
N GLY B 77 55.83 63.88 -37.60
CA GLY B 77 56.22 65.14 -37.03
C GLY B 77 57.28 64.99 -35.97
N THR B 78 57.95 63.83 -35.92
CA THR B 78 59.04 63.54 -35.00
C THR B 78 60.29 64.33 -35.35
N ASP B 79 61.18 64.45 -34.35
CA ASP B 79 62.45 65.13 -34.55
C ASP B 79 63.33 64.36 -35.52
N GLY B 80 63.34 63.03 -35.44
CA GLY B 80 64.12 62.20 -36.33
C GLY B 80 63.31 61.60 -37.46
N THR B 81 63.99 60.79 -38.27
CA THR B 81 63.37 60.13 -39.43
C THR B 81 63.76 58.65 -39.46
N ASP B 82 62.75 57.79 -39.33
CA ASP B 82 62.84 56.31 -39.34
C ASP B 82 61.66 55.81 -40.16
N ASN B 83 61.87 55.69 -41.49
CA ASN B 83 60.78 55.24 -42.39
C ASN B 83 61.21 54.45 -43.63
N PRO B 84 60.36 53.55 -44.17
CA PRO B 84 60.89 52.78 -45.28
C PRO B 84 60.91 53.59 -46.58
N LEU B 85 60.02 54.64 -46.75
CA LEU B 85 60.02 55.48 -47.97
C LEU B 85 60.90 56.70 -47.70
N SER B 86 62.07 56.79 -48.33
CA SER B 86 62.90 57.96 -48.06
C SER B 86 63.51 58.47 -49.36
N GLY B 87 62.99 58.03 -50.50
CA GLY B 87 63.48 58.44 -51.80
C GLY B 87 63.32 59.94 -51.94
N GLY B 88 64.41 60.62 -52.26
CA GLY B 88 64.41 62.07 -52.39
C GLY B 88 63.98 62.80 -51.13
N ASP B 89 64.40 62.30 -49.97
CA ASP B 89 64.12 62.91 -48.67
C ASP B 89 62.62 63.12 -48.43
N GLN B 90 61.84 62.22 -48.99
CA GLN B 90 60.38 62.14 -48.93
C GLN B 90 59.94 61.43 -47.66
N TYR B 91 58.82 61.91 -47.09
CA TYR B 91 58.24 61.34 -45.87
C TYR B 91 59.22 61.40 -44.69
N GLN B 92 59.83 62.57 -44.54
CA GLN B 92 60.79 62.85 -43.48
C GLN B 92 60.04 63.24 -42.21
N ASN B 93 60.71 62.99 -41.08
CA ASN B 93 60.19 63.25 -39.73
C ASN B 93 58.97 62.39 -39.45
N ILE B 94 59.02 61.15 -39.93
CA ILE B 94 58.01 60.13 -39.73
C ILE B 94 58.75 58.91 -39.22
N THR B 95 58.34 58.41 -38.06
CA THR B 95 58.98 57.26 -37.43
C THR B 95 58.00 56.12 -37.23
N VAL B 96 58.39 54.92 -37.66
CA VAL B 96 57.58 53.73 -37.45
C VAL B 96 58.07 53.21 -36.11
N HIS B 97 57.40 53.66 -35.04
CA HIS B 97 57.85 53.27 -33.70
C HIS B 97 57.68 51.79 -33.46
N ARG B 98 56.56 51.24 -33.93
CA ARG B 98 56.23 49.83 -33.75
C ARG B 98 55.72 49.26 -35.06
N HIS B 99 56.36 48.16 -35.48
CA HIS B 99 55.99 47.42 -36.66
C HIS B 99 54.81 46.51 -36.37
N LEU B 100 54.12 46.11 -37.44
CA LEU B 100 52.92 45.30 -37.32
C LEU B 100 53.23 43.99 -36.60
N MET B 101 52.67 43.84 -35.42
CA MET B 101 52.84 42.67 -34.58
C MET B 101 51.82 42.78 -33.46
N LEU B 102 51.65 41.66 -32.77
CA LEU B 102 50.73 41.60 -31.64
C LEU B 102 51.14 42.61 -30.56
N PRO B 103 50.23 43.46 -30.09
CA PRO B 103 50.62 44.45 -29.06
C PRO B 103 50.94 43.80 -27.73
N ASP B 104 51.86 44.43 -26.98
CA ASP B 104 52.28 43.93 -25.68
C ASP B 104 52.33 45.06 -24.65
N PHE B 105 52.74 44.70 -23.43
CA PHE B 105 52.85 45.67 -22.33
C PHE B 105 53.96 46.69 -22.57
N ASP B 106 55.02 46.31 -23.28
CA ASP B 106 56.10 47.24 -23.58
C ASP B 106 55.59 48.40 -24.43
N LEU B 107 54.72 48.09 -25.39
CA LEU B 107 54.13 49.14 -26.22
C LEU B 107 53.27 50.06 -25.39
N LEU B 108 52.45 49.52 -24.49
CA LEU B 108 51.62 50.37 -23.64
C LEU B 108 52.47 51.26 -22.74
N GLU B 109 53.57 50.71 -22.21
CA GLU B 109 54.46 51.52 -21.37
C GLU B 109 55.10 52.65 -22.16
N ASP B 110 55.46 52.39 -23.43
CA ASP B 110 56.07 53.43 -24.26
C ASP B 110 55.09 54.57 -24.55
N ILE B 111 53.84 54.24 -24.86
CA ILE B 111 52.81 55.27 -25.10
C ILE B 111 52.62 56.12 -23.85
N GLU B 112 52.53 55.47 -22.70
CA GLU B 112 52.31 56.16 -21.42
C GLU B 112 53.38 57.22 -21.15
N SER B 113 54.65 56.90 -21.37
CA SER B 113 55.70 57.85 -21.00
C SER B 113 56.86 57.99 -21.99
N LYS B 114 57.25 56.94 -22.73
CA LYS B 114 58.41 57.04 -23.61
C LYS B 114 58.19 57.99 -24.79
N ILE B 115 57.06 57.88 -25.48
CA ILE B 115 56.79 58.74 -26.62
C ILE B 115 56.48 60.16 -26.15
N GLN B 116 57.28 61.12 -26.62
CA GLN B 116 57.23 62.53 -26.31
C GLN B 116 56.89 63.32 -27.58
N PRO B 117 56.26 64.49 -27.47
CA PRO B 117 55.96 65.28 -28.67
C PRO B 117 57.20 65.87 -29.32
N GLY B 118 57.18 65.90 -30.67
CA GLY B 118 58.27 66.41 -31.48
C GLY B 118 58.11 67.89 -31.81
N SER B 119 59.16 68.48 -32.38
CA SER B 119 59.13 69.90 -32.72
C SER B 119 58.84 70.19 -34.19
N GLN B 120 59.03 69.23 -35.10
CA GLN B 120 58.76 69.43 -36.53
C GLN B 120 57.30 69.12 -36.87
N GLN B 121 56.96 69.31 -38.14
CA GLN B 121 55.66 69.03 -38.69
C GLN B 121 55.81 68.21 -39.97
N ALA B 122 54.95 67.22 -40.15
CA ALA B 122 54.99 66.38 -41.33
C ALA B 122 53.65 66.44 -42.07
N ASP B 123 53.68 65.91 -43.28
CA ASP B 123 52.51 65.82 -44.15
C ASP B 123 51.71 64.60 -43.74
N PHE B 124 50.47 64.80 -43.28
CA PHE B 124 49.66 63.67 -42.81
C PHE B 124 49.40 62.65 -43.92
N LEU B 125 49.29 63.10 -45.17
CA LEU B 125 49.10 62.15 -46.28
C LEU B 125 50.37 61.34 -46.51
N ASP B 126 51.52 61.96 -46.29
CA ASP B 126 52.80 61.27 -46.42
C ASP B 126 52.89 60.16 -45.37
N ALA B 127 52.43 60.47 -44.16
CA ALA B 127 52.40 59.48 -43.08
C ALA B 127 51.44 58.36 -43.42
N LEU B 128 50.31 58.70 -44.04
CA LEU B 128 49.35 57.70 -44.49
C LEU B 128 49.99 56.74 -45.47
N ILE B 129 50.87 57.27 -46.32
CA ILE B 129 51.58 56.44 -47.28
C ILE B 129 52.53 55.51 -46.54
N VAL B 130 53.19 56.02 -45.49
CA VAL B 130 54.09 55.18 -44.67
C VAL B 130 53.29 54.01 -44.06
N SER B 131 52.10 54.32 -43.53
CA SER B 131 51.21 53.30 -42.95
C SER B 131 50.81 52.26 -44.01
N MET B 132 50.50 52.74 -45.20
CA MET B 132 50.12 51.86 -46.31
C MET B 132 51.27 50.92 -46.65
N ASP B 133 52.51 51.42 -46.65
CA ASP B 133 53.63 50.53 -46.92
C ASP B 133 53.77 49.46 -45.85
N VAL B 134 53.43 49.80 -44.60
CA VAL B 134 53.49 48.80 -43.54
C VAL B 134 52.48 47.68 -43.80
N ILE B 135 51.24 48.07 -44.14
CA ILE B 135 50.22 47.08 -44.45
C ILE B 135 50.60 46.25 -45.68
N GLN B 136 51.06 46.91 -46.73
CA GLN B 136 51.42 46.22 -47.96
C GLN B 136 52.49 45.15 -47.74
N HIS B 137 53.48 45.44 -46.90
CA HIS B 137 54.55 44.45 -46.74
C HIS B 137 54.37 43.43 -45.62
N GLU B 138 53.80 43.80 -44.48
CA GLU B 138 53.68 42.92 -43.32
C GLU B 138 52.42 42.04 -43.30
N THR B 139 51.56 42.15 -44.29
CA THR B 139 50.33 41.35 -44.44
C THR B 139 50.46 40.21 -45.43
N ILE B 140 51.67 39.96 -45.95
CA ILE B 140 51.90 38.94 -46.96
C ILE B 140 51.30 37.61 -46.54
N GLY B 141 50.68 36.93 -47.51
CA GLY B 141 50.05 35.65 -47.28
C GLY B 141 48.61 35.69 -46.83
N LYS B 142 47.89 36.77 -47.11
CA LYS B 142 46.50 36.92 -46.69
C LYS B 142 46.36 36.65 -45.19
N LYS B 143 47.25 37.26 -44.41
CA LYS B 143 47.21 37.08 -42.96
C LYS B 143 46.02 37.76 -42.29
N PHE B 144 45.62 38.91 -42.79
CA PHE B 144 44.57 39.72 -42.20
C PHE B 144 43.29 39.75 -43.01
N GLU B 145 42.18 39.58 -42.30
CA GLU B 145 40.85 39.59 -42.89
C GLU B 145 40.45 41.02 -43.27
N LYS B 146 40.78 41.98 -42.40
CA LYS B 146 40.47 43.40 -42.58
C LYS B 146 41.75 44.22 -42.46
N ARG B 147 41.81 45.32 -43.23
CA ARG B 147 42.93 46.25 -43.23
C ARG B 147 42.43 47.63 -42.83
N HIS B 148 43.06 48.22 -41.80
CA HIS B 148 42.55 49.48 -41.28
C HIS B 148 43.65 50.45 -40.81
N ILE B 149 43.48 51.73 -41.16
CA ILE B 149 44.37 52.81 -40.77
C ILE B 149 43.58 53.86 -39.99
N GLU B 150 44.14 54.30 -38.86
CA GLU B 150 43.52 55.33 -38.02
C GLU B 150 44.50 56.50 -37.87
N ILE B 151 44.15 57.63 -38.49
CA ILE B 151 44.97 58.85 -38.48
C ILE B 151 44.55 59.74 -37.32
N PHE B 152 45.53 60.18 -36.53
CA PHE B 152 45.30 61.07 -35.38
C PHE B 152 46.11 62.34 -35.63
N THR B 153 45.44 63.40 -36.07
CA THR B 153 46.15 64.64 -36.38
C THR B 153 45.24 65.83 -36.07
N ASP B 154 45.82 67.02 -36.18
CA ASP B 154 45.12 68.28 -35.98
C ASP B 154 44.91 69.07 -37.27
N LEU B 155 45.60 68.68 -38.36
CA LEU B 155 45.52 69.28 -39.69
C LEU B 155 46.04 70.69 -39.75
N SER B 156 46.70 71.15 -38.69
CA SER B 156 47.26 72.49 -38.67
C SER B 156 48.48 72.59 -39.56
N SER B 157 49.06 71.46 -39.93
CA SER B 157 50.25 71.43 -40.76
C SER B 157 49.91 71.50 -42.24
N ARG B 158 50.79 72.16 -42.98
CA ARG B 158 50.64 72.28 -44.44
C ARG B 158 50.90 70.92 -45.07
N PHE B 159 50.31 70.72 -46.24
CA PHE B 159 50.44 69.44 -46.91
C PHE B 159 50.35 69.61 -48.42
N SER B 160 50.77 68.55 -49.12
CA SER B 160 50.77 68.50 -50.56
C SER B 160 49.72 67.53 -51.06
N LYS B 161 49.00 67.97 -52.07
CA LYS B 161 47.93 67.30 -52.78
C LYS B 161 48.42 66.47 -53.96
N SER B 162 49.75 66.31 -54.08
CA SER B 162 50.36 65.60 -55.20
C SER B 162 49.89 64.15 -55.36
N GLN B 163 50.16 63.28 -54.38
CA GLN B 163 49.74 61.89 -54.60
C GLN B 163 48.37 61.52 -54.04
N LEU B 164 47.43 62.45 -53.90
CA LEU B 164 46.14 62.04 -53.36
C LEU B 164 45.44 61.00 -54.24
N ASP B 165 45.47 61.18 -55.57
CA ASP B 165 44.87 60.22 -56.47
C ASP B 165 45.47 58.82 -56.30
N ILE B 166 46.78 58.77 -56.07
CA ILE B 166 47.45 57.50 -55.87
C ILE B 166 47.14 56.94 -54.49
N ILE B 167 47.11 57.80 -53.47
CA ILE B 167 46.75 57.35 -52.13
C ILE B 167 45.39 56.65 -52.15
N ILE B 168 44.40 57.28 -52.78
CA ILE B 168 43.07 56.67 -52.86
C ILE B 168 43.12 55.36 -53.64
N HIS B 169 43.87 55.34 -54.76
CA HIS B 169 43.95 54.11 -55.54
C HIS B 169 44.60 52.98 -54.76
N SER B 170 45.71 53.26 -54.07
CA SER B 170 46.35 52.22 -53.29
C SER B 170 45.50 51.77 -52.12
N LEU B 171 44.71 52.67 -51.53
CA LEU B 171 43.82 52.26 -50.45
C LEU B 171 42.73 51.32 -50.94
N LYS B 172 42.15 51.62 -52.11
CA LYS B 172 41.12 50.74 -52.66
C LYS B 172 41.68 49.40 -53.11
N LYS B 173 42.77 49.42 -53.89
CA LYS B 173 43.35 48.18 -54.38
C LYS B 173 43.80 47.31 -53.22
N CYS B 174 44.30 47.91 -52.14
CA CYS B 174 44.69 47.11 -51.01
C CYS B 174 43.52 46.82 -50.08
N ASP B 175 42.38 47.47 -50.30
CA ASP B 175 41.18 47.34 -49.46
C ASP B 175 41.48 47.69 -48.00
N ILE B 176 41.99 48.90 -47.81
CA ILE B 176 42.28 49.43 -46.49
C ILE B 176 41.29 50.54 -46.19
N SER B 177 40.68 50.48 -45.01
CA SER B 177 39.70 51.46 -44.57
C SER B 177 40.41 52.49 -43.70
N LEU B 178 39.85 53.70 -43.69
CA LEU B 178 40.39 54.81 -42.93
C LEU B 178 39.45 55.29 -41.84
N GLN B 179 40.05 55.99 -40.88
CA GLN B 179 39.31 56.63 -39.78
C GLN B 179 40.15 57.81 -39.31
N PHE B 180 39.55 58.99 -39.32
CA PHE B 180 40.22 60.21 -38.90
C PHE B 180 39.77 60.67 -37.52
N PHE B 181 40.72 61.22 -36.77
CA PHE B 181 40.48 61.70 -35.41
C PHE B 181 41.13 63.08 -35.25
N LEU B 182 40.31 64.11 -35.08
CA LEU B 182 40.72 65.50 -35.00
C LEU B 182 40.40 66.01 -33.60
N PRO B 183 40.99 67.14 -33.17
CA PRO B 183 40.62 67.64 -31.83
C PRO B 183 39.25 68.29 -31.79
N PHE B 184 38.75 68.78 -32.92
CA PHE B 184 37.44 69.39 -33.05
C PHE B 184 36.57 68.50 -33.93
N SER B 185 35.25 68.58 -33.78
CA SER B 185 34.45 67.77 -34.69
C SER B 185 33.91 68.65 -35.82
N LEU B 186 33.74 68.03 -36.99
CA LEU B 186 33.19 68.76 -38.13
C LEU B 186 31.69 69.01 -37.98
N GLY B 187 30.98 68.10 -37.31
CA GLY B 187 29.52 68.06 -37.41
C GLY B 187 28.86 69.24 -36.74
N LYS B 188 29.28 69.56 -35.52
CA LYS B 188 28.81 70.77 -34.86
C LYS B 188 29.44 72.03 -35.48
N GLU B 189 30.51 71.88 -36.26
CA GLU B 189 31.03 73.02 -37.02
C GLU B 189 30.03 73.44 -38.09
N ASP B 190 29.55 72.48 -38.90
CA ASP B 190 28.56 72.80 -39.92
C ASP B 190 27.23 73.19 -39.27
N GLY B 191 26.94 72.65 -38.08
CA GLY B 191 25.65 72.92 -37.46
C GLY B 191 25.54 74.34 -36.94
N SER B 192 26.66 74.89 -36.46
CA SER B 192 26.69 76.28 -35.99
C SER B 192 26.88 77.24 -37.16
N PRO B 199 33.07 76.66 -21.10
CA PRO B 199 33.86 75.52 -20.60
C PRO B 199 33.98 74.37 -21.60
N PHE B 200 35.00 73.55 -21.40
CA PHE B 200 35.34 72.38 -22.21
C PHE B 200 35.66 71.20 -21.30
N ARG B 201 35.00 70.07 -21.52
CA ARG B 201 35.22 68.84 -20.76
C ARG B 201 35.44 67.65 -21.68
N LEU B 202 36.64 67.07 -21.62
CA LEU B 202 37.03 65.93 -22.45
C LEU B 202 36.20 64.69 -22.16
N GLY B 203 35.58 64.18 -23.22
CA GLY B 203 34.70 63.04 -23.17
C GLY B 203 33.29 63.45 -22.91
N GLY B 204 33.08 64.71 -22.52
CA GLY B 204 31.76 65.23 -22.26
C GLY B 204 30.91 65.33 -23.51
N HIS B 205 29.61 65.43 -23.27
CA HIS B 205 28.64 65.53 -24.34
C HIS B 205 28.41 67.00 -24.65
N GLY B 206 28.58 67.39 -25.91
CA GLY B 206 28.29 68.74 -26.33
C GLY B 206 29.52 69.61 -26.57
N PRO B 207 29.77 70.54 -25.64
CA PRO B 207 30.90 71.47 -25.83
C PRO B 207 32.23 70.79 -25.60
N SER B 208 32.73 70.10 -26.62
CA SER B 208 33.95 69.31 -26.51
C SER B 208 35.02 69.76 -27.50
N PHE B 209 34.88 70.97 -28.04
CA PHE B 209 35.87 71.52 -28.95
C PHE B 209 35.58 73.00 -29.21
N PRO B 210 36.60 73.85 -29.22
CA PRO B 210 36.36 75.28 -29.48
C PRO B 210 35.94 75.53 -30.91
N LEU B 211 34.80 76.19 -31.06
CA LEU B 211 34.33 76.58 -32.39
C LEU B 211 35.29 77.58 -33.02
N LYS B 212 36.02 78.31 -32.18
CA LYS B 212 37.01 79.30 -32.58
C LYS B 212 38.42 78.72 -32.70
N GLY B 213 38.58 77.39 -32.60
CA GLY B 213 39.90 76.84 -32.74
C GLY B 213 40.31 76.40 -34.13
N ILE B 214 39.35 76.20 -35.05
CA ILE B 214 39.76 75.81 -36.39
C ILE B 214 40.31 77.01 -37.16
N THR B 215 41.42 76.77 -37.84
CA THR B 215 42.17 77.69 -38.68
C THR B 215 41.84 77.42 -40.14
N GLU B 216 42.08 78.41 -40.99
CA GLU B 216 41.83 78.25 -42.41
C GLU B 216 42.67 77.09 -42.95
N GLN B 217 43.85 76.87 -42.36
CA GLN B 217 44.67 75.73 -42.77
C GLN B 217 44.03 74.43 -42.33
N GLN B 218 43.42 74.41 -41.14
CA GLN B 218 42.73 73.22 -40.69
C GLN B 218 41.52 72.96 -41.56
N LYS B 219 40.81 74.02 -41.96
CA LYS B 219 39.66 73.88 -42.87
C LYS B 219 40.10 73.28 -44.20
N GLU B 220 41.22 73.78 -44.74
CA GLU B 220 41.75 73.26 -45.99
C GLU B 220 42.08 71.77 -45.85
N GLY B 221 42.73 71.38 -44.75
CA GLY B 221 43.02 69.97 -44.55
C GLY B 221 41.75 69.14 -44.42
N LEU B 222 40.74 69.70 -43.73
CA LEU B 222 39.47 69.02 -43.53
C LEU B 222 38.76 68.74 -44.84
N GLU B 223 38.75 69.71 -45.76
CA GLU B 223 38.07 69.47 -47.04
C GLU B 223 38.67 68.27 -47.78
N ILE B 224 39.99 68.12 -47.70
CA ILE B 224 40.66 66.99 -48.34
C ILE B 224 40.34 65.69 -47.60
N VAL B 225 40.29 65.74 -46.26
CA VAL B 225 39.93 64.57 -45.48
C VAL B 225 38.52 64.10 -45.83
N LYS B 226 37.59 65.04 -45.92
CA LYS B 226 36.21 64.74 -46.29
C LYS B 226 36.15 64.06 -47.66
N MET B 227 36.71 64.72 -48.67
CA MET B 227 36.76 64.17 -50.02
C MET B 227 37.34 62.75 -50.05
N VAL B 228 38.45 62.52 -49.35
CA VAL B 228 39.07 61.20 -49.32
C VAL B 228 38.14 60.15 -48.70
N MET B 229 37.50 60.49 -47.57
CA MET B 229 36.60 59.54 -46.94
C MET B 229 35.41 59.23 -47.85
N ILE B 230 34.91 60.24 -48.55
CA ILE B 230 33.82 60.00 -49.48
C ILE B 230 34.29 59.13 -50.63
N SER B 231 35.50 59.39 -51.14
CA SER B 231 36.02 58.59 -52.24
C SER B 231 36.18 57.13 -51.84
N LEU B 232 36.40 56.86 -50.55
CA LEU B 232 36.58 55.47 -50.16
C LEU B 232 35.27 54.77 -49.80
N GLU B 233 34.46 55.36 -48.91
CA GLU B 233 33.24 54.70 -48.44
C GLU B 233 31.92 55.39 -48.81
N GLY B 234 31.91 56.26 -49.82
CA GLY B 234 30.72 56.97 -50.27
C GLY B 234 30.27 58.08 -49.33
N GLU B 235 29.02 58.51 -49.51
CA GLU B 235 28.45 59.58 -48.69
C GLU B 235 28.58 59.30 -47.20
N ASP B 236 28.37 58.06 -46.78
CA ASP B 236 28.45 57.70 -45.37
C ASP B 236 29.88 57.58 -44.86
N GLY B 237 30.87 57.85 -45.71
CA GLY B 237 32.25 57.81 -45.28
C GLY B 237 32.55 58.90 -44.27
N LEU B 238 31.84 60.03 -44.39
CA LEU B 238 32.00 61.19 -43.52
C LEU B 238 31.71 60.87 -42.05
N ASP B 239 30.95 59.82 -41.76
CA ASP B 239 30.65 59.42 -40.39
C ASP B 239 31.86 58.85 -39.67
N GLU B 240 32.93 58.51 -40.40
CA GLU B 240 34.14 57.94 -39.83
C GLU B 240 35.19 58.98 -39.44
N ILE B 241 34.82 60.26 -39.37
CA ILE B 241 35.72 61.32 -38.92
C ILE B 241 35.20 61.81 -37.57
N TYR B 242 35.93 61.50 -36.50
CA TYR B 242 35.55 61.79 -35.14
C TYR B 242 36.50 62.79 -34.48
N SER B 243 36.04 63.32 -33.35
CA SER B 243 36.83 64.18 -32.47
C SER B 243 37.34 63.30 -31.34
N PHE B 244 38.52 63.64 -30.81
CA PHE B 244 39.11 62.81 -29.75
C PHE B 244 38.15 62.62 -28.57
N SER B 245 37.46 63.69 -28.17
CA SER B 245 36.52 63.62 -27.06
C SER B 245 35.44 62.57 -27.30
N GLU B 246 34.69 62.70 -28.40
CA GLU B 246 33.63 61.74 -28.66
C GLU B 246 34.20 60.34 -28.90
N SER B 247 35.41 60.25 -29.47
CA SER B 247 36.00 58.95 -29.70
C SER B 247 36.20 58.23 -28.37
N LEU B 248 36.50 58.98 -27.30
CA LEU B 248 36.69 58.36 -25.99
C LEU B 248 35.38 57.83 -25.40
N ARG B 249 34.23 58.39 -25.79
CA ARG B 249 32.94 57.96 -25.25
C ARG B 249 32.13 57.15 -26.26
N LYS B 250 32.82 56.35 -27.06
CA LYS B 250 32.20 55.52 -28.08
C LYS B 250 33.11 54.32 -28.32
N LEU B 251 32.58 53.33 -29.05
CA LEU B 251 33.37 52.16 -29.40
C LEU B 251 33.69 52.15 -30.90
N CYS B 252 33.52 53.32 -31.53
CA CYS B 252 33.77 53.52 -32.96
C CYS B 252 35.19 53.14 -33.37
N VAL B 253 36.15 53.26 -32.44
CA VAL B 253 37.55 52.92 -32.71
C VAL B 253 37.76 51.45 -33.05
N PHE B 254 36.86 50.57 -32.61
CA PHE B 254 36.94 49.13 -32.88
C PHE B 254 36.00 48.70 -34.00
N LYS B 255 35.07 49.57 -34.40
CA LYS B 255 34.08 49.36 -35.46
C LYS B 255 34.58 48.52 -36.61
N LYS B 256 35.73 48.89 -37.16
CA LYS B 256 36.23 48.21 -38.35
C LYS B 256 36.89 46.87 -38.02
N ILE B 257 37.32 46.67 -36.78
CA ILE B 257 37.95 45.41 -36.36
C ILE B 257 37.06 44.60 -35.42
N GLU B 258 35.80 44.97 -35.29
CA GLU B 258 34.86 44.25 -34.43
C GLU B 258 34.50 42.88 -35.02
N ARG B 259 34.56 41.82 -34.21
CA ARG B 259 34.26 40.49 -34.70
C ARG B 259 32.75 40.26 -34.87
N HIS B 260 32.39 39.75 -36.05
CA HIS B 260 31.01 39.45 -36.43
C HIS B 260 30.29 38.60 -35.39
N SER B 261 29.04 38.94 -35.12
CA SER B 261 28.24 38.22 -34.15
C SER B 261 27.83 36.84 -34.65
N ILE B 262 27.94 35.85 -33.78
CA ILE B 262 27.58 34.47 -34.08
C ILE B 262 26.06 34.33 -34.14
N HIS B 263 25.56 33.93 -35.30
CA HIS B 263 24.13 33.71 -35.48
C HIS B 263 23.84 32.22 -35.59
N TRP B 264 22.60 31.87 -35.25
CA TRP B 264 22.12 30.49 -35.28
C TRP B 264 20.74 30.25 -35.90
N PRO B 265 20.58 29.11 -36.58
CA PRO B 265 19.29 28.81 -37.22
C PRO B 265 18.32 27.98 -36.39
N CYS B 266 17.04 28.23 -36.65
CA CYS B 266 15.90 27.55 -36.08
C CYS B 266 14.76 27.72 -37.07
N ARG B 267 13.55 27.34 -36.66
CA ARG B 267 12.41 27.48 -37.55
C ARG B 267 11.32 28.14 -36.73
N LEU B 268 10.78 29.21 -37.30
CA LEU B 268 9.69 29.99 -36.73
C LEU B 268 8.43 29.28 -37.20
N THR B 269 7.62 28.79 -36.29
CA THR B 269 6.46 28.02 -36.73
C THR B 269 5.25 28.89 -36.50
N ILE B 270 4.67 29.35 -37.62
CA ILE B 270 3.46 30.13 -37.63
C ILE B 270 2.24 29.24 -37.79
N GLY B 271 2.42 27.93 -37.79
CA GLY B 271 1.34 26.98 -37.98
C GLY B 271 1.72 25.97 -39.04
N SER B 272 0.84 24.98 -39.21
CA SER B 272 1.12 23.94 -40.19
C SER B 272 1.23 24.56 -41.57
N ASN B 273 2.22 24.11 -42.36
CA ASN B 273 2.40 24.68 -43.69
C ASN B 273 2.87 26.14 -43.67
N LEU B 274 2.61 26.88 -42.58
CA LEU B 274 3.01 28.28 -42.46
C LEU B 274 4.29 28.52 -41.64
N SER B 275 5.13 27.49 -41.43
CA SER B 275 6.37 27.62 -40.65
C SER B 275 7.53 28.15 -41.51
N ILE B 276 8.24 29.15 -40.99
CA ILE B 276 9.38 29.78 -41.69
C ILE B 276 10.74 29.56 -40.99
N ARG B 277 11.69 28.98 -41.72
CA ARG B 277 13.05 28.73 -41.24
C ARG B 277 13.79 30.07 -41.12
N ILE B 278 14.21 30.41 -39.89
CA ILE B 278 14.86 31.68 -39.59
C ILE B 278 16.24 31.47 -39.00
N ALA B 279 16.93 32.58 -38.74
CA ALA B 279 18.27 32.58 -38.15
C ALA B 279 18.33 33.85 -37.33
N ALA B 280 18.38 33.63 -36.03
CA ALA B 280 18.40 34.67 -35.02
C ALA B 280 19.74 34.76 -34.29
N TYR B 281 20.02 35.98 -33.84
CA TYR B 281 21.23 36.26 -33.08
C TYR B 281 20.85 37.14 -31.91
N LYS B 282 21.75 37.22 -30.93
CA LYS B 282 21.49 38.05 -29.75
C LYS B 282 21.79 39.51 -30.07
N SER B 283 20.72 40.29 -30.27
CA SER B 283 20.83 41.71 -30.54
C SER B 283 21.44 42.45 -29.36
N ILE B 284 20.87 42.25 -28.17
CA ILE B 284 21.37 42.86 -26.94
C ILE B 284 21.74 41.74 -26.00
N LEU B 285 22.93 41.84 -25.40
CA LEU B 285 23.42 40.87 -24.43
C LEU B 285 24.48 41.54 -23.58
N GLN B 286 24.26 41.55 -22.26
CA GLN B 286 25.15 42.24 -21.32
C GLN B 286 26.58 41.72 -21.38
N GLU B 287 27.49 42.59 -21.85
CA GLU B 287 28.92 42.30 -21.94
C GLU B 287 29.51 42.33 -20.53
N ARG B 288 30.05 41.20 -20.10
CA ARG B 288 30.60 40.99 -18.77
C ARG B 288 32.11 40.72 -18.83
N VAL B 289 32.72 40.70 -17.65
CA VAL B 289 34.18 40.58 -17.47
C VAL B 289 34.75 39.34 -18.13
N LYS B 290 35.73 39.56 -19.03
CA LYS B 290 36.29 38.38 -19.70
C LYS B 290 37.22 37.65 -18.75
N LYS B 291 38.18 38.36 -18.13
CA LYS B 291 39.16 37.78 -17.22
C LYS B 291 38.57 37.54 -15.82
N THR B 292 39.00 36.44 -15.16
CA THR B 292 38.54 36.10 -13.82
C THR B 292 39.68 36.20 -12.82
N TRP B 293 39.37 36.63 -11.58
CA TRP B 293 40.40 36.75 -10.54
C TRP B 293 40.72 35.41 -9.86
N THR B 294 41.89 34.85 -10.20
CA THR B 294 42.37 33.57 -9.66
C THR B 294 42.98 33.74 -8.25
N VAL B 295 42.50 32.95 -7.29
CA VAL B 295 43.02 33.02 -5.91
C VAL B 295 44.39 32.36 -5.79
N VAL B 296 45.41 33.15 -5.42
CA VAL B 296 46.78 32.70 -5.26
C VAL B 296 47.29 33.05 -3.86
N ASP B 297 48.35 32.34 -3.44
CA ASP B 297 48.99 32.58 -2.15
C ASP B 297 49.81 33.87 -2.21
N ALA B 298 49.78 34.65 -1.12
CA ALA B 298 50.53 35.92 -1.09
C ALA B 298 52.04 35.77 -1.26
N LYS B 299 52.62 34.63 -0.85
CA LYS B 299 54.06 34.44 -0.97
C LYS B 299 54.48 33.78 -2.29
N THR B 300 53.91 32.61 -2.58
CA THR B 300 54.27 31.85 -3.77
C THR B 300 53.60 32.40 -5.02
N LEU B 301 52.40 32.95 -4.86
CA LEU B 301 51.57 33.48 -5.95
C LEU B 301 51.14 32.41 -6.94
N LYS B 302 50.62 31.31 -6.40
CA LYS B 302 50.14 30.22 -7.24
C LYS B 302 48.82 29.74 -6.66
N LYS B 303 47.88 29.43 -7.54
CA LYS B 303 46.58 28.92 -7.11
C LYS B 303 46.72 27.49 -6.59
N GLU B 304 47.61 26.72 -7.22
CA GLU B 304 47.84 25.30 -6.91
C GLU B 304 48.04 25.08 -5.42
N ASP B 305 48.68 26.02 -4.73
CA ASP B 305 48.91 25.85 -3.30
C ASP B 305 47.61 25.94 -2.50
N ILE B 306 46.55 26.52 -3.07
CA ILE B 306 45.25 26.66 -2.40
C ILE B 306 44.33 25.55 -2.88
N GLN B 307 43.66 24.87 -1.93
CA GLN B 307 42.73 23.79 -2.23
C GLN B 307 41.47 23.88 -1.37
N LYS B 308 40.33 23.69 -2.02
CA LYS B 308 39.00 23.74 -1.39
C LYS B 308 38.43 22.34 -1.20
N GLU B 309 38.11 21.99 0.05
CA GLU B 309 37.56 20.69 0.40
C GLU B 309 36.19 20.92 1.02
N THR B 310 35.22 20.09 0.62
CA THR B 310 33.87 20.20 1.15
C THR B 310 33.69 19.21 2.29
N VAL B 311 33.11 19.69 3.37
CA VAL B 311 32.86 18.90 4.56
C VAL B 311 31.37 18.90 4.82
N TYR B 312 30.85 17.76 5.23
CA TYR B 312 29.44 17.61 5.52
C TYR B 312 29.34 17.28 6.98
N CYS B 313 28.45 18.01 7.65
CA CYS B 313 28.16 17.97 9.08
C CYS B 313 26.66 18.09 9.17
N LEU B 314 26.05 17.59 10.23
CA LEU B 314 24.60 17.68 10.24
C LEU B 314 24.09 19.07 10.54
N ASN B 315 23.09 19.46 9.74
CA ASN B 315 22.40 20.75 9.83
C ASN B 315 21.55 20.86 11.08
N ASP B 316 21.03 19.72 11.55
CA ASP B 316 20.12 19.66 12.70
C ASP B 316 20.72 20.08 14.04
N ASP B 317 20.08 19.63 15.11
CA ASP B 317 20.55 19.98 16.41
C ASP B 317 22.03 19.61 16.60
N ASP B 318 22.40 18.46 16.08
CA ASP B 318 23.74 17.92 16.18
C ASP B 318 24.46 18.20 14.88
N GLU B 319 25.78 18.38 14.96
CA GLU B 319 26.60 18.70 13.80
C GLU B 319 27.52 17.54 13.41
N THR B 320 27.08 16.29 13.58
CA THR B 320 27.97 15.20 13.21
C THR B 320 28.29 15.17 11.72
N GLU B 321 29.52 14.74 11.40
CA GLU B 321 29.95 14.64 10.02
C GLU B 321 29.15 13.58 9.28
N VAL B 322 28.57 13.95 8.15
CA VAL B 322 27.77 13.04 7.34
C VAL B 322 28.60 12.44 6.21
N LEU B 323 28.54 11.12 6.08
CA LEU B 323 29.25 10.37 5.04
C LEU B 323 28.80 10.79 3.65
N LYS B 324 29.77 11.10 2.77
CA LYS B 324 29.44 11.57 1.42
C LYS B 324 28.63 10.57 0.61
N GLU B 325 28.83 9.28 0.84
CA GLU B 325 28.07 8.31 0.06
C GLU B 325 26.65 8.17 0.60
N ASP B 326 26.46 8.28 1.93
CA ASP B 326 25.13 8.12 2.51
C ASP B 326 24.21 9.32 2.26
N ILE B 327 24.73 10.42 1.73
CA ILE B 327 23.92 11.62 1.45
C ILE B 327 22.95 11.35 0.30
N ILE B 328 21.65 11.54 0.56
CA ILE B 328 20.61 11.33 -0.45
C ILE B 328 19.96 12.68 -0.75
N GLN B 329 19.55 12.85 -2.02
CA GLN B 329 18.90 14.08 -2.49
C GLN B 329 17.44 14.20 -2.05
N GLY B 330 17.05 15.42 -1.65
CA GLY B 330 15.69 15.68 -1.22
C GLY B 330 15.20 17.07 -1.60
N PHE B 331 13.87 17.23 -1.64
CA PHE B 331 13.20 18.48 -1.99
C PHE B 331 12.06 18.78 -1.02
N ARG B 332 11.88 20.07 -0.75
CA ARG B 332 10.83 20.53 0.15
C ARG B 332 9.52 20.81 -0.59
N TYR B 333 8.41 20.36 0.00
CA TYR B 333 7.06 20.62 -0.51
C TYR B 333 6.28 21.25 0.64
N GLY B 334 6.59 22.52 0.90
CA GLY B 334 6.02 23.29 1.98
C GLY B 334 6.59 22.84 3.31
N SER B 335 5.75 22.35 4.23
CA SER B 335 6.28 21.87 5.50
C SER B 335 7.01 20.53 5.34
N ASP B 336 6.44 19.62 4.55
CA ASP B 336 7.02 18.30 4.33
C ASP B 336 8.33 18.35 3.55
N ILE B 337 9.24 17.43 3.88
CA ILE B 337 10.51 17.28 3.17
C ILE B 337 10.48 15.88 2.57
N VAL B 338 10.40 15.80 1.26
CA VAL B 338 10.26 14.53 0.55
C VAL B 338 11.60 14.17 -0.10
N PRO B 339 12.14 12.98 0.16
CA PRO B 339 13.40 12.55 -0.46
C PRO B 339 13.14 12.07 -1.89
N PHE B 340 13.78 12.76 -2.84
CA PHE B 340 13.67 12.56 -4.29
C PHE B 340 15.09 12.55 -4.87
N SER B 341 15.56 11.35 -5.19
CA SER B 341 16.90 11.17 -5.74
C SER B 341 17.00 11.70 -7.16
N LYS B 342 18.22 12.08 -7.53
CA LYS B 342 18.49 12.62 -8.86
C LYS B 342 18.13 11.63 -9.95
N VAL B 343 18.25 10.34 -9.66
CA VAL B 343 17.95 9.30 -10.64
C VAL B 343 16.48 9.36 -11.04
N ASP B 344 15.59 9.39 -10.06
CA ASP B 344 14.17 9.48 -10.39
C ASP B 344 13.80 10.84 -10.97
N GLU B 345 14.54 11.88 -10.59
CA GLU B 345 14.21 13.23 -11.08
C GLU B 345 14.33 13.30 -12.60
N GLU B 346 15.46 12.86 -13.14
CA GLU B 346 15.67 12.90 -14.59
C GLU B 346 14.56 12.16 -15.31
N GLN B 347 14.03 11.10 -14.72
CA GLN B 347 12.97 10.36 -15.38
C GLN B 347 11.62 11.05 -15.24
N MET B 348 11.29 11.54 -14.04
CA MET B 348 9.99 12.15 -13.81
C MET B 348 9.87 13.60 -14.28
N LYS B 349 10.98 14.31 -14.46
CA LYS B 349 10.95 15.71 -14.86
C LYS B 349 10.33 15.97 -16.24
N TYR B 350 9.92 17.22 -16.45
CA TYR B 350 9.32 17.71 -17.69
C TYR B 350 10.27 17.61 -18.88
N LYS B 351 9.86 16.87 -19.91
CA LYS B 351 10.63 16.69 -21.13
C LYS B 351 10.13 17.66 -22.20
N SER B 352 10.95 18.65 -22.55
CA SER B 352 10.59 19.65 -23.55
C SER B 352 10.51 19.03 -24.94
N GLU B 353 9.52 19.48 -25.71
CA GLU B 353 9.26 18.95 -27.05
C GLU B 353 10.35 19.26 -28.06
N GLY B 354 11.29 20.15 -27.73
CA GLY B 354 12.40 20.48 -28.61
C GLY B 354 12.49 21.97 -28.90
N LYS B 355 13.61 22.33 -29.52
CA LYS B 355 13.84 23.71 -29.88
C LYS B 355 12.92 24.13 -31.01
N CYS B 356 12.29 25.29 -30.84
CA CYS B 356 11.33 25.80 -31.80
C CYS B 356 11.06 27.28 -31.50
N PHE B 357 10.36 27.90 -32.43
CA PHE B 357 9.89 29.29 -32.39
C PHE B 357 8.45 29.32 -32.85
N SER B 358 7.63 28.44 -32.27
CA SER B 358 6.24 28.32 -32.68
C SER B 358 5.42 29.51 -32.18
N VAL B 359 4.62 30.06 -33.09
CA VAL B 359 3.75 31.18 -32.75
C VAL B 359 2.49 30.65 -32.08
N LEU B 360 2.19 31.19 -30.91
CA LEU B 360 0.97 30.80 -30.21
C LEU B 360 -0.18 31.61 -30.77
N GLY B 361 0.06 32.88 -31.07
CA GLY B 361 -0.99 33.71 -31.62
C GLY B 361 -0.50 35.11 -31.90
N PHE B 362 -1.43 35.99 -32.20
CA PHE B 362 -1.14 37.38 -32.50
C PHE B 362 -2.08 38.27 -31.72
N CYS B 363 -1.54 39.36 -31.15
CA CYS B 363 -2.36 40.29 -30.37
C CYS B 363 -1.94 41.71 -30.72
N LYS B 364 -2.75 42.67 -30.33
CA LYS B 364 -2.40 44.06 -30.60
C LYS B 364 -1.18 44.51 -29.79
N SER B 365 -0.43 45.45 -30.38
CA SER B 365 0.78 46.01 -29.76
C SER B 365 0.54 46.54 -28.35
N SER B 366 -0.64 47.12 -28.11
CA SER B 366 -0.98 47.69 -26.80
C SER B 366 -1.03 46.64 -25.70
N GLN B 367 -1.38 45.40 -26.03
CA GLN B 367 -1.51 44.36 -25.01
C GLN B 367 -0.17 43.96 -24.40
N VAL B 368 0.94 44.14 -25.12
CA VAL B 368 2.26 43.79 -24.60
C VAL B 368 2.96 45.06 -24.12
N GLN B 369 3.09 45.18 -22.79
CA GLN B 369 3.73 46.31 -22.13
C GLN B 369 5.17 45.98 -21.76
N ARG B 370 6.05 46.95 -22.00
CA ARG B 370 7.48 46.81 -21.73
C ARG B 370 7.79 46.41 -20.28
N ARG B 371 6.90 46.70 -19.33
CA ARG B 371 7.15 46.32 -17.94
C ARG B 371 7.16 44.81 -17.74
N PHE B 372 6.58 44.04 -18.67
CA PHE B 372 6.51 42.59 -18.55
C PHE B 372 7.67 41.88 -19.25
N PHE B 373 8.62 42.61 -19.83
CA PHE B 373 9.76 41.99 -20.48
C PHE B 373 10.64 41.23 -19.50
N MET B 374 11.05 40.02 -19.89
CA MET B 374 11.87 39.14 -19.07
C MET B 374 13.05 38.59 -19.85
N GLY B 375 13.97 37.98 -19.11
CA GLY B 375 15.19 37.40 -19.64
C GLY B 375 16.37 38.35 -19.53
N ASN B 376 17.49 37.93 -20.12
CA ASN B 376 18.70 38.73 -20.11
C ASN B 376 19.24 38.94 -21.52
N GLN B 377 18.39 38.84 -22.53
CA GLN B 377 18.80 39.00 -23.91
C GLN B 377 17.60 39.43 -24.74
N VAL B 378 17.91 39.94 -25.93
CA VAL B 378 16.94 40.33 -26.94
C VAL B 378 17.40 39.62 -28.20
N LEU B 379 16.50 38.95 -28.89
CA LEU B 379 16.88 38.24 -30.09
C LEU B 379 16.33 38.92 -31.34
N LYS B 380 17.19 39.03 -32.36
CA LYS B 380 16.80 39.57 -33.64
C LYS B 380 16.70 38.40 -34.62
N VAL B 381 15.45 38.08 -34.94
CA VAL B 381 15.04 37.00 -35.85
C VAL B 381 15.13 37.51 -37.28
N PHE B 382 16.17 37.11 -38.01
CA PHE B 382 16.38 37.48 -39.40
C PHE B 382 16.02 36.30 -40.30
N ALA B 383 15.83 36.60 -41.58
CA ALA B 383 15.53 35.58 -42.56
C ALA B 383 16.79 34.81 -42.91
N ALA B 384 16.67 33.48 -43.00
CA ALA B 384 17.80 32.62 -43.33
C ALA B 384 18.57 33.09 -44.55
N ARG B 385 19.89 33.22 -44.39
CA ARG B 385 20.79 33.65 -45.46
C ARG B 385 20.78 32.68 -46.63
N ASP B 386 20.81 33.24 -47.85
CA ASP B 386 20.79 32.48 -49.11
C ASP B 386 19.51 31.66 -49.25
N ASP B 387 18.40 32.22 -48.75
CA ASP B 387 17.08 31.60 -48.84
C ASP B 387 16.09 32.69 -49.25
N GLU B 388 15.68 32.69 -50.53
CA GLU B 388 14.76 33.74 -51.00
C GLU B 388 13.33 33.52 -50.52
N ALA B 389 12.85 32.28 -50.57
CA ALA B 389 11.48 32.00 -50.18
C ALA B 389 11.25 32.29 -48.71
N ALA B 390 12.23 31.99 -47.85
CA ALA B 390 12.05 32.31 -46.44
C ALA B 390 12.19 33.80 -46.19
N ALA B 391 13.01 34.49 -46.99
CA ALA B 391 13.15 35.93 -46.82
C ALA B 391 11.85 36.65 -47.13
N VAL B 392 11.15 36.21 -48.18
CA VAL B 392 9.88 36.82 -48.53
C VAL B 392 8.80 36.40 -47.54
N ALA B 393 8.79 35.13 -47.15
CA ALA B 393 7.80 34.65 -46.18
C ALA B 393 7.89 35.39 -44.86
N LEU B 394 9.11 35.72 -44.42
CA LEU B 394 9.25 36.48 -43.18
C LEU B 394 8.91 37.95 -43.39
N SER B 395 9.35 38.54 -44.51
CA SER B 395 9.01 39.92 -44.81
C SER B 395 7.50 40.15 -44.81
N SER B 396 6.75 39.17 -45.32
CA SER B 396 5.29 39.27 -45.34
C SER B 396 4.72 39.37 -43.93
N LEU B 397 5.24 38.56 -42.99
CA LEU B 397 4.75 38.60 -41.62
C LEU B 397 5.14 39.91 -40.94
N ILE B 398 6.37 40.36 -41.18
CA ILE B 398 6.83 41.62 -40.58
C ILE B 398 5.93 42.78 -41.01
N HIS B 399 5.66 42.88 -42.32
CA HIS B 399 4.83 43.97 -42.80
C HIS B 399 3.37 43.81 -42.40
N ALA B 400 2.88 42.57 -42.30
CA ALA B 400 1.49 42.38 -41.88
C ALA B 400 1.30 42.84 -40.44
N LEU B 401 2.28 42.52 -39.57
CA LEU B 401 2.18 42.94 -38.18
C LEU B 401 2.38 44.44 -38.04
N ASP B 402 3.25 45.02 -38.86
CA ASP B 402 3.51 46.46 -38.80
C ASP B 402 2.28 47.27 -39.25
N ASP B 403 1.70 46.94 -40.40
CA ASP B 403 0.55 47.68 -40.90
C ASP B 403 -0.66 47.53 -39.99
N LEU B 404 -0.86 46.34 -39.42
CA LEU B 404 -1.99 46.11 -38.52
C LEU B 404 -1.71 46.55 -37.09
N ASP B 405 -0.48 46.99 -36.80
CA ASP B 405 -0.06 47.36 -35.44
C ASP B 405 -0.30 46.21 -34.48
N MET B 406 0.24 45.05 -34.82
CA MET B 406 0.07 43.85 -34.03
C MET B 406 1.42 43.19 -33.78
N VAL B 407 1.44 42.29 -32.80
CA VAL B 407 2.63 41.54 -32.40
C VAL B 407 2.28 40.05 -32.40
N ALA B 408 3.31 39.21 -32.19
CA ALA B 408 3.13 37.75 -32.17
C ALA B 408 3.64 37.12 -30.88
N ILE B 409 2.74 36.43 -30.17
CA ILE B 409 3.10 35.70 -28.95
C ILE B 409 3.59 34.32 -29.37
N VAL B 410 4.87 34.04 -29.10
CA VAL B 410 5.55 32.81 -29.51
C VAL B 410 6.12 32.03 -28.33
N ARG B 411 6.41 30.76 -28.61
CA ARG B 411 7.06 29.81 -27.72
C ARG B 411 8.48 29.56 -28.20
N TYR B 412 9.46 29.71 -27.30
CA TYR B 412 10.86 29.55 -27.68
C TYR B 412 11.70 28.67 -26.75
N ALA B 413 12.63 27.95 -27.37
CA ALA B 413 13.60 27.10 -26.69
C ALA B 413 14.77 26.94 -27.64
N TYR B 414 15.98 27.22 -27.16
CA TYR B 414 17.19 27.10 -27.98
C TYR B 414 17.58 25.65 -28.27
N ASP B 415 17.27 24.74 -27.35
CA ASP B 415 17.60 23.34 -27.49
C ASP B 415 16.53 22.51 -26.80
N LYS B 416 16.61 21.18 -26.98
CA LYS B 416 15.64 20.31 -26.34
C LYS B 416 15.83 20.29 -24.83
N ARG B 417 17.05 20.55 -24.35
CA ARG B 417 17.31 20.61 -22.91
C ARG B 417 16.88 21.94 -22.30
N ALA B 418 16.95 23.04 -23.05
CA ALA B 418 16.59 24.33 -22.49
C ALA B 418 15.12 24.41 -22.09
N ASN B 419 14.88 25.19 -21.04
CA ASN B 419 13.54 25.40 -20.50
C ASN B 419 12.72 26.25 -21.47
N PRO B 420 11.45 25.91 -21.68
CA PRO B 420 10.65 26.68 -22.62
C PRO B 420 10.35 28.08 -22.10
N GLN B 421 10.24 29.00 -23.04
CA GLN B 421 9.98 30.41 -22.82
C GLN B 421 8.77 30.85 -23.61
N VAL B 422 8.14 31.93 -23.14
CA VAL B 422 7.00 32.55 -23.80
C VAL B 422 7.35 34.01 -24.00
N GLY B 423 7.29 34.48 -25.24
CA GLY B 423 7.64 35.87 -25.43
C GLY B 423 6.93 36.57 -26.56
N VAL B 424 7.30 37.83 -26.74
CA VAL B 424 6.79 38.74 -27.75
C VAL B 424 7.71 38.80 -28.95
N ALA B 425 7.13 38.83 -30.16
CA ALA B 425 7.84 38.95 -31.43
C ALA B 425 7.23 40.10 -32.22
N PHE B 426 7.88 41.28 -32.19
CA PHE B 426 7.31 42.46 -32.87
C PHE B 426 8.12 42.89 -34.09
N PRO B 427 7.46 43.48 -35.10
CA PRO B 427 8.17 43.91 -36.31
C PRO B 427 9.13 45.06 -36.06
N HIS B 428 10.17 45.12 -36.91
CA HIS B 428 11.18 46.18 -36.81
C HIS B 428 11.76 46.44 -38.21
N ILE B 429 11.16 47.41 -38.90
CA ILE B 429 11.53 47.77 -40.28
C ILE B 429 12.21 49.14 -40.38
N LYS B 430 13.42 49.15 -40.95
CA LYS B 430 14.24 50.32 -41.29
C LYS B 430 14.61 50.23 -42.77
N HIS B 431 15.18 51.32 -43.27
CA HIS B 431 15.55 51.41 -44.68
C HIS B 431 16.52 50.31 -45.11
N ASN B 432 17.46 49.92 -44.26
CA ASN B 432 18.46 48.93 -44.67
C ASN B 432 18.10 47.48 -44.34
N TYR B 433 17.60 47.22 -43.13
CA TYR B 433 17.26 45.88 -42.69
C TYR B 433 15.79 45.76 -42.31
N GLU B 434 15.35 44.51 -42.20
CA GLU B 434 13.99 44.16 -41.86
C GLU B 434 14.05 42.96 -40.93
N CYS B 435 13.43 43.01 -39.74
CA CYS B 435 13.54 41.84 -38.87
C CYS B 435 12.43 41.79 -37.83
N LEU B 436 12.33 40.63 -37.16
CA LEU B 436 11.43 40.51 -36.01
C LEU B 436 12.28 40.58 -34.74
N VAL B 437 11.72 41.17 -33.68
CA VAL B 437 12.44 41.30 -32.43
C VAL B 437 11.71 40.49 -31.35
N TYR B 438 12.38 39.46 -30.84
CA TYR B 438 11.90 38.58 -29.79
C TYR B 438 12.41 39.03 -28.41
N VAL B 439 11.49 39.17 -27.47
CA VAL B 439 11.81 39.47 -26.08
C VAL B 439 10.96 38.56 -25.21
N GLN B 440 11.60 37.84 -24.29
CA GLN B 440 10.89 36.90 -23.43
C GLN B 440 9.89 37.61 -22.51
N LEU B 441 8.73 37.00 -22.36
CA LEU B 441 7.64 37.46 -21.52
C LEU B 441 7.53 36.57 -20.28
N PRO B 442 6.72 36.94 -19.29
CA PRO B 442 6.65 36.16 -18.05
C PRO B 442 5.59 35.07 -18.01
N PHE B 443 5.84 34.12 -17.11
CA PHE B 443 4.92 33.05 -16.78
C PHE B 443 4.08 33.51 -15.58
N MET B 444 2.94 32.82 -15.37
CA MET B 444 2.08 33.19 -14.25
C MET B 444 2.85 33.19 -12.92
N GLU B 445 3.73 32.20 -12.73
CA GLU B 445 4.52 32.11 -11.50
C GLU B 445 5.49 33.28 -11.35
N ASP B 446 6.02 33.80 -12.46
CA ASP B 446 6.98 34.89 -12.41
C ASP B 446 6.34 36.21 -11.99
N LEU B 447 5.08 36.43 -12.36
CA LEU B 447 4.39 37.69 -12.05
C LEU B 447 4.15 37.84 -10.55
N ARG B 448 4.26 39.09 -10.07
CA ARG B 448 4.02 39.42 -8.67
C ARG B 448 3.04 40.57 -8.54
N GLN B 449 2.00 40.36 -7.73
CA GLN B 449 0.92 41.31 -7.53
C GLN B 449 0.93 41.87 -6.10
N TYR B 450 1.22 43.16 -5.98
CA TYR B 450 1.21 43.93 -4.75
C TYR B 450 0.28 45.10 -4.95
N MET B 451 -0.21 45.67 -3.86
CA MET B 451 -1.08 46.83 -3.98
C MET B 451 -0.36 48.03 -3.38
N PHE B 452 -0.21 49.07 -4.19
CA PHE B 452 0.45 50.30 -3.80
C PHE B 452 -0.59 51.37 -3.58
N SER B 453 -0.33 52.27 -2.64
CA SER B 453 -1.27 53.34 -2.38
C SER B 453 -1.35 54.29 -3.57
N SER B 454 -2.57 54.72 -3.86
CA SER B 454 -2.83 55.68 -4.92
C SER B 454 -2.23 57.04 -4.58
N LEU B 455 -1.83 57.77 -5.62
CA LEU B 455 -1.24 59.08 -5.43
C LEU B 455 -2.08 60.11 -6.15
N LYS B 456 -2.76 59.66 -7.21
CA LYS B 456 -3.65 60.52 -7.99
C LYS B 456 -4.59 61.26 -7.06
N ASN B 457 -5.10 60.56 -6.03
CA ASN B 457 -6.05 61.12 -5.10
C ASN B 457 -5.58 61.02 -3.66
N SER B 458 -4.27 61.08 -3.44
CA SER B 458 -3.73 61.07 -2.08
C SER B 458 -3.94 62.45 -1.48
N LYS B 459 -4.90 62.57 -0.56
CA LYS B 459 -5.20 63.88 0.02
C LYS B 459 -4.00 64.47 0.75
N LYS B 460 -3.20 63.59 1.37
CA LYS B 460 -2.01 63.91 2.15
C LYS B 460 -0.78 64.31 1.33
N TYR B 461 -0.61 63.76 0.13
CA TYR B 461 0.57 64.05 -0.69
C TYR B 461 0.33 64.88 -1.94
N ALA B 462 -0.89 65.33 -2.20
CA ALA B 462 -1.17 66.11 -3.40
C ALA B 462 -0.34 67.40 -3.43
N PRO B 463 0.44 67.63 -4.48
CA PRO B 463 1.26 68.85 -4.58
C PRO B 463 0.47 70.07 -5.01
N THR B 464 0.95 71.23 -4.55
CA THR B 464 0.31 72.50 -4.90
C THR B 464 0.57 72.87 -6.35
N GLU B 465 -0.22 73.83 -6.85
CA GLU B 465 -0.04 74.30 -8.22
C GLU B 465 1.35 74.92 -8.43
N ALA B 466 1.87 75.61 -7.42
CA ALA B 466 3.21 76.18 -7.52
C ALA B 466 4.28 75.10 -7.53
N GLN B 467 4.06 74.05 -6.74
CA GLN B 467 5.01 72.93 -6.69
C GLN B 467 5.05 72.23 -8.04
N LEU B 468 3.87 72.03 -8.64
CA LEU B 468 3.78 71.40 -9.94
C LEU B 468 4.40 72.29 -11.02
N ASN B 469 4.16 73.61 -10.97
CA ASN B 469 4.77 74.50 -11.95
C ASN B 469 6.28 74.62 -11.77
N ALA B 470 6.77 74.22 -10.59
CA ALA B 470 8.21 74.24 -10.35
C ALA B 470 8.83 72.99 -10.94
N VAL B 471 8.13 71.87 -10.81
CA VAL B 471 8.64 70.65 -11.42
C VAL B 471 8.52 70.79 -12.94
N ASP B 472 7.48 71.47 -13.41
CA ASP B 472 7.31 71.72 -14.85
C ASP B 472 8.51 72.49 -15.40
N ALA B 473 8.96 73.51 -14.66
CA ALA B 473 10.10 74.28 -15.14
C ALA B 473 11.38 73.46 -15.03
N LEU B 474 11.46 72.57 -14.04
CA LEU B 474 12.66 71.74 -13.89
C LEU B 474 12.78 70.76 -15.05
N ILE B 475 11.68 70.08 -15.39
CA ILE B 475 11.72 69.10 -16.48
C ILE B 475 11.99 69.80 -17.81
N ASP B 476 11.42 70.99 -18.03
CA ASP B 476 11.70 71.73 -19.25
C ASP B 476 13.17 72.15 -19.32
N SER B 477 13.74 72.55 -18.18
CA SER B 477 15.15 72.97 -18.12
C SER B 477 16.11 71.80 -18.27
N MET B 478 15.78 70.64 -17.69
CA MET B 478 16.65 69.47 -17.73
C MET B 478 16.35 68.51 -18.88
N SER B 479 15.82 69.01 -20.00
CA SER B 479 15.53 68.13 -21.13
C SER B 479 16.81 67.73 -21.86
N LEU B 480 16.91 66.43 -22.15
CA LEU B 480 18.02 65.78 -22.83
C LEU B 480 17.79 65.59 -24.32
N ALA B 481 16.90 66.37 -24.92
CA ALA B 481 16.63 66.25 -26.34
C ALA B 481 16.51 67.61 -27.01
N LYS B 482 16.99 67.66 -28.25
CA LYS B 482 16.97 68.85 -29.09
C LYS B 482 16.19 68.42 -30.32
N LYS B 483 15.08 69.11 -30.58
CA LYS B 483 14.23 68.80 -31.71
C LYS B 483 14.58 69.73 -32.88
N LYS B 486 14.35 74.80 -38.45
CA LYS B 486 15.31 74.25 -39.40
C LYS B 486 15.03 72.80 -39.77
N THR B 487 15.71 71.90 -39.06
CA THR B 487 15.52 70.47 -39.32
C THR B 487 14.26 69.92 -38.68
N ASP B 488 13.85 70.45 -37.51
CA ASP B 488 12.68 69.95 -36.80
C ASP B 488 12.76 68.45 -36.48
N THR B 489 13.98 67.94 -36.35
CA THR B 489 14.25 66.54 -36.08
C THR B 489 14.82 66.45 -34.68
N LEU B 490 14.45 65.40 -33.95
CA LEU B 490 14.91 65.26 -32.58
C LEU B 490 16.29 64.59 -32.47
N GLU B 491 17.19 65.36 -31.87
CA GLU B 491 18.59 65.03 -31.62
C GLU B 491 18.73 64.64 -30.15
N ASP B 492 19.18 63.42 -29.88
CA ASP B 492 19.36 63.02 -28.50
C ASP B 492 20.68 63.61 -28.01
N LEU B 493 20.64 64.30 -26.87
CA LEU B 493 21.86 64.91 -26.36
C LEU B 493 22.58 64.03 -25.35
N PHE B 494 21.96 62.92 -24.92
CA PHE B 494 22.60 61.99 -24.00
C PHE B 494 22.34 60.55 -24.43
N PRO B 495 22.70 60.18 -25.68
CA PRO B 495 22.51 58.78 -26.09
C PRO B 495 23.38 57.86 -25.24
N THR B 496 22.75 57.20 -24.27
CA THR B 496 23.49 56.32 -23.36
C THR B 496 23.90 55.02 -24.04
N THR B 497 23.10 54.57 -25.02
CA THR B 497 23.39 53.33 -25.74
C THR B 497 24.68 53.40 -26.54
N LYS B 498 25.24 54.60 -26.73
CA LYS B 498 26.49 54.79 -27.45
C LYS B 498 27.69 54.84 -26.53
N ILE B 499 27.46 55.17 -25.26
CA ILE B 499 28.52 55.28 -24.26
C ILE B 499 28.96 53.89 -23.83
N PRO B 500 30.25 53.60 -23.79
CA PRO B 500 30.71 52.29 -23.32
C PRO B 500 30.66 52.18 -21.80
N ASN B 501 30.46 50.95 -21.33
CA ASN B 501 30.42 50.59 -19.93
C ASN B 501 31.73 50.97 -19.23
N PRO B 502 31.70 51.92 -18.29
CA PRO B 502 32.95 52.37 -17.65
C PRO B 502 33.73 51.25 -16.95
N ARG B 503 33.07 50.13 -16.66
CA ARG B 503 33.71 49.00 -15.99
C ARG B 503 34.98 48.56 -16.68
N PHE B 504 34.94 48.46 -18.01
CA PHE B 504 36.07 47.94 -18.78
C PHE B 504 37.25 48.89 -18.83
N GLN B 505 37.04 50.13 -19.28
CA GLN B 505 38.18 51.04 -19.35
C GLN B 505 38.74 51.36 -17.95
N ARG B 506 37.91 51.26 -16.91
CA ARG B 506 38.43 51.47 -15.56
C ARG B 506 39.30 50.29 -15.14
N LEU B 507 38.84 49.07 -15.46
CA LEU B 507 39.62 47.89 -15.15
C LEU B 507 40.95 47.89 -15.90
N PHE B 508 40.91 48.23 -17.19
CA PHE B 508 42.14 48.27 -17.97
C PHE B 508 43.11 49.31 -17.40
N GLN B 509 42.58 50.46 -16.98
CA GLN B 509 43.41 51.49 -16.37
C GLN B 509 44.15 50.96 -15.14
N CYS B 510 43.41 50.35 -14.21
CA CYS B 510 44.03 49.81 -13.00
C CYS B 510 44.99 48.66 -13.29
N LEU B 511 44.61 47.74 -14.18
CA LEU B 511 45.47 46.61 -14.51
C LEU B 511 46.80 47.08 -15.10
N LEU B 512 46.76 48.07 -15.99
CA LEU B 512 48.00 48.56 -16.57
C LEU B 512 48.83 49.30 -15.51
N HIS B 513 48.17 50.13 -14.69
CA HIS B 513 48.91 50.85 -13.66
C HIS B 513 49.63 49.90 -12.71
N ARG B 514 48.99 48.79 -12.33
CA ARG B 514 49.67 47.83 -11.46
C ARG B 514 50.77 47.09 -12.20
N ALA B 515 50.59 46.84 -13.50
CA ALA B 515 51.63 46.14 -14.25
C ALA B 515 52.87 47.01 -14.42
N LEU B 516 52.70 48.32 -14.59
CA LEU B 516 53.84 49.21 -14.78
C LEU B 516 54.35 49.83 -13.49
N HIS B 517 53.47 50.22 -12.57
CA HIS B 517 53.86 50.83 -11.31
C HIS B 517 53.34 49.95 -10.17
N PRO B 518 54.08 48.90 -9.82
CA PRO B 518 53.61 47.97 -8.78
C PRO B 518 53.67 48.56 -7.39
N ARG B 519 54.65 49.44 -7.12
CA ARG B 519 54.79 50.01 -5.79
C ARG B 519 53.70 51.04 -5.49
N GLU B 520 53.32 51.82 -6.50
CA GLU B 520 52.28 52.84 -6.36
C GLU B 520 50.90 52.20 -6.20
N PRO B 521 50.00 52.82 -5.43
CA PRO B 521 48.65 52.29 -5.29
C PRO B 521 47.78 52.60 -6.50
N LEU B 522 46.58 52.02 -6.50
CA LEU B 522 45.66 52.18 -7.62
C LEU B 522 45.37 53.66 -7.91
N PRO B 523 45.34 54.05 -9.18
CA PRO B 523 45.06 55.45 -9.54
C PRO B 523 43.58 55.75 -9.46
N PRO B 524 43.20 57.02 -9.35
CA PRO B 524 41.78 57.39 -9.29
C PRO B 524 41.15 57.33 -10.68
N ILE B 525 39.81 57.38 -10.68
CA ILE B 525 39.07 57.35 -11.94
C ILE B 525 39.48 58.54 -12.80
N GLN B 526 39.87 58.27 -14.04
CA GLN B 526 40.26 59.33 -14.97
C GLN B 526 39.08 60.26 -15.21
N GLN B 527 39.37 61.57 -15.19
CA GLN B 527 38.35 62.60 -15.35
C GLN B 527 37.45 62.42 -16.57
N HIS B 528 38.00 62.01 -17.71
CA HIS B 528 37.16 61.85 -18.89
C HIS B 528 36.07 60.80 -18.70
N ILE B 529 36.29 59.82 -17.82
CA ILE B 529 35.25 58.82 -17.56
C ILE B 529 34.07 59.47 -16.81
N TRP B 530 34.36 60.37 -15.89
CA TRP B 530 33.29 61.07 -15.19
C TRP B 530 32.61 62.06 -16.11
N ASN B 531 33.41 62.69 -16.98
CA ASN B 531 32.88 63.67 -17.91
C ASN B 531 31.94 63.03 -18.93
N MET B 532 32.27 61.82 -19.37
CA MET B 532 31.43 61.11 -20.33
C MET B 532 30.18 60.53 -19.66
N LEU B 533 30.24 60.26 -18.35
CA LEU B 533 29.07 59.71 -17.69
C LEU B 533 28.08 60.79 -17.27
N ASN B 534 28.53 62.03 -17.02
CA ASN B 534 27.64 63.12 -16.62
C ASN B 534 26.98 63.78 -17.84
N PRO B 535 25.77 64.32 -17.65
CA PRO B 535 25.05 64.99 -18.75
C PRO B 535 25.78 66.22 -19.27
N PRO B 536 25.43 66.69 -20.47
CA PRO B 536 26.07 67.88 -21.04
C PRO B 536 25.99 69.11 -20.13
N ALA B 537 27.10 69.85 -20.09
CA ALA B 537 27.22 71.05 -19.26
C ALA B 537 26.04 72.00 -19.40
N GLU B 538 25.45 72.10 -20.60
CA GLU B 538 24.31 72.99 -20.80
C GLU B 538 23.10 72.54 -20.00
N VAL B 539 22.90 71.23 -19.83
CA VAL B 539 21.77 70.74 -19.04
C VAL B 539 22.00 71.01 -17.56
N THR B 540 23.22 70.76 -17.08
CA THR B 540 23.56 70.99 -15.68
C THR B 540 23.42 72.47 -15.33
N THR B 541 23.86 73.35 -16.23
CA THR B 541 23.77 74.78 -15.99
C THR B 541 22.31 75.24 -16.02
N LYS B 542 21.55 74.74 -16.99
CA LYS B 542 20.13 75.09 -17.10
C LYS B 542 19.35 74.70 -15.86
N SER B 543 19.62 73.52 -15.30
CA SER B 543 18.91 73.01 -14.12
C SER B 543 19.15 73.77 -12.82
N GLN B 544 20.25 74.52 -12.70
CA GLN B 544 20.58 75.22 -11.46
C GLN B 544 19.43 76.01 -10.83
N ILE B 545 18.81 76.92 -11.60
CA ILE B 545 17.75 77.77 -11.05
C ILE B 545 16.50 76.97 -10.64
N PRO B 546 15.92 76.13 -11.49
CA PRO B 546 14.71 75.40 -11.04
C PRO B 546 15.02 74.45 -9.89
N LEU B 547 16.23 73.93 -9.81
CA LEU B 547 16.56 73.05 -8.70
C LEU B 547 16.55 73.83 -7.39
N SER B 548 17.08 75.06 -7.42
CA SER B 548 17.04 75.89 -6.22
C SER B 548 15.61 76.26 -5.83
N LYS B 549 14.74 76.49 -6.82
CA LYS B 549 13.35 76.81 -6.47
C LYS B 549 12.61 75.60 -5.90
N ILE B 550 12.86 74.40 -6.46
CA ILE B 550 12.19 73.20 -5.96
C ILE B 550 12.77 72.78 -4.61
N LYS B 551 14.02 73.16 -4.31
CA LYS B 551 14.57 72.81 -3.00
C LYS B 551 13.75 73.47 -1.91
N THR B 552 13.45 74.75 -2.08
CA THR B 552 12.66 75.48 -1.09
C THR B 552 11.19 75.06 -1.15
N LEU B 553 10.67 74.83 -2.36
CA LEU B 553 9.26 74.43 -2.50
C LEU B 553 9.00 73.00 -2.02
N PHE B 554 9.95 72.11 -2.19
CA PHE B 554 9.84 70.71 -1.76
C PHE B 554 10.68 70.42 -0.52
N PRO B 555 10.00 70.27 0.62
CA PRO B 555 10.68 70.03 1.91
C PRO B 555 11.21 68.61 2.03
N LEU B 556 12.43 68.52 2.53
CA LEU B 556 13.15 67.27 2.70
C LEU B 556 13.59 67.28 4.16
N ILE B 557 13.34 66.16 4.85
CA ILE B 557 13.66 66.00 6.27
C ILE B 557 14.01 64.55 6.54
N GLU B 558 14.98 64.36 7.42
CA GLU B 558 15.45 63.04 7.82
C GLU B 558 14.53 62.39 8.85
N ALA B 559 14.49 61.06 8.82
CA ALA B 559 13.69 60.29 9.78
C ALA B 559 14.55 59.96 11.00
N LYS B 560 14.08 60.31 12.19
CA LYS B 560 14.81 59.83 13.36
C LYS B 560 13.91 59.26 14.45
N LYS B 561 12.95 60.05 14.93
CA LYS B 561 12.07 59.62 16.02
C LYS B 561 11.29 58.35 15.69
N SER E 33 68.91 -11.50 -86.31
CA SER E 33 69.04 -10.11 -85.89
C SER E 33 70.38 -9.51 -86.27
N GLY E 34 70.45 -8.19 -86.21
CA GLY E 34 71.69 -7.50 -86.48
C GLY E 34 71.49 -6.00 -86.38
N ARG E 35 72.60 -5.30 -86.21
CA ARG E 35 72.65 -3.85 -86.09
C ARG E 35 72.66 -3.24 -87.48
N ASP E 36 71.87 -2.17 -87.69
CA ASP E 36 71.84 -1.55 -89.00
C ASP E 36 72.90 -0.47 -89.13
N SER E 37 73.57 -0.43 -90.29
CA SER E 37 74.64 0.53 -90.56
C SER E 37 74.14 1.60 -91.53
N LEU E 38 74.36 2.87 -91.19
CA LEU E 38 73.94 3.96 -92.07
C LEU E 38 75.04 5.00 -92.24
N ILE E 39 75.41 5.31 -93.48
CA ILE E 39 76.47 6.29 -93.75
C ILE E 39 75.87 7.47 -94.50
N PHE E 40 76.05 8.67 -93.94
CA PHE E 40 75.59 9.93 -94.53
C PHE E 40 76.74 10.58 -95.31
N LEU E 41 76.62 10.63 -96.62
CA LEU E 41 77.63 11.22 -97.51
C LEU E 41 77.22 12.61 -97.95
N VAL E 42 78.01 13.63 -97.60
CA VAL E 42 77.68 15.02 -97.88
C VAL E 42 78.70 15.67 -98.82
N ASP E 43 78.18 16.27 -99.89
CA ASP E 43 78.94 17.04 -100.87
C ASP E 43 79.37 18.38 -100.27
N ALA E 44 80.63 18.76 -100.47
CA ALA E 44 81.13 20.02 -99.93
C ALA E 44 81.68 20.93 -101.04
N SER E 45 81.04 20.88 -102.21
CA SER E 45 81.44 21.72 -103.34
C SER E 45 80.82 23.12 -103.20
N LYS E 46 81.35 24.05 -104.00
CA LYS E 46 80.90 25.44 -104.00
C LYS E 46 79.38 25.58 -104.11
N ALA E 47 78.74 24.76 -104.94
CA ALA E 47 77.30 24.84 -105.14
C ALA E 47 76.52 24.54 -103.86
N MET E 48 77.05 23.68 -103.01
CA MET E 48 76.38 23.31 -101.78
C MET E 48 76.29 24.45 -100.78
N PHE E 49 77.15 25.47 -100.88
CA PHE E 49 77.18 26.59 -99.95
C PHE E 49 76.42 27.80 -100.46
N GLU E 50 75.66 27.63 -101.53
CA GLU E 50 74.90 28.72 -102.12
C GLU E 50 73.47 28.40 -101.72
N SER E 51 72.78 29.38 -101.14
CA SER E 51 71.40 29.12 -100.77
C SER E 51 70.47 29.37 -101.94
N GLN E 52 70.90 30.18 -102.93
CA GLN E 52 70.10 30.49 -104.10
C GLN E 52 68.65 30.90 -103.80
N SER E 53 68.29 31.11 -102.52
CA SER E 53 66.96 31.49 -102.07
C SER E 53 67.27 32.38 -100.90
N GLU E 54 66.75 33.61 -100.88
CA GLU E 54 67.10 34.44 -99.76
C GLU E 54 66.55 33.79 -98.49
N ASP E 55 66.95 34.34 -97.33
CA ASP E 55 66.45 33.87 -96.03
C ASP E 55 66.28 32.35 -95.88
N GLU E 56 66.76 31.56 -96.86
CA GLU E 56 66.69 30.10 -96.84
C GLU E 56 68.05 29.44 -96.60
N LEU E 57 68.04 28.27 -95.94
CA LEU E 57 69.27 27.57 -95.65
C LEU E 57 69.95 27.02 -96.91
N THR E 58 71.27 26.93 -96.85
CA THR E 58 72.08 26.35 -97.93
C THR E 58 71.80 24.85 -98.03
N PRO E 59 71.90 24.24 -99.22
CA PRO E 59 71.67 22.79 -99.31
C PRO E 59 72.50 22.04 -98.26
N PHE E 60 73.68 22.58 -97.96
CA PHE E 60 74.55 22.03 -96.94
C PHE E 60 73.91 22.15 -95.57
N ASP E 61 73.40 23.36 -95.26
CA ASP E 61 72.75 23.59 -93.98
C ASP E 61 71.57 22.63 -93.83
N MET E 62 70.83 22.43 -94.92
CA MET E 62 69.71 21.50 -94.91
C MET E 62 70.20 20.10 -94.57
N SER E 63 71.32 19.70 -95.17
CA SER E 63 71.87 18.37 -94.91
C SER E 63 72.29 18.21 -93.45
N ILE E 64 73.14 19.12 -92.96
CA ILE E 64 73.59 19.06 -91.57
C ILE E 64 72.42 18.99 -90.59
N GLN E 65 71.37 19.80 -90.79
CA GLN E 65 70.23 19.76 -89.89
C GLN E 65 69.47 18.44 -90.03
N CYS E 66 69.34 17.95 -91.26
CA CYS E 66 68.69 16.68 -91.51
C CYS E 66 69.42 15.54 -90.80
N ILE E 67 70.75 15.54 -90.89
CA ILE E 67 71.57 14.52 -90.26
C ILE E 67 71.35 14.56 -88.76
N GLN E 68 71.42 15.76 -88.17
CA GLN E 68 71.19 15.91 -86.73
C GLN E 68 69.84 15.35 -86.31
N SER E 69 68.79 15.65 -87.09
CA SER E 69 67.46 15.14 -86.78
C SER E 69 67.44 13.61 -86.81
N VAL E 70 68.14 13.02 -87.78
CA VAL E 70 68.20 11.56 -87.86
C VAL E 70 68.92 11.00 -86.65
N TYR E 71 70.06 11.59 -86.27
CA TYR E 71 70.78 11.13 -85.08
C TYR E 71 69.91 11.09 -83.83
N ILE E 72 69.17 12.17 -83.55
CA ILE E 72 68.32 12.15 -82.36
C ILE E 72 67.23 11.07 -82.50
N SER E 73 66.59 11.00 -83.68
CA SER E 73 65.55 9.99 -83.88
C SER E 73 66.12 8.59 -83.68
N LYS E 74 67.36 8.37 -84.14
CA LYS E 74 68.01 7.09 -83.99
C LYS E 74 68.32 6.78 -82.54
N ILE E 75 68.56 7.79 -81.71
CA ILE E 75 68.82 7.48 -80.31
C ILE E 75 67.54 7.04 -79.65
N ILE E 76 66.44 7.75 -79.90
CA ILE E 76 65.18 7.33 -79.31
C ILE E 76 64.75 5.96 -79.85
N SER E 77 64.69 5.81 -81.17
CA SER E 77 64.28 4.56 -81.81
C SER E 77 65.21 3.35 -81.65
N SER E 78 66.36 3.35 -82.30
CA SER E 78 67.28 2.22 -82.19
C SER E 78 68.58 2.62 -81.51
N ASP E 79 68.80 2.13 -80.29
CA ASP E 79 70.04 2.47 -79.62
C ASP E 79 71.24 1.72 -80.16
N ARG E 80 71.07 0.76 -81.07
CA ARG E 80 72.23 0.03 -81.55
C ARG E 80 72.61 0.34 -83.00
N ASP E 81 71.80 1.11 -83.74
CA ASP E 81 72.16 1.41 -85.12
C ASP E 81 73.49 2.16 -85.15
N LEU E 82 74.35 1.82 -86.10
CA LEU E 82 75.62 2.50 -86.23
C LEU E 82 75.49 3.55 -87.32
N LEU E 83 75.91 4.78 -87.02
CA LEU E 83 75.81 5.88 -87.98
C LEU E 83 77.21 6.40 -88.31
N ALA E 84 77.32 7.05 -89.46
CA ALA E 84 78.60 7.64 -89.87
C ALA E 84 78.33 8.88 -90.70
N VAL E 85 79.26 9.84 -90.64
CA VAL E 85 79.17 11.11 -91.37
C VAL E 85 80.46 11.29 -92.16
N VAL E 86 80.36 11.28 -93.48
CA VAL E 86 81.50 11.43 -94.38
C VAL E 86 81.27 12.61 -95.31
N PHE E 87 82.31 13.43 -95.49
CA PHE E 87 82.27 14.58 -96.38
C PHE E 87 83.23 14.35 -97.53
N TYR E 88 82.88 14.89 -98.69
CA TYR E 88 83.76 14.80 -99.85
C TYR E 88 83.84 16.16 -100.54
N GLY E 89 84.98 16.38 -101.19
CA GLY E 89 85.28 17.64 -101.84
C GLY E 89 85.90 18.67 -100.94
N THR E 90 86.46 18.25 -99.81
CA THR E 90 87.14 19.11 -98.86
C THR E 90 88.65 19.05 -99.09
N GLU E 91 89.33 20.18 -98.87
CA GLU E 91 90.78 20.20 -99.06
C GLU E 91 91.47 19.30 -98.02
N LYS E 92 91.10 19.43 -96.75
CA LYS E 92 91.68 18.60 -95.70
C LYS E 92 91.11 17.19 -95.79
N ASP E 93 91.98 16.18 -95.89
CA ASP E 93 91.53 14.79 -95.99
C ASP E 93 91.94 13.99 -94.77
N LYS E 94 90.97 13.29 -94.19
CA LYS E 94 91.19 12.43 -93.01
C LYS E 94 90.48 11.10 -93.29
N ASN E 95 91.19 10.07 -93.74
CA ASN E 95 90.50 8.80 -93.98
C ASN E 95 91.47 7.62 -93.94
N SER E 96 90.88 6.44 -93.77
CA SER E 96 91.60 5.16 -93.63
C SER E 96 92.79 4.98 -94.57
N VAL E 97 92.61 5.19 -95.88
CA VAL E 97 93.67 4.96 -96.84
C VAL E 97 94.25 6.27 -97.37
N ASN E 98 93.97 7.37 -96.68
CA ASN E 98 94.45 8.71 -97.03
C ASN E 98 94.12 9.11 -98.46
N PHE E 99 92.87 8.86 -98.84
CA PHE E 99 92.42 9.28 -100.14
C PHE E 99 92.22 10.78 -100.15
N LYS E 100 92.76 11.46 -101.16
CA LYS E 100 92.68 12.90 -101.20
C LYS E 100 91.24 13.40 -101.24
N ASN E 101 90.99 14.46 -100.48
CA ASN E 101 89.74 15.21 -100.41
C ASN E 101 88.55 14.41 -99.85
N ILE E 102 88.79 13.50 -98.91
CA ILE E 102 87.71 12.74 -98.25
C ILE E 102 87.90 12.87 -96.74
N TYR E 103 86.96 13.54 -96.07
CA TYR E 103 87.02 13.73 -94.62
C TYR E 103 85.92 12.93 -93.92
N VAL E 104 86.30 11.86 -93.23
CA VAL E 104 85.36 11.04 -92.47
C VAL E 104 85.24 11.67 -91.08
N LEU E 105 84.20 12.49 -90.90
CA LEU E 105 84.02 13.18 -89.63
C LEU E 105 83.74 12.18 -88.52
N GLN E 106 82.81 11.26 -88.75
CA GLN E 106 82.44 10.25 -87.76
C GLN E 106 82.43 8.87 -88.38
N GLU E 107 83.13 7.95 -87.71
CA GLU E 107 83.18 6.56 -88.11
C GLU E 107 81.85 5.90 -87.78
N LEU E 108 81.67 4.66 -88.22
CA LEU E 108 80.42 3.94 -87.94
C LEU E 108 80.38 3.58 -86.46
N ASP E 109 79.46 4.22 -85.73
CA ASP E 109 79.32 3.97 -84.31
C ASP E 109 77.94 4.42 -83.85
N ASN E 110 77.59 3.96 -82.64
CA ASN E 110 76.31 4.30 -82.03
C ASN E 110 76.15 5.81 -81.88
N PRO E 111 74.90 6.31 -81.90
CA PRO E 111 74.69 7.75 -81.75
C PRO E 111 74.96 8.22 -80.33
N GLY E 112 75.53 9.43 -80.22
CA GLY E 112 75.84 10.00 -78.93
C GLY E 112 75.49 11.48 -78.85
N ALA E 113 75.49 11.98 -77.61
CA ALA E 113 75.18 13.40 -77.38
C ALA E 113 76.30 14.29 -77.93
N LYS E 114 77.55 13.87 -77.78
CA LYS E 114 78.67 14.65 -78.30
C LYS E 114 78.71 14.62 -79.83
N ARG E 115 78.25 13.52 -80.44
CA ARG E 115 78.26 13.48 -81.90
C ARG E 115 77.29 14.52 -82.45
N ILE E 116 76.10 14.63 -81.84
CA ILE E 116 75.14 15.63 -82.27
C ILE E 116 75.71 17.02 -81.99
N LEU E 117 76.40 17.17 -80.86
CA LEU E 117 77.02 18.45 -80.54
C LEU E 117 78.07 18.83 -81.58
N GLU E 118 78.82 17.85 -82.08
CA GLU E 118 79.83 18.12 -83.11
C GLU E 118 79.17 18.57 -84.41
N LEU E 119 78.04 17.95 -84.78
CA LEU E 119 77.35 18.40 -85.99
C LEU E 119 76.74 19.79 -85.82
N ASP E 120 76.35 20.14 -84.59
CA ASP E 120 75.75 21.45 -84.36
C ASP E 120 76.73 22.57 -84.65
N GLN E 121 78.03 22.28 -84.68
CA GLN E 121 79.05 23.28 -84.97
C GLN E 121 79.00 23.72 -86.43
N PHE E 122 78.30 23.00 -87.30
CA PHE E 122 78.19 23.36 -88.71
C PHE E 122 76.81 23.86 -89.09
N LYS E 123 75.85 23.75 -88.16
CA LYS E 123 74.48 24.20 -88.36
C LYS E 123 74.40 25.71 -88.44
N GLY E 124 73.68 26.20 -89.47
CA GLY E 124 73.49 27.62 -89.68
C GLY E 124 74.51 28.30 -90.58
N GLN E 125 74.27 29.61 -90.71
CA GLN E 125 75.10 30.49 -91.53
C GLN E 125 76.48 30.66 -90.92
N GLN E 126 76.53 30.66 -89.60
CA GLN E 126 77.77 30.76 -88.83
C GLN E 126 78.49 29.43 -88.87
N GLY E 127 77.69 28.35 -88.91
CA GLY E 127 78.24 27.02 -89.02
C GLY E 127 78.89 26.77 -90.36
N GLN E 128 78.37 27.39 -91.43
CA GLN E 128 79.03 27.20 -92.70
C GLN E 128 80.47 27.73 -92.64
N LYS E 129 80.67 28.92 -92.03
CA LYS E 129 82.03 29.42 -91.85
C LYS E 129 82.85 28.49 -90.98
N ARG E 130 82.25 27.95 -89.93
CA ARG E 130 82.97 27.05 -89.03
C ARG E 130 83.45 25.84 -89.84
N PHE E 131 82.63 25.37 -90.78
CA PHE E 131 83.03 24.26 -91.66
C PHE E 131 84.18 24.67 -92.57
N GLN E 132 84.01 25.79 -93.28
CA GLN E 132 85.04 26.28 -94.20
C GLN E 132 86.36 26.56 -93.50
N ASP E 133 86.32 26.93 -92.23
CA ASP E 133 87.54 27.22 -91.50
C ASP E 133 88.22 25.92 -91.08
N MET E 134 87.46 24.99 -90.53
CA MET E 134 88.05 23.72 -90.11
C MET E 134 88.61 22.94 -91.30
N MET E 135 87.82 22.79 -92.36
CA MET E 135 88.23 22.07 -93.56
C MET E 135 87.84 22.88 -94.80
N GLY E 136 88.56 22.65 -95.89
CA GLY E 136 88.29 23.38 -97.10
C GLY E 136 86.98 22.99 -97.75
N HIS E 137 86.77 23.53 -98.95
CA HIS E 137 85.55 23.26 -99.71
C HIS E 137 85.78 23.50 -101.20
N GLY E 138 84.89 22.89 -102.00
CA GLY E 138 84.90 22.99 -103.45
C GLY E 138 86.11 22.42 -104.16
N SER E 139 86.79 21.45 -103.55
CA SER E 139 87.99 20.85 -104.12
C SER E 139 87.64 19.69 -105.05
N ASP E 140 88.52 19.45 -106.02
CA ASP E 140 88.32 18.35 -106.97
C ASP E 140 88.36 17.02 -106.25
N TYR E 141 87.29 16.24 -106.39
CA TYR E 141 87.12 14.94 -105.78
C TYR E 141 87.06 13.85 -106.85
N SER E 142 86.92 12.61 -106.38
CA SER E 142 86.80 11.44 -107.26
C SER E 142 85.80 10.48 -106.62
N LEU E 143 84.55 10.51 -107.09
CA LEU E 143 83.48 9.69 -106.56
C LEU E 143 83.86 8.21 -106.41
N SER E 144 84.76 7.71 -107.27
CA SER E 144 85.22 6.32 -107.16
C SER E 144 85.91 6.08 -105.82
N GLU E 145 86.81 6.98 -105.46
CA GLU E 145 87.51 6.87 -104.18
C GLU E 145 86.53 7.09 -103.03
N VAL E 146 85.55 7.97 -103.21
CA VAL E 146 84.56 8.23 -102.16
C VAL E 146 83.79 6.94 -101.83
N LEU E 147 83.26 6.25 -102.85
CA LEU E 147 82.54 5.01 -102.55
C LEU E 147 83.51 3.94 -102.03
N TRP E 148 84.76 3.93 -102.48
CA TRP E 148 85.67 2.95 -101.90
C TRP E 148 85.90 3.19 -100.42
N VAL E 149 86.10 4.44 -99.99
CA VAL E 149 86.27 4.69 -98.55
C VAL E 149 85.01 4.27 -97.78
N CYS E 150 83.81 4.65 -98.28
CA CYS E 150 82.58 4.24 -97.60
C CYS E 150 82.49 2.71 -97.43
N ALA E 151 82.76 1.96 -98.50
CA ALA E 151 82.72 0.50 -98.37
C ALA E 151 83.76 0.05 -97.36
N ASN E 152 84.94 0.67 -97.38
CA ASN E 152 85.95 0.30 -96.41
C ASN E 152 85.47 0.63 -95.02
N LEU E 153 84.52 1.57 -94.89
CA LEU E 153 84.02 1.83 -93.57
C LEU E 153 83.12 0.70 -93.13
N PHE E 154 82.43 0.04 -94.07
CA PHE E 154 81.65 -1.06 -93.51
C PHE E 154 82.55 -2.24 -93.20
N SER E 155 83.68 -2.35 -93.91
CA SER E 155 84.63 -3.45 -93.68
C SER E 155 85.09 -3.56 -92.23
N ASP E 156 85.31 -2.42 -91.58
CA ASP E 156 85.78 -2.29 -90.20
C ASP E 156 84.75 -2.54 -89.12
N VAL E 157 83.57 -3.06 -89.43
CA VAL E 157 82.57 -3.35 -88.41
C VAL E 157 82.64 -4.84 -88.07
N GLN E 158 82.51 -5.15 -86.78
CA GLN E 158 82.59 -6.52 -86.29
C GLN E 158 81.23 -7.15 -86.06
N PHE E 159 80.26 -6.40 -85.55
CA PHE E 159 78.93 -6.96 -85.35
C PHE E 159 78.22 -7.10 -86.69
N LYS E 160 77.41 -8.13 -86.78
CA LYS E 160 76.64 -8.44 -87.99
C LYS E 160 75.79 -7.26 -88.44
N MET E 161 76.09 -6.75 -89.65
CA MET E 161 75.37 -5.62 -90.23
C MET E 161 74.12 -6.11 -90.92
N SER E 162 72.97 -5.81 -90.33
CA SER E 162 71.70 -6.20 -90.95
C SER E 162 71.44 -5.41 -92.22
N HIS E 163 71.74 -4.10 -92.22
CA HIS E 163 71.51 -3.29 -93.42
C HIS E 163 72.66 -2.32 -93.66
N LYS E 164 73.20 -2.28 -94.88
CA LYS E 164 74.28 -1.35 -95.18
C LYS E 164 73.62 -0.31 -96.09
N ARG E 165 73.69 0.99 -95.72
CA ARG E 165 72.99 1.95 -96.54
C ARG E 165 73.80 3.24 -96.62
N ILE E 166 73.92 3.82 -97.81
CA ILE E 166 74.61 5.10 -98.01
C ILE E 166 73.62 6.13 -98.53
N MET E 167 73.54 7.29 -97.86
CA MET E 167 72.64 8.39 -98.24
C MET E 167 73.47 9.58 -98.70
N LEU E 168 73.49 9.80 -100.02
CA LEU E 168 74.26 10.85 -100.68
C LEU E 168 73.48 12.16 -100.76
N PHE E 169 73.90 13.17 -100.01
CA PHE E 169 73.28 14.49 -100.03
C PHE E 169 74.08 15.36 -101.00
N THR E 170 73.51 15.63 -102.17
CA THR E 170 74.23 16.43 -103.15
C THR E 170 73.26 17.17 -104.05
N ASN E 171 73.72 18.31 -104.57
CA ASN E 171 72.94 19.11 -105.51
C ASN E 171 73.60 19.15 -106.87
N GLU E 172 74.65 18.36 -107.10
CA GLU E 172 75.33 18.31 -108.39
C GLU E 172 74.77 17.12 -109.16
N ASP E 173 73.98 17.41 -110.19
CA ASP E 173 73.33 16.35 -110.97
C ASP E 173 74.31 15.62 -111.89
N ASN E 174 75.36 16.30 -112.36
CA ASN E 174 76.38 15.73 -113.25
C ASN E 174 77.76 16.14 -112.77
N PRO E 175 78.30 15.50 -111.71
CA PRO E 175 79.66 15.90 -111.27
C PRO E 175 80.76 15.56 -112.26
N HIS E 176 81.07 14.31 -112.61
CA HIS E 176 82.19 14.07 -113.54
C HIS E 176 81.76 14.01 -115.00
N GLY E 177 80.92 14.97 -115.37
CA GLY E 177 80.49 15.09 -116.74
C GLY E 177 81.65 15.58 -117.57
N ASN E 178 82.53 16.39 -116.97
CA ASN E 178 83.70 16.88 -117.67
C ASN E 178 84.80 15.81 -117.71
N ASP E 179 84.99 15.06 -116.62
CA ASP E 179 85.99 14.00 -116.54
C ASP E 179 85.33 12.68 -116.87
N SER E 180 85.68 12.07 -118.00
CA SER E 180 85.08 10.79 -118.40
C SER E 180 85.57 9.60 -117.56
N ALA E 181 86.86 9.58 -117.24
CA ALA E 181 87.43 8.47 -116.48
C ALA E 181 86.85 8.38 -115.07
N LYS E 182 86.80 9.51 -114.35
CA LYS E 182 86.24 9.48 -113.00
C LYS E 182 84.78 9.03 -113.02
N ALA E 183 84.02 9.43 -114.04
CA ALA E 183 82.62 9.06 -114.15
C ALA E 183 82.44 7.56 -114.38
N SER E 184 83.23 6.97 -115.28
CA SER E 184 83.06 5.53 -115.51
C SER E 184 83.54 4.71 -114.32
N ARG E 185 84.65 5.12 -113.70
CA ARG E 185 85.12 4.38 -112.53
C ARG E 185 84.08 4.45 -111.41
N ALA E 186 83.43 5.61 -111.25
CA ALA E 186 82.39 5.73 -110.23
C ALA E 186 81.21 4.84 -110.56
N ARG E 187 80.82 4.74 -111.83
CA ARG E 187 79.71 3.87 -112.21
C ARG E 187 80.03 2.42 -111.89
N THR E 188 81.30 2.04 -112.10
CA THR E 188 81.73 0.67 -111.83
C THR E 188 81.68 0.39 -110.34
N LYS E 189 82.19 1.30 -109.53
CA LYS E 189 82.13 1.10 -108.08
C LYS E 189 80.70 1.12 -107.56
N ALA E 190 79.78 1.87 -108.18
CA ALA E 190 78.39 1.82 -107.73
C ALA E 190 77.84 0.42 -107.97
N GLY E 191 78.21 -0.18 -109.11
CA GLY E 191 77.81 -1.55 -109.36
C GLY E 191 78.40 -2.51 -108.35
N ASP E 192 79.70 -2.33 -108.03
CA ASP E 192 80.33 -3.19 -107.03
C ASP E 192 79.64 -3.08 -105.68
N LEU E 193 79.18 -1.87 -105.31
CA LEU E 193 78.46 -1.71 -104.04
C LEU E 193 77.12 -2.43 -104.07
N ARG E 194 76.37 -2.28 -105.17
CA ARG E 194 75.07 -2.96 -105.19
C ARG E 194 75.26 -4.48 -105.13
N ASP E 195 76.33 -4.98 -105.78
CA ASP E 195 76.63 -6.41 -105.74
C ASP E 195 77.13 -6.85 -104.38
N THR E 196 77.57 -5.91 -103.53
CA THR E 196 78.01 -6.27 -102.19
C THR E 196 76.80 -6.40 -101.26
N GLY E 197 75.78 -5.56 -101.46
CA GLY E 197 74.58 -5.56 -100.65
C GLY E 197 74.31 -4.21 -100.02
N ILE E 198 75.12 -3.24 -100.44
CA ILE E 198 75.01 -1.87 -99.97
C ILE E 198 73.95 -1.11 -100.76
N PHE E 199 73.05 -0.43 -100.05
CA PHE E 199 71.98 0.35 -100.65
C PHE E 199 72.48 1.76 -100.90
N LEU E 200 72.20 2.31 -102.09
CA LEU E 200 72.60 3.66 -102.46
C LEU E 200 71.38 4.54 -102.72
N ASP E 201 71.13 5.52 -101.83
CA ASP E 201 69.99 6.42 -101.94
C ASP E 201 70.44 7.86 -102.13
N LEU E 202 69.86 8.51 -103.14
CA LEU E 202 70.17 9.90 -103.47
C LEU E 202 69.26 10.88 -102.74
N MET E 203 69.87 11.92 -102.16
CA MET E 203 69.13 12.98 -101.48
C MET E 203 69.35 14.29 -102.24
N HIS E 204 68.88 14.31 -103.48
CA HIS E 204 69.01 15.47 -104.37
C HIS E 204 68.38 16.75 -103.80
N LEU E 205 69.18 17.81 -103.81
CA LEU E 205 68.92 19.14 -103.30
C LEU E 205 68.79 20.14 -104.45
N LYS E 206 68.18 21.28 -104.13
CA LYS E 206 67.89 22.38 -105.06
C LYS E 206 69.08 22.77 -105.93
N LYS E 207 68.87 22.72 -107.25
CA LYS E 207 69.89 23.05 -108.24
C LYS E 207 69.36 24.05 -109.27
N PRO E 208 70.12 25.09 -109.60
CA PRO E 208 69.68 26.05 -110.63
C PRO E 208 69.48 25.33 -111.95
N GLY E 209 68.26 25.38 -112.48
CA GLY E 209 67.98 24.68 -113.71
C GLY E 209 67.54 23.25 -113.50
N GLY E 210 67.06 22.93 -112.30
CA GLY E 210 66.59 21.61 -111.94
C GLY E 210 67.65 20.54 -111.75
N PHE E 211 67.25 19.42 -111.17
CA PHE E 211 68.10 18.27 -110.94
C PHE E 211 67.71 17.18 -111.92
N ASP E 212 68.68 16.67 -112.67
CA ASP E 212 68.42 15.61 -113.64
C ASP E 212 69.00 14.30 -113.16
N ILE E 213 68.15 13.27 -113.07
CA ILE E 213 68.60 11.95 -112.67
C ILE E 213 69.20 11.21 -113.86
N SER E 214 68.62 11.42 -115.05
CA SER E 214 69.08 10.74 -116.27
C SER E 214 70.55 11.05 -116.58
N LEU E 215 71.03 12.24 -116.24
CA LEU E 215 72.42 12.59 -116.52
C LEU E 215 73.35 11.75 -115.66
N PHE E 216 73.06 11.70 -114.37
CA PHE E 216 73.80 10.95 -113.37
C PHE E 216 72.91 10.70 -112.17
N TYR E 217 73.23 9.60 -111.49
CA TYR E 217 72.61 9.06 -110.30
C TYR E 217 71.53 8.06 -110.71
N ARG E 218 71.09 8.10 -111.97
CA ARG E 218 70.09 7.13 -112.44
C ARG E 218 70.57 5.68 -112.40
N ASP E 219 71.81 5.42 -112.83
CA ASP E 219 72.36 4.08 -112.80
C ASP E 219 73.02 3.69 -111.50
N ILE E 220 73.65 4.65 -110.82
CA ILE E 220 74.34 4.33 -109.57
C ILE E 220 73.35 3.91 -108.48
N ILE E 221 72.29 4.68 -108.26
CA ILE E 221 71.35 4.40 -107.19
C ILE E 221 70.69 3.03 -107.31
N SER E 222 70.37 2.46 -106.15
CA SER E 222 69.67 1.19 -106.03
C SER E 222 68.17 1.48 -106.14
N ILE E 223 67.51 0.84 -107.10
CA ILE E 223 66.08 1.05 -107.26
C ILE E 223 65.30 -0.16 -106.79
N ARG E 230 64.59 10.19 -109.55
CA ARG E 230 63.68 10.76 -110.54
C ARG E 230 63.79 12.30 -110.56
N VAL E 231 63.68 12.88 -111.76
CA VAL E 231 64.01 14.29 -111.96
C VAL E 231 63.22 15.15 -110.98
N HIS E 232 63.91 16.09 -110.33
CA HIS E 232 63.32 16.87 -109.25
C HIS E 232 64.05 18.20 -109.17
N PHE E 233 63.53 19.19 -109.91
CA PHE E 233 64.10 20.54 -109.90
C PHE E 233 64.20 21.09 -108.47
N GLU E 234 63.21 20.79 -107.65
CA GLU E 234 63.04 21.15 -106.25
C GLU E 234 63.75 20.16 -105.32
N GLU E 235 63.86 20.58 -104.05
CA GLU E 235 64.45 19.78 -103.00
C GLU E 235 63.62 18.51 -102.89
N SER E 236 64.28 17.37 -102.68
CA SER E 236 63.56 16.11 -102.67
C SER E 236 62.80 15.84 -101.38
N SER E 237 61.51 15.51 -101.58
CA SER E 237 60.46 15.17 -100.63
C SER E 237 60.93 14.24 -99.52
N LYS E 238 61.86 13.35 -99.85
CA LYS E 238 62.42 12.41 -98.89
C LYS E 238 63.03 13.16 -97.70
N LEU E 239 63.47 14.39 -97.95
CA LEU E 239 64.04 15.24 -96.93
C LEU E 239 63.02 15.61 -95.86
N GLU E 240 61.76 15.87 -96.23
CA GLU E 240 60.77 16.22 -95.20
C GLU E 240 60.64 15.12 -94.16
N ASP E 241 60.68 13.86 -94.60
CA ASP E 241 60.57 12.74 -93.68
C ASP E 241 61.84 12.61 -92.86
N LEU E 242 62.99 12.72 -93.51
CA LEU E 242 64.25 12.63 -92.77
C LEU E 242 64.32 13.72 -91.71
N LEU E 243 64.05 14.97 -92.09
CA LEU E 243 64.06 16.11 -91.20
C LEU E 243 63.08 15.96 -90.04
N ARG E 244 61.91 15.38 -90.28
CA ARG E 244 60.97 15.20 -89.18
C ARG E 244 61.52 14.15 -88.21
N LYS E 245 61.57 14.55 -86.94
CA LYS E 245 62.06 13.75 -85.81
C LYS E 245 61.12 12.61 -85.45
N VAL E 246 61.70 11.57 -84.86
CA VAL E 246 61.02 10.36 -84.39
C VAL E 246 61.25 10.25 -82.90
N ARG E 247 60.17 9.86 -82.19
CA ARG E 247 60.16 9.68 -80.74
C ARG E 247 59.88 8.25 -80.24
N ALA E 248 59.30 7.36 -81.09
CA ALA E 248 59.00 5.96 -80.77
C ALA E 248 60.18 5.00 -80.71
N LYS E 249 60.20 4.16 -79.65
CA LYS E 249 61.20 3.11 -79.40
C LYS E 249 60.90 1.85 -80.24
N GLU E 250 61.09 1.96 -81.56
CA GLU E 250 60.81 0.82 -82.44
C GLU E 250 61.69 -0.38 -82.11
N THR E 251 61.07 -1.56 -81.96
CA THR E 251 61.79 -2.77 -81.57
C THR E 251 61.67 -3.88 -82.63
N ARG E 252 62.77 -4.58 -82.84
CA ARG E 252 62.91 -5.72 -83.75
C ARG E 252 61.90 -6.81 -83.40
N LYS E 253 61.33 -7.45 -84.43
CA LYS E 253 60.34 -8.48 -84.14
C LYS E 253 60.95 -9.53 -83.24
N ARG E 254 60.23 -9.76 -82.15
CA ARG E 254 60.47 -10.68 -81.05
C ARG E 254 59.36 -11.69 -80.90
N ALA E 255 59.58 -12.96 -81.22
CA ALA E 255 58.45 -13.83 -81.02
C ALA E 255 58.40 -13.97 -79.51
N LEU E 256 57.24 -13.62 -78.94
CA LEU E 256 57.06 -13.68 -77.49
C LEU E 256 57.16 -15.10 -76.98
N SER E 257 56.60 -16.05 -77.71
CA SER E 257 56.73 -17.43 -77.24
C SER E 257 56.50 -18.38 -78.39
N ARG E 258 57.06 -19.58 -78.27
CA ARG E 258 56.85 -20.61 -79.28
C ARG E 258 56.15 -21.73 -78.54
N LEU E 259 54.85 -21.91 -78.82
CA LEU E 259 54.08 -22.89 -78.09
C LEU E 259 53.51 -23.94 -79.04
N LYS E 260 53.07 -25.04 -78.45
CA LYS E 260 52.45 -26.13 -79.19
C LYS E 260 50.94 -25.96 -79.15
N LEU E 261 50.30 -25.95 -80.31
CA LEU E 261 48.85 -25.87 -80.43
C LEU E 261 48.33 -27.28 -80.69
N LYS E 262 47.89 -27.94 -79.63
CA LYS E 262 47.42 -29.32 -79.70
C LYS E 262 45.94 -29.38 -80.03
N LEU E 263 45.64 -29.69 -81.29
CA LEU E 263 44.26 -29.85 -81.73
C LEU E 263 43.65 -31.01 -80.95
N ASN E 264 44.47 -32.05 -80.75
CA ASN E 264 44.15 -33.29 -80.06
C ASN E 264 45.49 -33.82 -79.57
N LYS E 265 45.43 -34.78 -78.65
CA LYS E 265 46.61 -35.41 -78.09
C LYS E 265 47.65 -35.76 -79.13
N ASP E 266 47.21 -36.13 -80.34
CA ASP E 266 48.14 -36.54 -81.39
C ASP E 266 48.36 -35.48 -82.45
N ILE E 267 47.39 -34.60 -82.72
CA ILE E 267 47.52 -33.53 -83.70
C ILE E 267 48.03 -32.25 -83.01
N VAL E 268 49.32 -31.98 -83.14
CA VAL E 268 49.94 -30.81 -82.51
C VAL E 268 50.75 -30.05 -83.55
N ILE E 269 50.41 -28.78 -83.77
CA ILE E 269 51.16 -27.90 -84.66
C ILE E 269 51.90 -26.91 -83.78
N SER E 270 52.96 -26.29 -84.29
CA SER E 270 53.70 -25.31 -83.50
C SER E 270 53.41 -23.90 -83.98
N VAL E 271 53.10 -23.00 -83.04
CA VAL E 271 52.76 -21.62 -83.34
C VAL E 271 53.60 -20.65 -82.52
N GLY E 272 53.83 -19.48 -83.11
CA GLY E 272 54.52 -18.38 -82.46
C GLY E 272 53.53 -17.33 -82.02
N ILE E 273 53.63 -16.94 -80.74
CA ILE E 273 52.79 -15.94 -80.11
C ILE E 273 53.57 -14.62 -80.09
N TYR E 274 53.02 -13.62 -80.81
CA TYR E 274 53.60 -12.29 -80.99
C TYR E 274 52.71 -11.23 -80.36
N ASN E 275 53.31 -10.29 -79.63
CA ASN E 275 52.58 -9.18 -79.03
C ASN E 275 52.66 -7.96 -79.94
N LEU E 276 51.63 -7.77 -80.78
CA LEU E 276 51.59 -6.67 -81.74
C LEU E 276 51.25 -5.32 -81.12
N VAL E 277 50.76 -5.28 -79.88
CA VAL E 277 50.53 -4.03 -79.18
C VAL E 277 51.06 -4.19 -77.77
N GLN E 278 51.92 -3.26 -77.35
CA GLN E 278 52.48 -3.32 -76.01
C GLN E 278 52.72 -1.91 -75.49
N LYS E 279 52.11 -1.61 -74.34
CA LYS E 279 52.23 -0.30 -73.72
C LYS E 279 53.70 0.08 -73.50
N ALA E 280 54.13 1.13 -74.20
CA ALA E 280 55.48 1.68 -74.11
C ALA E 280 55.61 2.50 -72.84
N LEU E 281 56.54 2.12 -71.98
CA LEU E 281 56.72 2.74 -70.66
C LEU E 281 58.04 3.48 -70.55
N LYS E 282 58.07 4.38 -69.56
CA LYS E 282 59.24 5.19 -69.23
C LYS E 282 60.43 4.31 -68.87
N PRO E 283 61.59 4.50 -69.51
CA PRO E 283 62.76 3.67 -69.21
C PRO E 283 63.17 3.80 -67.75
N PRO E 284 63.58 2.69 -67.13
CA PRO E 284 63.98 2.74 -65.72
C PRO E 284 65.28 3.50 -65.54
N PRO E 285 65.43 4.24 -64.44
CA PRO E 285 66.66 5.00 -64.22
C PRO E 285 67.83 4.09 -63.84
N ILE E 286 69.04 4.59 -64.09
CA ILE E 286 70.28 3.88 -63.77
C ILE E 286 70.97 4.61 -62.62
N LYS E 287 71.29 3.87 -61.57
CA LYS E 287 71.96 4.40 -60.38
C LYS E 287 73.44 4.62 -60.68
N LEU E 288 73.88 5.88 -60.63
CA LEU E 288 75.25 6.27 -60.93
C LEU E 288 75.99 6.70 -59.65
N TYR E 289 77.17 7.27 -59.82
CA TYR E 289 78.00 7.77 -58.73
C TYR E 289 78.18 9.29 -58.88
N ARG E 290 78.26 9.98 -57.73
CA ARG E 290 78.35 11.45 -57.75
C ARG E 290 79.57 12.01 -58.47
N GLU E 291 80.72 11.33 -58.41
CA GLU E 291 81.93 11.86 -59.04
C GLU E 291 82.20 11.22 -60.40
N THR E 292 82.29 9.89 -60.43
CA THR E 292 82.60 9.18 -61.67
C THR E 292 81.43 9.16 -62.64
N ASN E 293 80.19 9.16 -62.12
CA ASN E 293 78.99 9.11 -62.98
C ASN E 293 78.94 7.82 -63.81
N GLU E 294 79.37 6.72 -63.19
CA GLU E 294 79.40 5.40 -63.77
C GLU E 294 78.26 4.54 -63.19
N PRO E 295 77.73 3.58 -63.95
CA PRO E 295 76.63 2.75 -63.43
C PRO E 295 76.99 1.91 -62.22
N VAL E 296 76.01 1.72 -61.33
CA VAL E 296 76.18 0.93 -60.11
C VAL E 296 75.25 -0.28 -60.13
N LYS E 297 75.81 -1.47 -59.97
CA LYS E 297 75.05 -2.72 -59.95
C LYS E 297 74.45 -2.99 -58.58
N THR E 298 73.15 -3.32 -58.52
CA THR E 298 72.49 -3.59 -57.26
C THR E 298 72.35 -5.09 -57.07
N LYS E 299 72.80 -5.57 -55.90
CA LYS E 299 72.75 -6.97 -55.46
C LYS E 299 71.88 -7.05 -54.21
N THR E 300 70.65 -7.53 -54.34
CA THR E 300 69.70 -7.63 -53.22
C THR E 300 69.82 -8.99 -52.54
N ARG E 301 70.55 -9.01 -51.42
CA ARG E 301 70.84 -10.19 -50.61
C ARG E 301 69.90 -10.31 -49.41
N THR E 302 69.42 -11.54 -49.18
CA THR E 302 68.51 -11.88 -48.09
C THR E 302 69.26 -12.72 -47.05
N PHE E 303 69.31 -12.23 -45.80
CA PHE E 303 70.02 -12.97 -44.77
C PHE E 303 69.31 -12.78 -43.42
N ASN E 304 69.70 -13.63 -42.48
CA ASN E 304 69.14 -13.66 -41.14
C ASN E 304 69.50 -12.44 -40.29
N THR E 305 68.65 -12.18 -39.30
CA THR E 305 68.79 -11.11 -38.34
C THR E 305 69.52 -11.65 -37.11
N SER E 306 69.10 -12.84 -36.66
CA SER E 306 69.68 -13.49 -35.50
C SER E 306 71.12 -13.94 -35.75
N THR E 307 71.39 -14.48 -36.94
CA THR E 307 72.71 -14.99 -37.30
C THR E 307 73.54 -14.00 -38.11
N GLY E 308 72.97 -13.36 -39.12
CA GLY E 308 73.69 -12.41 -39.95
C GLY E 308 74.19 -12.97 -41.26
N GLY E 309 74.31 -14.29 -41.39
CA GLY E 309 74.79 -14.87 -42.62
C GLY E 309 73.68 -15.14 -43.63
N LEU E 310 74.08 -15.23 -44.90
CA LEU E 310 73.16 -15.50 -45.99
C LEU E 310 72.40 -16.80 -45.74
N LEU E 311 71.08 -16.75 -45.87
CA LEU E 311 70.24 -17.92 -45.64
C LEU E 311 69.95 -18.64 -46.96
N LEU E 312 70.04 -19.96 -46.92
CA LEU E 312 69.74 -20.77 -48.09
C LEU E 312 68.23 -20.81 -48.32
N PRO E 313 67.79 -20.95 -49.58
CA PRO E 313 66.35 -21.06 -49.86
C PRO E 313 65.72 -22.33 -49.30
N SER E 314 66.51 -23.35 -48.99
CA SER E 314 65.97 -24.58 -48.41
C SER E 314 65.50 -24.36 -46.98
N ASP E 315 66.14 -23.44 -46.26
CA ASP E 315 65.83 -23.10 -44.88
C ASP E 315 64.62 -22.18 -44.76
N THR E 316 64.04 -21.74 -45.87
CA THR E 316 62.90 -20.84 -45.88
C THR E 316 61.63 -21.61 -46.25
N LYS E 317 60.51 -21.16 -45.69
CA LYS E 317 59.19 -21.74 -45.93
C LYS E 317 58.18 -20.61 -46.07
N ARG E 318 57.06 -20.92 -46.70
CA ARG E 318 56.00 -19.94 -46.93
C ARG E 318 54.83 -20.22 -45.99
N SER E 319 54.28 -19.14 -45.44
CA SER E 319 53.18 -19.24 -44.48
C SER E 319 52.06 -18.27 -44.81
N GLN E 320 50.85 -18.67 -44.40
CA GLN E 320 49.65 -17.85 -44.55
C GLN E 320 48.83 -18.09 -43.29
N ILE E 321 48.49 -17.02 -42.58
CA ILE E 321 47.80 -17.10 -41.29
C ILE E 321 46.36 -16.62 -41.45
N TYR E 322 45.42 -17.53 -41.19
CA TYR E 322 43.98 -17.27 -41.23
C TYR E 322 43.46 -17.40 -39.81
N GLY E 323 43.24 -16.24 -39.18
CA GLY E 323 42.76 -16.19 -37.81
C GLY E 323 43.85 -16.69 -36.89
N SER E 324 43.62 -17.89 -36.37
CA SER E 324 44.57 -18.56 -35.49
C SER E 324 45.41 -19.59 -36.21
N ARG E 325 44.86 -20.23 -37.24
CA ARG E 325 45.57 -21.27 -37.96
C ARG E 325 46.63 -20.68 -38.89
N GLN E 326 47.78 -21.34 -38.94
CA GLN E 326 48.88 -20.95 -39.82
C GLN E 326 49.16 -22.12 -40.75
N ILE E 327 48.97 -21.88 -42.06
CA ILE E 327 49.21 -22.90 -43.08
C ILE E 327 50.62 -22.73 -43.62
N ILE E 328 51.39 -23.81 -43.57
CA ILE E 328 52.79 -23.84 -44.00
C ILE E 328 52.93 -24.66 -45.28
N LEU E 329 53.47 -24.03 -46.32
CA LEU E 329 53.74 -24.68 -47.60
C LEU E 329 55.15 -24.34 -48.05
N GLU E 330 55.79 -25.29 -48.72
CA GLU E 330 57.11 -25.09 -49.28
C GLU E 330 57.00 -24.31 -50.59
N LYS E 331 58.11 -23.69 -50.99
CA LYS E 331 58.12 -22.93 -52.25
C LYS E 331 57.74 -23.84 -53.40
N GLU E 332 58.17 -25.10 -53.31
CA GLU E 332 57.81 -26.10 -54.32
C GLU E 332 56.33 -26.37 -54.28
N GLU E 333 55.74 -26.42 -53.09
CA GLU E 333 54.30 -26.66 -52.96
C GLU E 333 53.50 -25.49 -53.53
N THR E 334 53.97 -24.26 -53.33
CA THR E 334 53.28 -23.10 -53.88
C THR E 334 53.32 -23.19 -55.39
N GLU E 335 54.35 -23.87 -55.90
CA GLU E 335 54.41 -24.02 -57.33
C GLU E 335 53.55 -25.21 -57.74
N GLU E 336 53.44 -26.21 -56.85
CA GLU E 336 52.60 -27.39 -57.07
C GLU E 336 51.14 -26.99 -57.23
N LEU E 337 50.69 -26.04 -56.41
CA LEU E 337 49.31 -25.59 -56.53
C LEU E 337 49.16 -24.74 -57.78
N LYS E 338 50.26 -24.08 -58.17
CA LYS E 338 50.24 -23.26 -59.39
C LYS E 338 50.21 -24.14 -60.64
N ARG E 339 50.75 -25.36 -60.54
CA ARG E 339 50.88 -26.31 -61.64
C ARG E 339 49.53 -26.82 -62.13
N PHE E 340 48.91 -26.01 -62.97
CA PHE E 340 47.66 -26.40 -63.61
C PHE E 340 48.08 -27.11 -64.90
N ASP E 341 48.38 -26.34 -65.94
CA ASP E 341 48.82 -26.87 -67.23
C ASP E 341 50.22 -26.38 -67.58
N ASP E 342 50.81 -27.09 -68.53
CA ASP E 342 52.10 -26.91 -69.19
C ASP E 342 51.95 -26.04 -70.44
N PRO E 343 53.03 -25.38 -70.87
CA PRO E 343 52.99 -24.45 -71.99
C PRO E 343 52.48 -24.97 -73.33
N GLY E 344 51.50 -24.25 -73.88
CA GLY E 344 50.90 -24.52 -75.17
C GLY E 344 49.43 -24.16 -75.22
N LEU E 345 48.86 -24.35 -76.41
CA LEU E 345 47.45 -24.09 -76.72
C LEU E 345 46.65 -25.38 -76.85
N MET E 346 45.51 -25.46 -76.17
CA MET E 346 44.65 -26.65 -76.25
C MET E 346 43.32 -26.25 -76.88
N LEU E 347 43.05 -26.78 -78.08
CA LEU E 347 41.82 -26.48 -78.81
C LEU E 347 40.57 -26.99 -78.11
N MET E 348 39.66 -26.07 -77.77
CA MET E 348 38.40 -26.41 -77.12
C MET E 348 37.30 -26.59 -78.15
N GLY E 349 37.24 -25.72 -79.15
CA GLY E 349 36.21 -25.86 -80.16
C GLY E 349 36.09 -24.60 -81.01
N PHE E 350 34.93 -24.43 -81.64
CA PHE E 350 34.71 -23.28 -82.52
C PHE E 350 33.42 -22.57 -82.16
N LYS E 351 33.55 -21.35 -81.59
CA LYS E 351 32.45 -20.48 -81.17
C LYS E 351 32.17 -19.40 -82.20
N PRO E 352 30.94 -19.23 -82.68
CA PRO E 352 30.67 -18.15 -83.64
C PRO E 352 30.98 -16.78 -83.06
N LEU E 353 31.59 -15.92 -83.90
CA LEU E 353 32.02 -14.58 -83.50
C LEU E 353 30.94 -13.74 -82.82
N VAL E 354 29.66 -13.93 -83.20
CA VAL E 354 28.58 -13.15 -82.59
C VAL E 354 28.52 -13.35 -81.08
N LEU E 355 28.83 -14.56 -80.60
CA LEU E 355 28.81 -14.82 -79.17
C LEU E 355 29.94 -14.12 -78.43
N LEU E 356 31.03 -13.77 -79.10
CA LEU E 356 32.12 -13.06 -78.44
C LEU E 356 31.71 -11.59 -78.29
N LYS E 357 31.54 -11.13 -77.05
CA LYS E 357 31.07 -9.76 -76.80
C LYS E 357 32.18 -8.72 -76.74
N LYS E 358 31.87 -7.53 -77.27
CA LYS E 358 32.82 -6.41 -77.31
C LYS E 358 33.28 -5.91 -75.94
N HIS E 359 32.40 -5.92 -74.93
CA HIS E 359 32.74 -5.55 -73.55
C HIS E 359 33.43 -6.61 -72.69
N HIS E 360 33.97 -7.69 -73.25
CA HIS E 360 34.59 -8.75 -72.47
C HIS E 360 36.11 -8.78 -72.57
N TYR E 361 36.70 -7.60 -72.76
CA TYR E 361 38.15 -7.45 -72.84
C TYR E 361 38.75 -7.46 -71.43
N LEU E 362 39.77 -8.30 -71.26
CA LEU E 362 40.48 -8.54 -70.00
C LEU E 362 41.89 -7.98 -69.99
N ARG E 363 42.72 -8.34 -70.97
CA ARG E 363 44.10 -7.90 -71.10
C ARG E 363 44.37 -7.80 -72.60
N PRO E 364 45.40 -7.05 -73.02
CA PRO E 364 45.59 -6.86 -74.47
C PRO E 364 45.84 -8.14 -75.24
N SER E 365 45.17 -8.21 -76.39
CA SER E 365 45.18 -9.35 -77.31
C SER E 365 46.57 -9.61 -77.89
N LEU E 366 46.79 -10.86 -78.30
CA LEU E 366 48.04 -11.31 -78.90
C LEU E 366 47.77 -11.75 -80.34
N PHE E 367 48.84 -12.08 -81.07
CA PHE E 367 48.73 -12.53 -82.46
C PHE E 367 49.37 -13.91 -82.59
N VAL E 368 48.62 -14.86 -83.14
CA VAL E 368 49.06 -16.23 -83.34
C VAL E 368 49.38 -16.43 -84.81
N TYR E 369 50.60 -16.89 -85.08
CA TYR E 369 51.12 -17.15 -86.42
C TYR E 369 51.84 -18.49 -86.35
N PRO E 370 51.85 -19.30 -87.41
CA PRO E 370 52.51 -20.61 -87.31
C PRO E 370 54.02 -20.51 -87.23
N GLU E 371 54.65 -21.60 -86.74
CA GLU E 371 56.11 -21.72 -86.59
C GLU E 371 56.60 -23.00 -87.25
N GLU E 372 56.84 -22.93 -88.57
CA GLU E 372 57.28 -24.07 -89.34
C GLU E 372 58.66 -24.58 -88.89
N SER E 373 59.48 -23.71 -88.30
CA SER E 373 60.82 -24.09 -87.85
C SER E 373 60.81 -25.22 -86.82
N LEU E 374 59.76 -25.33 -86.01
CA LEU E 374 59.70 -26.39 -85.00
C LEU E 374 58.94 -27.63 -85.48
N VAL E 375 57.73 -27.45 -85.99
CA VAL E 375 56.93 -28.56 -86.51
C VAL E 375 56.64 -28.27 -87.97
N ILE E 376 57.12 -29.14 -88.84
CA ILE E 376 56.96 -29.01 -90.29
C ILE E 376 55.57 -29.48 -90.69
N GLY E 377 54.83 -28.61 -91.36
CA GLY E 377 53.47 -28.83 -91.81
C GLY E 377 52.47 -28.04 -91.00
N SER E 378 52.95 -27.24 -90.04
CA SER E 378 52.09 -26.42 -89.20
C SER E 378 51.40 -25.34 -90.04
N SER E 379 52.18 -24.61 -90.84
CA SER E 379 51.66 -23.53 -91.68
C SER E 379 50.52 -23.96 -92.58
N THR E 380 50.58 -25.18 -93.12
CA THR E 380 49.51 -25.66 -94.00
C THR E 380 48.19 -25.82 -93.24
N LEU E 381 48.24 -26.47 -92.08
CA LEU E 381 47.02 -26.64 -91.29
C LEU E 381 46.54 -25.30 -90.74
N PHE E 382 47.48 -24.42 -90.40
CA PHE E 382 47.12 -23.09 -89.91
C PHE E 382 46.39 -22.31 -91.00
N SER E 383 46.90 -22.36 -92.23
CA SER E 383 46.26 -21.68 -93.35
C SER E 383 44.86 -22.23 -93.59
N ALA E 384 44.73 -23.56 -93.60
CA ALA E 384 43.42 -24.19 -93.79
C ALA E 384 42.45 -23.79 -92.70
N LEU E 385 42.93 -23.69 -91.46
CA LEU E 385 42.08 -23.30 -90.35
C LEU E 385 41.64 -21.85 -90.47
N LEU E 386 42.57 -20.97 -90.83
CA LEU E 386 42.24 -19.56 -90.99
C LEU E 386 41.21 -19.36 -92.11
N ILE E 387 41.44 -20.00 -93.25
CA ILE E 387 40.52 -19.88 -94.39
C ILE E 387 39.13 -20.38 -94.04
N LYS E 388 39.03 -21.58 -93.45
CA LYS E 388 37.70 -22.10 -93.17
C LYS E 388 37.03 -21.39 -91.99
N CYS E 389 37.81 -20.82 -91.08
CA CYS E 389 37.21 -20.08 -89.97
C CYS E 389 36.65 -18.77 -90.48
N LEU E 390 37.40 -18.11 -91.37
CA LEU E 390 36.91 -16.87 -91.96
C LEU E 390 35.64 -17.15 -92.76
N GLU E 391 35.64 -18.24 -93.52
CA GLU E 391 34.47 -18.63 -94.30
C GLU E 391 33.25 -18.84 -93.41
N LYS E 392 33.41 -19.56 -92.30
CA LYS E 392 32.30 -19.86 -91.40
C LYS E 392 32.05 -18.79 -90.36
N GLU E 393 32.87 -17.75 -90.30
CA GLU E 393 32.74 -16.68 -89.31
C GLU E 393 32.65 -17.25 -87.89
N VAL E 394 33.72 -17.94 -87.49
CA VAL E 394 33.81 -18.65 -86.21
C VAL E 394 35.23 -18.51 -85.70
N ALA E 395 35.38 -18.46 -84.38
CA ALA E 395 36.68 -18.35 -83.73
C ALA E 395 37.03 -19.67 -83.06
N ALA E 396 38.32 -19.96 -82.97
CA ALA E 396 38.81 -21.19 -82.36
C ALA E 396 39.08 -20.97 -80.88
N LEU E 397 38.26 -21.58 -80.02
CA LEU E 397 38.39 -21.49 -78.58
C LEU E 397 39.46 -22.46 -78.09
N CYS E 398 40.42 -21.92 -77.33
CA CYS E 398 41.56 -22.64 -76.78
C CYS E 398 41.72 -22.41 -75.28
N ARG E 399 42.49 -23.30 -74.65
CA ARG E 399 42.86 -23.22 -73.23
C ARG E 399 44.35 -22.86 -73.17
N TYR E 400 44.62 -21.57 -73.07
CA TYR E 400 45.97 -21.00 -73.12
C TYR E 400 46.71 -21.11 -71.79
N THR E 401 47.88 -21.75 -71.84
CA THR E 401 48.80 -21.89 -70.71
C THR E 401 50.15 -21.39 -71.21
N PRO E 402 50.55 -20.16 -70.88
CA PRO E 402 51.81 -19.65 -71.46
C PRO E 402 53.09 -20.33 -70.96
N ARG E 403 53.21 -20.60 -69.66
CA ARG E 403 54.41 -21.20 -69.11
C ARG E 403 54.08 -22.29 -68.09
N ARG E 404 55.12 -23.02 -67.71
CA ARG E 404 55.00 -24.11 -66.74
C ARG E 404 54.50 -23.58 -65.40
N ASN E 405 53.72 -24.42 -64.71
CA ASN E 405 53.14 -24.12 -63.41
C ASN E 405 52.37 -22.80 -63.44
N ILE E 406 51.44 -22.71 -64.38
CA ILE E 406 50.59 -21.53 -64.56
C ILE E 406 49.15 -21.96 -64.81
N PRO E 407 48.17 -21.31 -64.14
CA PRO E 407 46.78 -21.67 -64.38
C PRO E 407 46.33 -21.31 -65.77
N PRO E 408 45.40 -22.06 -66.37
CA PRO E 408 45.01 -21.80 -67.75
C PRO E 408 44.04 -20.63 -67.83
N TYR E 409 43.86 -20.15 -69.06
CA TYR E 409 42.91 -19.08 -69.36
C TYR E 409 42.28 -19.35 -70.71
N PHE E 410 40.97 -19.12 -70.82
CA PHE E 410 40.30 -19.36 -72.10
C PHE E 410 40.51 -18.19 -73.05
N VAL E 411 41.02 -18.51 -74.25
CA VAL E 411 41.26 -17.52 -75.28
C VAL E 411 40.47 -17.90 -76.52
N ALA E 412 40.14 -16.90 -77.32
CA ALA E 412 39.41 -17.08 -78.56
C ALA E 412 40.29 -16.58 -79.70
N LEU E 413 40.67 -17.49 -80.59
CA LEU E 413 41.51 -17.18 -81.75
C LEU E 413 40.61 -16.67 -82.87
N VAL E 414 40.55 -15.35 -83.02
CA VAL E 414 39.71 -14.70 -84.02
C VAL E 414 40.41 -14.67 -85.37
N PRO E 415 39.80 -15.21 -86.43
CA PRO E 415 40.44 -15.25 -87.75
C PRO E 415 40.64 -13.87 -88.35
N GLN E 416 41.90 -13.49 -88.53
CA GLN E 416 42.31 -12.20 -89.08
C GLN E 416 42.76 -12.38 -90.52
N GLU E 417 42.09 -11.71 -91.45
CA GLU E 417 42.48 -11.83 -92.85
C GLU E 417 43.56 -10.83 -93.22
N GLU E 418 44.35 -11.21 -94.23
CA GLU E 418 45.42 -10.36 -94.73
C GLU E 418 44.85 -9.18 -95.50
N GLU E 419 45.46 -8.01 -95.31
CA GLU E 419 45.00 -6.83 -96.02
C GLU E 419 46.24 -6.09 -96.51
N LEU E 420 46.24 -5.77 -97.80
CA LEU E 420 47.32 -5.07 -98.47
C LEU E 420 46.79 -3.80 -99.12
N ASP E 421 47.50 -2.68 -98.96
CA ASP E 421 47.05 -1.42 -99.53
C ASP E 421 47.36 -1.37 -101.03
N ASP E 422 47.06 -0.24 -101.68
CA ASP E 422 47.30 -0.10 -103.11
C ASP E 422 48.77 -0.28 -103.47
N GLN E 423 49.65 0.00 -102.53
CA GLN E 423 51.09 -0.19 -102.71
C GLN E 423 51.50 -1.61 -102.32
N LYS E 424 50.53 -2.47 -101.97
CA LYS E 424 50.79 -3.84 -101.58
C LYS E 424 51.46 -3.94 -100.21
N ILE E 425 51.17 -2.99 -99.31
CA ILE E 425 51.74 -2.99 -97.98
C ILE E 425 50.69 -3.61 -97.05
N GLN E 426 51.15 -4.61 -96.28
CA GLN E 426 50.37 -5.39 -95.32
C GLN E 426 49.86 -4.56 -94.16
N VAL E 427 48.60 -4.12 -94.22
CA VAL E 427 48.05 -3.31 -93.15
C VAL E 427 47.57 -4.19 -91.99
N THR E 428 47.16 -5.43 -92.28
CA THR E 428 46.67 -6.45 -91.34
C THR E 428 47.31 -7.78 -91.70
N PRO E 429 48.17 -8.34 -90.86
CA PRO E 429 48.80 -9.62 -91.23
C PRO E 429 47.83 -10.75 -91.09
N PRO E 430 48.03 -11.84 -91.85
CA PRO E 430 47.15 -13.01 -91.77
C PRO E 430 47.49 -13.98 -90.64
N GLY E 431 46.48 -14.33 -89.85
CA GLY E 431 46.64 -15.26 -88.73
C GLY E 431 45.44 -15.18 -87.81
N PHE E 432 45.69 -15.45 -86.52
CA PHE E 432 44.60 -15.39 -85.54
C PHE E 432 44.91 -14.40 -84.43
N GLN E 433 43.89 -13.66 -84.03
CA GLN E 433 44.01 -12.74 -82.92
C GLN E 433 43.62 -13.47 -81.63
N LEU E 434 44.57 -13.62 -80.72
CA LEU E 434 44.36 -14.31 -79.45
C LEU E 434 43.68 -13.35 -78.48
N VAL E 435 42.37 -13.50 -78.37
CA VAL E 435 41.51 -12.67 -77.53
C VAL E 435 41.30 -13.31 -76.16
N PHE E 436 41.79 -12.66 -75.11
CA PHE E 436 41.63 -13.17 -73.75
C PHE E 436 40.21 -13.03 -73.24
N LEU E 437 39.62 -14.15 -72.77
CA LEU E 437 38.27 -14.16 -72.24
C LEU E 437 38.31 -14.26 -70.72
N PRO E 438 37.49 -13.47 -70.05
CA PRO E 438 37.49 -13.45 -68.60
C PRO E 438 36.73 -14.62 -68.00
N PHE E 439 37.14 -14.99 -66.79
CA PHE E 439 36.45 -16.02 -66.02
C PHE E 439 35.33 -15.37 -65.22
N ALA E 440 34.52 -16.22 -64.57
CA ALA E 440 33.43 -15.69 -63.76
C ALA E 440 33.94 -14.69 -62.72
N ASP E 441 35.16 -14.89 -62.23
CA ASP E 441 35.73 -13.99 -61.24
C ASP E 441 36.03 -12.62 -61.82
N ASP E 442 36.46 -12.57 -63.09
CA ASP E 442 36.83 -11.30 -63.72
C ASP E 442 35.63 -10.44 -64.12
N LYS E 443 34.44 -11.00 -64.26
CA LYS E 443 33.25 -10.21 -64.58
C LYS E 443 32.74 -9.65 -63.25
N ARG E 444 32.80 -8.32 -63.11
CA ARG E 444 32.43 -7.65 -61.89
C ARG E 444 30.94 -7.26 -61.83
N LYS E 445 30.35 -7.44 -60.64
CA LYS E 445 28.94 -7.10 -60.38
C LYS E 445 28.65 -5.63 -60.61
N MET E 446 27.43 -5.34 -61.09
CA MET E 446 27.12 -3.96 -61.40
C MET E 446 26.08 -3.36 -60.47
N PRO E 447 26.34 -2.12 -60.04
CA PRO E 447 25.40 -1.38 -59.17
C PRO E 447 24.15 -1.05 -59.97
N PHE E 448 23.06 -1.72 -59.62
CA PHE E 448 21.78 -1.60 -60.32
C PHE E 448 21.17 -0.20 -60.37
N THR E 449 21.09 0.36 -61.56
CA THR E 449 20.54 1.69 -61.70
C THR E 449 19.21 1.63 -62.44
N GLU E 450 18.34 2.57 -62.13
CA GLU E 450 17.04 2.66 -62.76
C GLU E 450 17.16 3.19 -64.19
N LYS E 451 16.52 2.51 -65.13
CA LYS E 451 16.60 2.92 -66.54
C LYS E 451 15.77 4.18 -66.76
N ILE E 452 16.46 5.24 -67.16
CA ILE E 452 15.90 6.55 -67.47
C ILE E 452 16.24 6.83 -68.93
N MET E 453 15.22 6.80 -69.80
CA MET E 453 15.42 6.99 -71.22
C MET E 453 15.09 8.41 -71.66
N ALA E 454 15.98 8.99 -72.47
CA ALA E 454 15.84 10.34 -72.99
C ALA E 454 14.73 10.43 -74.04
N THR E 455 14.13 11.61 -74.15
CA THR E 455 13.08 11.81 -75.15
C THR E 455 13.73 11.87 -76.54
N PRO E 456 12.99 11.52 -77.59
CA PRO E 456 13.59 11.56 -78.94
C PRO E 456 14.10 12.95 -79.35
N GLU E 457 13.58 14.01 -78.74
CA GLU E 457 14.06 15.35 -79.05
C GLU E 457 15.46 15.57 -78.48
N GLN E 458 15.69 15.10 -77.26
CA GLN E 458 17.00 15.26 -76.62
C GLN E 458 18.04 14.42 -77.35
N VAL E 459 17.69 13.21 -77.76
CA VAL E 459 18.62 12.37 -78.49
C VAL E 459 18.92 13.00 -79.85
N GLY E 460 17.88 13.53 -80.54
CA GLY E 460 18.11 14.18 -81.81
C GLY E 460 19.03 15.38 -81.71
N LYS E 461 18.97 16.09 -80.57
CA LYS E 461 19.84 17.25 -80.40
C LYS E 461 21.27 16.76 -80.13
N MET E 462 21.39 15.64 -79.39
CA MET E 462 22.72 15.09 -79.19
C MET E 462 23.26 14.53 -80.50
N LYS E 463 22.35 14.06 -81.36
CA LYS E 463 22.73 13.59 -82.69
C LYS E 463 23.36 14.72 -83.46
N ALA E 464 22.78 15.93 -83.34
CA ALA E 464 23.34 17.09 -84.02
C ALA E 464 24.71 17.44 -83.45
N ILE E 465 24.87 17.27 -82.14
CA ILE E 465 26.16 17.56 -81.50
C ILE E 465 27.23 16.58 -82.00
N VAL E 466 26.88 15.30 -82.09
CA VAL E 466 27.80 14.29 -82.59
C VAL E 466 28.14 14.56 -84.04
N GLU E 467 27.12 14.83 -84.86
CA GLU E 467 27.29 15.11 -86.28
C GLU E 467 28.22 16.29 -86.51
N LYS E 468 28.19 17.30 -85.63
CA LYS E 468 29.06 18.45 -85.80
C LYS E 468 30.49 18.23 -85.32
N LEU E 469 30.70 17.38 -84.30
CA LEU E 469 32.02 17.06 -83.75
C LEU E 469 32.64 15.81 -84.39
N ARG E 470 32.11 15.40 -85.53
CA ARG E 470 32.58 14.22 -86.28
C ARG E 470 34.04 14.36 -86.71
N PHE E 471 34.80 13.28 -86.54
CA PHE E 471 36.21 13.25 -86.93
C PHE E 471 36.65 11.87 -87.37
N THR E 472 37.83 11.81 -88.00
CA THR E 472 38.43 10.59 -88.52
C THR E 472 39.47 10.05 -87.55
N TYR E 473 39.21 8.89 -86.97
CA TYR E 473 40.11 8.26 -86.02
C TYR E 473 41.13 7.36 -86.71
N ARG E 474 42.38 7.48 -86.30
CA ARG E 474 43.46 6.59 -86.75
C ARG E 474 44.07 5.98 -85.50
N SER E 475 44.51 4.72 -85.60
CA SER E 475 45.13 4.09 -84.44
C SER E 475 46.40 4.81 -84.01
N ASP E 476 47.14 5.36 -84.96
CA ASP E 476 48.37 6.10 -84.68
C ASP E 476 48.14 7.60 -84.57
N SER E 477 46.90 8.03 -84.31
CA SER E 477 46.59 9.45 -84.22
C SER E 477 47.25 10.14 -83.03
N PHE E 478 47.40 9.47 -81.90
CA PHE E 478 47.91 10.12 -80.70
C PHE E 478 49.21 9.50 -80.20
N GLU E 479 50.05 10.38 -79.66
CA GLU E 479 51.33 10.04 -79.06
C GLU E 479 51.23 10.16 -77.54
N ASN E 480 51.91 9.27 -76.83
CA ASN E 480 51.94 9.27 -75.37
C ASN E 480 52.60 10.56 -74.90
N PRO E 481 51.88 11.47 -74.25
CA PRO E 481 52.51 12.75 -73.87
C PRO E 481 53.56 12.63 -72.79
N VAL E 482 53.45 11.64 -71.89
CA VAL E 482 54.44 11.45 -70.83
C VAL E 482 55.78 11.05 -71.43
N LEU E 483 55.75 10.07 -72.35
CA LEU E 483 56.95 9.61 -73.02
C LEU E 483 57.52 10.69 -73.92
N GLN E 484 56.66 11.33 -74.72
CA GLN E 484 57.11 12.37 -75.63
C GLN E 484 57.85 13.47 -74.86
N GLN E 485 57.32 13.84 -73.68
CA GLN E 485 57.98 14.84 -72.85
C GLN E 485 59.26 14.29 -72.25
N HIS E 486 59.26 13.02 -71.85
CA HIS E 486 60.44 12.39 -71.28
C HIS E 486 61.62 12.41 -72.25
N PHE E 487 61.37 12.04 -73.51
CA PHE E 487 62.47 12.04 -74.47
C PHE E 487 62.85 13.44 -74.92
N ARG E 488 61.90 14.39 -74.86
CA ARG E 488 62.26 15.78 -75.14
C ARG E 488 63.11 16.35 -74.01
N ASN E 489 62.85 15.94 -72.79
CA ASN E 489 63.65 16.41 -71.68
C ASN E 489 65.06 15.84 -71.78
N LEU E 490 65.18 14.53 -72.07
CA LEU E 490 66.54 13.98 -72.15
C LEU E 490 67.32 14.56 -73.32
N GLU E 491 66.67 14.82 -74.46
CA GLU E 491 67.39 15.42 -75.58
C GLU E 491 67.88 16.82 -75.21
N ALA E 492 66.99 17.66 -74.65
CA ALA E 492 67.41 19.02 -74.28
C ALA E 492 68.48 19.02 -73.20
N LEU E 493 68.42 18.12 -72.22
CA LEU E 493 69.48 18.13 -71.20
C LEU E 493 70.80 17.65 -71.81
N ALA E 494 70.75 16.71 -72.76
CA ALA E 494 71.95 16.23 -73.41
C ALA E 494 72.61 17.28 -74.30
N LEU E 495 71.83 18.15 -74.93
CA LEU E 495 72.41 19.19 -75.77
C LEU E 495 72.75 20.46 -74.97
N ASP E 496 72.67 20.40 -73.64
CA ASP E 496 72.97 21.51 -72.74
C ASP E 496 72.07 22.71 -72.99
N LEU E 497 70.91 22.48 -73.58
CA LEU E 497 69.95 23.54 -73.83
C LEU E 497 69.14 23.77 -72.55
N MET E 498 69.23 24.97 -72.01
CA MET E 498 68.53 25.33 -70.78
C MET E 498 67.02 25.18 -70.96
N GLU E 499 66.53 25.50 -72.15
CA GLU E 499 65.14 25.46 -72.58
C GLU E 499 64.78 24.03 -72.96
N PRO E 500 63.87 23.40 -72.20
CA PRO E 500 63.47 22.02 -72.53
C PRO E 500 62.40 22.00 -73.62
N GLU E 501 62.57 21.03 -74.51
CA GLU E 501 61.73 20.79 -75.67
C GLU E 501 60.38 20.23 -75.21
N GLN E 502 59.36 21.08 -75.28
CA GLN E 502 57.97 20.85 -74.86
C GLN E 502 57.03 20.13 -75.84
N ALA E 503 56.72 18.86 -75.56
CA ALA E 503 55.85 18.07 -76.43
C ALA E 503 54.39 18.52 -76.23
N VAL E 504 53.70 18.90 -77.32
CA VAL E 504 52.31 19.34 -77.19
C VAL E 504 51.40 18.17 -76.90
N ASP E 505 50.57 18.30 -75.86
CA ASP E 505 49.66 17.23 -75.48
C ASP E 505 48.55 17.09 -76.51
N LEU E 506 48.53 15.97 -77.23
CA LEU E 506 47.50 15.74 -78.24
C LEU E 506 46.20 15.29 -77.61
N THR E 507 46.27 14.73 -76.40
CA THR E 507 45.10 14.24 -75.67
C THR E 507 44.20 15.33 -75.14
N LEU E 508 44.64 16.58 -75.12
CA LEU E 508 43.66 17.56 -74.66
C LEU E 508 42.72 17.94 -75.80
N PRO E 509 41.41 18.07 -75.55
CA PRO E 509 40.50 18.43 -76.64
C PRO E 509 40.60 19.91 -76.99
N LYS E 510 40.43 20.21 -78.29
CA LYS E 510 40.48 21.60 -78.75
C LYS E 510 39.17 22.30 -78.37
N VAL E 511 39.05 22.61 -77.08
CA VAL E 511 37.89 23.23 -76.45
C VAL E 511 37.35 24.40 -77.28
N GLU E 512 38.22 25.34 -77.63
CA GLU E 512 37.79 26.53 -78.37
C GLU E 512 37.24 26.18 -79.75
N ALA E 513 37.85 25.20 -80.44
CA ALA E 513 37.36 24.79 -81.75
C ALA E 513 35.98 24.17 -81.61
N MET E 514 35.77 23.42 -80.53
CA MET E 514 34.48 22.79 -80.29
C MET E 514 33.44 23.85 -79.99
N ASN E 515 33.83 24.89 -79.25
CA ASN E 515 32.91 25.99 -78.98
C ASN E 515 32.60 26.78 -80.26
N LYS E 516 33.56 26.81 -81.20
CA LYS E 516 33.32 27.50 -82.46
C LYS E 516 32.35 26.71 -83.32
N ARG E 517 32.53 25.39 -83.36
CA ARG E 517 31.65 24.52 -84.13
C ARG E 517 30.24 24.51 -83.57
N LEU E 518 30.10 24.54 -82.25
CA LEU E 518 28.77 24.53 -81.63
C LEU E 518 28.64 25.60 -80.57
N GLY E 519 27.90 26.66 -80.88
CA GLY E 519 27.68 27.72 -79.92
C GLY E 519 26.26 27.68 -79.39
N SER E 520 25.30 27.77 -80.31
CA SER E 520 23.88 27.73 -79.96
C SER E 520 23.45 26.34 -79.50
N LEU E 521 23.92 25.31 -80.19
CA LEU E 521 23.53 23.92 -79.92
C LEU E 521 23.79 23.51 -78.48
N VAL E 522 24.93 23.90 -77.91
CA VAL E 522 25.26 23.51 -76.54
C VAL E 522 24.27 24.11 -75.55
N ASP E 523 24.01 25.41 -75.66
CA ASP E 523 23.06 26.06 -74.76
C ASP E 523 21.64 25.56 -74.98
N GLU E 524 21.31 25.19 -76.21
CA GLU E 524 19.99 24.67 -76.53
C GLU E 524 19.77 23.30 -75.87
N PHE E 525 20.77 22.42 -75.98
CA PHE E 525 20.64 21.11 -75.37
C PHE E 525 20.62 21.23 -73.85
N LYS E 526 21.53 22.04 -73.30
CA LYS E 526 21.58 22.28 -71.87
C LYS E 526 20.22 22.78 -71.36
N GLU E 527 19.57 23.67 -72.12
CA GLU E 527 18.24 24.17 -71.72
C GLU E 527 17.21 23.06 -71.74
N LEU E 528 17.31 22.14 -72.70
CA LEU E 528 16.31 21.07 -72.78
C LEU E 528 16.47 20.02 -71.68
N VAL E 529 17.68 19.65 -71.29
CA VAL E 529 17.85 18.57 -70.29
C VAL E 529 18.08 19.09 -68.87
N TYR E 530 19.02 20.00 -68.64
CA TYR E 530 19.27 20.44 -67.25
C TYR E 530 18.35 21.58 -66.82
N PRO E 531 17.56 21.41 -65.75
CA PRO E 531 16.71 22.51 -65.25
C PRO E 531 17.55 23.56 -64.54
N PRO E 532 17.02 24.77 -64.33
CA PRO E 532 17.84 25.80 -63.68
C PRO E 532 18.15 25.54 -62.20
N ASP E 533 17.31 24.76 -61.49
CA ASP E 533 17.55 24.45 -60.08
C ASP E 533 18.47 23.24 -59.94
N TYR E 534 19.65 23.36 -60.55
CA TYR E 534 20.60 22.26 -60.49
C TYR E 534 21.21 22.11 -59.10
N ASN E 535 21.79 20.95 -58.84
CA ASN E 535 22.38 20.61 -57.54
C ASN E 535 23.60 21.46 -57.21
N SER F 21 31.23 -0.75 -43.23
CA SER F 21 31.95 -0.36 -44.44
C SER F 21 32.08 -1.55 -45.40
N GLY F 22 31.41 -2.66 -45.06
CA GLY F 22 31.44 -3.84 -45.88
C GLY F 22 30.08 -4.53 -45.88
N ASN F 23 29.84 -5.26 -46.96
CA ASN F 23 28.55 -5.93 -47.16
C ASN F 23 28.51 -7.21 -46.33
N LYS F 24 27.74 -7.20 -45.25
CA LYS F 24 27.57 -8.38 -44.42
C LYS F 24 26.31 -9.13 -44.82
N ALA F 25 26.22 -10.40 -44.41
CA ALA F 25 25.03 -11.17 -44.74
C ALA F 25 24.98 -12.47 -43.95
N ALA F 26 23.78 -12.81 -43.48
CA ALA F 26 23.51 -14.04 -42.74
C ALA F 26 23.13 -15.15 -43.72
N VAL F 27 24.00 -16.15 -43.90
CA VAL F 27 23.72 -17.25 -44.82
C VAL F 27 23.54 -18.53 -44.02
N VAL F 28 22.45 -19.25 -44.29
CA VAL F 28 22.15 -20.53 -43.65
C VAL F 28 22.04 -21.59 -44.74
N LEU F 29 22.92 -22.58 -44.70
CA LEU F 29 22.90 -23.67 -45.67
C LEU F 29 22.09 -24.83 -45.09
N CYS F 30 20.98 -25.14 -45.77
CA CYS F 30 20.03 -26.18 -45.37
C CYS F 30 20.26 -27.41 -46.25
N MET F 31 20.99 -28.38 -45.72
CA MET F 31 21.40 -29.58 -46.43
C MET F 31 20.56 -30.80 -46.10
N ASP F 32 20.11 -31.50 -47.15
CA ASP F 32 19.38 -32.75 -46.95
C ASP F 32 20.42 -33.85 -46.76
N VAL F 33 20.34 -34.54 -45.63
CA VAL F 33 21.23 -35.64 -45.31
C VAL F 33 20.46 -36.95 -45.19
N GLY F 34 19.18 -36.96 -45.56
CA GLY F 34 18.39 -38.17 -45.49
C GLY F 34 19.00 -39.38 -46.17
N PHE F 35 18.56 -40.56 -45.73
CA PHE F 35 19.05 -41.82 -46.27
C PHE F 35 19.05 -41.78 -47.80
N THR F 36 17.92 -41.33 -48.38
CA THR F 36 17.76 -41.28 -49.82
C THR F 36 18.86 -40.47 -50.48
N MET F 37 19.50 -39.57 -49.73
CA MET F 37 20.62 -38.82 -50.28
C MET F 37 21.80 -39.77 -50.46
N SER F 38 21.84 -40.85 -49.67
CA SER F 38 22.91 -41.85 -49.74
C SER F 38 22.65 -42.79 -50.90
N ASN F 39 21.40 -42.86 -51.36
CA ASN F 39 20.99 -43.67 -52.50
C ASN F 39 21.70 -43.07 -53.71
N SER F 40 22.54 -43.87 -54.36
CA SER F 40 23.37 -43.38 -55.45
C SER F 40 23.02 -44.05 -56.77
N ILE F 41 23.07 -43.23 -57.82
CA ILE F 41 22.80 -43.63 -59.20
C ILE F 41 24.12 -43.98 -59.87
N PRO F 42 24.19 -45.15 -60.53
CA PRO F 42 25.44 -45.61 -61.16
C PRO F 42 26.21 -44.58 -61.97
N GLY F 43 27.51 -44.45 -61.66
CA GLY F 43 28.43 -43.54 -62.32
C GLY F 43 28.50 -42.16 -61.71
N ILE F 44 27.40 -41.70 -61.19
CA ILE F 44 27.15 -40.40 -60.55
C ILE F 44 27.38 -40.45 -59.05
N GLU F 45 28.08 -39.44 -58.55
CA GLU F 45 28.32 -39.35 -57.12
C GLU F 45 26.98 -39.09 -56.46
N SER F 46 26.77 -39.72 -55.31
CA SER F 46 25.50 -39.60 -54.60
C SER F 46 25.20 -38.15 -54.23
N PRO F 47 23.93 -37.73 -54.38
CA PRO F 47 23.55 -36.35 -54.04
C PRO F 47 24.10 -35.88 -52.72
N PHE F 48 24.34 -36.79 -51.78
CA PHE F 48 24.95 -36.39 -50.51
C PHE F 48 26.38 -35.90 -50.73
N GLU F 49 27.16 -36.66 -51.49
CA GLU F 49 28.53 -36.25 -51.80
C GLU F 49 28.55 -35.03 -52.70
N GLN F 50 27.57 -34.91 -53.61
CA GLN F 50 27.47 -33.76 -54.50
C GLN F 50 27.18 -32.49 -53.70
N ALA F 51 26.19 -32.55 -52.81
CA ALA F 51 25.85 -31.39 -51.99
C ALA F 51 27.02 -31.04 -51.08
N LYS F 52 27.68 -32.06 -50.54
CA LYS F 52 28.84 -31.83 -49.69
C LYS F 52 29.92 -31.06 -50.46
N LYS F 53 30.17 -31.47 -51.70
CA LYS F 53 31.17 -30.79 -52.53
C LYS F 53 30.79 -29.34 -52.78
N VAL F 54 29.49 -29.06 -52.98
CA VAL F 54 29.05 -27.69 -53.21
C VAL F 54 29.17 -26.84 -51.94
N ILE F 55 28.78 -27.41 -50.80
CA ILE F 55 28.86 -26.68 -49.53
C ILE F 55 30.31 -26.37 -49.21
N THR F 56 31.18 -27.37 -49.34
CA THR F 56 32.60 -27.15 -49.08
C THR F 56 33.15 -26.04 -49.97
N MET F 57 32.76 -26.02 -51.25
CA MET F 57 33.22 -24.95 -52.15
C MET F 57 32.81 -23.57 -51.64
N PHE F 58 31.56 -23.45 -51.16
CA PHE F 58 31.05 -22.18 -50.65
C PHE F 58 31.81 -21.74 -49.39
N VAL F 59 31.84 -22.62 -48.39
CA VAL F 59 32.50 -22.31 -47.14
C VAL F 59 33.97 -21.99 -47.37
N GLN F 60 34.64 -22.77 -48.22
CA GLN F 60 36.04 -22.52 -48.53
C GLN F 60 36.27 -21.09 -49.02
N ARG F 61 35.44 -20.62 -49.95
CA ARG F 61 35.64 -19.25 -50.42
C ARG F 61 35.42 -18.25 -49.29
N GLN F 62 34.35 -18.42 -48.50
CA GLN F 62 34.09 -17.49 -47.39
C GLN F 62 35.18 -17.52 -46.31
N VAL F 63 35.81 -18.67 -46.09
CA VAL F 63 36.83 -18.83 -45.07
C VAL F 63 38.17 -18.22 -45.52
N PHE F 64 38.69 -18.66 -46.66
CA PHE F 64 40.02 -18.20 -47.09
C PHE F 64 40.04 -16.75 -47.55
N ALA F 65 38.94 -16.20 -48.03
CA ALA F 65 39.03 -14.79 -48.37
C ALA F 65 38.83 -13.90 -47.15
N GLU F 66 38.55 -14.52 -46.00
CA GLU F 66 38.38 -13.88 -44.71
C GLU F 66 37.36 -12.75 -44.79
N ASN F 67 36.24 -13.02 -45.45
CA ASN F 67 35.16 -12.06 -45.53
C ASN F 67 34.36 -12.07 -44.23
N LYS F 68 33.93 -10.89 -43.79
CA LYS F 68 33.19 -10.81 -42.53
C LYS F 68 31.74 -11.16 -42.82
N ASP F 69 31.41 -12.45 -42.68
CA ASP F 69 30.05 -12.94 -42.89
C ASP F 69 29.84 -14.19 -42.04
N GLU F 70 28.71 -14.24 -41.34
CA GLU F 70 28.38 -15.39 -40.49
C GLU F 70 27.56 -16.43 -41.24
N ILE F 71 27.95 -17.71 -41.11
CA ILE F 71 27.32 -18.84 -41.79
C ILE F 71 26.82 -19.86 -40.78
N ALA F 72 25.57 -20.29 -40.95
CA ALA F 72 24.95 -21.33 -40.14
C ALA F 72 24.69 -22.54 -41.03
N LEU F 73 24.67 -23.73 -40.41
CA LEU F 73 24.43 -24.98 -41.14
C LEU F 73 23.36 -25.82 -40.47
N VAL F 74 22.31 -26.11 -41.22
CA VAL F 74 21.18 -26.94 -40.78
C VAL F 74 21.15 -28.17 -41.66
N LEU F 75 21.01 -29.35 -41.04
CA LEU F 75 20.96 -30.61 -41.74
C LEU F 75 19.61 -31.24 -41.48
N PHE F 76 18.92 -31.69 -42.53
CA PHE F 76 17.62 -32.31 -42.34
C PHE F 76 17.61 -33.73 -42.87
N GLY F 77 17.05 -34.61 -42.06
CA GLY F 77 16.99 -36.05 -42.27
C GLY F 77 18.00 -36.81 -41.46
N THR F 78 18.60 -36.17 -40.45
CA THR F 78 19.55 -36.83 -39.57
C THR F 78 18.82 -37.81 -38.66
N ASP F 79 19.58 -38.76 -38.12
CA ASP F 79 19.01 -39.72 -37.17
C ASP F 79 18.59 -39.07 -35.86
N GLY F 80 19.37 -38.10 -35.36
CA GLY F 80 19.03 -37.42 -34.13
C GLY F 80 18.38 -36.06 -34.31
N THR F 81 18.10 -35.42 -33.18
CA THR F 81 17.44 -34.12 -33.15
C THR F 81 18.07 -33.12 -32.19
N ASP F 82 18.60 -32.04 -32.71
CA ASP F 82 19.22 -31.03 -31.93
C ASP F 82 18.68 -29.76 -32.57
N ASN F 83 17.50 -29.33 -32.14
CA ASN F 83 16.99 -28.17 -32.84
C ASN F 83 16.15 -27.47 -31.83
N PRO F 84 16.01 -26.16 -31.93
CA PRO F 84 15.26 -25.43 -30.91
C PRO F 84 13.78 -25.65 -30.99
N LEU F 85 13.32 -26.07 -32.15
CA LEU F 85 11.93 -26.33 -32.48
C LEU F 85 11.52 -27.77 -32.22
N SER F 86 12.49 -28.64 -31.88
CA SER F 86 12.19 -30.04 -31.62
C SER F 86 11.09 -30.24 -30.59
N GLY F 87 10.71 -29.19 -29.87
CA GLY F 87 9.67 -29.35 -28.87
C GLY F 87 8.31 -29.54 -29.48
N GLY F 88 7.64 -30.62 -29.08
CA GLY F 88 6.35 -30.91 -29.63
C GLY F 88 6.31 -32.09 -30.57
N ASP F 89 7.43 -32.79 -30.75
CA ASP F 89 7.59 -33.99 -31.59
C ASP F 89 7.83 -33.50 -33.01
N GLN F 90 7.83 -32.18 -33.19
CA GLN F 90 8.01 -31.49 -34.44
C GLN F 90 9.49 -31.34 -34.79
N TYR F 91 9.82 -31.54 -36.07
CA TYR F 91 11.19 -31.40 -36.58
C TYR F 91 12.17 -32.31 -35.85
N GLN F 92 11.78 -33.59 -35.67
CA GLN F 92 12.68 -34.50 -34.97
C GLN F 92 13.80 -35.09 -35.82
N ASN F 93 13.96 -34.69 -37.08
CA ASN F 93 15.08 -35.22 -37.86
C ASN F 93 15.79 -34.06 -38.55
N ILE F 94 15.87 -32.95 -37.83
CA ILE F 94 16.56 -31.73 -38.27
C ILE F 94 17.52 -31.34 -37.16
N THR F 95 18.80 -31.21 -37.50
CA THR F 95 19.85 -30.87 -36.55
C THR F 95 20.52 -29.58 -36.99
N VAL F 96 20.64 -28.62 -36.07
CA VAL F 96 21.34 -27.36 -36.36
C VAL F 96 22.79 -27.61 -36.03
N HIS F 97 23.56 -28.05 -37.04
CA HIS F 97 24.96 -28.38 -36.84
C HIS F 97 25.80 -27.16 -36.51
N ARG F 98 25.53 -26.04 -37.18
CA ARG F 98 26.29 -24.82 -36.96
C ARG F 98 25.33 -23.65 -36.85
N HIS F 99 25.45 -22.92 -35.76
CA HIS F 99 24.68 -21.73 -35.47
C HIS F 99 25.29 -20.57 -36.24
N LEU F 100 24.48 -19.52 -36.46
CA LEU F 100 24.97 -18.40 -37.25
C LEU F 100 26.20 -17.76 -36.61
N MET F 101 27.33 -17.85 -37.29
CA MET F 101 28.59 -17.31 -36.83
C MET F 101 29.60 -17.38 -37.97
N LEU F 102 30.70 -16.66 -37.78
CA LEU F 102 31.77 -16.62 -38.77
C LEU F 102 32.33 -18.03 -38.98
N PRO F 103 32.46 -18.50 -40.22
CA PRO F 103 32.95 -19.87 -40.44
C PRO F 103 34.43 -20.02 -40.08
N ASP F 104 34.79 -21.21 -39.62
CA ASP F 104 36.18 -21.51 -39.24
C ASP F 104 36.62 -22.85 -39.82
N PHE F 105 37.87 -23.22 -39.51
CA PHE F 105 38.43 -24.49 -39.97
C PHE F 105 37.76 -25.68 -39.33
N ASP F 106 37.25 -25.54 -38.11
CA ASP F 106 36.54 -26.64 -37.46
C ASP F 106 35.29 -27.01 -38.25
N LEU F 107 34.59 -25.99 -38.77
CA LEU F 107 33.42 -26.24 -39.59
C LEU F 107 33.78 -26.94 -40.89
N LEU F 108 34.86 -26.51 -41.55
CA LEU F 108 35.28 -27.17 -42.78
C LEU F 108 35.67 -28.61 -42.52
N GLU F 109 36.36 -28.87 -41.40
CA GLU F 109 36.74 -30.24 -41.09
C GLU F 109 35.51 -31.10 -40.80
N ASP F 110 34.50 -30.53 -40.14
CA ASP F 110 33.27 -31.27 -39.86
C ASP F 110 32.52 -31.62 -41.14
N ILE F 111 32.37 -30.64 -42.05
CA ILE F 111 31.71 -30.90 -43.33
C ILE F 111 32.45 -31.96 -44.13
N GLU F 112 33.78 -31.83 -44.19
CA GLU F 112 34.60 -32.75 -44.97
C GLU F 112 34.46 -34.20 -44.52
N SER F 113 34.46 -34.47 -43.22
CA SER F 113 34.46 -35.86 -42.75
C SER F 113 33.56 -36.17 -41.55
N LYS F 114 33.33 -35.23 -40.64
CA LYS F 114 32.53 -35.54 -39.44
C LYS F 114 31.07 -35.80 -39.79
N ILE F 115 30.46 -34.94 -40.60
CA ILE F 115 29.07 -35.12 -40.98
C ILE F 115 28.94 -36.31 -41.92
N GLN F 116 28.15 -37.31 -41.52
CA GLN F 116 27.86 -38.58 -42.17
C GLN F 116 26.40 -38.63 -42.57
N PRO F 117 26.04 -39.38 -43.62
CA PRO F 117 24.64 -39.46 -44.02
C PRO F 117 23.77 -40.21 -43.02
N GLY F 118 22.56 -39.67 -42.82
CA GLY F 118 21.58 -40.23 -41.89
C GLY F 118 20.67 -41.26 -42.53
N SER F 119 19.89 -41.93 -41.68
CA SER F 119 18.97 -42.96 -42.14
C SER F 119 17.52 -42.50 -42.28
N GLN F 120 17.14 -41.39 -41.64
CA GLN F 120 15.79 -40.86 -41.70
C GLN F 120 15.60 -39.93 -42.90
N GLN F 121 14.37 -39.45 -43.05
CA GLN F 121 13.97 -38.48 -44.05
C GLN F 121 13.13 -37.40 -43.39
N ALA F 122 13.36 -36.16 -43.79
CA ALA F 122 12.64 -35.03 -43.24
C ALA F 122 11.93 -34.26 -44.34
N ASP F 123 11.04 -33.38 -43.88
CA ASP F 123 10.27 -32.50 -44.75
C ASP F 123 11.18 -31.31 -45.06
N PHE F 124 11.52 -31.11 -46.33
CA PHE F 124 12.42 -30.01 -46.68
C PHE F 124 11.84 -28.65 -46.31
N LEU F 125 10.52 -28.50 -46.35
CA LEU F 125 9.90 -27.24 -45.94
C LEU F 125 10.04 -27.04 -44.43
N ASP F 126 10.00 -28.13 -43.67
CA ASP F 126 10.19 -28.07 -42.23
C ASP F 126 11.60 -27.59 -41.90
N ALA F 127 12.58 -28.09 -42.65
CA ALA F 127 13.97 -27.67 -42.47
C ALA F 127 14.12 -26.20 -42.82
N LEU F 128 13.43 -25.76 -43.87
CA LEU F 128 13.45 -24.35 -44.27
C LEU F 128 12.93 -23.49 -43.13
N ILE F 129 11.94 -23.99 -42.39
CA ILE F 129 11.40 -23.26 -41.26
C ILE F 129 12.44 -23.17 -40.15
N VAL F 130 13.18 -24.26 -39.91
CA VAL F 130 14.24 -24.24 -38.90
C VAL F 130 15.30 -23.19 -39.25
N SER F 131 15.70 -23.15 -40.52
CA SER F 131 16.66 -22.15 -41.00
C SER F 131 16.13 -20.75 -40.80
N MET F 132 14.84 -20.55 -41.09
CA MET F 132 14.21 -19.25 -40.91
C MET F 132 14.25 -18.84 -39.45
N ASP F 133 14.02 -19.77 -38.52
CA ASP F 133 14.10 -19.43 -37.11
C ASP F 133 15.51 -18.99 -36.73
N VAL F 134 16.52 -19.59 -37.37
CA VAL F 134 17.90 -19.18 -37.08
C VAL F 134 18.11 -17.73 -37.51
N ILE F 135 17.67 -17.40 -38.72
CA ILE F 135 17.81 -16.02 -39.22
C ILE F 135 17.01 -15.03 -38.37
N GLN F 136 15.76 -15.37 -38.06
CA GLN F 136 14.92 -14.48 -37.29
C GLN F 136 15.53 -14.17 -35.92
N HIS F 137 16.17 -15.16 -35.29
CA HIS F 137 16.67 -14.85 -33.95
C HIS F 137 18.13 -14.36 -33.87
N GLU F 138 19.04 -14.86 -34.68
CA GLU F 138 20.47 -14.50 -34.61
C GLU F 138 20.85 -13.26 -35.44
N THR F 139 19.89 -12.66 -36.14
CA THR F 139 20.13 -11.46 -36.95
C THR F 139 19.71 -10.16 -36.28
N ILE F 140 19.29 -10.20 -35.01
CA ILE F 140 18.79 -9.02 -34.30
C ILE F 140 19.76 -7.86 -34.42
N GLY F 141 19.20 -6.67 -34.71
CA GLY F 141 19.91 -5.40 -34.88
C GLY F 141 20.43 -5.33 -36.30
N LYS F 142 20.63 -4.14 -36.88
CA LYS F 142 21.10 -4.12 -38.28
C LYS F 142 22.55 -4.60 -38.40
N LYS F 143 22.83 -5.76 -37.84
CA LYS F 143 24.17 -6.30 -37.93
C LYS F 143 24.43 -6.79 -39.35
N PHE F 144 23.44 -7.44 -39.95
CA PHE F 144 23.56 -8.01 -41.30
C PHE F 144 22.71 -7.27 -42.32
N GLU F 145 23.34 -6.99 -43.46
CA GLU F 145 22.76 -6.32 -44.62
C GLU F 145 21.88 -7.23 -45.48
N LYS F 146 22.29 -8.50 -45.70
CA LYS F 146 21.54 -9.42 -46.55
C LYS F 146 21.21 -10.71 -45.79
N ARG F 147 20.06 -11.30 -46.13
CA ARG F 147 19.61 -12.57 -45.53
C ARG F 147 19.36 -13.61 -46.61
N HIS F 148 19.99 -14.79 -46.49
CA HIS F 148 19.90 -15.80 -47.54
C HIS F 148 19.88 -17.23 -47.04
N ILE F 149 19.02 -18.07 -47.66
CA ILE F 149 18.91 -19.49 -47.36
C ILE F 149 19.17 -20.30 -48.63
N GLU F 150 19.99 -21.35 -48.51
CA GLU F 150 20.34 -22.24 -49.62
C GLU F 150 19.97 -23.67 -49.26
N ILE F 151 18.94 -24.21 -49.91
CA ILE F 151 18.43 -25.56 -49.70
C ILE F 151 19.11 -26.54 -50.64
N PHE F 152 19.64 -27.64 -50.09
CA PHE F 152 20.32 -28.69 -50.85
C PHE F 152 19.57 -30.00 -50.62
N THR F 153 18.73 -30.40 -51.58
CA THR F 153 17.92 -31.60 -51.43
C THR F 153 17.75 -32.30 -52.77
N ASP F 154 17.14 -33.48 -52.72
CA ASP F 154 16.81 -34.29 -53.89
C ASP F 154 15.31 -34.37 -54.14
N LEU F 155 14.49 -33.93 -53.20
CA LEU F 155 13.03 -33.89 -53.26
C LEU F 155 12.40 -35.27 -53.27
N SER F 156 13.20 -36.31 -53.03
CA SER F 156 12.70 -37.68 -53.02
C SER F 156 11.85 -37.96 -51.79
N SER F 157 11.95 -37.12 -50.76
CA SER F 157 11.20 -37.32 -49.53
C SER F 157 9.81 -36.71 -49.60
N ARG F 158 8.85 -37.35 -48.94
CA ARG F 158 7.51 -36.81 -48.91
C ARG F 158 7.46 -35.56 -48.05
N PHE F 159 6.48 -34.72 -48.35
CA PHE F 159 6.39 -33.48 -47.61
C PHE F 159 4.95 -33.01 -47.53
N SER F 160 4.73 -32.08 -46.60
CA SER F 160 3.42 -31.49 -46.34
C SER F 160 3.38 -30.04 -46.78
N LYS F 161 2.29 -29.69 -47.44
CA LYS F 161 1.94 -28.40 -48.00
C LYS F 161 1.19 -27.51 -47.00
N SER F 162 1.13 -27.92 -45.73
CA SER F 162 0.37 -27.19 -44.71
C SER F 162 0.79 -25.72 -44.54
N GLN F 163 2.00 -25.42 -44.07
CA GLN F 163 2.35 -24.00 -43.92
C GLN F 163 3.07 -23.37 -45.10
N LEU F 164 2.85 -23.81 -46.33
CA LEU F 164 3.57 -23.14 -47.41
C LEU F 164 3.23 -21.66 -47.50
N ASP F 165 1.94 -21.30 -47.34
CA ASP F 165 1.55 -19.89 -47.36
C ASP F 165 2.27 -19.06 -46.31
N ILE F 166 2.46 -19.65 -45.12
CA ILE F 166 3.16 -18.96 -44.05
C ILE F 166 4.65 -18.89 -44.33
N ILE F 167 5.22 -19.97 -44.87
CA ILE F 167 6.64 -19.95 -45.23
C ILE F 167 6.93 -18.79 -46.17
N ILE F 168 6.12 -18.64 -47.22
CA ILE F 168 6.33 -17.53 -48.17
C ILE F 168 6.15 -16.19 -47.47
N HIS F 169 5.13 -16.06 -46.62
CA HIS F 169 4.92 -14.79 -45.93
C HIS F 169 6.09 -14.44 -45.02
N SER F 170 6.57 -15.40 -44.23
CA SER F 170 7.69 -15.14 -43.35
C SER F 170 8.96 -14.83 -44.12
N LEU F 171 9.15 -15.44 -45.29
CA LEU F 171 10.33 -15.13 -46.09
C LEU F 171 10.28 -13.69 -46.59
N LYS F 172 9.11 -13.24 -47.04
CA LYS F 172 8.99 -11.85 -47.51
C LYS F 172 9.14 -10.84 -46.38
N LYS F 173 8.40 -11.04 -45.29
CA LYS F 173 8.47 -10.10 -44.17
C LYS F 173 9.88 -10.00 -43.60
N CYS F 174 10.60 -11.11 -43.54
CA CYS F 174 11.97 -11.08 -43.03
C CYS F 174 12.99 -10.65 -44.07
N ASP F 175 12.59 -10.55 -45.34
CA ASP F 175 13.48 -10.20 -46.46
C ASP F 175 14.65 -11.19 -46.58
N ILE F 176 14.29 -12.46 -46.71
CA ILE F 176 15.22 -13.55 -46.89
C ILE F 176 15.07 -14.12 -48.30
N SER F 177 16.18 -14.28 -49.00
CA SER F 177 16.19 -14.81 -50.36
C SER F 177 16.48 -16.30 -50.30
N LEU F 178 16.00 -17.04 -51.30
CA LEU F 178 16.18 -18.47 -51.39
C LEU F 178 16.99 -18.90 -52.62
N GLN F 179 17.53 -20.11 -52.52
CA GLN F 179 18.27 -20.74 -53.62
C GLN F 179 18.18 -22.25 -53.44
N PHE F 180 17.70 -22.95 -54.47
CA PHE F 180 17.57 -24.40 -54.44
C PHE F 180 18.66 -25.09 -55.25
N PHE F 181 19.11 -26.25 -54.73
CA PHE F 181 20.16 -27.06 -55.35
C PHE F 181 19.76 -28.52 -55.35
N LEU F 182 19.52 -29.08 -56.52
CA LEU F 182 19.05 -30.43 -56.72
C LEU F 182 20.10 -31.26 -57.45
N PRO F 183 19.98 -32.59 -57.46
CA PRO F 183 20.96 -33.41 -58.19
C PRO F 183 20.78 -33.30 -59.68
N PHE F 184 19.58 -32.90 -60.13
CA PHE F 184 19.26 -32.72 -61.53
C PHE F 184 19.10 -31.24 -61.83
N SER F 185 19.29 -30.93 -63.11
CA SER F 185 19.21 -29.61 -63.71
C SER F 185 17.86 -29.37 -64.35
N LEU F 186 17.50 -28.10 -64.43
CA LEU F 186 16.22 -27.72 -64.99
C LEU F 186 16.14 -28.08 -66.46
N GLY F 187 15.20 -28.96 -66.77
CA GLY F 187 14.94 -29.30 -68.13
C GLY F 187 14.41 -28.09 -68.89
N LYS F 188 14.71 -28.07 -70.18
CA LYS F 188 14.25 -26.97 -71.03
C LYS F 188 12.75 -26.83 -70.93
N GLU F 189 12.28 -25.58 -70.95
CA GLU F 189 10.86 -25.32 -70.77
C GLU F 189 10.02 -26.09 -71.78
N ASP F 190 10.44 -26.11 -73.03
CA ASP F 190 9.81 -26.90 -74.08
C ASP F 190 10.82 -27.84 -74.70
N GLY F 191 10.38 -29.06 -74.98
CA GLY F 191 11.22 -30.18 -75.37
C GLY F 191 12.55 -30.30 -74.65
N SER F 192 13.44 -31.12 -75.21
CA SER F 192 14.75 -31.50 -74.64
C SER F 192 14.49 -31.96 -73.19
N GLY F 193 15.19 -31.41 -72.20
CA GLY F 193 15.00 -31.89 -70.85
C GLY F 193 13.63 -31.64 -70.24
N ASP F 197 21.15 -42.24 -69.95
CA ASP F 197 21.54 -41.25 -70.93
C ASP F 197 23.07 -41.10 -70.99
N GLY F 198 23.75 -42.23 -71.19
CA GLY F 198 25.18 -42.24 -71.45
C GLY F 198 26.04 -41.86 -70.27
N PRO F 199 27.25 -41.37 -70.55
CA PRO F 199 28.18 -41.01 -69.49
C PRO F 199 27.79 -39.72 -68.78
N PHE F 200 28.16 -39.64 -67.51
CA PHE F 200 27.90 -38.50 -66.63
C PHE F 200 29.20 -38.07 -65.96
N ARG F 201 29.49 -36.77 -66.04
CA ARG F 201 30.67 -36.15 -65.43
C ARG F 201 30.29 -34.94 -64.60
N LEU F 202 30.54 -35.02 -63.30
CA LEU F 202 30.22 -33.95 -62.36
C LEU F 202 31.01 -32.68 -62.66
N GLY F 203 30.27 -31.59 -62.84
CA GLY F 203 30.82 -30.29 -63.19
C GLY F 203 30.92 -30.09 -64.68
N GLY F 204 30.74 -31.14 -65.47
CA GLY F 204 30.81 -31.04 -66.91
C GLY F 204 29.65 -30.25 -67.48
N HIS F 205 29.82 -29.82 -68.72
CA HIS F 205 28.80 -29.06 -69.44
C HIS F 205 27.93 -30.04 -70.22
N GLY F 206 26.62 -29.98 -69.99
CA GLY F 206 25.68 -30.80 -70.74
C GLY F 206 25.11 -31.97 -69.96
N PRO F 207 25.58 -33.19 -70.25
CA PRO F 207 25.01 -34.37 -69.58
C PRO F 207 25.44 -34.48 -68.13
N SER F 208 24.77 -33.75 -67.25
CA SER F 208 25.16 -33.69 -65.84
C SER F 208 24.04 -34.11 -64.90
N PHE F 209 23.05 -34.86 -65.39
CA PHE F 209 21.98 -35.36 -64.54
C PHE F 209 21.16 -36.41 -65.29
N PRO F 210 20.75 -37.50 -64.63
CA PRO F 210 19.95 -38.51 -65.32
C PRO F 210 18.60 -37.93 -65.71
N LEU F 211 18.29 -38.01 -67.01
CA LEU F 211 17.04 -37.44 -67.51
C LEU F 211 15.83 -38.20 -66.98
N LYS F 212 15.96 -39.51 -66.80
CA LYS F 212 14.87 -40.34 -66.29
C LYS F 212 14.91 -40.57 -64.79
N GLY F 213 16.00 -40.19 -64.12
CA GLY F 213 16.07 -40.41 -62.69
C GLY F 213 15.02 -39.69 -61.86
N ILE F 214 14.42 -38.62 -62.38
CA ILE F 214 13.38 -37.95 -61.60
C ILE F 214 12.23 -38.91 -61.33
N THR F 215 11.77 -38.92 -60.08
CA THR F 215 10.68 -39.72 -59.57
C THR F 215 9.46 -38.85 -59.43
N GLU F 216 8.27 -39.43 -59.64
CA GLU F 216 7.03 -38.68 -59.53
C GLU F 216 7.02 -37.88 -58.23
N GLN F 217 7.71 -38.40 -57.21
CA GLN F 217 7.83 -37.72 -55.93
C GLN F 217 8.73 -36.49 -56.09
N GLN F 218 9.79 -36.64 -56.87
CA GLN F 218 10.68 -35.53 -57.17
C GLN F 218 9.96 -34.50 -58.03
N LYS F 219 9.15 -34.96 -58.98
CA LYS F 219 8.36 -34.07 -59.84
C LYS F 219 7.41 -33.21 -59.02
N GLU F 220 6.69 -33.84 -58.09
CA GLU F 220 5.77 -33.10 -57.22
C GLU F 220 6.52 -32.06 -56.38
N GLY F 221 7.66 -32.48 -55.82
CA GLY F 221 8.45 -31.54 -55.04
C GLY F 221 8.94 -30.39 -55.89
N LEU F 222 9.35 -30.70 -57.13
CA LEU F 222 9.84 -29.67 -58.05
C LEU F 222 8.74 -28.65 -58.36
N GLU F 223 7.51 -29.11 -58.59
CA GLU F 223 6.44 -28.16 -58.88
C GLU F 223 6.24 -27.20 -57.70
N ILE F 224 6.38 -27.73 -56.47
CA ILE F 224 6.23 -26.85 -55.31
C ILE F 224 7.40 -25.88 -55.24
N VAL F 225 8.61 -26.36 -55.55
CA VAL F 225 9.80 -25.52 -55.57
C VAL F 225 9.62 -24.37 -56.58
N LYS F 226 9.14 -24.71 -57.77
CA LYS F 226 8.89 -23.71 -58.81
C LYS F 226 7.95 -22.63 -58.31
N MET F 227 6.75 -23.03 -57.86
CA MET F 227 5.80 -22.07 -57.31
C MET F 227 6.41 -21.17 -56.25
N VAL F 228 7.16 -21.74 -55.29
CA VAL F 228 7.76 -20.94 -54.23
C VAL F 228 8.75 -19.93 -54.78
N MET F 229 9.63 -20.36 -55.70
CA MET F 229 10.60 -19.43 -56.27
C MET F 229 9.92 -18.31 -57.05
N ILE F 230 8.86 -18.64 -57.78
CA ILE F 230 8.14 -17.61 -58.52
C ILE F 230 7.44 -16.67 -57.54
N SER F 231 6.86 -17.20 -56.48
CA SER F 231 6.19 -16.36 -55.49
C SER F 231 7.17 -15.40 -54.82
N LEU F 232 8.45 -15.78 -54.74
CA LEU F 232 9.38 -14.88 -54.07
C LEU F 232 10.03 -13.87 -55.01
N GLU F 233 10.61 -14.32 -56.13
CA GLU F 233 11.35 -13.43 -57.03
C GLU F 233 10.73 -13.27 -58.42
N GLY F 234 9.45 -13.59 -58.60
CA GLY F 234 8.74 -13.48 -59.86
C GLY F 234 9.14 -14.56 -60.86
N GLU F 235 8.79 -14.30 -62.13
CA GLU F 235 9.08 -15.24 -63.20
C GLU F 235 10.55 -15.65 -63.26
N ASP F 236 11.46 -14.71 -63.02
CA ASP F 236 12.89 -15.01 -63.08
C ASP F 236 13.40 -15.71 -61.84
N GLY F 237 12.52 -16.05 -60.89
CA GLY F 237 12.91 -16.79 -59.71
C GLY F 237 13.37 -18.20 -60.05
N LEU F 238 12.78 -18.76 -61.10
CA LEU F 238 13.10 -20.11 -61.57
C LEU F 238 14.56 -20.28 -61.96
N ASP F 239 15.25 -19.18 -62.30
CA ASP F 239 16.67 -19.22 -62.64
C ASP F 239 17.55 -19.49 -61.42
N GLU F 240 16.99 -19.37 -60.22
CA GLU F 240 17.69 -19.60 -58.96
C GLU F 240 17.61 -21.05 -58.49
N ILE F 241 17.18 -21.97 -59.34
CA ILE F 241 17.13 -23.39 -59.02
C ILE F 241 18.20 -24.06 -59.88
N TYR F 242 19.27 -24.51 -59.24
CA TYR F 242 20.42 -25.10 -59.89
C TYR F 242 20.60 -26.57 -59.55
N SER F 243 21.44 -27.22 -60.36
CA SER F 243 21.88 -28.59 -60.13
C SER F 243 23.24 -28.52 -59.47
N PHE F 244 23.56 -29.51 -58.63
CA PHE F 244 24.84 -29.48 -57.93
C PHE F 244 26.01 -29.33 -58.90
N SER F 245 25.97 -30.07 -60.01
CA SER F 245 27.04 -30.02 -61.02
C SER F 245 27.25 -28.61 -61.55
N GLU F 246 26.19 -27.98 -62.07
CA GLU F 246 26.35 -26.63 -62.61
C GLU F 246 26.71 -25.66 -61.50
N SER F 247 26.22 -25.89 -60.28
CA SER F 247 26.55 -24.98 -59.18
C SER F 247 28.05 -24.97 -58.93
N LEU F 248 28.72 -26.11 -59.14
CA LEU F 248 30.16 -26.18 -58.93
C LEU F 248 30.96 -25.41 -59.97
N ARG F 249 30.42 -25.20 -61.17
CA ARG F 249 31.14 -24.49 -62.23
C ARG F 249 30.59 -23.09 -62.46
N LYS F 250 30.14 -22.45 -61.40
CA LYS F 250 29.57 -21.11 -61.43
C LYS F 250 29.82 -20.48 -60.08
N LEU F 251 29.58 -19.17 -60.00
CA LEU F 251 29.74 -18.45 -58.74
C LEU F 251 28.38 -18.05 -58.18
N CYS F 252 27.32 -18.68 -58.70
CA CYS F 252 25.94 -18.44 -58.30
C CYS F 252 25.71 -18.63 -56.80
N VAL F 253 26.52 -19.45 -56.13
CA VAL F 253 26.38 -19.67 -54.69
C VAL F 253 26.64 -18.41 -53.87
N PHE F 254 27.40 -17.45 -54.41
CA PHE F 254 27.73 -16.18 -53.77
C PHE F 254 26.88 -15.03 -54.29
N LYS F 255 26.18 -15.24 -55.42
CA LYS F 255 25.30 -14.29 -56.09
C LYS F 255 24.55 -13.37 -55.13
N LYS F 256 23.92 -13.96 -54.12
CA LYS F 256 23.08 -13.21 -53.19
C LYS F 256 23.89 -12.47 -52.14
N ILE F 257 25.14 -12.87 -51.93
CA ILE F 257 26.03 -12.22 -50.98
C ILE F 257 27.13 -11.47 -51.72
N GLU F 258 27.00 -11.33 -53.05
CA GLU F 258 28.00 -10.63 -53.87
C GLU F 258 28.03 -9.11 -53.67
N ARG F 259 29.24 -8.63 -53.45
CA ARG F 259 29.63 -7.24 -53.20
C ARG F 259 29.67 -6.32 -54.43
N HIS F 260 29.06 -5.15 -54.35
CA HIS F 260 29.08 -4.15 -55.41
C HIS F 260 30.51 -3.83 -55.87
N SER F 261 30.71 -3.65 -57.18
CA SER F 261 32.06 -3.35 -57.66
C SER F 261 32.34 -1.94 -57.16
N ILE F 262 33.57 -1.70 -56.72
CA ILE F 262 33.90 -0.38 -56.17
C ILE F 262 33.91 0.68 -57.26
N HIS F 263 33.02 1.65 -57.10
CA HIS F 263 32.82 2.78 -57.99
C HIS F 263 33.32 4.09 -57.40
N TRP F 264 33.66 5.00 -58.31
CA TRP F 264 34.16 6.37 -58.12
C TRP F 264 33.56 7.42 -59.06
N PRO F 265 33.34 8.65 -58.58
CA PRO F 265 32.72 9.68 -59.42
C PRO F 265 33.71 10.55 -60.18
N CYS F 266 33.21 11.02 -61.33
CA CYS F 266 33.84 11.94 -62.28
C CYS F 266 32.82 12.71 -63.08
N ARG F 267 33.36 13.41 -64.07
CA ARG F 267 32.62 14.23 -64.99
C ARG F 267 33.09 13.97 -66.41
N LEU F 268 32.14 13.71 -67.27
CA LEU F 268 32.39 13.53 -68.69
C LEU F 268 32.34 14.96 -69.18
N THR F 269 33.44 15.48 -69.71
CA THR F 269 33.47 16.88 -70.09
C THR F 269 33.50 16.97 -71.60
N ILE F 270 32.37 17.40 -72.16
CA ILE F 270 32.25 17.61 -73.59
C ILE F 270 32.53 19.06 -73.93
N GLY F 271 33.74 19.37 -74.39
CA GLY F 271 33.96 20.77 -74.68
C GLY F 271 34.24 21.72 -73.54
N SER F 272 33.30 22.67 -73.53
CA SER F 272 33.14 23.76 -72.59
C SER F 272 31.65 23.88 -72.30
N ASN F 273 31.30 24.22 -71.07
CA ASN F 273 29.92 24.37 -70.61
C ASN F 273 29.13 23.07 -70.51
N LEU F 274 29.44 22.02 -71.27
CA LEU F 274 28.71 20.78 -71.10
C LEU F 274 29.56 19.84 -70.27
N SER F 275 28.99 19.36 -69.17
CA SER F 275 29.71 18.49 -68.23
C SER F 275 28.77 17.47 -67.58
N ILE F 276 28.66 16.27 -68.13
CA ILE F 276 27.75 15.30 -67.52
C ILE F 276 28.40 14.68 -66.29
N ARG F 277 27.74 14.83 -65.14
CA ARG F 277 28.22 14.27 -63.88
C ARG F 277 28.02 12.75 -63.92
N ILE F 278 29.12 11.99 -63.87
CA ILE F 278 29.07 10.54 -63.97
C ILE F 278 29.70 9.88 -62.74
N ALA F 279 29.60 8.55 -62.75
CA ALA F 279 30.15 7.68 -61.71
C ALA F 279 30.48 6.39 -62.41
N ALA F 280 31.77 6.09 -62.53
CA ALA F 280 32.23 4.91 -63.23
C ALA F 280 32.82 3.87 -62.29
N TYR F 281 32.68 2.61 -62.72
CA TYR F 281 33.19 1.46 -61.98
C TYR F 281 33.89 0.50 -62.94
N LYS F 282 34.72 -0.38 -62.39
CA LYS F 282 35.42 -1.38 -63.21
C LYS F 282 34.54 -2.59 -63.51
N SER F 283 34.04 -2.64 -64.76
CA SER F 283 33.20 -3.72 -65.25
C SER F 283 33.95 -5.04 -65.28
N ILE F 284 35.13 -5.07 -65.90
CA ILE F 284 35.99 -6.25 -65.95
C ILE F 284 37.32 -5.91 -65.31
N LEU F 285 37.79 -6.79 -64.43
CA LEU F 285 39.08 -6.61 -63.76
C LEU F 285 39.57 -7.97 -63.27
N GLN F 286 40.74 -8.38 -63.73
CA GLN F 286 41.30 -9.69 -63.42
C GLN F 286 41.45 -9.94 -61.92
N GLU F 287 40.65 -10.88 -61.39
CA GLU F 287 40.68 -11.28 -59.98
C GLU F 287 41.93 -12.14 -59.72
N ARG F 288 42.78 -11.63 -58.86
CA ARG F 288 44.09 -12.15 -58.46
C ARG F 288 44.10 -12.55 -56.97
N VAL F 289 45.21 -13.21 -56.58
CA VAL F 289 45.38 -13.80 -55.26
C VAL F 289 45.19 -12.79 -54.13
N LYS F 290 44.26 -13.09 -53.22
CA LYS F 290 44.01 -12.16 -52.10
C LYS F 290 45.13 -12.26 -51.08
N LYS F 291 45.46 -13.49 -50.60
CA LYS F 291 46.51 -13.78 -49.60
C LYS F 291 47.92 -13.83 -50.23
N THR F 292 48.94 -13.34 -49.51
CA THR F 292 50.32 -13.36 -50.01
C THR F 292 51.13 -14.32 -49.13
N TRP F 293 52.11 -15.02 -49.73
CA TRP F 293 52.97 -15.95 -48.97
C TRP F 293 54.10 -15.25 -48.21
N THR F 294 53.98 -15.17 -46.88
CA THR F 294 55.02 -14.55 -46.07
C THR F 294 56.13 -15.57 -45.81
N VAL F 295 57.37 -15.21 -46.16
CA VAL F 295 58.52 -16.10 -46.01
C VAL F 295 58.93 -16.15 -44.53
N VAL F 296 58.89 -17.33 -43.94
CA VAL F 296 59.25 -17.56 -42.55
C VAL F 296 60.36 -18.60 -42.50
N ASP F 297 61.08 -18.63 -41.38
CA ASP F 297 62.13 -19.62 -41.21
C ASP F 297 61.58 -21.00 -40.94
N ALA F 298 62.20 -22.01 -41.54
CA ALA F 298 61.76 -23.39 -41.40
C ALA F 298 61.78 -23.88 -39.95
N LYS F 299 62.66 -23.32 -39.12
CA LYS F 299 62.75 -23.76 -37.73
C LYS F 299 61.83 -22.94 -36.82
N THR F 300 61.99 -21.62 -36.82
CA THR F 300 61.23 -20.74 -35.94
C THR F 300 59.83 -20.46 -36.47
N LEU F 301 59.67 -20.39 -37.78
CA LEU F 301 58.39 -20.08 -38.45
C LEU F 301 57.95 -18.65 -38.11
N LYS F 302 58.88 -17.71 -38.29
CA LYS F 302 58.63 -16.31 -38.03
C LYS F 302 59.21 -15.42 -39.13
N LYS F 303 58.46 -14.37 -39.45
CA LYS F 303 58.86 -13.39 -40.46
C LYS F 303 60.01 -12.53 -39.96
N GLU F 304 59.99 -12.19 -38.67
CA GLU F 304 61.00 -11.33 -38.05
C GLU F 304 62.43 -11.81 -38.27
N ASP F 305 62.66 -13.13 -38.28
CA ASP F 305 64.01 -13.66 -38.47
C ASP F 305 64.60 -13.48 -39.86
N ILE F 306 63.79 -13.26 -40.89
CA ILE F 306 64.29 -13.10 -42.26
C ILE F 306 64.36 -11.62 -42.63
N GLN F 307 65.49 -11.19 -43.22
CA GLN F 307 65.69 -9.80 -43.62
C GLN F 307 66.39 -9.70 -44.97
N LYS F 308 65.93 -8.75 -45.79
CA LYS F 308 66.48 -8.45 -47.10
C LYS F 308 67.27 -7.14 -47.10
N GLU F 309 68.56 -7.21 -47.45
CA GLU F 309 69.39 -6.03 -47.49
C GLU F 309 69.92 -5.87 -48.91
N THR F 310 69.93 -4.64 -49.41
CA THR F 310 70.40 -4.33 -50.75
C THR F 310 71.85 -3.86 -50.63
N VAL F 311 72.71 -4.38 -51.49
CA VAL F 311 74.13 -4.05 -51.48
C VAL F 311 74.47 -3.46 -52.84
N TYR F 312 75.35 -2.45 -52.84
CA TYR F 312 75.75 -1.80 -54.07
C TYR F 312 77.23 -2.00 -54.29
N CYS F 313 77.54 -2.41 -55.52
CA CYS F 313 78.83 -2.75 -56.08
C CYS F 313 78.86 -2.25 -57.51
N LEU F 314 80.05 -2.01 -58.04
CA LEU F 314 80.12 -1.49 -59.40
C LEU F 314 79.78 -2.60 -60.40
N ASN F 315 79.04 -2.21 -61.44
CA ASN F 315 78.56 -3.12 -62.49
C ASN F 315 79.70 -3.74 -63.28
N ASP F 316 80.78 -3.00 -63.45
CA ASP F 316 81.97 -3.42 -64.18
C ASP F 316 82.62 -4.56 -63.40
N ASP F 317 83.58 -5.23 -64.02
CA ASP F 317 84.23 -6.38 -63.39
C ASP F 317 84.73 -6.07 -61.98
N ASP F 318 85.00 -4.81 -61.65
CA ASP F 318 85.52 -4.51 -60.31
C ASP F 318 84.30 -4.41 -59.38
N GLU F 319 84.30 -5.21 -58.31
CA GLU F 319 83.18 -5.30 -57.40
C GLU F 319 83.29 -4.39 -56.18
N THR F 320 83.86 -3.20 -56.28
CA THR F 320 83.93 -2.39 -55.08
C THR F 320 82.55 -1.91 -54.65
N GLU F 321 82.34 -1.85 -53.34
CA GLU F 321 81.09 -1.39 -52.76
C GLU F 321 80.81 0.10 -53.01
N VAL F 322 79.63 0.41 -53.54
CA VAL F 322 79.26 1.80 -53.82
C VAL F 322 78.45 2.33 -52.63
N LEU F 323 78.84 3.49 -52.12
CA LEU F 323 78.15 4.12 -51.00
C LEU F 323 76.69 4.42 -51.35
N LYS F 324 75.77 3.97 -50.48
CA LYS F 324 74.35 4.16 -50.72
C LYS F 324 73.96 5.63 -50.80
N GLU F 325 74.67 6.50 -50.09
CA GLU F 325 74.36 7.93 -50.12
C GLU F 325 74.92 8.59 -51.38
N ASP F 326 76.09 8.15 -51.85
CA ASP F 326 76.73 8.73 -53.03
C ASP F 326 76.05 8.38 -54.34
N ILE F 327 75.10 7.43 -54.33
CA ILE F 327 74.38 7.03 -55.54
C ILE F 327 73.48 8.16 -56.04
N ILE F 328 73.67 8.55 -57.29
CA ILE F 328 72.89 9.61 -57.94
C ILE F 328 72.08 8.99 -59.07
N GLN F 329 70.87 9.53 -59.29
CA GLN F 329 69.98 9.04 -60.33
C GLN F 329 70.43 9.45 -61.73
N GLY F 330 70.32 8.50 -62.67
CA GLY F 330 70.70 8.73 -64.05
C GLY F 330 69.84 7.99 -65.06
N PHE F 331 69.86 8.49 -66.30
CA PHE F 331 69.10 7.95 -67.43
C PHE F 331 70.02 7.87 -68.64
N ARG F 332 69.80 6.86 -69.47
CA ARG F 332 70.58 6.65 -70.68
C ARG F 332 70.00 7.38 -71.89
N TYR F 333 70.89 8.02 -72.65
CA TYR F 333 70.58 8.72 -73.90
C TYR F 333 71.52 8.13 -74.96
N GLY F 334 71.16 6.92 -75.38
CA GLY F 334 71.92 6.15 -76.34
C GLY F 334 73.18 5.63 -75.70
N SER F 335 74.32 6.02 -76.26
CA SER F 335 75.59 5.63 -75.65
C SER F 335 75.82 6.40 -74.36
N ASP F 336 75.50 7.69 -74.37
CA ASP F 336 75.71 8.53 -73.18
C ASP F 336 74.80 8.18 -72.02
N ILE F 337 75.33 8.36 -70.82
CA ILE F 337 74.60 8.15 -69.58
C ILE F 337 74.58 9.53 -68.90
N VAL F 338 73.39 10.12 -68.85
CA VAL F 338 73.19 11.47 -68.35
C VAL F 338 72.63 11.41 -66.93
N PRO F 339 73.26 12.07 -65.96
CA PRO F 339 72.73 12.09 -64.59
C PRO F 339 71.59 13.10 -64.46
N PHE F 340 70.41 12.58 -64.10
CA PHE F 340 69.16 13.33 -63.98
C PHE F 340 68.56 12.88 -62.65
N SER F 341 68.70 13.74 -61.65
CA SER F 341 68.20 13.49 -60.31
C SER F 341 66.68 13.53 -60.26
N LYS F 342 66.13 12.79 -59.29
CA LYS F 342 64.69 12.72 -59.10
C LYS F 342 64.10 14.11 -58.84
N VAL F 343 64.90 14.99 -58.23
CA VAL F 343 64.48 16.35 -57.92
C VAL F 343 64.21 17.14 -59.21
N ASP F 344 65.14 17.11 -60.15
CA ASP F 344 64.93 17.81 -61.40
C ASP F 344 63.86 17.12 -62.23
N GLU F 345 63.70 15.81 -62.05
CA GLU F 345 62.69 15.06 -62.79
C GLU F 345 61.28 15.54 -62.44
N GLU F 346 60.96 15.61 -61.15
CA GLU F 346 59.63 16.06 -60.75
C GLU F 346 59.28 17.43 -61.29
N GLN F 347 60.26 18.32 -61.41
CA GLN F 347 60.00 19.66 -61.92
C GLN F 347 59.88 19.67 -63.43
N MET F 348 60.78 18.98 -64.13
CA MET F 348 60.78 19.01 -65.58
C MET F 348 59.74 18.08 -66.23
N LYS F 349 59.26 17.07 -65.51
CA LYS F 349 58.32 16.09 -66.05
C LYS F 349 56.96 16.70 -66.46
N TYR F 350 56.25 15.95 -67.32
CA TYR F 350 54.92 16.30 -67.83
C TYR F 350 53.90 16.37 -66.71
N LYS F 351 53.26 17.52 -66.55
CA LYS F 351 52.26 17.72 -65.52
C LYS F 351 50.87 17.54 -66.15
N SER F 352 50.18 16.48 -65.74
CA SER F 352 48.86 16.16 -66.26
C SER F 352 47.83 17.17 -65.80
N GLU F 353 46.90 17.50 -66.68
CA GLU F 353 45.89 18.49 -66.37
C GLU F 353 44.89 17.98 -65.32
N GLY F 354 44.95 16.68 -64.98
CA GLY F 354 44.11 16.04 -63.98
C GLY F 354 42.65 15.86 -64.32
N LYS F 355 42.19 16.41 -65.42
CA LYS F 355 40.82 16.28 -65.85
C LYS F 355 40.49 14.86 -66.27
N CYS F 356 39.36 14.33 -65.81
CA CYS F 356 39.04 12.96 -66.17
C CYS F 356 37.96 12.95 -67.25
N PHE F 357 37.78 11.77 -67.84
CA PHE F 357 36.83 11.41 -68.89
C PHE F 357 36.45 12.54 -69.84
N SER F 358 37.45 13.30 -70.34
CA SER F 358 37.18 14.39 -71.26
C SER F 358 36.90 13.80 -72.64
N VAL F 359 35.87 14.26 -73.34
CA VAL F 359 35.59 13.72 -74.67
C VAL F 359 36.44 14.41 -75.72
N LEU F 360 37.21 13.63 -76.48
CA LEU F 360 38.04 14.19 -77.53
C LEU F 360 37.27 14.43 -78.82
N GLY F 361 36.40 13.50 -79.19
CA GLY F 361 35.62 13.64 -80.40
C GLY F 361 34.75 12.42 -80.60
N PHE F 362 34.12 12.33 -81.78
CA PHE F 362 33.24 11.20 -82.11
C PHE F 362 33.60 10.64 -83.48
N CYS F 363 33.67 9.31 -83.57
CA CYS F 363 33.99 8.63 -84.83
C CYS F 363 33.07 7.44 -85.02
N LYS F 364 33.04 6.89 -86.25
CA LYS F 364 32.19 5.73 -86.49
C LYS F 364 32.71 4.49 -85.76
N SER F 365 31.77 3.61 -85.37
CA SER F 365 32.08 2.37 -84.67
C SER F 365 33.12 1.53 -85.39
N SER F 366 33.08 1.52 -86.73
CA SER F 366 33.99 0.73 -87.55
C SER F 366 35.44 1.15 -87.37
N GLN F 367 35.69 2.43 -87.09
CA GLN F 367 37.05 2.95 -86.99
C GLN F 367 37.80 2.44 -85.77
N VAL F 368 37.08 2.05 -84.72
CA VAL F 368 37.68 1.52 -83.48
C VAL F 368 37.58 -0.01 -83.47
N GLN F 369 38.73 -0.65 -83.65
CA GLN F 369 38.83 -2.11 -83.74
C GLN F 369 39.22 -2.75 -82.42
N ARG F 370 38.54 -3.87 -82.07
CA ARG F 370 38.80 -4.58 -80.82
C ARG F 370 40.27 -4.97 -80.64
N ARG F 371 41.02 -5.14 -81.74
CA ARG F 371 42.44 -5.51 -81.67
C ARG F 371 43.30 -4.43 -81.04
N PHE F 372 42.80 -3.20 -80.99
CA PHE F 372 43.53 -2.07 -80.43
C PHE F 372 43.21 -1.82 -78.97
N PHE F 373 42.37 -2.65 -78.34
CA PHE F 373 42.05 -2.46 -76.93
C PHE F 373 43.28 -2.64 -76.04
N MET F 374 43.44 -1.74 -75.07
CA MET F 374 44.56 -1.74 -74.16
C MET F 374 44.09 -1.61 -72.71
N GLY F 375 45.03 -1.87 -71.80
CA GLY F 375 44.80 -1.80 -70.37
C GLY F 375 44.45 -3.15 -69.78
N ASN F 376 44.14 -3.12 -68.49
CA ASN F 376 43.81 -4.33 -67.75
C ASN F 376 42.44 -4.21 -67.08
N GLN F 377 41.59 -3.33 -67.61
CA GLN F 377 40.27 -3.12 -67.05
C GLN F 377 39.36 -2.58 -68.13
N VAL F 378 38.06 -2.65 -67.84
CA VAL F 378 36.99 -2.12 -68.67
C VAL F 378 36.16 -1.27 -67.72
N LEU F 379 35.86 -0.04 -68.09
CA LEU F 379 35.06 0.81 -67.20
C LEU F 379 33.65 1.01 -67.73
N LYS F 380 32.68 0.91 -66.81
CA LYS F 380 31.28 1.17 -67.13
C LYS F 380 30.92 2.51 -66.49
N VAL F 381 30.75 3.51 -67.36
CA VAL F 381 30.41 4.88 -67.01
C VAL F 381 28.90 4.96 -66.85
N PHE F 382 28.44 5.02 -65.59
CA PHE F 382 27.03 5.11 -65.22
C PHE F 382 26.70 6.54 -64.79
N ALA F 383 25.40 6.83 -64.77
CA ALA F 383 24.89 8.12 -64.34
C ALA F 383 24.95 8.27 -62.82
N ALA F 384 25.34 9.47 -62.37
CA ALA F 384 25.46 9.81 -60.96
C ALA F 384 24.19 9.46 -60.18
N ARG F 385 24.36 8.72 -59.07
CA ARG F 385 23.23 8.29 -58.26
C ARG F 385 22.45 9.47 -57.70
N ASP F 386 21.12 9.34 -57.70
CA ASP F 386 20.22 10.38 -57.21
C ASP F 386 20.36 11.69 -57.98
N ASP F 387 20.62 11.59 -59.28
CA ASP F 387 20.75 12.78 -60.12
C ASP F 387 19.98 12.53 -61.42
N GLU F 388 18.81 13.16 -61.55
CA GLU F 388 17.98 12.96 -62.74
C GLU F 388 18.53 13.70 -63.94
N ALA F 389 18.98 14.94 -63.74
CA ALA F 389 19.48 15.73 -64.85
C ALA F 389 20.72 15.11 -65.48
N ALA F 390 21.62 14.56 -64.65
CA ALA F 390 22.79 13.92 -65.22
C ALA F 390 22.43 12.58 -65.84
N ALA F 391 21.42 11.91 -65.30
CA ALA F 391 20.99 10.63 -65.86
C ALA F 391 20.42 10.81 -67.26
N VAL F 392 19.63 11.87 -67.47
CA VAL F 392 19.08 12.15 -68.78
C VAL F 392 20.17 12.66 -69.72
N ALA F 393 21.06 13.52 -69.21
CA ALA F 393 22.15 14.04 -70.03
C ALA F 393 23.02 12.91 -70.56
N LEU F 394 23.28 11.89 -69.75
CA LEU F 394 24.07 10.76 -70.23
C LEU F 394 23.26 9.84 -71.14
N SER F 395 21.99 9.58 -70.79
CA SER F 395 21.13 8.75 -71.62
C SER F 395 21.03 9.30 -73.04
N SER F 396 20.97 10.63 -73.17
CA SER F 396 20.91 11.27 -74.49
C SER F 396 22.13 10.93 -75.32
N LEU F 397 23.31 10.95 -74.72
CA LEU F 397 24.54 10.63 -75.45
C LEU F 397 24.57 9.14 -75.81
N ILE F 398 24.16 8.28 -74.90
CA ILE F 398 24.16 6.85 -75.17
C ILE F 398 23.27 6.53 -76.36
N HIS F 399 22.05 7.07 -76.37
CA HIS F 399 21.14 6.77 -77.48
C HIS F 399 21.55 7.48 -78.76
N ALA F 400 22.19 8.66 -78.67
CA ALA F 400 22.63 9.33 -79.88
C ALA F 400 23.75 8.53 -80.55
N LEU F 401 24.66 7.97 -79.74
CA LEU F 401 25.73 7.16 -80.29
C LEU F 401 25.20 5.84 -80.83
N ASP F 402 24.18 5.27 -80.16
CA ASP F 402 23.60 4.01 -80.62
C ASP F 402 22.90 4.16 -81.97
N ASP F 403 22.01 5.16 -82.09
CA ASP F 403 21.28 5.35 -83.34
C ASP F 403 22.19 5.72 -84.51
N LEU F 404 23.23 6.52 -84.26
CA LEU F 404 24.13 6.91 -85.34
C LEU F 404 25.21 5.86 -85.59
N ASP F 405 25.26 4.80 -84.77
CA ASP F 405 26.28 3.77 -84.84
C ASP F 405 27.68 4.40 -84.79
N MET F 406 27.90 5.22 -83.77
CA MET F 406 29.15 5.93 -83.57
C MET F 406 29.64 5.73 -82.14
N VAL F 407 30.92 6.04 -81.91
CA VAL F 407 31.56 5.91 -80.61
C VAL F 407 32.21 7.26 -80.29
N ALA F 408 32.75 7.36 -79.07
CA ALA F 408 33.38 8.58 -78.60
C ALA F 408 34.82 8.35 -78.15
N ILE F 409 35.74 9.06 -78.76
CA ILE F 409 37.15 9.01 -78.39
C ILE F 409 37.32 10.01 -77.26
N VAL F 410 37.69 9.50 -76.08
CA VAL F 410 37.79 10.30 -74.87
C VAL F 410 39.19 10.23 -74.25
N ARG F 411 39.47 11.23 -73.41
CA ARG F 411 40.70 11.35 -72.61
C ARG F 411 40.31 11.05 -71.18
N TYR F 412 41.02 10.13 -70.55
CA TYR F 412 40.70 9.72 -69.19
C TYR F 412 41.92 9.68 -68.29
N ALA F 413 41.71 10.03 -67.02
CA ALA F 413 42.75 9.99 -66.00
C ALA F 413 42.02 9.89 -64.67
N TYR F 414 42.38 8.91 -63.85
CA TYR F 414 41.70 8.75 -62.57
C TYR F 414 42.04 9.85 -61.57
N ASP F 415 43.25 10.40 -61.65
CA ASP F 415 43.65 11.48 -60.76
C ASP F 415 44.63 12.38 -61.51
N LYS F 416 45.00 13.50 -60.87
CA LYS F 416 45.95 14.39 -61.50
C LYS F 416 47.32 13.73 -61.56
N ARG F 417 47.59 12.77 -60.67
CA ARG F 417 48.84 12.04 -60.63
C ARG F 417 48.94 10.97 -61.71
N ALA F 418 47.83 10.33 -62.05
CA ALA F 418 47.82 9.27 -63.04
C ALA F 418 48.17 9.77 -64.45
N ASN F 419 48.81 8.88 -65.20
CA ASN F 419 49.18 9.20 -66.57
C ASN F 419 47.92 9.23 -67.43
N PRO F 420 47.78 10.21 -68.32
CA PRO F 420 46.56 10.28 -69.12
C PRO F 420 46.48 9.14 -70.11
N GLN F 421 45.24 8.74 -70.41
CA GLN F 421 44.91 7.67 -71.32
C GLN F 421 43.95 8.19 -72.37
N VAL F 422 43.95 7.50 -73.51
CA VAL F 422 43.03 7.80 -74.62
C VAL F 422 42.32 6.51 -74.97
N GLY F 423 40.99 6.55 -74.95
CA GLY F 423 40.26 5.34 -75.26
C GLY F 423 38.92 5.55 -75.93
N VAL F 424 38.23 4.43 -76.15
CA VAL F 424 36.91 4.40 -76.79
C VAL F 424 35.83 4.30 -75.73
N ALA F 425 34.73 5.03 -75.96
CA ALA F 425 33.55 5.04 -75.10
C ALA F 425 32.34 4.75 -75.98
N PHE F 426 31.86 3.49 -75.96
CA PHE F 426 30.74 3.09 -76.82
C PHE F 426 29.46 2.80 -76.03
N PRO F 427 28.29 3.01 -76.64
CA PRO F 427 27.01 2.78 -75.95
C PRO F 427 26.74 1.31 -75.63
N HIS F 428 25.95 1.08 -74.57
CA HIS F 428 25.59 -0.27 -74.13
C HIS F 428 24.21 -0.21 -73.46
N ILE F 429 23.16 -0.46 -74.25
CA ILE F 429 21.78 -0.40 -73.78
C ILE F 429 21.19 -1.79 -73.64
N LYS F 430 20.74 -2.13 -72.44
CA LYS F 430 20.05 -3.38 -72.13
C LYS F 430 18.69 -3.05 -71.54
N HIS F 431 17.83 -4.08 -71.41
CA HIS F 431 16.48 -3.85 -70.90
C HIS F 431 16.49 -3.24 -69.51
N ASN F 432 17.42 -3.65 -68.64
CA ASN F 432 17.42 -3.15 -67.27
C ASN F 432 18.33 -1.94 -67.06
N TYR F 433 19.55 -1.95 -67.60
CA TYR F 433 20.48 -0.86 -67.40
C TYR F 433 20.91 -0.24 -68.73
N GLU F 434 21.49 0.94 -68.62
CA GLU F 434 21.95 1.75 -69.75
C GLU F 434 23.29 2.37 -69.34
N CYS F 435 24.35 2.20 -70.15
CA CYS F 435 25.63 2.77 -69.73
C CYS F 435 26.58 2.94 -70.92
N LEU F 436 27.67 3.67 -70.66
CA LEU F 436 28.74 3.77 -71.65
C LEU F 436 29.88 2.84 -71.22
N VAL F 437 30.56 2.24 -72.19
CA VAL F 437 31.66 1.33 -71.89
C VAL F 437 32.96 1.93 -72.41
N TYR F 438 33.88 2.24 -71.50
CA TYR F 438 35.19 2.78 -71.79
C TYR F 438 36.24 1.67 -71.80
N VAL F 439 37.03 1.64 -72.87
CA VAL F 439 38.15 0.71 -73.00
C VAL F 439 39.32 1.52 -73.55
N GLN F 440 40.46 1.44 -72.86
CA GLN F 440 41.63 2.22 -73.27
C GLN F 440 42.15 1.76 -74.63
N LEU F 441 42.54 2.72 -75.44
CA LEU F 441 43.08 2.51 -76.77
C LEU F 441 44.58 2.81 -76.73
N PRO F 442 45.33 2.47 -77.79
CA PRO F 442 46.77 2.64 -77.74
C PRO F 442 47.30 3.98 -78.23
N PHE F 443 48.51 4.29 -77.76
CA PHE F 443 49.29 5.44 -78.19
C PHE F 443 50.21 4.99 -79.31
N MET F 444 50.68 5.94 -80.09
CA MET F 444 51.56 5.62 -81.21
C MET F 444 52.77 4.79 -80.79
N GLU F 445 53.37 5.14 -79.63
CA GLU F 445 54.54 4.40 -79.13
C GLU F 445 54.22 2.95 -78.79
N ASP F 446 52.99 2.69 -78.31
CA ASP F 446 52.59 1.34 -77.93
C ASP F 446 52.42 0.41 -79.12
N LEU F 447 52.00 0.95 -80.26
CA LEU F 447 51.76 0.14 -81.45
C LEU F 447 53.05 -0.44 -82.01
N ARG F 448 52.97 -1.68 -82.49
CA ARG F 448 54.10 -2.38 -83.09
C ARG F 448 53.71 -2.93 -84.45
N GLN F 449 54.51 -2.60 -85.45
CA GLN F 449 54.27 -3.00 -86.83
C GLN F 449 55.38 -3.95 -87.28
N TYR F 450 55.02 -5.19 -87.54
CA TYR F 450 55.92 -6.20 -88.06
C TYR F 450 55.28 -6.73 -89.34
N MET F 451 56.09 -7.32 -90.21
CA MET F 451 55.54 -7.87 -91.43
C MET F 451 55.69 -9.39 -91.42
N PHE F 452 54.58 -10.08 -91.58
CA PHE F 452 54.49 -11.52 -91.57
C PHE F 452 54.31 -12.03 -93.00
N SER F 453 54.81 -13.23 -93.26
CA SER F 453 54.66 -13.78 -94.60
C SER F 453 53.19 -14.05 -94.90
N SER F 454 52.81 -13.76 -96.12
CA SER F 454 51.44 -13.99 -96.59
C SER F 454 51.14 -15.48 -96.68
N LEU F 455 49.87 -15.83 -96.48
CA LEU F 455 49.49 -17.24 -96.58
C LEU F 455 48.45 -17.40 -97.66
N LYS F 456 47.65 -16.36 -97.90
CA LYS F 456 46.66 -16.37 -98.97
C LYS F 456 47.29 -16.86 -100.25
N ASN F 457 48.53 -16.43 -100.49
CA ASN F 457 49.19 -16.78 -101.73
C ASN F 457 50.52 -17.46 -101.47
N SER F 458 50.61 -18.20 -100.35
CA SER F 458 51.83 -18.94 -100.10
C SER F 458 51.73 -20.19 -100.95
N LYS F 459 52.48 -20.25 -102.06
CA LYS F 459 52.41 -21.42 -102.93
C LYS F 459 52.82 -22.69 -102.20
N LYS F 460 53.77 -22.53 -101.27
CA LYS F 460 54.34 -23.60 -100.46
C LYS F 460 53.41 -24.13 -99.38
N TYR F 461 52.53 -23.30 -98.82
CA TYR F 461 51.65 -23.75 -97.75
C TYR F 461 50.16 -23.82 -98.11
N ALA F 462 49.78 -23.59 -99.37
CA ALA F 462 48.37 -23.64 -99.77
C ALA F 462 47.74 -25.03 -99.62
N PRO F 463 46.64 -25.15 -98.88
CA PRO F 463 45.98 -26.44 -98.68
C PRO F 463 45.08 -26.88 -99.84
N THR F 464 44.96 -28.21 -99.99
CA THR F 464 44.13 -28.83 -101.02
C THR F 464 42.63 -28.70 -100.67
N GLU F 465 41.79 -28.95 -101.68
CA GLU F 465 40.33 -28.91 -101.49
C GLU F 465 39.85 -29.93 -100.46
N ALA F 466 40.47 -31.12 -100.44
CA ALA F 466 40.11 -32.14 -99.47
C ALA F 466 40.53 -31.74 -98.07
N GLN F 467 41.67 -31.08 -97.95
CA GLN F 467 42.16 -30.61 -96.66
C GLN F 467 41.22 -29.56 -96.11
N LEU F 468 40.77 -28.65 -96.98
CA LEU F 468 39.84 -27.62 -96.54
C LEU F 468 38.50 -28.23 -96.15
N ASN F 469 37.99 -29.22 -96.90
CA ASN F 469 36.73 -29.84 -96.50
C ASN F 469 36.88 -30.68 -95.25
N ALA F 470 38.13 -31.03 -94.88
CA ALA F 470 38.35 -31.79 -93.66
C ALA F 470 38.33 -30.84 -92.48
N VAL F 471 38.91 -29.66 -92.66
CA VAL F 471 38.85 -28.67 -91.59
C VAL F 471 37.41 -28.17 -91.48
N ASP F 472 36.70 -28.10 -92.60
CA ASP F 472 35.29 -27.71 -92.61
C ASP F 472 34.47 -28.68 -91.76
N ALA F 473 34.73 -29.98 -91.91
CA ALA F 473 34.00 -30.97 -91.13
C ALA F 473 34.42 -30.90 -89.66
N LEU F 474 35.68 -30.56 -89.41
CA LEU F 474 36.15 -30.47 -88.03
C LEU F 474 35.47 -29.30 -87.32
N ILE F 475 35.41 -28.13 -87.96
CA ILE F 475 34.77 -26.97 -87.35
C ILE F 475 33.28 -27.22 -87.14
N ASP F 476 32.62 -27.86 -88.12
CA ASP F 476 31.21 -28.16 -87.95
C ASP F 476 30.98 -29.15 -86.80
N SER F 477 31.86 -30.15 -86.69
CA SER F 477 31.73 -31.14 -85.63
C SER F 477 32.10 -30.56 -84.27
N MET F 478 33.11 -29.68 -84.21
CA MET F 478 33.57 -29.10 -82.95
C MET F 478 32.93 -27.75 -82.64
N SER F 479 31.73 -27.47 -83.16
CA SER F 479 31.09 -26.20 -82.88
C SER F 479 30.54 -26.18 -81.46
N LEU F 480 30.80 -25.10 -80.72
CA LEU F 480 30.32 -25.07 -79.35
C LEU F 480 29.01 -24.29 -79.22
N ALA F 481 28.31 -24.07 -80.34
CA ALA F 481 27.04 -23.38 -80.31
C ALA F 481 26.07 -24.06 -81.27
N LYS F 482 24.80 -24.15 -80.87
CA LYS F 482 23.76 -24.75 -81.70
C LYS F 482 22.69 -23.68 -81.85
N LYS F 483 22.07 -23.58 -83.01
CA LYS F 483 21.05 -22.56 -83.25
C LYS F 483 19.76 -23.24 -83.62
N ASP F 484 18.73 -23.00 -82.81
CA ASP F 484 17.47 -23.74 -82.78
C ASP F 484 16.83 -23.76 -84.16
N GLU F 485 15.84 -24.62 -84.32
CA GLU F 485 15.22 -24.82 -85.63
C GLU F 485 14.04 -23.88 -85.90
N LYS F 486 13.43 -23.30 -84.86
CA LYS F 486 12.33 -22.34 -85.03
C LYS F 486 12.61 -20.98 -84.41
N THR F 487 13.13 -20.97 -83.18
CA THR F 487 13.46 -19.72 -82.49
C THR F 487 14.76 -19.21 -83.09
N ASP F 488 15.56 -20.15 -83.58
CA ASP F 488 16.87 -19.87 -84.14
C ASP F 488 17.84 -19.20 -83.17
N THR F 489 17.68 -19.43 -81.87
CA THR F 489 18.61 -18.81 -80.92
C THR F 489 19.87 -19.66 -80.81
N LEU F 490 21.01 -18.98 -80.73
CA LEU F 490 22.29 -19.65 -80.62
C LEU F 490 22.55 -19.87 -79.14
N GLU F 491 22.71 -21.13 -78.75
CA GLU F 491 22.94 -21.48 -77.36
C GLU F 491 24.41 -21.76 -77.18
N ASP F 492 25.06 -21.03 -76.28
CA ASP F 492 26.47 -21.31 -76.07
C ASP F 492 26.56 -22.53 -75.18
N LEU F 493 27.31 -23.52 -75.62
CA LEU F 493 27.45 -24.75 -74.87
C LEU F 493 28.68 -24.75 -73.97
N PHE F 494 29.55 -23.76 -74.13
CA PHE F 494 30.75 -23.62 -73.32
C PHE F 494 30.97 -22.17 -72.89
N PRO F 495 29.98 -21.56 -72.21
CA PRO F 495 30.20 -20.17 -71.76
C PRO F 495 31.34 -20.11 -70.76
N THR F 496 32.50 -19.65 -71.23
CA THR F 496 33.70 -19.58 -70.39
C THR F 496 33.60 -18.44 -69.40
N THR F 497 32.90 -17.36 -69.76
CA THR F 497 32.76 -16.22 -68.87
C THR F 497 31.98 -16.58 -67.60
N LYS F 498 31.30 -17.73 -67.58
CA LYS F 498 30.55 -18.18 -66.42
C LYS F 498 31.35 -19.12 -65.54
N ILE F 499 32.38 -19.75 -66.08
CA ILE F 499 33.24 -20.68 -65.34
C ILE F 499 34.16 -19.91 -64.41
N PRO F 500 34.26 -20.27 -63.14
CA PRO F 500 35.19 -19.59 -62.24
C PRO F 500 36.64 -20.01 -62.48
N ASN F 501 37.55 -19.07 -62.22
CA ASN F 501 38.99 -19.30 -62.36
C ASN F 501 39.39 -20.45 -61.45
N PRO F 502 39.83 -21.58 -62.02
CA PRO F 502 40.16 -22.76 -61.18
C PRO F 502 41.24 -22.50 -60.13
N ARG F 503 42.00 -21.43 -60.30
CA ARG F 503 43.08 -21.08 -59.38
C ARG F 503 42.60 -21.00 -57.92
N PHE F 504 41.44 -20.37 -57.70
CA PHE F 504 40.97 -20.15 -56.33
C PHE F 504 40.52 -21.44 -55.64
N GLN F 505 39.57 -22.19 -56.21
CA GLN F 505 39.18 -23.43 -55.54
C GLN F 505 40.32 -24.44 -55.46
N ARG F 506 41.29 -24.38 -56.38
CA ARG F 506 42.42 -25.30 -56.24
C ARG F 506 43.29 -24.88 -55.06
N LEU F 507 43.50 -23.56 -54.92
CA LEU F 507 44.27 -23.05 -53.80
C LEU F 507 43.58 -23.37 -52.49
N PHE F 508 42.26 -23.14 -52.41
CA PHE F 508 41.51 -23.42 -51.19
C PHE F 508 41.59 -24.91 -50.84
N GLN F 509 41.49 -25.78 -51.86
CA GLN F 509 41.60 -27.21 -51.63
C GLN F 509 42.93 -27.57 -50.96
N CYS F 510 44.03 -27.10 -51.54
CA CYS F 510 45.36 -27.39 -50.99
C CYS F 510 45.56 -26.75 -49.61
N LEU F 511 45.12 -25.50 -49.44
CA LEU F 511 45.25 -24.81 -48.15
C LEU F 511 44.50 -25.57 -47.05
N LEU F 512 43.29 -26.04 -47.35
CA LEU F 512 42.53 -26.77 -46.35
C LEU F 512 43.18 -28.12 -46.07
N HIS F 513 43.63 -28.82 -47.12
CA HIS F 513 44.29 -30.11 -46.89
C HIS F 513 45.51 -29.97 -46.00
N ARG F 514 46.31 -28.91 -46.19
CA ARG F 514 47.47 -28.73 -45.33
C ARG F 514 47.07 -28.32 -43.92
N ALA F 515 45.99 -27.54 -43.78
CA ALA F 515 45.56 -27.15 -42.44
C ALA F 515 45.04 -28.33 -41.64
N LEU F 516 44.35 -29.26 -42.30
CA LEU F 516 43.78 -30.43 -41.64
C LEU F 516 44.69 -31.66 -41.68
N HIS F 517 45.40 -31.89 -42.78
CA HIS F 517 46.29 -33.05 -42.91
C HIS F 517 47.71 -32.57 -43.16
N PRO F 518 48.44 -32.22 -42.11
CA PRO F 518 49.81 -31.70 -42.27
C PRO F 518 50.78 -32.78 -42.68
N ARG F 519 50.55 -34.02 -42.26
CA ARG F 519 51.46 -35.12 -42.59
C ARG F 519 51.34 -35.52 -44.05
N GLU F 520 50.12 -35.54 -44.58
CA GLU F 520 49.88 -35.91 -45.96
C GLU F 520 50.36 -34.83 -46.94
N PRO F 521 50.85 -35.23 -48.12
CA PRO F 521 51.26 -34.25 -49.12
C PRO F 521 50.03 -33.67 -49.81
N LEU F 522 50.26 -32.65 -50.64
CA LEU F 522 49.17 -31.99 -51.34
C LEU F 522 48.33 -32.97 -52.18
N PRO F 523 47.01 -32.84 -52.15
CA PRO F 523 46.13 -33.75 -52.91
C PRO F 523 46.09 -33.35 -54.37
N PRO F 524 45.67 -34.26 -55.26
CA PRO F 524 45.58 -33.92 -56.68
C PRO F 524 44.35 -33.06 -57.00
N ILE F 525 44.37 -32.49 -58.21
CA ILE F 525 43.25 -31.67 -58.67
C ILE F 525 41.97 -32.49 -58.69
N GLN F 526 40.93 -31.98 -58.02
CA GLN F 526 39.65 -32.66 -57.98
C GLN F 526 39.08 -32.80 -59.39
N GLN F 527 38.58 -33.99 -59.71
CA GLN F 527 38.04 -34.32 -61.03
C GLN F 527 37.00 -33.31 -61.55
N HIS F 528 36.11 -32.81 -60.69
CA HIS F 528 35.11 -31.86 -61.19
C HIS F 528 35.74 -30.61 -61.79
N ILE F 529 36.94 -30.23 -61.32
CA ILE F 529 37.63 -29.08 -61.91
C ILE F 529 38.05 -29.40 -63.34
N TRP F 530 38.49 -30.64 -63.59
CA TRP F 530 38.86 -31.02 -64.94
C TRP F 530 37.61 -31.15 -65.80
N ASN F 531 36.52 -31.65 -65.21
CA ASN F 531 35.27 -31.81 -65.95
C ASN F 531 34.70 -30.46 -66.37
N MET F 532 34.81 -29.44 -65.51
CA MET F 532 34.28 -28.13 -65.84
C MET F 532 35.18 -27.38 -66.82
N LEU F 533 36.49 -27.70 -66.84
CA LEU F 533 37.35 -26.98 -67.78
C LEU F 533 37.31 -27.58 -69.18
N ASN F 534 37.01 -28.87 -69.31
CA ASN F 534 36.95 -29.50 -70.63
C ASN F 534 35.58 -29.29 -71.30
N PRO F 535 35.57 -29.25 -72.63
CA PRO F 535 34.31 -29.04 -73.37
C PRO F 535 33.32 -30.17 -73.16
N PRO F 536 32.03 -29.92 -73.48
CA PRO F 536 31.01 -30.96 -73.30
C PRO F 536 31.33 -32.25 -74.05
N ALA F 537 31.03 -33.38 -73.38
CA ALA F 537 31.29 -34.71 -73.91
C ALA F 537 30.82 -34.89 -75.36
N GLU F 538 29.69 -34.24 -75.72
CA GLU F 538 29.17 -34.36 -77.08
C GLU F 538 30.13 -33.78 -78.11
N VAL F 539 30.83 -32.70 -77.76
CA VAL F 539 31.78 -32.09 -78.69
C VAL F 539 33.01 -32.97 -78.83
N THR F 540 33.50 -33.51 -77.72
CA THR F 540 34.67 -34.38 -77.76
C THR F 540 34.40 -35.63 -78.57
N THR F 541 33.21 -36.22 -78.40
CA THR F 541 32.88 -37.42 -79.16
C THR F 541 32.70 -37.11 -80.64
N LYS F 542 32.00 -36.00 -80.94
CA LYS F 542 31.78 -35.61 -82.32
C LYS F 542 33.08 -35.36 -83.07
N SER F 543 34.06 -34.73 -82.41
CA SER F 543 35.34 -34.39 -83.05
C SER F 543 36.22 -35.60 -83.39
N GLN F 544 35.99 -36.76 -82.76
CA GLN F 544 36.83 -37.94 -82.99
C GLN F 544 37.06 -38.28 -84.46
N ILE F 545 35.98 -38.42 -85.23
CA ILE F 545 36.11 -38.81 -86.64
C ILE F 545 36.84 -37.75 -87.49
N PRO F 546 36.43 -36.48 -87.50
CA PRO F 546 37.17 -35.52 -88.33
C PRO F 546 38.59 -35.31 -87.87
N LEU F 547 38.87 -35.47 -86.58
CA LEU F 547 40.24 -35.32 -86.11
C LEU F 547 41.12 -36.44 -86.67
N SER F 548 40.59 -37.66 -86.71
CA SER F 548 41.33 -38.77 -87.29
C SER F 548 41.54 -38.55 -88.78
N LYS F 549 40.57 -37.96 -89.47
CA LYS F 549 40.74 -37.70 -90.89
C LYS F 549 41.78 -36.61 -91.16
N ILE F 550 41.79 -35.56 -90.33
CA ILE F 550 42.77 -34.48 -90.52
C ILE F 550 44.17 -34.93 -90.09
N LYS F 551 44.26 -35.90 -89.18
CA LYS F 551 45.58 -36.38 -88.78
C LYS F 551 46.32 -36.95 -89.99
N THR F 552 45.62 -37.79 -90.76
CA THR F 552 46.20 -38.40 -91.95
C THR F 552 46.37 -37.37 -93.08
N LEU F 553 45.38 -36.49 -93.24
CA LEU F 553 45.42 -35.47 -94.29
C LEU F 553 46.48 -34.39 -94.06
N PHE F 554 46.72 -34.03 -92.79
CA PHE F 554 47.68 -33.00 -92.41
C PHE F 554 48.96 -33.58 -91.84
N PRO F 555 50.05 -33.55 -92.60
CA PRO F 555 51.32 -34.12 -92.15
C PRO F 555 51.99 -33.25 -91.11
N LEU F 556 52.46 -33.90 -90.05
CA LEU F 556 53.10 -33.27 -88.91
C LEU F 556 54.42 -33.99 -88.68
N ILE F 557 55.49 -33.21 -88.54
CA ILE F 557 56.82 -33.76 -88.32
C ILE F 557 57.61 -32.81 -87.43
N GLU F 558 58.36 -33.39 -86.50
CA GLU F 558 59.17 -32.63 -85.59
C GLU F 558 60.52 -32.25 -86.21
N ALA F 559 61.05 -31.11 -85.79
CA ALA F 559 62.35 -30.64 -86.27
C ALA F 559 63.42 -31.12 -85.29
N LYS F 560 64.44 -31.81 -85.78
CA LYS F 560 65.57 -32.15 -84.89
C LYS F 560 66.89 -31.72 -85.48
N ARG I 1 64.22 -15.45 -97.02
CA ARG I 1 62.88 -15.46 -97.59
C ARG I 1 62.55 -14.09 -98.19
N ARG I 2 61.28 -13.69 -98.09
CA ARG I 2 60.86 -12.38 -98.55
C ARG I 2 61.16 -11.32 -97.49
N ARG I 3 61.87 -10.26 -97.90
CA ARG I 3 62.38 -9.24 -96.98
C ARG I 3 62.51 -7.90 -97.71
N CYS I 4 61.36 -7.28 -98.02
CA CYS I 4 61.36 -5.98 -98.68
C CYS I 4 61.03 -4.89 -97.66
N PRO I 5 61.93 -3.94 -97.43
CA PRO I 5 61.62 -2.85 -96.48
C PRO I 5 60.41 -2.01 -96.88
N GLY I 6 60.15 -1.82 -98.17
CA GLY I 6 59.00 -1.01 -98.57
C GLY I 6 59.16 0.43 -98.13
N GLU I 7 58.20 0.90 -97.33
CA GLU I 7 58.20 2.27 -96.81
C GLU I 7 58.93 2.37 -95.47
N SER I 8 60.16 1.88 -95.48
CA SER I 8 61.05 1.98 -94.32
C SER I 8 61.83 3.27 -94.47
N LEU I 9 61.29 4.34 -93.90
CA LEU I 9 61.92 5.65 -93.93
C LEU I 9 63.21 5.61 -93.13
N ILE I 10 63.13 5.66 -91.80
CA ILE I 10 64.36 5.72 -90.99
C ILE I 10 64.94 4.32 -90.74
N ASN I 11 64.11 3.33 -90.41
CA ASN I 11 64.56 2.01 -90.02
C ASN I 11 64.07 0.92 -90.96
N PRO I 12 64.96 0.22 -91.66
CA PRO I 12 64.53 -0.78 -92.64
C PRO I 12 63.79 -1.94 -91.98
N GLY I 13 62.73 -2.40 -92.65
CA GLY I 13 61.82 -3.38 -92.09
C GLY I 13 60.74 -2.82 -91.18
N PHE I 14 60.61 -1.49 -91.12
CA PHE I 14 59.63 -0.82 -90.26
C PHE I 14 58.88 0.21 -91.09
N LYS I 15 57.59 -0.03 -91.30
CA LYS I 15 56.76 0.88 -92.09
C LYS I 15 56.60 2.22 -91.38
N SER I 16 56.74 3.30 -92.14
CA SER I 16 56.60 4.65 -91.62
C SER I 16 55.19 5.20 -91.87
N LYS I 17 54.70 6.00 -90.93
CA LYS I 17 53.34 6.51 -90.95
C LYS I 17 53.33 7.97 -90.49
N LYS I 18 52.23 8.67 -90.79
CA LYS I 18 52.11 10.08 -90.45
C LYS I 18 52.19 10.26 -88.93
N PRO I 19 52.90 11.28 -88.44
CA PRO I 19 53.12 11.43 -86.99
C PRO I 19 51.96 12.04 -86.21
N ALA I 20 50.97 12.65 -86.85
CA ALA I 20 49.92 13.36 -86.15
C ALA I 20 48.55 12.91 -86.66
N GLY I 21 47.51 13.52 -86.11
CA GLY I 21 46.14 13.24 -86.50
C GLY I 21 45.21 13.37 -85.30
N GLY I 22 43.92 13.53 -85.60
CA GLY I 22 42.91 13.61 -84.56
C GLY I 22 42.10 14.90 -84.54
N VAL I 23 42.48 15.94 -85.26
CA VAL I 23 41.77 17.21 -85.23
C VAL I 23 41.20 17.57 -86.59
N ASP I 24 41.12 16.61 -87.50
CA ASP I 24 40.55 16.83 -88.82
C ASP I 24 39.06 16.57 -88.77
N PHE I 25 38.27 17.65 -88.83
CA PHE I 25 36.81 17.54 -88.68
C PHE I 25 36.17 17.99 -89.98
N ASP I 26 35.32 17.15 -90.55
CA ASP I 26 34.52 17.56 -91.70
C ASP I 26 33.32 18.37 -91.23
N GLU I 27 33.00 19.42 -91.99
CA GLU I 27 31.97 20.38 -91.59
C GLU I 27 30.61 19.94 -92.13
N THR I 28 29.91 19.17 -91.31
CA THR I 28 28.56 18.70 -91.63
C THR I 28 27.54 19.84 -91.56
N SER J 33 -16.13 -28.14 -14.50
CA SER J 33 -15.19 -28.14 -13.38
C SER J 33 -13.82 -28.64 -13.85
N GLY J 34 -12.78 -28.38 -13.05
CA GLY J 34 -11.46 -28.87 -13.40
C GLY J 34 -10.43 -28.41 -12.39
N ARG J 35 -9.29 -29.11 -12.40
CA ARG J 35 -8.16 -28.83 -11.52
C ARG J 35 -7.26 -27.74 -12.12
N ASP J 36 -6.86 -26.77 -11.30
CA ASP J 36 -6.00 -25.70 -11.79
C ASP J 36 -4.53 -26.06 -11.62
N SER J 37 -3.71 -25.70 -12.63
CA SER J 37 -2.27 -25.99 -12.59
C SER J 37 -1.52 -24.68 -12.32
N LEU J 38 -0.62 -24.68 -11.35
CA LEU J 38 0.18 -23.50 -11.01
C LEU J 38 1.66 -23.90 -10.89
N ILE J 39 2.54 -23.25 -11.64
CA ILE J 39 3.98 -23.57 -11.62
C ILE J 39 4.73 -22.36 -11.10
N PHE J 40 5.53 -22.57 -10.06
CA PHE J 40 6.37 -21.52 -9.46
C PHE J 40 7.78 -21.59 -10.02
N LEU J 41 8.16 -20.59 -10.81
CA LEU J 41 9.48 -20.51 -11.44
C LEU J 41 10.35 -19.51 -10.66
N VAL J 42 11.46 -19.99 -10.10
CA VAL J 42 12.34 -19.16 -9.27
C VAL J 42 13.73 -19.03 -9.88
N ASP J 43 14.19 -17.79 -10.02
CA ASP J 43 15.52 -17.45 -10.51
C ASP J 43 16.57 -17.77 -9.45
N ALA J 44 17.67 -18.40 -9.86
CA ALA J 44 18.75 -18.76 -8.94
C ALA J 44 20.09 -18.15 -9.36
N SER J 45 20.03 -16.92 -9.90
CA SER J 45 21.22 -16.19 -10.31
C SER J 45 21.88 -15.48 -9.11
N LYS J 46 23.11 -15.03 -9.35
CA LYS J 46 23.92 -14.35 -8.33
C LYS J 46 23.16 -13.21 -7.63
N ALA J 47 22.37 -12.46 -8.40
CA ALA J 47 21.59 -11.33 -7.88
C ALA J 47 20.50 -11.72 -6.87
N MET J 48 19.93 -12.91 -7.02
CA MET J 48 18.84 -13.40 -6.16
C MET J 48 19.23 -13.66 -4.70
N PHE J 49 20.50 -13.88 -4.42
CA PHE J 49 21.06 -14.19 -3.11
C PHE J 49 21.60 -12.97 -2.38
N GLU J 50 21.30 -11.77 -2.87
CA GLU J 50 21.80 -10.54 -2.28
C GLU J 50 20.63 -9.91 -1.53
N SER J 51 20.85 -9.59 -0.24
CA SER J 51 19.82 -8.98 0.60
C SER J 51 19.79 -7.47 0.47
N GLN J 52 20.17 -6.96 -0.69
CA GLN J 52 20.25 -5.56 -1.07
C GLN J 52 20.49 -4.66 0.15
N SER J 53 21.54 -4.95 0.92
CA SER J 53 21.95 -4.22 2.12
C SER J 53 20.79 -3.81 3.03
N GLU J 54 19.85 -4.73 3.28
CA GLU J 54 18.70 -4.38 4.11
C GLU J 54 18.38 -5.51 5.06
N ASP J 55 17.42 -5.27 5.97
CA ASP J 55 16.96 -6.30 6.90
C ASP J 55 16.02 -7.30 6.23
N GLU J 56 15.53 -7.00 5.04
CA GLU J 56 14.66 -7.89 4.30
C GLU J 56 15.40 -9.11 3.81
N LEU J 57 14.65 -10.19 3.69
CA LEU J 57 15.19 -11.46 3.26
C LEU J 57 15.64 -11.30 1.81
N THR J 58 16.62 -12.10 1.41
CA THR J 58 17.06 -12.02 0.03
C THR J 58 15.90 -12.42 -0.87
N PRO J 59 15.83 -11.88 -2.09
CA PRO J 59 14.72 -12.22 -2.98
C PRO J 59 14.49 -13.72 -3.09
N PHE J 60 15.56 -14.51 -2.98
CA PHE J 60 15.40 -15.96 -3.01
C PHE J 60 14.66 -16.41 -1.75
N ASP J 61 15.11 -15.91 -0.59
CA ASP J 61 14.47 -16.25 0.68
C ASP J 61 13.00 -15.84 0.66
N MET J 62 12.73 -14.66 0.10
CA MET J 62 11.36 -14.17 -0.02
C MET J 62 10.53 -15.13 -0.84
N SER J 63 11.09 -15.59 -1.96
CA SER J 63 10.38 -16.51 -2.85
C SER J 63 10.07 -17.83 -2.16
N ILE J 64 11.11 -18.49 -1.62
CA ILE J 64 10.91 -19.76 -0.91
C ILE J 64 9.83 -19.66 0.17
N GLN J 65 9.86 -18.59 0.97
CA GLN J 65 8.84 -18.45 2.02
C GLN J 65 7.45 -18.21 1.44
N CYS J 66 7.37 -17.40 0.38
CA CYS J 66 6.09 -17.14 -0.26
C CYS J 66 5.49 -18.42 -0.82
N ILE J 67 6.33 -19.24 -1.47
CA ILE J 67 5.87 -20.50 -2.05
C ILE J 67 5.32 -21.39 -0.94
N GLN J 68 6.08 -21.54 0.15
CA GLN J 68 5.63 -22.35 1.28
C GLN J 68 4.28 -21.88 1.81
N SER J 69 4.11 -20.55 1.96
CA SER J 69 2.84 -20.00 2.44
C SER J 69 1.70 -20.36 1.49
N VAL J 70 1.94 -20.32 0.19
CA VAL J 70 0.89 -20.69 -0.76
C VAL J 70 0.54 -22.16 -0.60
N TYR J 71 1.55 -23.02 -0.50
CA TYR J 71 1.30 -24.45 -0.31
C TYR J 71 0.41 -24.73 0.91
N ILE J 72 0.73 -24.10 2.05
CA ILE J 72 -0.10 -24.31 3.24
C ILE J 72 -1.52 -23.78 3.01
N SER J 73 -1.65 -22.58 2.44
CA SER J 73 -2.98 -22.03 2.18
C SER J 73 -3.79 -22.96 1.26
N LYS J 74 -3.12 -23.56 0.27
CA LYS J 74 -3.80 -24.46 -0.66
C LYS J 74 -4.26 -25.71 0.07
N ILE J 75 -3.52 -26.14 1.09
CA ILE J 75 -3.95 -27.32 1.86
C ILE J 75 -5.15 -26.97 2.72
N ILE J 76 -5.11 -25.80 3.37
CA ILE J 76 -6.22 -25.36 4.21
C ILE J 76 -7.49 -25.19 3.37
N SER J 77 -7.41 -24.41 2.30
CA SER J 77 -8.59 -24.23 1.47
C SER J 77 -8.89 -25.54 0.75
N SER J 78 -10.14 -25.70 0.31
CA SER J 78 -10.53 -26.92 -0.37
C SER J 78 -10.48 -26.61 -1.86
N ASP J 79 -9.27 -26.72 -2.40
CA ASP J 79 -9.10 -26.47 -3.82
C ASP J 79 -8.10 -27.41 -4.45
N ARG J 80 -8.57 -28.01 -5.53
CA ARG J 80 -7.85 -28.99 -6.33
C ARG J 80 -6.80 -28.32 -7.20
N ASP J 81 -5.89 -27.60 -6.60
CA ASP J 81 -4.95 -26.93 -7.45
C ASP J 81 -3.67 -27.74 -7.34
N LEU J 82 -3.08 -27.95 -8.50
CA LEU J 82 -1.82 -28.71 -8.59
C LEU J 82 -0.66 -27.71 -8.67
N LEU J 83 0.33 -27.92 -7.85
CA LEU J 83 1.45 -27.00 -7.80
C LEU J 83 2.76 -27.66 -8.21
N ALA J 84 3.68 -26.80 -8.65
CA ALA J 84 5.00 -27.24 -9.06
C ALA J 84 6.01 -26.13 -8.76
N VAL J 85 7.25 -26.53 -8.49
CA VAL J 85 8.36 -25.63 -8.17
C VAL J 85 9.55 -25.95 -9.09
N VAL J 86 9.90 -25.00 -9.97
CA VAL J 86 10.99 -25.16 -10.92
C VAL J 86 12.00 -24.03 -10.73
N PHE J 87 13.28 -24.38 -10.73
CA PHE J 87 14.39 -23.45 -10.58
C PHE J 87 15.19 -23.40 -11.88
N TYR J 88 15.77 -22.23 -12.16
CA TYR J 88 16.61 -22.04 -13.33
C TYR J 88 17.86 -21.26 -12.97
N GLY J 89 18.93 -21.51 -13.72
CA GLY J 89 20.23 -20.90 -13.48
C GLY J 89 21.08 -21.65 -12.47
N THR J 90 20.78 -22.92 -12.21
CA THR J 90 21.50 -23.79 -11.32
C THR J 90 22.46 -24.68 -12.11
N GLU J 91 23.61 -24.99 -11.50
CA GLU J 91 24.57 -25.87 -12.17
C GLU J 91 23.98 -27.26 -12.36
N LYS J 92 23.42 -27.85 -11.30
CA LYS J 92 22.81 -29.18 -11.40
C LYS J 92 21.47 -29.06 -12.12
N ASP J 93 21.29 -29.83 -13.21
CA ASP J 93 20.05 -29.81 -13.96
C ASP J 93 19.34 -31.15 -13.85
N LYS J 94 18.06 -31.12 -13.50
CA LYS J 94 17.23 -32.33 -13.38
C LYS J 94 15.89 -32.07 -14.07
N ASN J 95 15.72 -32.50 -15.33
CA ASN J 95 14.44 -32.25 -15.99
C ASN J 95 14.19 -33.25 -17.12
N SER J 96 12.91 -33.32 -17.51
CA SER J 96 12.39 -34.24 -18.53
C SER J 96 13.27 -34.43 -19.76
N VAL J 97 13.68 -33.36 -20.41
CA VAL J 97 14.45 -33.47 -21.66
C VAL J 97 15.92 -33.11 -21.45
N ASN J 98 16.35 -33.12 -20.18
CA ASN J 98 17.71 -32.84 -19.76
C ASN J 98 18.29 -31.52 -20.27
N PHE J 99 17.50 -30.47 -20.16
CA PHE J 99 18.02 -29.16 -20.51
C PHE J 99 18.97 -28.61 -19.47
N LYS J 100 20.10 -28.12 -19.93
CA LYS J 100 21.11 -27.61 -19.01
C LYS J 100 20.58 -26.47 -18.15
N ASN J 101 20.94 -26.53 -16.86
CA ASN J 101 20.67 -25.52 -15.84
C ASN J 101 19.18 -25.35 -15.50
N ILE J 102 18.37 -26.41 -15.57
CA ILE J 102 16.97 -26.37 -15.18
C ILE J 102 16.67 -27.49 -14.20
N TYR J 103 16.35 -27.14 -12.94
CA TYR J 103 16.04 -28.11 -11.89
C TYR J 103 14.56 -28.06 -11.50
N VAL J 104 13.82 -29.10 -11.87
CA VAL J 104 12.40 -29.21 -11.51
C VAL J 104 12.34 -29.89 -10.15
N LEU J 105 12.24 -29.09 -9.09
CA LEU J 105 12.21 -29.64 -7.73
C LEU J 105 10.95 -30.46 -7.51
N GLN J 106 9.80 -29.92 -7.87
CA GLN J 106 8.52 -30.59 -7.70
C GLN J 106 7.69 -30.53 -8.98
N GLU J 107 7.22 -31.71 -9.39
CA GLU J 107 6.37 -31.85 -10.55
C GLU J 107 4.97 -31.31 -10.21
N LEU J 108 4.11 -31.21 -11.21
CA LEU J 108 2.76 -30.71 -10.95
C LEU J 108 1.99 -31.77 -10.17
N ASP J 109 1.69 -31.45 -8.91
CA ASP J 109 0.96 -32.39 -8.06
C ASP J 109 0.35 -31.61 -6.91
N ASN J 110 -0.60 -32.27 -6.24
CA ASN J 110 -1.28 -31.69 -5.08
C ASN J 110 -0.30 -31.30 -3.98
N PRO J 111 -0.65 -30.31 -3.16
CA PRO J 111 0.25 -29.90 -2.07
C PRO J 111 0.27 -30.94 -0.97
N GLY J 112 1.46 -31.16 -0.40
CA GLY J 112 1.63 -32.13 0.66
C GLY J 112 2.51 -31.61 1.78
N ALA J 113 2.46 -32.34 2.90
CA ALA J 113 3.26 -32.01 4.07
C ALA J 113 4.72 -32.22 3.77
N LYS J 114 5.01 -33.27 3.00
CA LYS J 114 6.37 -33.62 2.62
C LYS J 114 6.95 -32.59 1.65
N ARG J 115 6.11 -32.01 0.79
CA ARG J 115 6.55 -30.99 -0.15
C ARG J 115 6.94 -29.71 0.57
N ILE J 116 6.13 -29.30 1.55
CA ILE J 116 6.44 -28.12 2.34
C ILE J 116 7.69 -28.35 3.16
N LEU J 117 7.86 -29.58 3.67
CA LEU J 117 9.07 -29.89 4.41
C LEU J 117 10.30 -29.77 3.51
N GLU J 118 10.17 -30.18 2.24
CA GLU J 118 11.31 -30.06 1.33
C GLU J 118 11.65 -28.59 1.07
N LEU J 119 10.63 -27.73 0.92
CA LEU J 119 10.92 -26.30 0.72
C LEU J 119 11.51 -25.67 1.98
N ASP J 120 11.16 -26.18 3.16
CA ASP J 120 11.67 -25.61 4.41
C ASP J 120 13.18 -25.76 4.52
N GLN J 121 13.79 -26.68 3.76
CA GLN J 121 15.23 -26.86 3.79
C GLN J 121 15.98 -25.70 3.15
N PHE J 122 15.28 -24.82 2.43
CA PHE J 122 15.87 -23.66 1.76
C PHE J 122 15.47 -22.34 2.41
N LYS J 123 14.53 -22.38 3.37
CA LYS J 123 14.08 -21.19 4.08
C LYS J 123 15.14 -20.63 5.00
N GLY J 124 15.36 -19.31 4.92
CA GLY J 124 16.34 -18.65 5.77
C GLY J 124 17.74 -18.56 5.22
N GLN J 125 18.58 -17.94 6.05
CA GLN J 125 19.99 -17.74 5.74
C GLN J 125 20.72 -19.08 5.74
N GLN J 126 20.30 -19.99 6.63
CA GLN J 126 20.87 -21.33 6.70
C GLN J 126 20.36 -22.16 5.53
N GLY J 127 19.12 -21.90 5.11
CA GLY J 127 18.56 -22.58 3.96
C GLY J 127 19.22 -22.17 2.67
N GLN J 128 19.66 -20.90 2.57
CA GLN J 128 20.37 -20.49 1.37
C GLN J 128 21.65 -21.31 1.22
N LYS J 129 22.35 -21.54 2.33
CA LYS J 129 23.55 -22.37 2.30
C LYS J 129 23.20 -23.76 1.84
N ARG J 130 22.08 -24.29 2.33
CA ARG J 130 21.65 -25.63 1.95
C ARG J 130 21.35 -25.70 0.45
N PHE J 131 20.78 -24.62 -0.10
CA PHE J 131 20.51 -24.56 -1.54
C PHE J 131 21.79 -24.54 -2.35
N GLN J 132 22.71 -23.64 -2.00
CA GLN J 132 23.98 -23.56 -2.73
C GLN J 132 24.74 -24.88 -2.67
N ASP J 133 24.58 -25.64 -1.59
CA ASP J 133 25.29 -26.91 -1.49
C ASP J 133 24.62 -27.99 -2.34
N MET J 134 23.29 -28.12 -2.25
CA MET J 134 22.59 -29.14 -3.04
C MET J 134 22.73 -28.88 -4.54
N MET J 135 22.46 -27.66 -4.98
CA MET J 135 22.55 -27.31 -6.39
C MET J 135 23.28 -25.97 -6.53
N GLY J 136 23.88 -25.76 -7.70
CA GLY J 136 24.64 -24.54 -7.90
C GLY J 136 23.78 -23.31 -8.06
N HIS J 137 24.45 -22.21 -8.40
CA HIS J 137 23.79 -20.93 -8.58
C HIS J 137 24.61 -20.01 -9.47
N GLY J 138 23.93 -18.99 -10.01
CA GLY J 138 24.51 -17.99 -10.90
C GLY J 138 25.03 -18.51 -12.22
N SER J 139 24.51 -19.62 -12.70
CA SER J 139 24.93 -20.24 -13.96
C SER J 139 24.16 -19.66 -15.15
N ASP J 140 24.80 -19.67 -16.31
CA ASP J 140 24.16 -19.16 -17.52
C ASP J 140 22.96 -20.03 -17.89
N TYR J 141 21.81 -19.40 -18.03
CA TYR J 141 20.55 -20.05 -18.37
C TYR J 141 20.05 -19.57 -19.72
N SER J 142 18.89 -20.11 -20.13
CA SER J 142 18.24 -19.73 -21.38
C SER J 142 16.73 -19.76 -21.14
N LEU J 143 16.15 -18.58 -20.92
CA LEU J 143 14.72 -18.44 -20.64
C LEU J 143 13.83 -19.20 -21.63
N SER J 144 14.26 -19.32 -22.88
CA SER J 144 13.51 -20.07 -23.89
C SER J 144 13.35 -21.52 -23.46
N GLU J 145 14.47 -22.11 -23.03
CA GLU J 145 14.46 -23.49 -22.59
C GLU J 145 13.66 -23.65 -21.29
N VAL J 146 13.73 -22.65 -20.42
CA VAL J 146 13.00 -22.70 -19.15
C VAL J 146 11.50 -22.80 -19.43
N LEU J 147 10.98 -21.93 -20.29
CA LEU J 147 9.55 -22.03 -20.60
C LEU J 147 9.23 -23.33 -21.33
N TRP J 148 10.14 -23.87 -22.15
CA TRP J 148 9.86 -25.13 -22.83
C TRP J 148 9.66 -26.25 -21.81
N VAL J 149 10.55 -26.35 -20.82
CA VAL J 149 10.36 -27.37 -19.81
C VAL J 149 9.04 -27.16 -19.07
N CYS J 150 8.76 -25.91 -18.66
CA CYS J 150 7.49 -25.64 -17.98
C CYS J 150 6.27 -26.06 -18.81
N ALA J 151 6.23 -25.69 -20.09
CA ALA J 151 5.11 -26.09 -20.91
C ALA J 151 5.06 -27.61 -20.99
N ASN J 152 6.23 -28.23 -21.11
CA ASN J 152 6.24 -29.67 -21.16
C ASN J 152 5.75 -30.25 -19.85
N LEU J 153 5.83 -29.47 -18.75
CA LEU J 153 5.30 -29.99 -17.50
C LEU J 153 3.79 -29.97 -17.54
N PHE J 154 3.19 -28.99 -18.25
CA PHE J 154 1.74 -29.11 -18.21
C PHE J 154 1.29 -30.25 -19.12
N SER J 155 2.09 -30.52 -20.17
CA SER J 155 1.78 -31.59 -21.12
C SER J 155 1.49 -32.94 -20.48
N ASP J 156 2.25 -33.28 -19.43
CA ASP J 156 2.19 -34.54 -18.70
C ASP J 156 1.06 -34.64 -17.67
N VAL J 157 0.10 -33.72 -17.64
CA VAL J 157 -1.02 -33.84 -16.72
C VAL J 157 -2.20 -34.45 -17.47
N GLN J 158 -2.92 -35.35 -16.82
CA GLN J 158 -4.04 -36.04 -17.44
C GLN J 158 -5.39 -35.41 -17.12
N PHE J 159 -5.59 -34.94 -15.89
CA PHE J 159 -6.87 -34.32 -15.56
C PHE J 159 -6.97 -32.96 -16.23
N LYS J 160 -8.19 -32.60 -16.60
CA LYS J 160 -8.49 -31.34 -17.28
C LYS J 160 -7.98 -30.13 -16.51
N MET J 161 -7.06 -29.38 -17.14
CA MET J 161 -6.48 -28.18 -16.56
C MET J 161 -7.41 -26.99 -16.86
N SER J 162 -8.10 -26.49 -15.83
CA SER J 162 -8.96 -25.34 -16.04
C SER J 162 -8.14 -24.08 -16.30
N HIS J 163 -7.07 -23.87 -15.53
CA HIS J 163 -6.22 -22.70 -15.71
C HIS J 163 -4.76 -23.11 -15.66
N LYS J 164 -3.97 -22.64 -16.62
CA LYS J 164 -2.54 -22.92 -16.65
C LYS J 164 -1.84 -21.61 -16.33
N ARG J 165 -1.02 -21.60 -15.28
CA ARG J 165 -0.36 -20.38 -14.86
C ARG J 165 1.06 -20.58 -14.36
N ILE J 166 1.98 -19.73 -14.81
CA ILE J 166 3.39 -19.71 -14.42
C ILE J 166 3.68 -18.39 -13.72
N MET J 167 4.25 -18.46 -12.51
CA MET J 167 4.59 -17.28 -11.71
C MET J 167 6.12 -17.20 -11.60
N LEU J 168 6.72 -16.27 -12.34
CA LEU J 168 8.17 -16.08 -12.39
C LEU J 168 8.67 -15.13 -11.30
N PHE J 169 9.41 -15.68 -10.34
CA PHE J 169 10.00 -14.91 -9.24
C PHE J 169 11.43 -14.58 -9.65
N THR J 170 11.69 -13.32 -9.99
CA THR J 170 13.01 -12.91 -10.41
C THR J 170 13.24 -11.43 -10.10
N ASN J 171 14.51 -11.08 -9.93
CA ASN J 171 14.92 -9.71 -9.68
C ASN J 171 15.75 -9.16 -10.83
N GLU J 172 15.87 -9.88 -11.94
CA GLU J 172 16.63 -9.44 -13.10
C GLU J 172 15.63 -8.81 -14.06
N ASP J 173 15.68 -7.49 -14.17
CA ASP J 173 14.75 -6.75 -15.03
C ASP J 173 15.05 -6.93 -16.51
N ASN J 174 16.30 -7.15 -16.89
CA ASN J 174 16.67 -7.34 -18.29
C ASN J 174 17.60 -8.54 -18.43
N PRO J 175 17.07 -9.77 -18.31
CA PRO J 175 17.92 -10.95 -18.52
C PRO J 175 18.22 -11.12 -20.00
N HIS J 176 19.42 -11.62 -20.28
CA HIS J 176 19.89 -11.78 -21.66
C HIS J 176 19.90 -10.44 -22.41
N GLY J 177 20.34 -9.41 -21.69
CA GLY J 177 20.46 -8.09 -22.29
C GLY J 177 21.65 -8.13 -23.21
N ASN J 178 22.63 -8.96 -22.84
CA ASN J 178 23.85 -9.17 -23.60
C ASN J 178 23.63 -10.17 -24.73
N ASP J 179 22.84 -11.22 -24.50
CA ASP J 179 22.57 -12.24 -25.52
C ASP J 179 21.29 -11.87 -26.26
N SER J 180 21.42 -11.51 -27.53
CA SER J 180 20.25 -11.16 -28.33
C SER J 180 19.43 -12.38 -28.73
N ALA J 181 20.10 -13.48 -29.08
CA ALA J 181 19.40 -14.69 -29.50
C ALA J 181 18.54 -15.28 -28.38
N LYS J 182 19.11 -15.43 -27.18
CA LYS J 182 18.33 -15.99 -26.08
C LYS J 182 17.11 -15.12 -25.78
N ALA J 183 17.27 -13.79 -25.86
CA ALA J 183 16.17 -12.88 -25.58
C ALA J 183 15.05 -12.99 -26.60
N SER J 184 15.38 -13.05 -27.90
CA SER J 184 14.32 -13.14 -28.90
C SER J 184 13.65 -14.51 -28.86
N ARG J 185 14.42 -15.58 -28.65
CA ARG J 185 13.82 -16.90 -28.55
C ARG J 185 12.87 -16.97 -27.35
N ALA J 186 13.26 -16.33 -26.25
CA ALA J 186 12.39 -16.32 -25.08
C ALA J 186 11.10 -15.55 -25.37
N ARG J 187 11.20 -14.43 -26.11
CA ARG J 187 10.00 -13.67 -26.45
C ARG J 187 9.06 -14.51 -27.32
N THR J 188 9.64 -15.30 -28.22
CA THR J 188 8.87 -16.16 -29.12
C THR J 188 8.16 -17.27 -28.34
N LYS J 189 8.89 -17.95 -27.46
CA LYS J 189 8.28 -19.01 -26.67
C LYS J 189 7.23 -18.45 -25.72
N ALA J 190 7.41 -17.22 -25.24
CA ALA J 190 6.37 -16.62 -24.41
C ALA J 190 5.10 -16.43 -25.22
N GLY J 191 5.27 -16.02 -26.48
CA GLY J 191 4.11 -15.89 -27.35
C GLY J 191 3.44 -17.24 -27.57
N ASP J 192 4.24 -18.28 -27.82
CA ASP J 192 3.69 -19.62 -28.01
C ASP J 192 2.91 -20.07 -26.78
N LEU J 193 3.38 -19.72 -25.58
CA LEU J 193 2.66 -20.09 -24.37
C LEU J 193 1.34 -19.34 -24.27
N ARG J 194 1.35 -18.03 -24.55
CA ARG J 194 0.10 -17.27 -24.46
C ARG J 194 -0.93 -17.79 -25.46
N ASP J 195 -0.49 -18.21 -26.65
CA ASP J 195 -1.41 -18.78 -27.63
C ASP J 195 -1.95 -20.13 -27.20
N THR J 196 -1.27 -20.81 -26.27
CA THR J 196 -1.73 -22.10 -25.77
C THR J 196 -2.82 -21.92 -24.71
N GLY J 197 -2.71 -20.88 -23.89
CA GLY J 197 -3.68 -20.62 -22.83
C GLY J 197 -3.03 -20.53 -21.46
N ILE J 198 -1.71 -20.53 -21.45
CA ILE J 198 -0.91 -20.44 -20.23
C ILE J 198 -0.75 -18.97 -19.83
N PHE J 199 -1.01 -18.67 -18.55
CA PHE J 199 -0.88 -17.31 -18.03
C PHE J 199 0.54 -17.11 -17.53
N LEU J 200 1.14 -15.96 -17.87
CA LEU J 200 2.49 -15.62 -17.42
C LEU J 200 2.43 -14.36 -16.57
N ASP J 201 2.68 -14.51 -15.27
CA ASP J 201 2.65 -13.42 -14.30
C ASP J 201 4.02 -13.22 -13.68
N LEU J 202 4.47 -11.96 -13.64
CA LEU J 202 5.77 -11.59 -13.11
C LEU J 202 5.76 -11.23 -11.63
N MET J 203 6.72 -11.79 -10.88
CA MET J 203 6.89 -11.50 -9.46
C MET J 203 8.25 -10.83 -9.28
N HIS J 204 8.44 -9.66 -9.91
CA HIS J 204 9.69 -8.92 -9.85
C HIS J 204 10.07 -8.56 -8.42
N LEU J 205 11.32 -8.82 -8.07
CA LEU J 205 11.89 -8.65 -6.74
C LEU J 205 12.86 -7.47 -6.75
N LYS J 206 13.16 -6.98 -5.54
CA LYS J 206 14.01 -5.81 -5.33
C LYS J 206 15.30 -5.87 -6.13
N LYS J 207 15.51 -4.82 -6.92
CA LYS J 207 16.66 -4.68 -7.79
C LYS J 207 17.29 -3.31 -7.56
N PRO J 208 18.62 -3.23 -7.41
CA PRO J 208 19.28 -1.92 -7.24
C PRO J 208 18.96 -1.03 -8.43
N GLY J 209 18.36 0.12 -8.15
CA GLY J 209 17.97 1.02 -9.21
C GLY J 209 16.61 0.72 -9.79
N GLY J 210 15.76 0.02 -9.05
CA GLY J 210 14.43 -0.30 -9.51
C GLY J 210 14.38 -1.43 -10.52
N PHE J 211 13.17 -1.92 -10.73
CA PHE J 211 12.89 -2.98 -11.69
C PHE J 211 12.16 -2.34 -12.86
N ASP J 212 12.67 -2.58 -14.06
CA ASP J 212 12.09 -2.02 -15.28
C ASP J 212 11.40 -3.11 -16.09
N ILE J 213 10.12 -2.87 -16.40
CA ILE J 213 9.35 -3.81 -17.20
C ILE J 213 9.70 -3.59 -18.66
N SER J 214 9.95 -2.34 -19.05
CA SER J 214 10.27 -2.01 -20.44
C SER J 214 11.51 -2.76 -20.95
N LEU J 215 12.48 -3.03 -20.08
CA LEU J 215 13.68 -3.73 -20.54
C LEU J 215 13.34 -5.17 -20.92
N PHE J 216 12.63 -5.86 -20.03
CA PHE J 216 12.17 -7.21 -20.20
C PHE J 216 11.00 -7.39 -19.27
N TYR J 217 10.09 -8.30 -19.65
CA TYR J 217 8.89 -8.70 -18.94
C TYR J 217 7.67 -7.89 -19.43
N ARG J 218 7.87 -6.77 -20.13
CA ARG J 218 6.71 -5.98 -20.60
C ARG J 218 5.80 -6.74 -21.58
N ASP J 219 6.36 -7.39 -22.58
CA ASP J 219 5.61 -8.20 -23.56
C ASP J 219 5.44 -9.68 -23.23
N ILE J 220 6.40 -10.28 -22.52
CA ILE J 220 6.32 -11.70 -22.23
C ILE J 220 5.13 -11.99 -21.33
N ILE J 221 4.97 -11.23 -20.24
CA ILE J 221 3.87 -11.52 -19.34
C ILE J 221 2.56 -11.43 -20.12
N SER J 222 1.57 -12.22 -19.70
CA SER J 222 0.25 -12.22 -20.30
C SER J 222 -0.59 -11.09 -19.72
N ILE J 223 -1.03 -10.16 -20.57
CA ILE J 223 -1.85 -9.04 -20.14
C ILE J 223 -3.28 -9.28 -20.60
N ALA J 224 -4.23 -8.67 -19.89
CA ALA J 224 -5.64 -8.86 -20.18
C ALA J 224 -5.95 -8.40 -21.60
N GLU J 225 -6.70 -9.21 -22.33
CA GLU J 225 -6.97 -8.91 -23.74
C GLU J 225 -7.81 -7.65 -23.89
N ASP J 226 -8.59 -7.30 -22.88
CA ASP J 226 -9.34 -6.05 -22.87
C ASP J 226 -8.54 -4.97 -22.14
N GLU J 227 -7.36 -4.69 -22.72
CA GLU J 227 -6.36 -3.78 -22.15
C GLU J 227 -6.05 -4.10 -20.69
N ASP J 228 -6.32 -3.17 -19.79
CA ASP J 228 -5.97 -3.29 -18.38
C ASP J 228 -4.48 -3.57 -18.22
N LEU J 229 -3.66 -2.75 -18.86
CA LEU J 229 -2.22 -2.89 -18.88
C LEU J 229 -1.57 -1.96 -17.86
N ARG J 230 -0.33 -2.28 -17.50
CA ARG J 230 0.44 -1.56 -16.48
C ARG J 230 -0.23 -1.61 -15.11
N VAL J 231 -1.15 -2.55 -14.91
CA VAL J 231 -2.05 -2.61 -13.76
C VAL J 231 -1.44 -2.15 -12.45
N PHE J 233 1.38 -3.63 -11.55
CA PHE J 233 1.84 -3.86 -10.19
C PHE J 233 3.28 -3.34 -9.99
N GLU J 234 3.59 -2.86 -8.78
CA GLU J 234 4.93 -2.37 -8.44
C GLU J 234 5.86 -3.48 -7.95
N GLU J 235 7.16 -3.16 -7.93
CA GLU J 235 8.16 -4.13 -7.45
C GLU J 235 7.94 -4.47 -5.99
N SER J 236 8.07 -5.76 -5.68
CA SER J 236 7.89 -6.25 -4.33
C SER J 236 9.15 -6.11 -3.49
N SER J 237 9.01 -5.54 -2.30
CA SER J 237 10.12 -5.33 -1.38
C SER J 237 9.99 -6.15 -0.11
N LYS J 238 8.76 -6.37 0.36
CA LYS J 238 8.45 -7.14 1.55
C LYS J 238 7.77 -8.45 1.18
N LEU J 239 7.93 -9.45 2.06
CA LEU J 239 7.29 -10.74 1.83
C LEU J 239 5.77 -10.60 1.85
N GLU J 240 5.25 -9.74 2.73
CA GLU J 240 3.81 -9.50 2.82
C GLU J 240 3.26 -9.00 1.49
N ASP J 241 4.03 -8.17 0.78
CA ASP J 241 3.61 -7.65 -0.52
C ASP J 241 3.63 -8.73 -1.59
N LEU J 242 4.71 -9.53 -1.61
CA LEU J 242 4.79 -10.62 -2.58
C LEU J 242 3.62 -11.56 -2.39
N LEU J 243 3.40 -11.97 -1.15
CA LEU J 243 2.30 -12.86 -0.83
C LEU J 243 0.96 -12.27 -1.23
N ARG J 244 0.77 -10.95 -1.06
CA ARG J 244 -0.50 -10.37 -1.45
C ARG J 244 -0.68 -10.37 -2.98
N LYS J 245 0.38 -10.13 -3.75
CA LYS J 245 0.22 -10.16 -5.21
C LYS J 245 0.03 -11.60 -5.73
N VAL J 246 0.78 -12.53 -5.14
CA VAL J 246 0.69 -13.93 -5.51
C VAL J 246 -0.69 -14.47 -5.20
N ARG J 247 -1.14 -14.26 -3.96
CA ARG J 247 -2.46 -14.71 -3.59
C ARG J 247 -3.55 -13.94 -4.32
N ALA J 248 -3.29 -12.75 -4.88
CA ALA J 248 -4.40 -12.15 -5.60
C ALA J 248 -4.57 -12.90 -6.91
N LYS J 249 -3.51 -13.07 -7.69
CA LYS J 249 -3.73 -13.85 -8.91
C LYS J 249 -3.67 -15.37 -8.63
N GLU J 250 -3.76 -15.77 -7.36
CA GLU J 250 -3.65 -17.18 -7.00
C GLU J 250 -4.74 -18.01 -7.66
N THR J 251 -5.98 -17.70 -7.35
CA THR J 251 -7.08 -18.49 -7.86
C THR J 251 -8.00 -17.62 -8.70
N ARG J 252 -8.40 -18.21 -9.80
CA ARG J 252 -9.33 -17.61 -10.73
C ARG J 252 -10.68 -17.35 -10.08
N LYS J 253 -11.26 -16.23 -10.45
CA LYS J 253 -12.54 -15.84 -9.90
C LYS J 253 -13.52 -16.99 -10.11
N ARG J 254 -14.14 -17.39 -9.01
CA ARG J 254 -15.11 -18.47 -9.00
C ARG J 254 -16.45 -17.91 -8.57
N ALA J 255 -17.35 -17.79 -9.53
CA ALA J 255 -18.66 -17.22 -9.25
C ALA J 255 -19.56 -18.20 -8.52
N LEU J 256 -20.07 -17.72 -7.38
CA LEU J 256 -21.00 -18.48 -6.55
C LEU J 256 -22.28 -18.76 -7.31
N SER J 257 -22.74 -17.79 -8.09
CA SER J 257 -23.95 -18.03 -8.88
C SER J 257 -24.02 -17.03 -10.02
N ARG J 258 -24.73 -17.42 -11.09
CA ARG J 258 -24.93 -16.50 -12.20
C ARG J 258 -26.42 -16.21 -12.31
N LEU J 259 -26.83 -15.00 -11.95
CA LEU J 259 -28.24 -14.64 -11.92
C LEU J 259 -28.56 -13.53 -12.90
N LYS J 260 -29.85 -13.36 -13.15
CA LYS J 260 -30.37 -12.30 -14.01
C LYS J 260 -30.78 -11.10 -13.16
N LEU J 261 -30.25 -9.92 -13.50
CA LEU J 261 -30.58 -8.65 -12.87
C LEU J 261 -31.59 -7.94 -13.78
N LYS J 262 -32.86 -8.08 -13.43
CA LYS J 262 -33.96 -7.55 -14.24
C LYS J 262 -34.30 -6.10 -13.84
N LEU J 263 -33.82 -5.14 -14.64
CA LEU J 263 -34.14 -3.73 -14.40
C LEU J 263 -35.63 -3.49 -14.58
N ASN J 264 -36.21 -4.15 -15.58
CA ASN J 264 -37.61 -4.05 -15.98
C ASN J 264 -37.92 -5.31 -16.75
N LYS J 265 -39.22 -5.57 -16.96
CA LYS J 265 -39.64 -6.76 -17.70
C LYS J 265 -38.82 -6.99 -18.97
N ASP J 266 -38.41 -5.91 -19.63
CA ASP J 266 -37.68 -6.06 -20.88
C ASP J 266 -36.18 -5.84 -20.76
N ILE J 267 -35.73 -5.01 -19.82
CA ILE J 267 -34.30 -4.73 -19.60
C ILE J 267 -33.73 -5.70 -18.56
N VAL J 268 -33.03 -6.74 -19.02
CA VAL J 268 -32.47 -7.76 -18.13
C VAL J 268 -30.99 -7.94 -18.49
N ILE J 269 -30.11 -7.69 -17.52
CA ILE J 269 -28.67 -7.91 -17.68
C ILE J 269 -28.30 -9.12 -16.83
N SER J 270 -27.16 -9.74 -17.15
CA SER J 270 -26.70 -10.91 -16.40
C SER J 270 -25.53 -10.57 -15.49
N VAL J 271 -25.62 -10.96 -14.22
CA VAL J 271 -24.58 -10.67 -13.24
C VAL J 271 -24.12 -11.94 -12.52
N GLY J 272 -22.86 -11.91 -12.10
CA GLY J 272 -22.24 -12.98 -11.33
C GLY J 272 -22.09 -12.57 -9.87
N ILE J 273 -22.56 -13.43 -8.99
CA ILE J 273 -22.51 -13.25 -7.54
C ILE J 273 -21.31 -14.04 -7.01
N TYR J 274 -20.34 -13.30 -6.45
CA TYR J 274 -19.08 -13.79 -5.90
C TYR J 274 -19.01 -13.55 -4.41
N ASN J 275 -18.56 -14.56 -3.67
CA ASN J 275 -18.38 -14.46 -2.23
C ASN J 275 -16.93 -14.10 -1.94
N LEU J 276 -16.66 -12.81 -1.79
CA LEU J 276 -15.30 -12.33 -1.54
C LEU J 276 -14.85 -12.57 -0.10
N VAL J 277 -15.77 -12.90 0.80
CA VAL J 277 -15.43 -13.24 2.17
C VAL J 277 -16.25 -14.47 2.52
N GLN J 278 -15.58 -15.51 3.01
CA GLN J 278 -16.28 -16.74 3.38
C GLN J 278 -15.56 -17.45 4.51
N LYS J 279 -16.29 -17.67 5.59
CA LYS J 279 -15.82 -18.32 6.80
C LYS J 279 -15.18 -19.67 6.49
N ALA J 280 -13.88 -19.76 6.70
CA ALA J 280 -13.07 -20.96 6.49
C ALA J 280 -13.30 -21.90 7.67
N LEU J 281 -13.79 -23.10 7.39
CA LEU J 281 -14.14 -24.02 8.46
C LEU J 281 -13.26 -25.27 8.52
N LYS J 282 -13.32 -25.91 9.69
CA LYS J 282 -12.59 -27.15 9.95
C LYS J 282 -13.01 -28.23 8.95
N PRO J 283 -12.07 -28.85 8.24
CA PRO J 283 -12.47 -29.88 7.26
C PRO J 283 -13.23 -31.02 7.92
N PRO J 284 -14.26 -31.54 7.28
CA PRO J 284 -15.05 -32.64 7.86
C PRO J 284 -14.23 -33.92 7.91
N PRO J 285 -14.40 -34.76 8.93
CA PRO J 285 -13.61 -36.00 8.99
C PRO J 285 -14.08 -37.03 7.96
N ILE J 286 -13.16 -37.92 7.59
CA ILE J 286 -13.40 -39.00 6.64
C ILE J 286 -13.34 -40.35 7.34
N LYS J 287 -14.39 -41.15 7.19
CA LYS J 287 -14.45 -42.49 7.79
C LYS J 287 -13.59 -43.46 6.97
N LEU J 288 -12.54 -44.00 7.58
CA LEU J 288 -11.61 -44.90 6.93
C LEU J 288 -11.77 -46.34 7.46
N TYR J 289 -10.83 -47.21 7.08
CA TYR J 289 -10.78 -48.60 7.53
C TYR J 289 -9.51 -48.83 8.34
N ARG J 290 -9.61 -49.71 9.34
CA ARG J 290 -8.48 -49.96 10.24
C ARG J 290 -7.23 -50.51 9.56
N GLU J 291 -7.37 -51.33 8.51
CA GLU J 291 -6.18 -51.91 7.89
C GLU J 291 -5.75 -51.18 6.62
N THR J 292 -6.65 -51.04 5.66
CA THR J 292 -6.35 -50.40 4.38
C THR J 292 -6.22 -48.88 4.49
N ASN J 293 -6.96 -48.24 5.39
CA ASN J 293 -6.93 -46.78 5.54
C ASN J 293 -7.47 -46.05 4.31
N GLU J 294 -8.50 -46.64 3.67
CA GLU J 294 -9.20 -46.13 2.51
C GLU J 294 -10.57 -45.60 2.91
N PRO J 295 -11.10 -44.60 2.19
CA PRO J 295 -12.40 -44.01 2.57
C PRO J 295 -13.54 -45.01 2.46
N VAL J 296 -14.53 -44.82 3.35
CA VAL J 296 -15.72 -45.67 3.43
C VAL J 296 -16.96 -44.85 3.11
N LYS J 297 -17.74 -45.29 2.12
CA LYS J 297 -18.97 -44.60 1.72
C LYS J 297 -20.13 -44.96 2.63
N THR J 298 -20.85 -43.94 3.12
CA THR J 298 -21.99 -44.12 4.00
C THR J 298 -23.30 -43.98 3.24
N LYS J 299 -24.19 -44.97 3.35
CA LYS J 299 -25.51 -44.96 2.72
C LYS J 299 -26.59 -45.04 3.80
N THR J 300 -27.25 -43.90 4.05
CA THR J 300 -28.32 -43.82 5.04
C THR J 300 -29.65 -44.10 4.36
N ARG J 301 -30.14 -45.31 4.55
CA ARG J 301 -31.37 -45.83 3.96
C ARG J 301 -32.55 -45.68 4.91
N THR J 302 -33.66 -45.17 4.39
CA THR J 302 -34.90 -44.97 5.13
C THR J 302 -35.92 -45.99 4.63
N PHE J 303 -36.43 -46.81 5.54
CA PHE J 303 -37.40 -47.85 5.18
C PHE J 303 -38.42 -48.04 6.30
N ASN J 304 -39.48 -48.75 5.95
CA ASN J 304 -40.61 -49.04 6.82
C ASN J 304 -40.27 -49.99 7.97
N THR J 305 -41.09 -49.87 9.02
CA THR J 305 -41.03 -50.67 10.23
C THR J 305 -41.96 -51.88 10.11
N SER J 306 -43.17 -51.63 9.62
CA SER J 306 -44.19 -52.67 9.46
C SER J 306 -43.80 -53.66 8.36
N THR J 307 -43.28 -53.16 7.25
CA THR J 307 -42.90 -54.00 6.11
C THR J 307 -41.42 -54.35 6.07
N GLY J 308 -40.54 -53.39 6.33
CA GLY J 308 -39.11 -53.64 6.32
C GLY J 308 -38.40 -53.26 5.04
N GLY J 309 -39.14 -53.14 3.94
CA GLY J 309 -38.53 -52.79 2.67
C GLY J 309 -38.39 -51.29 2.46
N LEU J 310 -37.46 -50.94 1.57
CA LEU J 310 -37.22 -49.54 1.25
C LEU J 310 -38.49 -48.87 0.75
N LEU J 311 -38.82 -47.72 1.33
CA LEU J 311 -40.03 -46.99 0.98
C LEU J 311 -39.74 -45.92 -0.06
N LEU J 312 -40.64 -45.82 -1.04
CA LEU J 312 -40.51 -44.79 -2.06
C LEU J 312 -40.85 -43.43 -1.49
N PRO J 313 -40.26 -42.35 -2.02
CA PRO J 313 -40.60 -41.01 -1.53
C PRO J 313 -42.03 -40.58 -1.86
N SER J 314 -42.70 -41.25 -2.81
CA SER J 314 -44.08 -40.91 -3.13
C SER J 314 -45.03 -41.34 -2.01
N ASP J 315 -44.68 -42.42 -1.31
CA ASP J 315 -45.44 -42.98 -0.21
C ASP J 315 -45.25 -42.20 1.08
N THR J 316 -44.38 -41.19 1.07
CA THR J 316 -44.06 -40.39 2.24
C THR J 316 -44.75 -39.03 2.10
N LYS J 317 -45.16 -38.49 3.24
CA LYS J 317 -45.83 -37.20 3.36
C LYS J 317 -45.27 -36.43 4.54
N ARG J 318 -45.48 -35.11 4.54
CA ARG J 318 -44.98 -34.25 5.60
C ARG J 318 -46.16 -33.80 6.46
N SER J 319 -45.94 -33.78 7.76
CA SER J 319 -46.98 -33.44 8.74
C SER J 319 -46.50 -32.43 9.77
N GLN J 320 -47.45 -31.66 10.27
CA GLN J 320 -47.21 -30.68 11.34
C GLN J 320 -48.44 -30.73 12.25
N ILE J 321 -48.22 -31.02 13.52
CA ILE J 321 -49.29 -31.21 14.50
C ILE J 321 -49.37 -30.03 15.46
N TYR J 322 -50.52 -29.34 15.45
CA TYR J 322 -50.81 -28.21 16.33
C TYR J 322 -51.95 -28.62 17.27
N GLY J 323 -51.57 -28.95 18.51
CA GLY J 323 -52.50 -29.38 19.53
C GLY J 323 -53.03 -30.75 19.16
N SER J 324 -54.29 -30.78 18.74
CA SER J 324 -54.93 -32.01 18.31
C SER J 324 -54.97 -32.12 16.79
N ARG J 325 -55.05 -31.00 16.08
CA ARG J 325 -55.13 -31.01 14.63
C ARG J 325 -53.78 -31.34 13.99
N GLN J 326 -53.81 -32.16 12.94
CA GLN J 326 -52.63 -32.54 12.18
C GLN J 326 -52.79 -32.10 10.74
N ILE J 327 -51.90 -31.21 10.29
CA ILE J 327 -51.92 -30.69 8.93
C ILE J 327 -50.96 -31.51 8.08
N ILE J 328 -51.48 -32.04 6.97
CA ILE J 328 -50.75 -32.91 6.06
C ILE J 328 -50.47 -32.18 4.75
N LEU J 329 -49.19 -32.10 4.36
CA LEU J 329 -48.78 -31.50 3.10
C LEU J 329 -47.77 -32.39 2.39
N GLU J 330 -47.86 -32.40 1.06
CA GLU J 330 -46.94 -33.14 0.22
C GLU J 330 -45.63 -32.37 0.09
N LYS J 331 -44.56 -33.09 -0.29
CA LYS J 331 -43.26 -32.45 -0.47
C LYS J 331 -43.33 -31.33 -1.51
N GLU J 332 -44.16 -31.54 -2.53
CA GLU J 332 -44.34 -30.54 -3.56
C GLU J 332 -45.03 -29.32 -2.99
N GLU J 333 -46.03 -29.53 -2.13
CA GLU J 333 -46.75 -28.43 -1.52
C GLU J 333 -45.86 -27.66 -0.55
N THR J 334 -45.01 -28.39 0.19
CA THR J 334 -44.11 -27.72 1.13
C THR J 334 -43.13 -26.85 0.37
N GLU J 335 -42.82 -27.21 -0.87
CA GLU J 335 -41.93 -26.34 -1.64
C GLU J 335 -42.72 -25.25 -2.37
N GLU J 336 -43.95 -25.56 -2.78
CA GLU J 336 -44.81 -24.61 -3.49
C GLU J 336 -45.10 -23.37 -2.63
N LEU J 337 -45.30 -23.56 -1.32
CA LEU J 337 -45.55 -22.38 -0.50
C LEU J 337 -44.27 -21.57 -0.39
N LYS J 338 -43.14 -22.27 -0.46
CA LYS J 338 -41.82 -21.67 -0.43
C LYS J 338 -41.55 -20.94 -1.74
N ARG J 339 -42.18 -21.41 -2.82
CA ARG J 339 -41.98 -20.88 -4.18
C ARG J 339 -42.51 -19.47 -4.27
N PHE J 340 -41.85 -18.57 -3.55
CA PHE J 340 -42.17 -17.16 -3.59
C PHE J 340 -41.77 -16.58 -4.95
N ASP J 341 -40.50 -16.76 -5.30
CA ASP J 341 -39.91 -16.32 -6.56
C ASP J 341 -38.76 -17.25 -6.91
N ASP J 342 -38.41 -17.21 -8.17
CA ASP J 342 -37.37 -17.87 -8.94
C ASP J 342 -36.07 -17.06 -8.95
N PRO J 343 -34.94 -17.73 -9.22
CA PRO J 343 -33.63 -17.09 -9.14
C PRO J 343 -33.34 -15.86 -10.00
N GLY J 344 -32.86 -14.82 -9.32
CA GLY J 344 -32.45 -13.56 -9.92
C GLY J 344 -32.71 -12.36 -9.04
N LEU J 345 -32.26 -11.21 -9.55
CA LEU J 345 -32.37 -9.88 -8.93
C LEU J 345 -33.41 -8.97 -9.56
N MET J 346 -34.29 -8.38 -8.74
CA MET J 346 -35.32 -7.47 -9.23
C MET J 346 -35.07 -6.06 -8.70
N LEU J 347 -34.71 -5.13 -9.59
CA LEU J 347 -34.41 -3.75 -9.19
C LEU J 347 -35.64 -3.05 -8.64
N MET J 348 -35.56 -2.62 -7.37
CA MET J 348 -36.66 -1.90 -6.73
C MET J 348 -36.53 -0.40 -6.92
N GLY J 349 -35.32 0.13 -6.77
CA GLY J 349 -35.12 1.56 -6.95
C GLY J 349 -33.77 2.01 -6.43
N PHE J 350 -33.67 3.30 -6.11
CA PHE J 350 -32.39 3.85 -5.66
C PHE J 350 -32.55 4.62 -4.36
N LYS J 351 -31.98 4.07 -3.25
CA LYS J 351 -32.00 4.63 -1.90
C LYS J 351 -30.67 5.29 -1.55
N PRO J 352 -30.63 6.55 -1.11
CA PRO J 352 -29.34 7.16 -0.74
C PRO J 352 -28.66 6.39 0.39
N LEU J 353 -27.33 6.22 0.25
CA LEU J 353 -26.52 5.45 1.19
C LEU J 353 -26.72 5.82 2.66
N VAL J 354 -27.01 7.10 2.96
CA VAL J 354 -27.20 7.52 4.35
C VAL J 354 -28.34 6.76 5.02
N LEU J 355 -29.39 6.41 4.27
CA LEU J 355 -30.51 5.68 4.83
C LEU J 355 -30.16 4.24 5.21
N LEU J 356 -29.17 3.64 4.56
CA LEU J 356 -28.76 2.29 4.89
C LEU J 356 -27.96 2.33 6.20
N LYS J 357 -28.47 1.71 7.27
CA LYS J 357 -27.77 1.80 8.55
C LYS J 357 -26.71 0.72 8.73
N LYS J 358 -25.61 1.13 9.39
CA LYS J 358 -24.47 0.27 9.67
C LYS J 358 -24.77 -0.94 10.57
N HIS J 359 -25.66 -0.77 11.57
CA HIS J 359 -26.13 -1.83 12.47
C HIS J 359 -27.24 -2.78 11.98
N HIS J 360 -27.56 -2.82 10.70
CA HIS J 360 -28.62 -3.66 10.15
C HIS J 360 -28.10 -4.85 9.36
N TYR J 361 -26.94 -5.34 9.76
CA TYR J 361 -26.31 -6.50 9.13
C TYR J 361 -26.98 -7.79 9.58
N LEU J 362 -27.33 -8.62 8.60
CA LEU J 362 -28.04 -9.89 8.71
C LEU J 362 -27.16 -11.08 8.38
N ARG J 363 -26.55 -11.11 7.20
CA ARG J 363 -25.72 -12.21 6.75
C ARG J 363 -24.60 -11.60 5.91
N PRO J 364 -23.47 -12.32 5.71
CA PRO J 364 -22.34 -11.70 5.01
C PRO J 364 -22.64 -11.24 3.59
N SER J 365 -22.12 -10.05 3.29
CA SER J 365 -22.31 -9.39 2.01
C SER J 365 -21.65 -10.16 0.88
N LEU J 366 -22.19 -9.96 -0.33
CA LEU J 366 -21.68 -10.56 -1.55
C LEU J 366 -21.17 -9.47 -2.48
N PHE J 367 -20.56 -9.90 -3.59
CA PHE J 367 -20.02 -8.99 -4.59
C PHE J 367 -20.68 -9.27 -5.93
N VAL J 368 -21.24 -8.23 -6.53
CA VAL J 368 -21.93 -8.32 -7.82
C VAL J 368 -21.00 -7.77 -8.90
N TYR J 369 -20.77 -8.57 -9.93
CA TYR J 369 -19.92 -8.17 -11.05
C TYR J 369 -20.67 -8.62 -12.29
N PRO J 370 -20.56 -7.90 -13.40
CA PRO J 370 -21.33 -8.32 -14.58
C PRO J 370 -20.80 -9.62 -15.18
N GLU J 371 -21.67 -10.27 -15.97
CA GLU J 371 -21.37 -11.52 -16.66
C GLU J 371 -21.69 -11.38 -18.14
N GLU J 372 -20.73 -10.84 -18.90
CA GLU J 372 -20.91 -10.63 -20.32
C GLU J 372 -21.08 -11.95 -21.07
N SER J 373 -20.56 -13.04 -20.51
CA SER J 373 -20.67 -14.36 -21.14
C SER J 373 -22.11 -14.79 -21.36
N LEU J 374 -23.05 -14.37 -20.52
CA LEU J 374 -24.44 -14.79 -20.74
C LEU J 374 -25.23 -13.77 -21.56
N VAL J 375 -25.24 -12.51 -21.15
CA VAL J 375 -25.94 -11.45 -21.87
C VAL J 375 -24.92 -10.40 -22.29
N ILE J 376 -24.78 -10.23 -23.60
CA ILE J 376 -23.83 -9.29 -24.19
C ILE J 376 -24.38 -7.88 -24.12
N GLY J 377 -23.60 -6.98 -23.51
CA GLY J 377 -23.97 -5.59 -23.29
C GLY J 377 -24.28 -5.31 -21.83
N SER J 378 -24.17 -6.33 -20.98
CA SER J 378 -24.43 -6.18 -19.55
C SER J 378 -23.40 -5.26 -18.90
N SER J 379 -22.13 -5.50 -19.20
CA SER J 379 -21.02 -4.73 -18.63
C SER J 379 -21.15 -3.23 -18.88
N THR J 380 -21.64 -2.83 -20.06
CA THR J 380 -21.80 -1.41 -20.36
C THR J 380 -22.84 -0.76 -19.43
N LEU J 381 -24.01 -1.39 -19.30
CA LEU J 381 -25.03 -0.84 -18.42
C LEU J 381 -24.59 -0.90 -16.96
N PHE J 382 -23.87 -1.95 -16.59
CA PHE J 382 -23.35 -2.07 -15.24
C PHE J 382 -22.38 -0.94 -14.93
N SER J 383 -21.46 -0.66 -15.87
CA SER J 383 -20.50 0.42 -15.69
C SER J 383 -21.20 1.77 -15.57
N ALA J 384 -22.16 2.04 -16.45
CA ALA J 384 -22.92 3.30 -16.38
C ALA J 384 -23.65 3.43 -15.06
N LEU J 385 -24.24 2.34 -14.57
CA LEU J 385 -24.95 2.35 -13.29
C LEU J 385 -24.00 2.58 -12.13
N LEU J 386 -22.85 1.91 -12.12
CA LEU J 386 -21.88 2.09 -11.06
C LEU J 386 -21.37 3.52 -10.99
N ILE J 387 -21.00 4.07 -12.16
CA ILE J 387 -20.49 5.43 -12.22
C ILE J 387 -21.52 6.45 -11.74
N LYS J 388 -22.76 6.34 -12.22
CA LYS J 388 -23.75 7.32 -11.80
C LYS J 388 -24.21 7.11 -10.36
N CYS J 389 -24.14 5.88 -9.84
CA CYS J 389 -24.53 5.66 -8.46
C CYS J 389 -23.48 6.23 -7.53
N LEU J 390 -22.21 6.05 -7.86
CA LEU J 390 -21.16 6.65 -7.03
C LEU J 390 -21.28 8.17 -7.09
N GLU J 391 -21.53 8.73 -8.28
CA GLU J 391 -21.69 10.18 -8.40
C GLU J 391 -22.84 10.69 -7.53
N LYS J 392 -23.99 10.00 -7.55
CA LYS J 392 -25.13 10.46 -6.76
C LYS J 392 -25.12 9.93 -5.33
N GLU J 393 -24.16 9.10 -4.98
CA GLU J 393 -24.05 8.51 -3.65
C GLU J 393 -25.38 7.88 -3.21
N VAL J 394 -25.77 6.86 -4.00
CA VAL J 394 -27.04 6.16 -3.86
C VAL J 394 -26.81 4.68 -4.18
N ALA J 395 -27.55 3.80 -3.49
CA ALA J 395 -27.46 2.36 -3.69
C ALA J 395 -28.70 1.84 -4.41
N ALA J 396 -28.52 0.74 -5.17
CA ALA J 396 -29.61 0.14 -5.92
C ALA J 396 -30.31 -0.95 -5.11
N LEU J 397 -31.56 -0.68 -4.71
CA LEU J 397 -32.38 -1.62 -3.95
C LEU J 397 -33.02 -2.65 -4.87
N CYS J 398 -32.81 -3.94 -4.55
CA CYS J 398 -33.30 -5.10 -5.30
C CYS J 398 -34.01 -6.10 -4.39
N ARG J 399 -34.78 -7.01 -5.02
CA ARG J 399 -35.48 -8.13 -4.36
C ARG J 399 -34.77 -9.42 -4.78
N TYR J 400 -33.81 -9.85 -3.96
CA TYR J 400 -32.92 -10.98 -4.22
C TYR J 400 -33.59 -12.33 -3.92
N THR J 401 -33.60 -13.19 -4.94
CA THR J 401 -34.10 -14.56 -4.86
C THR J 401 -33.00 -15.48 -5.39
N PRO J 402 -32.25 -16.14 -4.50
CA PRO J 402 -31.11 -16.95 -4.96
C PRO J 402 -31.46 -18.22 -5.74
N ARG J 403 -32.47 -19.00 -5.34
CA ARG J 403 -32.77 -20.26 -6.05
C ARG J 403 -34.28 -20.41 -6.25
N ARG J 404 -34.64 -21.39 -7.09
CA ARG J 404 -36.06 -21.66 -7.32
C ARG J 404 -36.74 -22.05 -6.01
N ASN J 405 -38.01 -21.68 -5.91
CA ASN J 405 -38.81 -21.96 -4.73
C ASN J 405 -38.12 -21.47 -3.45
N ILE J 406 -37.75 -20.19 -3.43
CA ILE J 406 -37.08 -19.57 -2.28
C ILE J 406 -37.69 -18.20 -2.00
N PRO J 407 -37.98 -17.87 -0.73
CA PRO J 407 -38.56 -16.56 -0.43
C PRO J 407 -37.58 -15.43 -0.68
N PRO J 408 -38.06 -14.25 -1.08
CA PRO J 408 -37.16 -13.15 -1.43
C PRO J 408 -36.63 -12.43 -0.20
N TYR J 409 -35.60 -11.61 -0.44
CA TYR J 409 -34.99 -10.76 0.58
C TYR J 409 -34.55 -9.46 -0.06
N PHE J 410 -34.77 -8.33 0.62
CA PHE J 410 -34.35 -7.05 0.05
C PHE J 410 -32.87 -6.82 0.29
N VAL J 411 -32.13 -6.60 -0.81
CA VAL J 411 -30.70 -6.34 -0.75
C VAL J 411 -30.41 -4.97 -1.36
N ALA J 412 -29.32 -4.36 -0.91
CA ALA J 412 -28.89 -3.06 -1.40
C ALA J 412 -27.52 -3.18 -2.05
N LEU J 413 -27.46 -2.93 -3.37
CA LEU J 413 -26.22 -2.95 -4.13
C LEU J 413 -25.53 -1.60 -3.97
N VAL J 414 -24.56 -1.53 -3.06
CA VAL J 414 -23.80 -0.32 -2.75
C VAL J 414 -22.65 -0.16 -3.74
N PRO J 415 -22.56 0.97 -4.44
CA PRO J 415 -21.50 1.16 -5.45
C PRO J 415 -20.11 1.18 -4.82
N GLN J 416 -19.30 0.18 -5.20
CA GLN J 416 -17.94 -0.01 -4.71
C GLN J 416 -16.93 0.44 -5.76
N GLU J 417 -16.12 1.44 -5.43
CA GLU J 417 -15.10 1.95 -6.34
C GLU J 417 -13.81 1.15 -6.23
N GLU J 418 -13.07 1.13 -7.33
CA GLU J 418 -11.80 0.42 -7.38
C GLU J 418 -10.75 1.15 -6.55
N GLU J 419 -9.98 0.40 -5.78
CA GLU J 419 -8.94 0.98 -4.94
C GLU J 419 -7.69 0.14 -5.09
N LEU J 420 -6.56 0.80 -5.36
CA LEU J 420 -5.27 0.12 -5.51
C LEU J 420 -4.26 0.73 -4.54
N ASP J 421 -3.55 -0.13 -3.82
CA ASP J 421 -2.56 0.32 -2.84
C ASP J 421 -1.24 0.71 -3.54
N ASP J 422 -0.23 1.05 -2.73
CA ASP J 422 1.08 1.43 -3.26
C ASP J 422 1.75 0.31 -4.04
N GLN J 423 1.38 -0.95 -3.80
CA GLN J 423 1.96 -2.05 -4.56
C GLN J 423 1.17 -2.27 -5.83
N LYS J 424 0.18 -1.43 -6.07
CA LYS J 424 -0.69 -1.46 -7.23
C LYS J 424 -1.57 -2.71 -7.26
N ILE J 425 -1.86 -3.20 -6.06
CA ILE J 425 -2.70 -4.36 -5.83
C ILE J 425 -4.09 -3.85 -5.51
N GLN J 426 -5.08 -4.41 -6.20
CA GLN J 426 -6.50 -4.10 -6.12
C GLN J 426 -7.03 -4.41 -4.72
N VAL J 427 -7.14 -3.38 -3.89
CA VAL J 427 -7.61 -3.57 -2.52
C VAL J 427 -9.14 -3.68 -2.47
N THR J 428 -9.84 -3.01 -3.38
CA THR J 428 -11.30 -3.04 -3.49
C THR J 428 -11.65 -3.20 -4.95
N PRO J 429 -12.24 -4.32 -5.40
CA PRO J 429 -12.54 -4.44 -6.82
C PRO J 429 -13.74 -3.57 -7.15
N PRO J 430 -13.86 -3.14 -8.41
CA PRO J 430 -14.99 -2.29 -8.80
C PRO J 430 -16.26 -3.08 -9.14
N GLY J 431 -17.36 -2.68 -8.51
CA GLY J 431 -18.65 -3.30 -8.71
C GLY J 431 -19.60 -2.86 -7.59
N PHE J 432 -20.52 -3.76 -7.26
CA PHE J 432 -21.50 -3.50 -6.21
C PHE J 432 -21.41 -4.56 -5.13
N GLN J 433 -21.52 -4.10 -3.88
CA GLN J 433 -21.53 -4.95 -2.71
C GLN J 433 -22.99 -5.28 -2.38
N LEU J 434 -23.35 -6.55 -2.46
CA LEU J 434 -24.72 -6.97 -2.17
C LEU J 434 -24.89 -7.04 -0.65
N VAL J 435 -25.48 -5.99 -0.08
CA VAL J 435 -25.67 -5.85 1.37
C VAL J 435 -27.07 -6.37 1.73
N PHE J 436 -27.12 -7.47 2.50
CA PHE J 436 -28.38 -8.07 2.92
C PHE J 436 -29.09 -7.22 3.97
N LEU J 437 -30.37 -6.88 3.71
CA LEU J 437 -31.20 -6.09 4.61
C LEU J 437 -32.23 -6.94 5.33
N PRO J 438 -32.39 -6.73 6.63
CA PRO J 438 -33.34 -7.52 7.42
C PRO J 438 -34.78 -7.08 7.27
N PHE J 439 -35.68 -8.05 7.43
CA PHE J 439 -37.12 -7.81 7.45
C PHE J 439 -37.53 -7.41 8.86
N ALA J 440 -38.80 -7.00 9.01
CA ALA J 440 -39.31 -6.62 10.32
C ALA J 440 -39.11 -7.74 11.35
N ASP J 441 -39.17 -9.00 10.89
CA ASP J 441 -39.00 -10.14 11.77
C ASP J 441 -37.58 -10.26 12.31
N ASP J 442 -36.58 -9.90 11.51
CA ASP J 442 -35.18 -10.05 11.90
C ASP J 442 -34.73 -9.00 12.91
N LYS J 443 -35.44 -7.87 13.01
CA LYS J 443 -35.08 -6.85 13.99
C LYS J 443 -35.68 -7.27 15.32
N ARG J 444 -34.82 -7.53 16.29
CA ARG J 444 -35.20 -8.01 17.62
C ARG J 444 -35.46 -6.86 18.58
N LYS J 445 -36.47 -7.06 19.43
CA LYS J 445 -36.86 -6.07 20.41
C LYS J 445 -35.73 -5.74 21.37
N MET J 446 -35.70 -4.49 21.79
CA MET J 446 -34.63 -4.07 22.65
C MET J 446 -35.07 -3.79 24.09
N PRO J 447 -34.26 -4.23 25.09
CA PRO J 447 -34.55 -3.97 26.51
C PRO J 447 -34.36 -2.50 26.89
N PHE J 448 -35.45 -1.80 27.14
CA PHE J 448 -35.40 -0.36 27.43
C PHE J 448 -34.63 0.11 28.68
N THR J 449 -33.51 0.83 28.48
CA THR J 449 -32.68 1.33 29.57
C THR J 449 -32.68 2.86 29.58
N GLU J 450 -32.51 3.45 30.76
CA GLU J 450 -32.47 4.92 30.87
C GLU J 450 -31.13 5.50 30.42
N LYS J 451 -31.19 6.56 29.59
CA LYS J 451 -29.97 7.18 29.08
C LYS J 451 -29.29 7.95 30.20
N ILE J 452 -28.06 7.52 30.49
CA ILE J 452 -27.17 8.09 31.51
C ILE J 452 -25.92 8.53 30.77
N MET J 453 -25.72 9.84 30.68
CA MET J 453 -24.61 10.44 29.96
C MET J 453 -23.45 10.85 30.87
N ALA J 454 -22.23 10.52 30.44
CA ALA J 454 -21.02 10.85 31.19
C ALA J 454 -20.71 12.35 31.12
N THR J 455 -20.03 12.85 32.15
CA THR J 455 -19.65 14.25 32.18
C THR J 455 -18.50 14.50 31.19
N PRO J 456 -18.37 15.73 30.67
CA PRO J 456 -17.29 16.01 29.71
C PRO J 456 -15.88 15.75 30.24
N GLU J 457 -15.66 15.74 31.55
CA GLU J 457 -14.32 15.43 32.05
C GLU J 457 -14.04 13.95 31.83
N GLN J 458 -15.04 13.12 32.09
CA GLN J 458 -14.89 11.68 31.88
C GLN J 458 -14.76 11.38 30.39
N VAL J 459 -15.52 12.08 29.54
CA VAL J 459 -15.41 11.84 28.10
C VAL J 459 -14.06 12.27 27.54
N GLY J 460 -13.57 13.45 27.93
CA GLY J 460 -12.26 13.89 27.47
C GLY J 460 -11.20 12.93 27.94
N LYS J 461 -11.40 12.36 29.11
CA LYS J 461 -10.41 11.44 29.62
C LYS J 461 -10.46 10.10 28.85
N MET J 462 -11.68 9.62 28.46
CA MET J 462 -11.74 8.38 27.68
C MET J 462 -11.12 8.64 26.31
N LYS J 463 -11.23 9.88 25.83
CA LYS J 463 -10.59 10.30 24.60
C LYS J 463 -9.08 10.10 24.71
N ALA J 464 -8.51 10.44 25.88
CA ALA J 464 -7.06 10.23 26.05
C ALA J 464 -6.69 8.74 26.00
N ILE J 465 -7.52 7.86 26.59
CA ILE J 465 -7.19 6.42 26.48
C ILE J 465 -7.26 5.96 25.04
N VAL J 466 -8.29 6.37 24.32
CA VAL J 466 -8.42 5.95 22.92
C VAL J 466 -7.25 6.46 22.10
N GLU J 467 -6.92 7.74 22.24
CA GLU J 467 -5.80 8.31 21.49
C GLU J 467 -4.48 7.59 21.78
N LYS J 468 -4.29 7.10 23.01
CA LYS J 468 -3.03 6.41 23.30
C LYS J 468 -3.00 4.96 22.80
N LEU J 469 -4.14 4.28 22.75
CA LEU J 469 -4.21 2.91 22.26
C LEU J 469 -4.51 2.85 20.77
N ARG J 470 -4.33 3.95 20.06
CA ARG J 470 -4.58 4.01 18.63
C ARG J 470 -3.68 3.04 17.87
N PHE J 471 -4.27 2.33 16.91
CA PHE J 471 -3.53 1.38 16.07
C PHE J 471 -4.19 1.31 14.70
N THR J 472 -3.45 0.70 13.75
CA THR J 472 -3.85 0.54 12.36
C THR J 472 -4.42 -0.85 12.09
N TYR J 473 -5.70 -0.91 11.74
CA TYR J 473 -6.40 -2.16 11.46
C TYR J 473 -6.22 -2.60 10.01
N ARG J 474 -5.90 -3.88 9.84
CA ARG J 474 -5.80 -4.56 8.56
C ARG J 474 -6.76 -5.74 8.56
N SER J 475 -7.34 -6.03 7.40
CA SER J 475 -8.27 -7.16 7.32
C SER J 475 -7.57 -8.47 7.64
N ASP J 476 -6.29 -8.58 7.27
CA ASP J 476 -5.47 -9.77 7.52
C ASP J 476 -4.67 -9.67 8.82
N SER J 477 -5.08 -8.82 9.75
CA SER J 477 -4.33 -8.68 11.00
C SER J 477 -4.40 -9.93 11.86
N PHE J 478 -5.50 -10.67 11.85
CA PHE J 478 -5.65 -11.81 12.73
C PHE J 478 -5.89 -13.11 11.97
N GLU J 479 -5.35 -14.18 12.52
CA GLU J 479 -5.49 -15.53 12.01
C GLU J 479 -6.41 -16.32 12.93
N ASN J 480 -7.24 -17.18 12.35
CA ASN J 480 -8.16 -18.02 13.12
C ASN J 480 -7.35 -18.96 14.00
N PRO J 481 -7.41 -18.81 15.32
CA PRO J 481 -6.59 -19.69 16.18
C PRO J 481 -7.04 -21.12 16.15
N VAL J 482 -8.34 -21.36 15.92
CA VAL J 482 -8.83 -22.73 15.84
C VAL J 482 -8.24 -23.39 14.61
N LEU J 483 -8.29 -22.70 13.47
CA LEU J 483 -7.75 -23.25 12.23
C LEU J 483 -6.23 -23.35 12.32
N GLN J 484 -5.56 -22.29 12.77
CA GLN J 484 -4.11 -22.34 12.88
C GLN J 484 -3.69 -23.52 13.75
N GLN J 485 -4.41 -23.75 14.85
CA GLN J 485 -4.09 -24.89 15.71
C GLN J 485 -4.45 -26.21 15.05
N HIS J 486 -5.60 -26.27 14.36
CA HIS J 486 -6.02 -27.49 13.69
C HIS J 486 -5.00 -27.93 12.64
N PHE J 487 -4.56 -27.01 11.79
CA PHE J 487 -3.57 -27.37 10.78
C PHE J 487 -2.16 -27.50 11.35
N ARG J 488 -1.84 -26.84 12.47
CA ARG J 488 -0.54 -27.04 13.08
C ARG J 488 -0.49 -28.43 13.70
N ASN J 489 -1.64 -28.86 14.21
CA ASN J 489 -1.78 -30.18 14.79
C ASN J 489 -1.70 -31.23 13.69
N LEU J 490 -2.41 -31.01 12.58
CA LEU J 490 -2.34 -31.99 11.49
C LEU J 490 -0.96 -32.05 10.86
N GLU J 491 -0.27 -30.91 10.74
CA GLU J 491 1.08 -30.94 10.18
C GLU J 491 1.98 -31.75 11.08
N ALA J 492 1.93 -31.47 12.39
CA ALA J 492 2.76 -32.19 13.34
C ALA J 492 2.40 -33.67 13.39
N LEU J 493 1.13 -34.04 13.29
CA LEU J 493 0.87 -35.47 13.30
C LEU J 493 1.40 -36.12 12.02
N ALA J 494 1.29 -35.45 10.86
CA ALA J 494 1.87 -36.12 9.69
C ALA J 494 3.40 -36.13 9.76
N LEU J 495 4.00 -35.04 10.24
CA LEU J 495 5.45 -34.96 10.42
C LEU J 495 5.66 -35.41 11.86
N ASP J 496 5.85 -36.71 12.12
CA ASP J 496 6.03 -37.01 13.54
C ASP J 496 7.31 -36.48 14.16
N LEU J 497 7.96 -35.53 13.49
CA LEU J 497 9.13 -34.90 14.05
C LEU J 497 8.63 -33.79 14.93
N MET J 498 8.01 -32.82 14.27
CA MET J 498 7.43 -31.69 14.94
C MET J 498 6.32 -32.26 15.82
N GLU J 499 6.30 -31.86 17.10
CA GLU J 499 5.29 -32.32 18.04
C GLU J 499 4.16 -31.38 17.70
N PRO J 500 2.95 -31.49 18.27
CA PRO J 500 1.98 -30.49 17.84
C PRO J 500 2.15 -29.18 18.60
N GLU J 501 2.08 -28.11 17.80
CA GLU J 501 2.18 -26.67 18.06
C GLU J 501 0.96 -25.97 18.67
N GLN J 502 0.99 -25.58 19.95
CA GLN J 502 -0.17 -24.90 20.51
C GLN J 502 0.00 -23.45 20.05
N ALA J 503 -0.81 -23.06 19.07
CA ALA J 503 -0.75 -21.74 18.46
C ALA J 503 -1.36 -20.72 19.39
N VAL J 504 -0.57 -19.71 19.72
CA VAL J 504 -1.00 -18.63 20.59
C VAL J 504 -2.07 -17.82 19.89
N ASP J 505 -3.15 -17.55 20.60
CA ASP J 505 -4.27 -16.80 20.07
C ASP J 505 -3.86 -15.37 19.78
N LEU J 506 -3.88 -15.02 18.49
CA LEU J 506 -3.50 -13.72 17.97
C LEU J 506 -4.59 -12.70 18.24
N THR J 507 -5.81 -13.17 18.47
CA THR J 507 -6.95 -12.33 18.76
C THR J 507 -6.89 -11.72 20.16
N LEU J 508 -5.96 -12.22 21.03
CA LEU J 508 -5.79 -11.69 22.38
C LEU J 508 -4.92 -10.42 22.41
N PRO J 509 -5.33 -9.42 23.21
CA PRO J 509 -4.57 -8.17 23.30
C PRO J 509 -3.29 -8.28 24.13
N LYS J 510 -2.30 -7.46 23.75
CA LYS J 510 -1.01 -7.37 24.44
C LYS J 510 -1.16 -6.59 25.76
N VAL J 511 -1.78 -7.24 26.74
CA VAL J 511 -2.09 -6.68 28.06
C VAL J 511 -0.94 -5.85 28.62
N GLU J 512 0.25 -6.44 28.72
CA GLU J 512 1.39 -5.72 29.30
C GLU J 512 1.75 -4.48 28.49
N ALA J 513 1.67 -4.57 27.16
CA ALA J 513 1.97 -3.41 26.30
C ALA J 513 0.95 -2.31 26.52
N MET J 514 -0.31 -2.68 26.72
CA MET J 514 -1.35 -1.70 26.95
C MET J 514 -1.12 -1.02 28.30
N ASN J 515 -0.68 -1.79 29.30
CA ASN J 515 -0.39 -1.21 30.60
C ASN J 515 0.80 -0.27 30.47
N LYS J 516 1.68 -0.57 29.52
CA LYS J 516 2.83 0.28 29.24
C LYS J 516 2.39 1.57 28.58
N ARG J 517 1.46 1.47 27.64
CA ARG J 517 0.93 2.64 26.95
C ARG J 517 0.19 3.57 27.90
N LEU J 518 -0.58 3.02 28.83
CA LEU J 518 -1.35 3.81 29.79
C LEU J 518 -1.11 3.31 31.22
N GLY J 519 -0.35 4.07 32.01
CA GLY J 519 -0.16 3.66 33.40
C GLY J 519 -0.89 4.52 34.40
N SER J 520 -0.58 5.82 34.37
CA SER J 520 -1.20 6.79 35.28
C SER J 520 -2.65 7.02 34.92
N LEU J 521 -2.90 7.13 33.61
CA LEU J 521 -4.21 7.44 33.05
C LEU J 521 -5.28 6.45 33.52
N VAL J 522 -4.93 5.16 33.59
CA VAL J 522 -5.89 4.15 34.00
C VAL J 522 -6.35 4.37 35.43
N ASP J 523 -5.41 4.56 36.35
CA ASP J 523 -5.78 4.81 37.75
C ASP J 523 -6.52 6.14 37.88
N GLU J 524 -6.16 7.12 37.05
CA GLU J 524 -6.83 8.40 37.13
C GLU J 524 -8.31 8.32 36.70
N PHE J 525 -8.60 7.64 35.61
CA PHE J 525 -10.00 7.54 35.20
C PHE J 525 -10.78 6.66 36.13
N LYS J 526 -10.17 5.53 36.49
CA LYS J 526 -10.83 4.63 37.42
C LYS J 526 -11.20 5.40 38.67
N GLU J 527 -10.32 6.32 39.12
CA GLU J 527 -10.62 7.15 40.29
C GLU J 527 -11.76 8.12 40.02
N LEU J 528 -11.88 8.63 38.79
CA LEU J 528 -12.92 9.60 38.48
C LEU J 528 -14.33 8.98 38.38
N VAL J 529 -14.47 7.78 37.82
CA VAL J 529 -15.80 7.17 37.61
C VAL J 529 -16.18 6.15 38.68
N TYR J 530 -15.32 5.19 39.00
CA TYR J 530 -15.68 4.18 40.01
C TYR J 530 -15.40 4.65 41.42
N PRO J 531 -16.40 4.62 42.29
CA PRO J 531 -16.20 5.02 43.68
C PRO J 531 -15.43 3.95 44.43
N PRO J 532 -14.88 4.27 45.59
CA PRO J 532 -14.10 3.27 46.35
C PRO J 532 -14.95 2.10 46.84
N ASP J 533 -16.26 2.29 46.93
CA ASP J 533 -17.20 1.27 47.40
C ASP J 533 -17.65 0.32 46.27
N TYR J 534 -16.67 -0.30 45.62
CA TYR J 534 -16.99 -1.24 44.54
C TYR J 534 -17.55 -2.55 45.09
N ASN J 535 -18.21 -3.30 44.22
CA ASN J 535 -18.80 -4.60 44.59
C ASN J 535 -17.72 -5.61 44.90
N GLY K 22 -42.03 -10.92 28.27
CA GLY K 22 -43.26 -10.67 27.54
C GLY K 22 -44.37 -11.61 27.96
N ASN K 23 -44.10 -12.91 27.85
CA ASN K 23 -44.92 -13.99 28.42
C ASN K 23 -46.31 -13.96 27.81
N LYS K 24 -47.38 -13.97 28.60
CA LYS K 24 -48.78 -13.93 28.20
C LYS K 24 -49.39 -12.54 28.17
N ALA K 25 -50.53 -12.43 27.49
CA ALA K 25 -51.25 -11.16 27.37
C ALA K 25 -52.68 -11.40 26.87
N ALA K 26 -53.62 -10.66 27.49
CA ALA K 26 -55.04 -10.69 27.15
C ALA K 26 -55.35 -9.65 26.07
N VAL K 27 -55.65 -10.10 24.85
CA VAL K 27 -55.95 -9.20 23.75
C VAL K 27 -57.42 -9.36 23.37
N VAL K 28 -58.13 -8.25 23.24
CA VAL K 28 -59.52 -8.24 22.81
C VAL K 28 -59.58 -7.38 21.55
N LEU K 29 -59.98 -7.99 20.44
CA LEU K 29 -60.09 -7.32 19.15
C LEU K 29 -61.51 -6.81 18.96
N CYS K 30 -61.66 -5.49 18.90
CA CYS K 30 -62.95 -4.82 18.77
C CYS K 30 -63.10 -4.36 17.32
N MET K 31 -63.83 -5.16 16.55
CA MET K 31 -64.02 -4.97 15.12
C MET K 31 -65.38 -4.35 14.80
N ASP K 32 -65.37 -3.31 13.98
CA ASP K 32 -66.61 -2.71 13.51
C ASP K 32 -67.12 -3.52 12.34
N VAL K 33 -68.34 -4.04 12.46
CA VAL K 33 -68.96 -4.83 11.40
C VAL K 33 -70.19 -4.14 10.85
N GLY K 34 -70.42 -2.89 11.25
CA GLY K 34 -71.54 -2.11 10.80
C GLY K 34 -71.70 -2.04 9.29
N PHE K 35 -72.93 -1.73 8.85
CA PHE K 35 -73.26 -1.64 7.44
C PHE K 35 -72.24 -0.78 6.69
N THR K 36 -71.84 0.35 7.29
CA THR K 36 -70.90 1.27 6.65
C THR K 36 -69.55 0.63 6.40
N MET K 37 -69.22 -0.43 7.13
CA MET K 37 -67.96 -1.13 6.86
C MET K 37 -68.07 -1.86 5.53
N SER K 38 -69.30 -2.22 5.15
CA SER K 38 -69.58 -2.91 3.89
C SER K 38 -69.56 -1.94 2.73
N ASN K 39 -69.74 -0.65 3.01
CA ASN K 39 -69.71 0.39 1.99
C ASN K 39 -68.28 0.42 1.45
N SER K 40 -68.14 0.17 0.15
CA SER K 40 -66.82 0.06 -0.45
C SER K 40 -66.60 1.15 -1.48
N ILE K 41 -65.37 1.65 -1.49
CA ILE K 41 -64.85 2.67 -2.38
C ILE K 41 -64.19 2.00 -3.58
N PRO K 42 -64.52 2.43 -4.82
CA PRO K 42 -63.98 1.79 -6.03
C PRO K 42 -62.49 1.48 -6.07
N GLY K 43 -62.20 0.21 -6.40
CA GLY K 43 -60.87 -0.35 -6.52
C GLY K 43 -60.33 -0.93 -5.22
N ILE K 44 -60.69 -0.32 -4.11
CA ILE K 44 -60.31 -0.68 -2.76
C ILE K 44 -61.30 -1.62 -2.09
N GLU K 45 -60.77 -2.65 -1.45
CA GLU K 45 -61.59 -3.61 -0.74
C GLU K 45 -62.24 -2.87 0.42
N SER K 46 -63.49 -3.24 0.70
CA SER K 46 -64.27 -2.60 1.74
C SER K 46 -63.60 -2.73 3.11
N PRO K 47 -63.60 -1.64 3.91
CA PRO K 47 -63.00 -1.65 5.25
C PRO K 47 -63.35 -2.89 6.05
N PHE K 48 -64.50 -3.50 5.76
CA PHE K 48 -64.85 -4.75 6.44
C PHE K 48 -63.87 -5.84 6.04
N GLU K 49 -63.63 -5.99 4.74
CA GLU K 49 -62.68 -6.99 4.26
C GLU K 49 -61.25 -6.61 4.65
N GLN K 50 -60.95 -5.31 4.70
CA GLN K 50 -59.62 -4.85 5.11
C GLN K 50 -59.35 -5.20 6.57
N ALA K 51 -60.30 -4.89 7.45
CA ALA K 51 -60.14 -5.20 8.86
C ALA K 51 -60.08 -6.70 9.05
N LYS K 52 -60.90 -7.43 8.30
CA LYS K 52 -60.88 -8.90 8.37
C LYS K 52 -59.50 -9.42 8.01
N LYS K 53 -58.90 -8.87 6.95
CA LYS K 53 -57.55 -9.28 6.54
C LYS K 53 -56.53 -9.01 7.64
N VAL K 54 -56.67 -7.87 8.33
CA VAL K 54 -55.72 -7.55 9.41
C VAL K 54 -55.92 -8.47 10.61
N ILE K 55 -57.17 -8.72 10.98
CA ILE K 55 -57.46 -9.57 12.12
C ILE K 55 -56.95 -10.98 11.83
N THR K 56 -57.26 -11.51 10.64
CA THR K 56 -56.78 -12.83 10.28
C THR K 56 -55.26 -12.90 10.36
N MET K 57 -54.57 -11.85 9.91
CA MET K 57 -53.10 -11.82 10.02
C MET K 57 -52.63 -11.95 11.47
N PHE K 58 -53.29 -11.23 12.38
CA PHE K 58 -52.94 -11.26 13.80
C PHE K 58 -53.20 -12.64 14.39
N VAL K 59 -54.43 -13.13 14.25
CA VAL K 59 -54.80 -14.41 14.82
C VAL K 59 -53.92 -15.52 14.24
N GLN K 60 -53.66 -15.50 12.94
CA GLN K 60 -52.80 -16.50 12.33
C GLN K 60 -51.44 -16.58 13.01
N ARG K 61 -50.82 -15.42 13.24
CA ARG K 61 -49.51 -15.46 13.91
C ARG K 61 -49.64 -16.05 15.32
N GLN K 62 -50.64 -15.58 16.08
CA GLN K 62 -50.84 -16.08 17.45
C GLN K 62 -51.18 -17.57 17.51
N VAL K 63 -51.86 -18.10 16.50
CA VAL K 63 -52.24 -19.50 16.47
C VAL K 63 -51.06 -20.39 16.13
N PHE K 64 -50.42 -20.14 14.99
CA PHE K 64 -49.34 -21.02 14.54
C PHE K 64 -48.05 -20.88 15.36
N ALA K 65 -47.81 -19.74 15.98
CA ALA K 65 -46.62 -19.62 16.83
C ALA K 65 -46.82 -20.20 18.22
N GLU K 66 -48.04 -20.66 18.50
CA GLU K 66 -48.43 -21.30 19.75
C GLU K 66 -48.13 -20.44 20.98
N ASN K 67 -48.45 -19.16 20.87
CA ASN K 67 -48.30 -18.20 21.97
C ASN K 67 -49.45 -18.38 22.96
N LYS K 68 -49.15 -18.23 24.23
CA LYS K 68 -50.15 -18.43 25.28
C LYS K 68 -51.08 -17.23 25.46
N ASP K 69 -50.94 -16.20 24.65
CA ASP K 69 -51.80 -15.03 24.74
C ASP K 69 -53.25 -15.39 24.41
N GLU K 70 -54.18 -14.94 25.25
CA GLU K 70 -55.61 -15.20 25.06
C GLU K 70 -56.25 -14.09 24.24
N ILE K 71 -57.08 -14.47 23.27
CA ILE K 71 -57.71 -13.52 22.37
C ILE K 71 -59.23 -13.63 22.45
N ALA K 72 -59.88 -12.49 22.63
CA ALA K 72 -61.32 -12.33 22.65
C ALA K 72 -61.70 -11.50 21.43
N LEU K 73 -62.90 -11.69 20.91
CA LEU K 73 -63.34 -10.95 19.73
C LEU K 73 -64.71 -10.35 19.96
N VAL K 74 -64.79 -9.03 19.86
CA VAL K 74 -66.04 -8.28 20.00
C VAL K 74 -66.31 -7.62 18.67
N LEU K 75 -67.55 -7.72 18.19
CA LEU K 75 -67.97 -7.13 16.94
C LEU K 75 -69.05 -6.10 17.26
N PHE K 76 -68.94 -4.90 16.72
CA PHE K 76 -69.94 -3.87 16.96
C PHE K 76 -70.57 -3.41 15.66
N GLY K 77 -71.90 -3.33 15.69
CA GLY K 77 -72.72 -3.01 14.53
C GLY K 77 -73.43 -4.22 13.95
N THR K 78 -73.48 -5.33 14.70
CA THR K 78 -74.17 -6.56 14.31
C THR K 78 -75.68 -6.38 14.30
N ASP K 79 -76.36 -7.26 13.58
CA ASP K 79 -77.82 -7.21 13.55
C ASP K 79 -78.42 -7.55 14.92
N GLY K 80 -77.85 -8.54 15.61
CA GLY K 80 -78.31 -8.93 16.92
C GLY K 80 -77.40 -8.40 18.03
N THR K 81 -77.74 -8.76 19.27
CA THR K 81 -76.94 -8.33 20.41
C THR K 81 -76.68 -9.51 21.35
N ASP K 82 -75.40 -9.89 21.47
CA ASP K 82 -74.92 -10.98 22.33
C ASP K 82 -73.58 -10.51 22.90
N ASN K 83 -73.60 -9.80 24.03
CA ASN K 83 -72.42 -9.27 24.68
C ASN K 83 -72.73 -9.19 26.17
N PRO K 84 -71.72 -9.13 27.05
CA PRO K 84 -72.08 -9.15 28.47
C PRO K 84 -72.81 -7.89 28.89
N LEU K 85 -72.62 -6.79 28.18
CA LEU K 85 -73.36 -5.58 28.50
C LEU K 85 -74.60 -5.50 27.64
N SER K 86 -75.02 -6.66 27.07
CA SER K 86 -76.24 -6.65 26.25
C SER K 86 -77.35 -6.04 27.07
N GLY K 87 -77.06 -5.86 28.35
CA GLY K 87 -77.85 -5.30 29.40
C GLY K 87 -78.03 -3.80 29.26
N GLY K 88 -78.97 -3.33 30.09
CA GLY K 88 -79.40 -1.95 30.21
C GLY K 88 -79.88 -1.31 28.94
N ASP K 89 -80.09 -2.11 27.89
CA ASP K 89 -80.57 -1.68 26.58
C ASP K 89 -79.43 -0.90 25.93
N GLN K 90 -78.37 -0.70 26.68
CA GLN K 90 -77.17 -0.02 26.23
C GLN K 90 -76.26 -1.04 25.55
N TYR K 91 -75.27 -0.54 24.82
CA TYR K 91 -74.30 -1.41 24.14
C TYR K 91 -75.00 -2.43 23.24
N GLN K 92 -75.98 -1.93 22.48
CA GLN K 92 -76.75 -2.76 21.56
C GLN K 92 -76.03 -2.93 20.22
N ASN K 93 -76.33 -4.06 19.58
CA ASN K 93 -75.76 -4.44 18.29
C ASN K 93 -74.25 -4.63 18.43
N ILE K 94 -73.86 -5.18 19.57
CA ILE K 94 -72.49 -5.51 19.91
C ILE K 94 -72.54 -6.97 20.34
N THR K 95 -71.75 -7.81 19.68
CA THR K 95 -71.72 -9.23 19.97
C THR K 95 -70.32 -9.68 20.38
N VAL K 96 -70.24 -10.40 21.49
CA VAL K 96 -68.97 -10.95 21.95
C VAL K 96 -68.88 -12.31 21.28
N HIS K 97 -68.26 -12.33 20.09
CA HIS K 97 -68.18 -13.56 19.32
C HIS K 97 -67.30 -14.58 20.02
N ARG K 98 -66.19 -14.14 20.60
CA ARG K 98 -65.27 -15.03 21.27
C ARG K 98 -64.86 -14.44 22.61
N HIS K 99 -65.05 -15.21 23.68
CA HIS K 99 -64.64 -14.80 25.01
C HIS K 99 -63.14 -15.05 25.14
N LEU K 100 -62.53 -14.34 26.10
CA LEU K 100 -61.09 -14.45 26.28
C LEU K 100 -60.67 -15.88 26.56
N MET K 101 -59.93 -16.46 25.63
CA MET K 101 -59.43 -17.82 25.70
C MET K 101 -58.42 -17.98 24.58
N LEU K 102 -57.67 -19.06 24.68
CA LEU K 102 -56.66 -19.40 23.68
C LEU K 102 -57.28 -19.57 22.30
N PRO K 103 -56.76 -18.91 21.26
CA PRO K 103 -57.35 -19.03 19.93
C PRO K 103 -57.16 -20.42 19.33
N ASP K 104 -58.13 -20.85 18.52
CA ASP K 104 -58.09 -22.15 17.87
C ASP K 104 -58.47 -22.03 16.40
N PHE K 105 -58.48 -23.18 15.71
CA PHE K 105 -58.83 -23.23 14.30
C PHE K 105 -60.30 -22.87 14.04
N ASP K 106 -61.18 -23.16 15.00
CA ASP K 106 -62.58 -22.82 14.85
C ASP K 106 -62.78 -21.32 14.76
N LEU K 107 -62.02 -20.56 15.56
CA LEU K 107 -62.10 -19.11 15.49
C LEU K 107 -61.62 -18.60 14.14
N LEU K 108 -60.52 -19.14 13.63
CA LEU K 108 -60.03 -18.71 12.32
C LEU K 108 -61.03 -19.04 11.22
N GLU K 109 -61.68 -20.20 11.30
CA GLU K 109 -62.69 -20.55 10.31
C GLU K 109 -63.88 -19.61 10.38
N ASP K 110 -64.25 -19.19 11.59
CA ASP K 110 -65.36 -18.25 11.76
C ASP K 110 -65.02 -16.89 11.15
N ILE K 111 -63.80 -16.40 11.41
CA ILE K 111 -63.34 -15.14 10.82
C ILE K 111 -63.34 -15.22 9.29
N GLU K 112 -62.83 -16.32 8.75
CA GLU K 112 -62.74 -16.52 7.31
C GLU K 112 -64.08 -16.41 6.60
N SER K 113 -65.13 -17.04 7.13
CA SER K 113 -66.40 -17.07 6.40
C SER K 113 -67.66 -16.91 7.25
N LYS K 114 -67.69 -17.35 8.51
CA LYS K 114 -68.92 -17.28 9.29
C LYS K 114 -69.32 -15.84 9.61
N ILE K 115 -68.37 -15.02 10.04
CA ILE K 115 -68.70 -13.64 10.37
C ILE K 115 -68.97 -12.86 9.08
N GLN K 116 -70.17 -12.31 8.98
CA GLN K 116 -70.69 -11.55 7.86
C GLN K 116 -70.94 -10.12 8.33
N PRO K 117 -70.88 -9.13 7.42
CA PRO K 117 -71.15 -7.76 7.85
C PRO K 117 -72.61 -7.53 8.20
N GLY K 118 -72.81 -6.71 9.23
CA GLY K 118 -74.14 -6.40 9.71
C GLY K 118 -74.70 -5.16 9.04
N SER K 119 -75.99 -4.92 9.28
CA SER K 119 -76.69 -3.78 8.71
C SER K 119 -76.85 -2.61 9.68
N GLN K 120 -76.68 -2.84 10.98
CA GLN K 120 -76.83 -1.78 11.97
C GLN K 120 -75.50 -1.05 12.17
N GLN K 121 -75.52 -0.01 13.02
CA GLN K 121 -74.34 0.76 13.38
C GLN K 121 -74.27 0.91 14.89
N ALA K 122 -73.06 0.80 15.44
CA ALA K 122 -72.86 0.95 16.87
C ALA K 122 -71.86 2.05 17.19
N ASP K 123 -71.85 2.42 18.47
CA ASP K 123 -70.93 3.41 19.02
C ASP K 123 -69.61 2.71 19.33
N PHE K 124 -68.52 3.12 18.67
CA PHE K 124 -67.24 2.44 18.87
C PHE K 124 -66.75 2.55 20.33
N LEU K 125 -67.07 3.64 21.03
CA LEU K 125 -66.68 3.74 22.43
C LEU K 125 -67.47 2.78 23.30
N ASP K 126 -68.73 2.55 22.95
CA ASP K 126 -69.56 1.58 23.67
C ASP K 126 -68.98 0.17 23.51
N ALA K 127 -68.51 -0.15 22.32
CA ALA K 127 -67.88 -1.44 22.05
C ALA K 127 -66.59 -1.55 22.85
N LEU K 128 -65.86 -0.44 22.95
CA LEU K 128 -64.63 -0.40 23.74
C LEU K 128 -64.94 -0.71 25.20
N ILE K 129 -66.09 -0.25 25.67
CA ILE K 129 -66.49 -0.52 27.05
C ILE K 129 -66.80 -2.01 27.22
N VAL K 130 -67.47 -2.61 26.24
CA VAL K 130 -67.75 -4.06 26.30
C VAL K 130 -66.44 -4.85 26.36
N SER K 131 -65.47 -4.46 25.52
CA SER K 131 -64.14 -5.09 25.53
C SER K 131 -63.47 -4.95 26.89
N MET K 132 -63.58 -3.74 27.47
CA MET K 132 -63.01 -3.49 28.78
C MET K 132 -63.65 -4.40 29.83
N ASP K 133 -64.97 -4.59 29.75
CA ASP K 133 -65.61 -5.50 30.70
C ASP K 133 -65.09 -6.92 30.54
N VAL K 134 -64.75 -7.31 29.30
CA VAL K 134 -64.18 -8.64 29.09
C VAL K 134 -62.84 -8.75 29.81
N ILE K 135 -61.98 -7.75 29.63
CA ILE K 135 -60.68 -7.76 30.31
C ILE K 135 -60.86 -7.71 31.83
N GLN K 136 -61.71 -6.81 32.32
CA GLN K 136 -61.91 -6.67 33.76
C GLN K 136 -62.36 -7.96 34.40
N HIS K 137 -63.24 -8.71 33.73
CA HIS K 137 -63.67 -9.91 34.42
C HIS K 137 -62.85 -11.15 34.06
N GLU K 138 -62.41 -11.40 32.83
CA GLU K 138 -61.68 -12.65 32.60
C GLU K 138 -60.19 -12.55 32.85
N THR K 139 -59.65 -11.38 33.19
CA THR K 139 -58.22 -11.24 33.47
C THR K 139 -57.92 -11.16 34.95
N ILE K 140 -58.93 -11.30 35.79
CA ILE K 140 -58.79 -11.18 37.23
C ILE K 140 -57.67 -12.08 37.75
N GLY K 141 -56.90 -11.52 38.69
CA GLY K 141 -55.81 -12.24 39.30
C GLY K 141 -54.48 -12.18 38.58
N LYS K 142 -54.19 -11.08 37.87
CA LYS K 142 -52.95 -10.95 37.12
C LYS K 142 -52.72 -12.18 36.26
N LYS K 143 -53.76 -12.58 35.53
CA LYS K 143 -53.64 -13.73 34.65
C LYS K 143 -52.67 -13.45 33.53
N PHE K 144 -52.72 -12.22 33.03
CA PHE K 144 -51.94 -11.71 31.92
C PHE K 144 -50.91 -10.67 32.32
N GLU K 145 -49.71 -10.78 31.73
CA GLU K 145 -48.68 -9.80 32.03
C GLU K 145 -49.03 -8.48 31.34
N LYS K 146 -49.58 -8.53 30.12
CA LYS K 146 -49.96 -7.32 29.40
C LYS K 146 -51.43 -7.42 29.03
N ARG K 147 -52.12 -6.26 29.02
CA ARG K 147 -53.53 -6.16 28.66
C ARG K 147 -53.70 -5.20 27.48
N HIS K 148 -54.35 -5.65 26.41
CA HIS K 148 -54.44 -4.85 25.19
C HIS K 148 -55.76 -4.95 24.42
N ILE K 149 -56.24 -3.81 23.91
CA ILE K 149 -57.45 -3.70 23.10
C ILE K 149 -57.10 -3.08 21.75
N GLU K 150 -57.59 -3.69 20.67
CA GLU K 150 -57.37 -3.22 19.31
C GLU K 150 -58.71 -2.96 18.63
N ILE K 151 -59.01 -1.68 18.40
CA ILE K 151 -60.25 -1.24 17.77
C ILE K 151 -60.08 -1.14 16.26
N PHE K 152 -60.99 -1.75 15.51
CA PHE K 152 -60.97 -1.74 14.04
C PHE K 152 -62.28 -1.12 13.58
N THR K 153 -62.24 0.15 13.18
CA THR K 153 -63.45 0.84 12.77
C THR K 153 -63.13 1.83 11.66
N ASP K 154 -64.19 2.41 11.11
CA ASP K 154 -64.12 3.43 10.07
C ASP K 154 -64.53 4.81 10.55
N LEU K 155 -65.14 4.92 11.73
CA LEU K 155 -65.56 6.16 12.39
C LEU K 155 -66.67 6.88 11.65
N SER K 156 -67.28 6.25 10.65
CA SER K 156 -68.36 6.89 9.92
C SER K 156 -69.64 6.98 10.75
N SER K 157 -69.74 6.19 11.82
CA SER K 157 -70.91 6.18 12.66
C SER K 157 -70.86 7.26 13.74
N ARG K 158 -72.04 7.80 14.06
CA ARG K 158 -72.16 8.81 15.10
C ARG K 158 -71.92 8.16 16.47
N PHE K 159 -71.48 8.97 17.42
CA PHE K 159 -71.16 8.45 18.73
C PHE K 159 -71.37 9.50 19.81
N SER K 160 -71.41 9.02 21.06
CA SER K 160 -71.60 9.85 22.23
C SER K 160 -70.33 9.93 23.06
N LYS K 161 -70.03 11.15 23.48
CA LYS K 161 -68.92 11.60 24.29
C LYS K 161 -69.18 11.54 25.79
N SER K 162 -70.31 10.95 26.19
CA SER K 162 -70.72 10.89 27.60
C SER K 162 -69.70 10.22 28.52
N GLN K 163 -69.40 8.92 28.34
CA GLN K 163 -68.44 8.34 29.29
C GLN K 163 -66.99 8.35 28.84
N LEU K 164 -66.54 9.28 28.00
CA LEU K 164 -65.14 9.25 27.60
C LEU K 164 -64.19 9.40 28.80
N ASP K 165 -64.49 10.32 29.73
CA ASP K 165 -63.65 10.49 30.92
C ASP K 165 -63.54 9.19 31.72
N ILE K 166 -64.64 8.44 31.80
CA ILE K 166 -64.65 7.17 32.51
C ILE K 166 -63.92 6.10 31.72
N ILE K 167 -64.11 6.07 30.41
CA ILE K 167 -63.38 5.12 29.58
C ILE K 167 -61.88 5.26 29.81
N ILE K 168 -61.37 6.49 29.77
CA ILE K 168 -59.95 6.72 29.98
C ILE K 168 -59.54 6.31 31.40
N HIS K 169 -60.37 6.63 32.40
CA HIS K 169 -60.02 6.26 33.77
C HIS K 169 -59.97 4.75 33.95
N SER K 170 -60.96 4.02 33.43
CA SER K 170 -60.95 2.58 33.56
C SER K 170 -59.81 1.94 32.79
N LEU K 171 -59.42 2.54 31.64
CA LEU K 171 -58.30 1.99 30.90
C LEU K 171 -56.99 2.15 31.67
N LYS K 172 -56.78 3.30 32.30
CA LYS K 172 -55.56 3.50 33.08
C LYS K 172 -55.53 2.64 34.33
N LYS K 173 -56.62 2.63 35.10
CA LYS K 173 -56.65 1.85 36.34
C LYS K 173 -56.45 0.36 36.06
N CYS K 174 -56.98 -0.13 34.94
CA CYS K 174 -56.81 -1.53 34.61
C CYS K 174 -55.50 -1.81 33.87
N ASP K 175 -54.77 -0.76 33.48
CA ASP K 175 -53.53 -0.86 32.71
C ASP K 175 -53.73 -1.63 31.39
N ILE K 176 -54.67 -1.12 30.60
CA ILE K 176 -54.97 -1.67 29.29
C ILE K 176 -54.52 -0.67 28.23
N SER K 177 -53.79 -1.17 27.24
CA SER K 177 -53.28 -0.33 26.15
C SER K 177 -54.24 -0.44 24.97
N LEU K 178 -54.27 0.62 24.16
CA LEU K 178 -55.13 0.69 22.98
C LEU K 178 -54.35 0.77 21.68
N GLN K 179 -55.03 0.42 20.60
CA GLN K 179 -54.50 0.52 19.25
C GLN K 179 -55.67 0.66 18.30
N PHE K 180 -55.66 1.72 17.49
CA PHE K 180 -56.72 1.98 16.52
C PHE K 180 -56.29 1.65 15.11
N PHE K 181 -57.25 1.14 14.33
CA PHE K 181 -57.04 0.73 12.94
C PHE K 181 -58.20 1.27 12.11
N LEU K 182 -57.89 2.20 11.22
CA LEU K 182 -58.85 2.92 10.39
C LEU K 182 -58.59 2.59 8.93
N PRO K 183 -59.54 2.87 8.03
CA PRO K 183 -59.28 2.60 6.61
C PRO K 183 -58.32 3.59 5.99
N PHE K 184 -58.21 4.78 6.59
CA PHE K 184 -57.31 5.84 6.15
C PHE K 184 -56.20 6.05 7.16
N SER K 185 -55.10 6.61 6.69
CA SER K 185 -53.93 6.93 7.51
C SER K 185 -53.94 8.41 7.89
N LEU K 186 -53.33 8.71 9.03
CA LEU K 186 -53.26 10.09 9.52
C LEU K 186 -52.33 10.94 8.66
N ASP K 194 -51.57 14.53 -1.93
CA ASP K 194 -50.91 13.42 -2.60
C ASP K 194 -51.59 13.07 -3.92
N ARG K 195 -50.83 13.18 -5.02
CA ARG K 195 -51.34 12.89 -6.35
C ARG K 195 -51.26 11.39 -6.58
N GLY K 196 -52.30 10.70 -6.13
CA GLY K 196 -52.38 9.27 -6.30
C GLY K 196 -53.40 8.85 -7.34
N ASP K 197 -54.14 9.81 -7.89
CA ASP K 197 -55.26 9.54 -8.78
C ASP K 197 -56.26 8.61 -8.08
N GLY K 198 -56.53 8.95 -6.81
CA GLY K 198 -57.28 8.11 -5.91
C GLY K 198 -56.40 6.99 -5.37
N PRO K 199 -56.86 6.28 -4.36
CA PRO K 199 -56.08 5.17 -3.82
C PRO K 199 -56.11 3.96 -4.74
N PHE K 200 -55.10 3.07 -4.61
CA PHE K 200 -55.08 1.88 -5.49
C PHE K 200 -54.63 0.53 -4.93
N ARG K 201 -53.66 0.43 -4.02
CA ARG K 201 -53.24 -0.91 -3.59
C ARG K 201 -53.13 -1.19 -2.10
N LEU K 202 -53.95 -2.12 -1.60
CA LEU K 202 -53.94 -2.48 -0.19
C LEU K 202 -52.62 -3.13 0.20
N GLY K 203 -51.97 -2.56 1.20
CA GLY K 203 -50.67 -2.98 1.68
C GLY K 203 -49.54 -2.30 0.96
N GLY K 204 -49.85 -1.62 -0.13
CA GLY K 204 -48.85 -0.90 -0.88
C GLY K 204 -48.32 0.30 -0.12
N HIS K 205 -47.17 0.78 -0.56
CA HIS K 205 -46.54 1.93 0.07
C HIS K 205 -47.04 3.19 -0.62
N GLY K 206 -47.61 4.11 0.14
CA GLY K 206 -48.04 5.38 -0.40
C GLY K 206 -49.54 5.53 -0.57
N PRO K 207 -50.02 5.46 -1.81
CA PRO K 207 -51.46 5.67 -2.07
C PRO K 207 -52.30 4.48 -1.62
N SER K 208 -52.58 4.42 -0.33
CA SER K 208 -53.31 3.29 0.25
C SER K 208 -54.56 3.75 1.00
N PHE K 209 -55.04 4.97 0.73
CA PHE K 209 -56.25 5.49 1.35
C PHE K 209 -56.67 6.78 0.65
N PRO K 210 -57.97 6.97 0.40
CA PRO K 210 -58.42 8.21 -0.26
C PRO K 210 -58.22 9.42 0.64
N LEU K 211 -57.52 10.43 0.14
CA LEU K 211 -57.32 11.64 0.92
C LEU K 211 -58.63 12.38 1.09
N LYS K 212 -59.51 12.28 0.09
CA LYS K 212 -60.84 12.86 0.06
C LYS K 212 -61.90 11.87 0.52
N GLY K 213 -61.66 11.13 1.58
CA GLY K 213 -62.64 10.17 2.04
C GLY K 213 -63.02 10.34 3.48
N ILE K 214 -62.29 11.20 4.20
CA ILE K 214 -62.57 11.46 5.59
C ILE K 214 -63.80 12.36 5.70
N THR K 215 -64.93 11.73 6.01
CA THR K 215 -66.17 12.47 6.17
C THR K 215 -66.04 13.34 7.41
N GLU K 216 -66.86 14.38 7.46
CA GLU K 216 -66.83 15.27 8.62
C GLU K 216 -67.15 14.49 9.90
N GLN K 217 -67.98 13.44 9.80
CA GLN K 217 -68.25 12.60 10.95
C GLN K 217 -67.00 11.79 11.30
N GLN K 218 -66.27 11.36 10.28
CA GLN K 218 -65.02 10.65 10.50
C GLN K 218 -64.00 11.60 11.11
N LYS K 219 -63.97 12.87 10.67
CA LYS K 219 -63.07 13.86 11.25
C LYS K 219 -63.33 14.04 12.75
N GLU K 220 -64.61 14.17 13.12
CA GLU K 220 -64.95 14.31 14.54
C GLU K 220 -64.52 13.09 15.34
N GLY K 221 -64.79 11.90 14.80
CA GLY K 221 -64.37 10.68 15.49
C GLY K 221 -62.86 10.61 15.61
N LEU K 222 -62.15 11.03 14.57
CA LEU K 222 -60.69 11.01 14.60
C LEU K 222 -60.16 11.93 15.69
N GLU K 223 -60.75 13.12 15.82
CA GLU K 223 -60.29 14.04 16.86
C GLU K 223 -60.45 13.40 18.23
N ILE K 224 -61.55 12.65 18.43
CA ILE K 224 -61.74 11.97 19.71
C ILE K 224 -60.72 10.83 19.89
N VAL K 225 -60.43 10.09 18.82
CA VAL K 225 -59.43 9.02 18.87
C VAL K 225 -58.07 9.58 19.26
N LYS K 226 -57.70 10.70 18.63
CA LYS K 226 -56.43 11.37 18.93
C LYS K 226 -56.38 11.73 20.41
N MET K 227 -57.39 12.47 20.86
CA MET K 227 -57.50 12.86 22.27
C MET K 227 -57.31 11.68 23.23
N VAL K 228 -57.99 10.57 22.97
CA VAL K 228 -57.90 9.38 23.82
C VAL K 228 -56.49 8.78 23.82
N MET K 229 -55.90 8.64 22.63
CA MET K 229 -54.56 8.06 22.56
C MET K 229 -53.53 8.93 23.26
N ILE K 230 -53.65 10.26 23.13
CA ILE K 230 -52.71 11.12 23.83
C ILE K 230 -52.93 11.02 25.32
N SER K 231 -54.19 10.95 25.77
CA SER K 231 -54.46 10.83 27.19
C SER K 231 -53.90 9.54 27.76
N LEU K 232 -53.79 8.49 26.94
CA LEU K 232 -53.27 7.24 27.49
C LEU K 232 -51.74 7.12 27.41
N GLU K 233 -51.14 7.33 26.23
CA GLU K 233 -49.70 7.12 26.07
C GLU K 233 -48.89 8.38 25.76
N GLY K 234 -49.42 9.56 26.03
CA GLY K 234 -48.78 10.83 25.80
C GLY K 234 -48.72 11.18 24.32
N GLU K 235 -47.86 12.16 24.01
CA GLU K 235 -47.71 12.64 22.64
C GLU K 235 -47.38 11.47 21.67
N ASP K 236 -46.55 10.49 22.07
CA ASP K 236 -46.23 9.39 21.15
C ASP K 236 -47.36 8.37 21.03
N GLY K 237 -48.49 8.63 21.69
CA GLY K 237 -49.64 7.75 21.58
C GLY K 237 -50.21 7.77 20.18
N LEU K 238 -50.09 8.90 19.50
CA LEU K 238 -50.58 9.10 18.13
C LEU K 238 -49.96 8.12 17.15
N ASP K 239 -48.78 7.56 17.45
CA ASP K 239 -48.13 6.57 16.59
C ASP K 239 -48.86 5.24 16.58
N GLU K 240 -49.78 5.01 17.51
CA GLU K 240 -50.54 3.76 17.61
C GLU K 240 -51.85 3.78 16.83
N ILE K 241 -52.07 4.74 15.95
CA ILE K 241 -53.25 4.77 15.10
C ILE K 241 -52.79 4.50 13.67
N TYR K 242 -53.14 3.31 13.17
CA TYR K 242 -52.71 2.84 11.86
C TYR K 242 -53.87 2.68 10.89
N SER K 243 -53.51 2.56 9.62
CA SER K 243 -54.44 2.25 8.54
C SER K 243 -54.31 0.75 8.25
N PHE K 244 -55.42 0.13 7.81
CA PHE K 244 -55.40 -1.31 7.56
C PHE K 244 -54.27 -1.69 6.60
N SER K 245 -54.08 -0.90 5.55
CA SER K 245 -53.04 -1.18 4.56
C SER K 245 -51.66 -1.24 5.20
N GLU K 246 -51.23 -0.17 5.87
CA GLU K 246 -49.91 -0.20 6.48
C GLU K 246 -49.84 -1.25 7.57
N SER K 247 -50.94 -1.51 8.27
CA SER K 247 -50.94 -2.52 9.31
C SER K 247 -50.60 -3.89 8.74
N LEU K 248 -51.02 -4.16 7.51
CA LEU K 248 -50.70 -5.45 6.88
C LEU K 248 -49.23 -5.59 6.53
N ARG K 249 -48.51 -4.48 6.32
CA ARG K 249 -47.09 -4.53 5.94
C ARG K 249 -46.17 -4.09 7.08
N LYS K 250 -46.55 -4.42 8.31
CA LYS K 250 -45.79 -4.08 9.51
C LYS K 250 -46.09 -5.12 10.56
N LEU K 251 -45.30 -5.10 11.65
CA LEU K 251 -45.55 -6.01 12.76
C LEU K 251 -46.07 -5.26 13.97
N CYS K 252 -46.54 -4.03 13.74
CA CYS K 252 -47.08 -3.15 14.77
C CYS K 252 -48.24 -3.79 15.55
N VAL K 253 -48.99 -4.68 14.91
CA VAL K 253 -50.13 -5.36 15.53
C VAL K 253 -49.74 -6.25 16.73
N PHE K 254 -48.50 -6.71 16.80
CA PHE K 254 -47.99 -7.54 17.90
C PHE K 254 -47.16 -6.75 18.90
N LYS K 255 -46.77 -5.53 18.54
CA LYS K 255 -45.98 -4.60 19.34
C LYS K 255 -46.25 -4.68 20.83
N LYS K 256 -47.53 -4.61 21.22
CA LYS K 256 -47.87 -4.57 22.62
C LYS K 256 -47.79 -5.94 23.28
N ILE K 257 -47.88 -7.03 22.53
CA ILE K 257 -47.82 -8.39 23.07
C ILE K 257 -46.51 -9.10 22.70
N GLU K 258 -45.53 -8.37 22.15
CA GLU K 258 -44.24 -8.95 21.78
C GLU K 258 -43.42 -9.33 23.01
N ARG K 259 -42.87 -10.56 23.03
CA ARG K 259 -42.10 -10.99 24.20
C ARG K 259 -40.70 -10.36 24.21
N HIS K 260 -40.34 -9.80 25.35
CA HIS K 260 -39.05 -9.14 25.59
C HIS K 260 -37.86 -10.02 25.20
N SER K 261 -36.87 -9.41 24.56
CA SER K 261 -35.68 -10.13 24.12
C SER K 261 -34.80 -10.53 25.30
N ILE K 262 -34.30 -11.77 25.24
CA ILE K 262 -33.42 -12.34 26.26
C ILE K 262 -32.03 -11.73 26.14
N HIS K 263 -31.58 -11.07 27.19
CA HIS K 263 -30.25 -10.49 27.20
C HIS K 263 -29.35 -11.33 28.11
N TRP K 264 -28.05 -11.24 27.84
CA TRP K 264 -27.09 -11.97 28.65
C TRP K 264 -25.87 -11.14 29.03
N PRO K 265 -25.33 -11.35 30.24
CA PRO K 265 -24.17 -10.59 30.70
C PRO K 265 -22.80 -11.21 30.47
N CYS K 266 -21.85 -10.31 30.29
CA CYS K 266 -20.43 -10.61 30.16
C CYS K 266 -19.69 -9.36 30.58
N ARG K 267 -18.38 -9.31 30.38
CA ARG K 267 -17.66 -8.12 30.77
C ARG K 267 -16.71 -7.70 29.66
N LEU K 268 -16.78 -6.42 29.30
CA LEU K 268 -15.92 -5.79 28.31
C LEU K 268 -14.67 -5.36 29.07
N THR K 269 -13.51 -5.90 28.71
CA THR K 269 -12.27 -5.63 29.43
C THR K 269 -11.36 -4.79 28.55
N ILE K 270 -11.19 -3.54 28.95
CA ILE K 270 -10.30 -2.58 28.30
C ILE K 270 -8.93 -2.58 28.97
N GLY K 271 -7.96 -3.21 28.33
CA GLY K 271 -6.65 -3.27 28.94
C GLY K 271 -6.50 -4.31 30.02
N SER K 272 -6.14 -3.81 31.20
CA SER K 272 -5.93 -4.59 32.42
C SER K 272 -6.65 -3.85 33.54
N ASN K 273 -7.26 -4.60 34.45
CA ASN K 273 -8.00 -4.00 35.56
C ASN K 273 -9.29 -3.30 35.16
N LEU K 274 -9.42 -2.81 33.91
CA LEU K 274 -10.67 -2.14 33.55
C LEU K 274 -11.50 -3.18 32.82
N SER K 275 -12.72 -3.36 33.30
CA SER K 275 -13.65 -4.34 32.77
C SER K 275 -15.09 -3.82 32.87
N ILE K 276 -15.62 -3.23 31.81
CA ILE K 276 -16.98 -2.72 31.89
C ILE K 276 -17.97 -3.88 31.82
N ARG K 277 -18.81 -3.96 32.86
CA ARG K 277 -19.83 -4.98 32.98
C ARG K 277 -20.88 -4.68 31.94
N ILE K 278 -21.08 -5.60 31.00
CA ILE K 278 -22.03 -5.33 29.94
C ILE K 278 -23.08 -6.43 29.93
N ALA K 279 -24.08 -6.20 29.09
CA ALA K 279 -25.19 -7.11 28.90
C ALA K 279 -25.55 -6.88 27.45
N ALA K 280 -25.31 -7.88 26.63
CA ALA K 280 -25.58 -7.76 25.20
C ALA K 280 -26.71 -8.67 24.80
N TYR K 281 -27.41 -8.23 23.76
CA TYR K 281 -28.51 -9.02 23.23
C TYR K 281 -28.36 -8.97 21.72
N LYS K 282 -29.03 -9.90 21.03
CA LYS K 282 -28.97 -9.93 19.58
C LYS K 282 -29.92 -8.90 19.00
N SER K 283 -29.36 -7.80 18.52
CA SER K 283 -30.13 -6.73 17.90
C SER K 283 -30.80 -7.25 16.62
N ILE K 284 -30.01 -7.86 15.74
CA ILE K 284 -30.52 -8.43 14.50
C ILE K 284 -30.18 -9.92 14.53
N LEU K 285 -31.17 -10.74 14.19
CA LEU K 285 -31.01 -12.20 14.11
C LEU K 285 -32.11 -12.74 13.21
N GLN K 286 -31.69 -13.44 12.14
CA GLN K 286 -32.63 -13.95 11.15
C GLN K 286 -33.68 -14.91 11.69
N GLU K 287 -34.94 -14.46 11.68
CA GLU K 287 -36.08 -15.27 12.11
C GLU K 287 -36.39 -16.28 11.02
N ARG K 288 -36.28 -17.56 11.35
CA ARG K 288 -36.50 -18.65 10.42
C ARG K 288 -37.70 -19.48 10.87
N VAL K 289 -38.15 -20.38 9.99
CA VAL K 289 -39.33 -21.21 10.27
C VAL K 289 -39.14 -22.02 11.54
N LYS K 290 -40.06 -21.83 12.49
CA LYS K 290 -40.01 -22.52 13.77
C LYS K 290 -40.45 -23.97 13.63
N LYS K 291 -41.61 -24.21 13.02
CA LYS K 291 -42.11 -25.56 12.89
C LYS K 291 -41.36 -26.31 11.79
N THR K 292 -41.15 -27.61 12.02
CA THR K 292 -40.43 -28.48 11.09
C THR K 292 -41.37 -29.51 10.48
N TRP K 293 -41.13 -29.85 9.22
CA TRP K 293 -41.93 -30.83 8.49
C TRP K 293 -41.51 -32.26 8.84
N THR K 294 -42.33 -32.95 9.63
CA THR K 294 -42.09 -34.32 10.04
C THR K 294 -42.50 -35.32 8.95
N VAL K 295 -41.60 -36.21 8.56
CA VAL K 295 -41.89 -37.20 7.53
C VAL K 295 -42.77 -38.32 8.09
N VAL K 296 -43.98 -38.47 7.53
CA VAL K 296 -44.96 -39.47 7.94
C VAL K 296 -45.39 -40.33 6.76
N ASP K 297 -45.96 -41.50 7.08
CA ASP K 297 -46.47 -42.42 6.07
C ASP K 297 -47.78 -41.90 5.49
N ALA K 298 -47.97 -42.06 4.17
CA ALA K 298 -49.19 -41.55 3.52
C ALA K 298 -50.49 -42.15 4.05
N LYS K 299 -50.48 -43.40 4.54
CA LYS K 299 -51.72 -43.99 5.05
C LYS K 299 -51.93 -43.75 6.54
N THR K 300 -50.95 -44.13 7.36
CA THR K 300 -51.11 -44.03 8.81
C THR K 300 -50.88 -42.60 9.28
N LEU K 301 -49.99 -41.85 8.63
CA LEU K 301 -49.64 -40.49 9.00
C LEU K 301 -48.97 -40.43 10.38
N LYS K 302 -47.97 -41.29 10.56
CA LYS K 302 -47.24 -41.35 11.82
C LYS K 302 -45.75 -41.46 11.59
N LYS K 303 -44.99 -40.78 12.43
CA LYS K 303 -43.53 -40.80 12.36
C LYS K 303 -42.99 -42.15 12.81
N GLU K 304 -43.63 -42.74 13.82
CA GLU K 304 -43.21 -44.01 14.41
C GLU K 304 -42.98 -45.10 13.36
N ASP K 305 -43.81 -45.14 12.31
CA ASP K 305 -43.65 -46.17 11.29
C ASP K 305 -42.40 -46.01 10.42
N ILE K 306 -41.79 -44.83 10.35
CA ILE K 306 -40.60 -44.58 9.54
C ILE K 306 -39.33 -44.62 10.41
N GLN K 307 -38.31 -45.36 9.96
CA GLN K 307 -37.03 -45.49 10.67
C GLN K 307 -35.86 -45.41 9.69
N LYS K 308 -34.83 -44.65 10.10
CA LYS K 308 -33.60 -44.43 9.34
C LYS K 308 -32.42 -45.25 9.87
N GLU K 309 -31.85 -46.10 9.01
CA GLU K 309 -30.72 -46.96 9.36
C GLU K 309 -29.55 -46.62 8.44
N THR K 310 -28.36 -46.53 9.03
CA THR K 310 -27.12 -46.21 8.31
C THR K 310 -26.35 -47.49 7.96
N VAL K 311 -25.90 -47.59 6.71
CA VAL K 311 -25.14 -48.75 6.23
C VAL K 311 -23.77 -48.29 5.75
N TYR K 312 -22.73 -49.06 6.06
CA TYR K 312 -21.37 -48.71 5.64
C TYR K 312 -20.83 -49.83 4.74
N CYS K 313 -20.30 -49.46 3.56
CA CYS K 313 -19.76 -50.39 2.58
C CYS K 313 -18.53 -49.80 1.90
N LEU K 314 -17.60 -50.63 1.41
CA LEU K 314 -16.46 -50.05 0.74
C LEU K 314 -16.50 -50.32 -0.76
N ASN K 315 -16.25 -49.27 -1.55
CA ASN K 315 -16.22 -49.29 -3.03
C ASN K 315 -15.03 -50.06 -3.59
N ASP K 316 -15.24 -51.25 -4.19
CA ASP K 316 -14.12 -52.03 -4.74
C ASP K 316 -14.57 -53.47 -4.94
N ASP K 317 -13.68 -54.33 -5.46
CA ASP K 317 -14.06 -55.72 -5.69
C ASP K 317 -14.63 -56.35 -4.43
N ASP K 318 -14.10 -56.00 -3.26
CA ASP K 318 -14.55 -56.65 -2.03
C ASP K 318 -15.68 -55.84 -1.38
N GLU K 319 -16.81 -55.74 -2.07
CA GLU K 319 -17.90 -54.95 -1.52
C GLU K 319 -18.36 -55.43 -0.15
N THR K 320 -17.51 -56.09 0.62
CA THR K 320 -17.95 -56.53 1.93
C THR K 320 -18.24 -55.28 2.74
N GLU K 321 -19.21 -55.36 3.63
CA GLU K 321 -19.51 -54.18 4.41
C GLU K 321 -18.33 -53.80 5.29
N VAL K 322 -18.32 -52.54 5.69
CA VAL K 322 -17.27 -52.00 6.53
C VAL K 322 -17.78 -52.15 7.95
N LEU K 323 -16.95 -52.70 8.82
CA LEU K 323 -17.35 -52.92 10.19
C LEU K 323 -17.73 -51.61 10.87
N LYS K 324 -18.95 -51.56 11.42
CA LYS K 324 -19.42 -50.33 12.08
C LYS K 324 -18.62 -49.98 13.31
N GLU K 325 -18.14 -50.98 14.04
CA GLU K 325 -17.38 -50.77 15.25
C GLU K 325 -15.92 -50.42 14.96
N ASP K 326 -15.36 -51.05 13.92
CA ASP K 326 -13.97 -50.86 13.51
C ASP K 326 -13.71 -49.53 12.81
N ILE K 327 -14.74 -48.75 12.49
CA ILE K 327 -14.56 -47.47 11.80
C ILE K 327 -13.85 -46.49 12.72
N ILE K 328 -12.71 -45.96 12.26
CA ILE K 328 -11.89 -45.01 12.99
C ILE K 328 -11.92 -43.68 12.23
N GLN K 329 -11.87 -42.59 12.99
CA GLN K 329 -11.89 -41.23 12.47
C GLN K 329 -10.57 -40.78 11.83
N GLY K 330 -10.68 -40.07 10.70
CA GLY K 330 -9.50 -39.56 10.01
C GLY K 330 -9.73 -38.21 9.37
N PHE K 331 -8.63 -37.50 9.11
CA PHE K 331 -8.61 -36.17 8.49
C PHE K 331 -7.54 -36.06 7.41
N ARG K 332 -7.86 -35.28 6.37
CA ARG K 332 -6.94 -35.05 5.25
C ARG K 332 -6.04 -33.85 5.49
N TYR K 333 -4.75 -34.02 5.16
CA TYR K 333 -3.74 -32.97 5.21
C TYR K 333 -3.10 -32.89 3.82
N GLY K 334 -3.86 -32.31 2.89
CA GLY K 334 -3.48 -32.19 1.49
C GLY K 334 -3.57 -33.53 0.80
N SER K 335 -2.46 -34.05 0.28
CA SER K 335 -2.53 -35.37 -0.36
C SER K 335 -2.67 -36.49 0.67
N ASP K 336 -1.93 -36.41 1.78
CA ASP K 336 -1.95 -37.42 2.83
C ASP K 336 -3.27 -37.47 3.59
N ILE K 337 -3.64 -38.69 4.02
CA ILE K 337 -4.83 -38.92 4.83
C ILE K 337 -4.33 -39.51 6.15
N VAL K 338 -4.45 -38.73 7.22
CA VAL K 338 -3.94 -39.09 8.53
C VAL K 338 -5.09 -39.53 9.44
N PRO K 339 -5.03 -40.72 10.05
CA PRO K 339 -6.09 -41.15 10.97
C PRO K 339 -5.88 -40.49 12.33
N PHE K 340 -6.90 -39.72 12.74
CA PHE K 340 -6.93 -38.90 13.95
C PHE K 340 -8.26 -39.12 14.66
N SER K 341 -8.21 -39.90 15.74
CA SER K 341 -9.40 -40.23 16.51
C SER K 341 -9.92 -39.03 17.30
N LYS K 342 -11.23 -39.08 17.59
CA LYS K 342 -11.91 -38.02 18.33
C LYS K 342 -11.31 -37.83 19.72
N VAL K 343 -10.78 -38.91 20.29
CA VAL K 343 -10.17 -38.86 21.63
C VAL K 343 -8.94 -37.95 21.61
N ASP K 344 -8.04 -38.16 20.65
CA ASP K 344 -6.86 -37.32 20.56
C ASP K 344 -7.23 -35.92 20.10
N GLU K 345 -8.31 -35.80 19.33
CA GLU K 345 -8.75 -34.49 18.85
C GLU K 345 -9.13 -33.56 20.00
N GLU K 346 -9.98 -34.04 20.91
CA GLU K 346 -10.40 -33.21 22.05
C GLU K 346 -9.22 -32.71 22.86
N GLN K 347 -8.16 -33.50 22.97
CA GLN K 347 -6.98 -33.11 23.74
C GLN K 347 -6.08 -32.16 22.98
N MET K 348 -5.83 -32.42 21.69
CA MET K 348 -4.90 -31.61 20.92
C MET K 348 -5.51 -30.31 20.38
N LYS K 349 -6.83 -30.20 20.29
CA LYS K 349 -7.50 -29.00 19.76
C LYS K 349 -7.26 -27.72 20.57
N TYR K 350 -7.51 -26.59 19.90
CA TYR K 350 -7.38 -25.24 20.48
C TYR K 350 -8.36 -25.00 21.63
N LYS K 351 -7.82 -24.68 22.79
CA LYS K 351 -8.59 -24.40 24.00
C LYS K 351 -8.75 -22.88 24.16
N SER K 352 -9.99 -22.41 24.00
CA SER K 352 -10.31 -20.99 24.11
C SER K 352 -10.14 -20.49 25.54
N GLU K 353 -9.62 -19.25 25.64
CA GLU K 353 -9.31 -18.58 26.91
C GLU K 353 -10.52 -18.26 27.77
N GLY K 354 -11.73 -18.37 27.24
CA GLY K 354 -12.93 -18.11 28.00
C GLY K 354 -13.81 -17.05 27.35
N LYS K 355 -15.03 -16.94 27.88
CA LYS K 355 -15.94 -15.93 27.36
C LYS K 355 -15.43 -14.54 27.76
N CYS K 356 -15.38 -13.64 26.78
CA CYS K 356 -14.86 -12.30 27.04
C CYS K 356 -15.23 -11.38 25.88
N PHE K 357 -14.99 -10.09 26.12
CA PHE K 357 -15.15 -8.99 25.17
C PHE K 357 -13.93 -8.08 25.29
N SER K 358 -12.74 -8.67 25.24
CA SER K 358 -11.52 -7.88 25.41
C SER K 358 -11.24 -7.04 24.18
N VAL K 359 -10.94 -5.78 24.41
CA VAL K 359 -10.63 -4.83 23.34
C VAL K 359 -9.17 -4.97 22.92
N LEU K 360 -8.98 -5.19 21.63
CA LEU K 360 -7.63 -5.27 21.07
C LEU K 360 -7.09 -3.89 20.80
N GLY K 361 -7.93 -3.00 20.32
CA GLY K 361 -7.46 -1.65 20.05
C GLY K 361 -8.55 -0.78 19.49
N PHE K 362 -8.15 0.39 19.03
CA PHE K 362 -9.08 1.36 18.46
C PHE K 362 -8.50 1.86 17.14
N CYS K 363 -9.38 1.99 16.15
CA CYS K 363 -8.98 2.47 14.82
C CYS K 363 -10.04 3.42 14.29
N LYS K 364 -9.69 4.16 13.24
CA LYS K 364 -10.67 5.09 12.67
C LYS K 364 -11.83 4.36 11.99
N SER K 365 -13.00 5.01 12.02
CA SER K 365 -14.22 4.49 11.42
C SER K 365 -14.02 4.09 9.96
N SER K 366 -13.20 4.84 9.23
CA SER K 366 -12.94 4.58 7.82
C SER K 366 -12.26 3.24 7.58
N GLN K 367 -11.46 2.78 8.54
CA GLN K 367 -10.72 1.53 8.36
C GLN K 367 -11.63 0.31 8.34
N VAL K 368 -12.80 0.36 8.98
CA VAL K 368 -13.73 -0.77 8.99
C VAL K 368 -14.85 -0.55 7.97
N GLN K 369 -14.81 -1.33 6.89
CA GLN K 369 -15.77 -1.27 5.79
C GLN K 369 -16.84 -2.34 5.97
N ARG K 370 -18.10 -1.96 5.73
CA ARG K 370 -19.24 -2.86 5.85
C ARG K 370 -19.11 -4.15 5.03
N ARG K 371 -18.31 -4.15 3.96
CA ARG K 371 -18.15 -5.37 3.16
C ARG K 371 -17.46 -6.50 3.92
N PHE K 372 -16.75 -6.18 5.01
CA PHE K 372 -16.02 -7.17 5.80
C PHE K 372 -16.85 -7.73 6.96
N PHE K 373 -18.10 -7.31 7.12
CA PHE K 373 -18.93 -7.82 8.19
C PHE K 373 -19.20 -9.31 8.02
N MET K 374 -19.10 -10.07 9.13
CA MET K 374 -19.26 -11.51 9.15
C MET K 374 -20.20 -11.94 10.28
N GLY K 375 -20.61 -13.21 10.23
CA GLY K 375 -21.51 -13.80 11.20
C GLY K 375 -22.95 -13.78 10.75
N ASN K 376 -23.84 -14.20 11.66
CA ASN K 376 -25.26 -14.20 11.35
C ASN K 376 -26.07 -13.44 12.39
N GLN K 377 -25.44 -12.51 13.11
CA GLN K 377 -26.09 -11.72 14.14
C GLN K 377 -25.33 -10.42 14.33
N VAL K 378 -26.00 -9.49 14.99
CA VAL K 378 -25.50 -8.18 15.38
C VAL K 378 -25.80 -8.07 16.87
N LEU K 379 -24.81 -7.67 17.66
CA LEU K 379 -25.02 -7.56 19.09
C LEU K 379 -25.06 -6.11 19.55
N LYS K 380 -26.03 -5.81 20.41
CA LYS K 380 -26.14 -4.49 21.01
C LYS K 380 -25.71 -4.65 22.46
N VAL K 381 -24.52 -4.11 22.73
CA VAL K 381 -23.83 -4.11 24.02
C VAL K 381 -24.38 -2.95 24.85
N PHE K 382 -25.24 -3.24 25.83
CA PHE K 382 -25.78 -2.21 26.70
C PHE K 382 -25.08 -2.28 28.05
N ALA K 383 -25.22 -1.19 28.82
CA ALA K 383 -24.65 -1.13 30.16
C ALA K 383 -25.51 -1.94 31.11
N ALA K 384 -24.87 -2.70 31.99
CA ALA K 384 -25.60 -3.52 32.96
C ALA K 384 -26.64 -2.73 33.73
N ARG K 385 -27.87 -3.25 33.73
CA ARG K 385 -29.01 -2.65 34.40
C ARG K 385 -28.79 -2.60 35.91
N ASP K 386 -29.21 -1.51 36.55
CA ASP K 386 -29.05 -1.31 37.99
C ASP K 386 -27.57 -1.27 38.38
N ASP K 387 -26.76 -0.69 37.49
CA ASP K 387 -25.32 -0.52 37.70
C ASP K 387 -24.95 0.91 37.28
N GLU K 388 -24.73 1.79 38.25
CA GLU K 388 -24.40 3.17 37.88
C GLU K 388 -22.96 3.32 37.39
N ALA K 389 -22.03 2.66 38.08
CA ALA K 389 -20.63 2.77 37.71
C ALA K 389 -20.35 2.18 36.33
N ALA K 390 -20.99 1.05 36.00
CA ALA K 390 -20.76 0.50 34.67
C ALA K 390 -21.48 1.30 33.61
N ALA K 391 -22.62 1.91 33.96
CA ALA K 391 -23.34 2.72 32.98
C ALA K 391 -22.53 3.94 32.59
N VAL K 392 -21.87 4.57 33.58
CA VAL K 392 -21.04 5.73 33.27
C VAL K 392 -19.76 5.30 32.57
N ALA K 393 -19.15 4.19 33.02
CA ALA K 393 -17.93 3.70 32.40
C ALA K 393 -18.14 3.39 30.93
N LEU K 394 -19.30 2.83 30.57
CA LEU K 394 -19.58 2.54 29.17
C LEU K 394 -19.95 3.80 28.39
N SER K 395 -20.78 4.68 28.99
CA SER K 395 -21.15 5.93 28.32
C SER K 395 -19.92 6.75 27.94
N SER K 396 -18.90 6.74 28.80
CA SER K 396 -17.66 7.48 28.51
C SER K 396 -16.99 6.94 27.25
N LEU K 397 -16.94 5.63 27.09
CA LEU K 397 -16.32 5.03 25.91
C LEU K 397 -17.14 5.32 24.65
N ILE K 398 -18.47 5.23 24.77
CA ILE K 398 -19.34 5.50 23.62
C ILE K 398 -19.13 6.91 23.12
N HIS K 399 -19.13 7.90 24.02
CA HIS K 399 -18.97 9.28 23.59
C HIS K 399 -17.53 9.57 23.14
N ALA K 400 -16.54 8.91 23.73
CA ALA K 400 -15.16 9.15 23.29
C ALA K 400 -14.97 8.64 21.87
N LEU K 401 -15.56 7.48 21.54
CA LEU K 401 -15.44 6.96 20.18
C LEU K 401 -16.26 7.79 19.20
N ASP K 402 -17.42 8.29 19.65
CA ASP K 402 -18.27 9.11 18.77
C ASP K 402 -17.61 10.43 18.39
N ASP K 403 -17.12 11.18 19.39
CA ASP K 403 -16.51 12.48 19.12
C ASP K 403 -15.24 12.34 18.29
N LEU K 404 -14.44 11.30 18.54
CA LEU K 404 -13.21 11.10 17.79
C LEU K 404 -13.42 10.40 16.45
N ASP K 405 -14.65 9.97 16.15
CA ASP K 405 -14.97 9.22 14.94
C ASP K 405 -14.08 7.98 14.84
N MET K 406 -14.09 7.18 15.90
CA MET K 406 -13.28 5.97 15.98
C MET K 406 -14.14 4.78 16.39
N VAL K 407 -13.58 3.58 16.17
CA VAL K 407 -14.22 2.33 16.50
C VAL K 407 -13.26 1.49 17.34
N ALA K 408 -13.76 0.35 17.84
CA ALA K 408 -12.95 -0.55 18.67
C ALA K 408 -12.88 -1.96 18.11
N ILE K 409 -11.67 -2.44 17.85
CA ILE K 409 -11.43 -3.80 17.37
C ILE K 409 -11.34 -4.68 18.63
N VAL K 410 -12.31 -5.62 18.77
CA VAL K 410 -12.47 -6.48 19.93
C VAL K 410 -12.44 -7.98 19.61
N ARG K 411 -12.20 -8.77 20.67
CA ARG K 411 -12.21 -10.24 20.67
C ARG K 411 -13.45 -10.72 21.42
N TYR K 412 -14.22 -11.61 20.81
CA TYR K 412 -15.48 -12.10 21.39
C TYR K 412 -15.67 -13.61 21.36
N ALA K 413 -16.31 -14.10 22.43
CA ALA K 413 -16.70 -15.50 22.59
C ALA K 413 -17.84 -15.50 23.59
N TYR K 414 -18.96 -16.15 23.23
CA TYR K 414 -20.10 -16.22 24.14
C TYR K 414 -19.85 -17.14 25.31
N ASP K 415 -19.04 -18.16 25.10
CA ASP K 415 -18.69 -19.10 26.14
C ASP K 415 -17.28 -19.59 25.87
N LYS K 416 -16.79 -20.35 26.83
CA LYS K 416 -15.47 -20.94 26.78
C LYS K 416 -15.40 -22.00 25.68
N ARG K 417 -16.55 -22.52 25.32
CA ARG K 417 -16.80 -23.55 24.34
C ARG K 417 -16.72 -23.03 22.92
N ALA K 418 -17.20 -21.80 22.78
CA ALA K 418 -17.30 -21.10 21.53
C ALA K 418 -15.97 -20.75 20.91
N ASN K 419 -15.98 -20.76 19.59
CA ASN K 419 -14.83 -20.41 18.80
C ASN K 419 -14.63 -18.90 18.92
N PRO K 420 -13.40 -18.43 19.08
CA PRO K 420 -13.20 -16.99 19.23
C PRO K 420 -13.47 -16.26 17.92
N GLN K 421 -13.94 -15.02 18.07
CA GLN K 421 -14.30 -14.12 17.00
C GLN K 421 -13.55 -12.80 17.17
N VAL K 422 -13.39 -12.08 16.06
CA VAL K 422 -12.78 -10.76 16.03
C VAL K 422 -13.76 -9.83 15.33
N GLY K 423 -14.14 -8.73 16.00
CA GLY K 423 -15.08 -7.86 15.36
C GLY K 423 -14.96 -6.39 15.72
N VAL K 424 -15.89 -5.61 15.15
CA VAL K 424 -16.00 -4.17 15.31
C VAL K 424 -17.02 -3.81 16.38
N ALA K 425 -16.69 -2.80 17.19
CA ALA K 425 -17.56 -2.24 18.24
C ALA K 425 -17.65 -0.73 18.06
N PHE K 426 -18.76 -0.25 17.45
CA PHE K 426 -18.91 1.18 17.16
C PHE K 426 -20.01 1.84 18.02
N PRO K 427 -19.88 3.14 18.30
CA PRO K 427 -20.88 3.83 19.12
C PRO K 427 -22.23 3.95 18.44
N HIS K 428 -23.29 4.03 19.26
CA HIS K 428 -24.66 4.14 18.75
C HIS K 428 -25.48 4.94 19.78
N ILE K 429 -25.55 6.26 19.57
CA ILE K 429 -26.25 7.20 20.46
C ILE K 429 -27.52 7.76 19.83
N LYS K 430 -28.66 7.59 20.52
CA LYS K 430 -29.93 8.18 20.15
C LYS K 430 -30.41 8.98 21.36
N HIS K 431 -31.45 9.80 21.17
CA HIS K 431 -31.96 10.64 22.26
C HIS K 431 -32.38 9.79 23.47
N ASN K 432 -32.96 8.61 23.23
CA ASN K 432 -33.46 7.78 24.32
C ASN K 432 -32.46 6.75 24.82
N TYR K 433 -31.75 6.04 23.94
CA TYR K 433 -30.80 5.01 24.35
C TYR K 433 -29.39 5.28 23.88
N GLU K 434 -28.45 4.59 24.51
CA GLU K 434 -27.03 4.71 24.25
C GLU K 434 -26.42 3.32 24.33
N CYS K 435 -25.72 2.87 23.29
CA CYS K 435 -25.16 1.52 23.33
C CYS K 435 -24.00 1.39 22.35
N LEU K 436 -23.28 0.28 22.47
CA LEU K 436 -22.24 -0.07 21.51
C LEU K 436 -22.80 -1.15 20.59
N VAL K 437 -22.39 -1.15 19.32
CA VAL K 437 -22.86 -2.13 18.36
C VAL K 437 -21.69 -2.97 17.88
N TYR K 438 -21.73 -4.27 18.21
CA TYR K 438 -20.75 -5.28 17.83
C TYR K 438 -21.18 -6.04 16.57
N VAL K 439 -20.28 -6.12 15.59
CA VAL K 439 -20.47 -6.90 14.38
C VAL K 439 -19.19 -7.66 14.11
N GLN K 440 -19.31 -8.98 13.93
CA GLN K 440 -18.12 -9.81 13.72
C GLN K 440 -17.40 -9.45 12.41
N LEU K 441 -16.08 -9.43 12.46
CA LEU K 441 -15.19 -9.14 11.36
C LEU K 441 -14.49 -10.43 10.92
N PRO K 442 -13.78 -10.42 9.80
CA PRO K 442 -13.17 -11.66 9.30
C PRO K 442 -11.75 -11.95 9.76
N PHE K 443 -11.41 -13.23 9.68
CA PHE K 443 -10.06 -13.75 9.93
C PHE K 443 -9.33 -13.81 8.59
N MET K 444 -7.99 -13.88 8.65
CA MET K 444 -7.21 -13.96 7.43
C MET K 444 -7.67 -15.11 6.53
N GLU K 445 -7.97 -16.26 7.12
CA GLU K 445 -8.42 -17.43 6.36
C GLU K 445 -9.75 -17.20 5.68
N ASP K 446 -10.64 -16.43 6.30
CA ASP K 446 -11.96 -16.15 5.75
C ASP K 446 -11.91 -15.26 4.53
N LEU K 447 -10.96 -14.34 4.47
CA LEU K 447 -10.85 -13.39 3.36
C LEU K 447 -10.48 -14.10 2.07
N ARG K 448 -11.05 -13.62 0.96
CA ARG K 448 -10.77 -14.15 -0.37
C ARG K 448 -10.38 -13.02 -1.31
N GLN K 449 -9.24 -13.20 -1.97
CA GLN K 449 -8.64 -12.22 -2.87
C GLN K 449 -8.67 -12.73 -4.30
N TYR K 450 -9.47 -12.06 -5.13
CA TYR K 450 -9.60 -12.31 -6.56
C TYR K 450 -9.31 -11.01 -7.27
N MET K 451 -8.95 -11.09 -8.55
CA MET K 451 -8.70 -9.88 -9.31
C MET K 451 -9.79 -9.79 -10.36
N PHE K 452 -10.51 -8.67 -10.34
CA PHE K 452 -11.58 -8.41 -11.28
C PHE K 452 -11.11 -7.37 -12.28
N SER K 453 -11.59 -7.47 -13.51
CA SER K 453 -11.18 -6.50 -14.51
C SER K 453 -11.75 -5.13 -14.15
N SER K 454 -10.93 -4.11 -14.36
CA SER K 454 -11.33 -2.74 -14.13
C SER K 454 -12.41 -2.32 -15.12
N LEU K 455 -13.27 -1.42 -14.70
CA LEU K 455 -14.34 -0.93 -15.55
C LEU K 455 -14.19 0.57 -15.72
N LYS K 456 -13.58 1.21 -14.73
CA LYS K 456 -13.31 2.65 -14.77
C LYS K 456 -12.66 3.01 -16.10
N ASN K 457 -11.73 2.17 -16.55
CA ASN K 457 -11.02 2.50 -17.77
C ASN K 457 -11.12 1.40 -18.82
N SER K 458 -12.23 0.67 -18.82
CA SER K 458 -12.44 -0.34 -19.85
C SER K 458 -12.88 0.37 -21.12
N LYS K 459 -11.99 0.47 -22.11
CA LYS K 459 -12.31 1.17 -23.35
C LYS K 459 -13.50 0.55 -24.07
N LYS K 460 -13.63 -0.78 -23.97
CA LYS K 460 -14.68 -1.55 -24.62
C LYS K 460 -16.06 -1.36 -23.99
N TYR K 461 -16.14 -1.14 -22.68
CA TYR K 461 -17.43 -0.99 -22.01
C TYR K 461 -17.73 0.41 -21.52
N ALA K 462 -16.86 1.39 -21.78
CA ALA K 462 -17.09 2.76 -21.33
C ALA K 462 -18.37 3.31 -21.95
N PRO K 463 -19.34 3.77 -21.15
CA PRO K 463 -20.59 4.29 -21.70
C PRO K 463 -20.51 5.72 -22.24
N THR K 464 -21.35 6.00 -23.22
CA THR K 464 -21.43 7.32 -23.83
C THR K 464 -22.10 8.32 -22.89
N GLU K 465 -21.93 9.61 -23.21
CA GLU K 465 -22.56 10.67 -22.42
C GLU K 465 -24.08 10.57 -22.40
N ALA K 466 -24.69 10.16 -23.51
CA ALA K 466 -26.15 10.00 -23.55
C ALA K 466 -26.58 8.82 -22.68
N GLN K 467 -25.78 7.76 -22.67
CA GLN K 467 -26.07 6.59 -21.85
C GLN K 467 -26.00 6.96 -20.37
N LEU K 468 -24.99 7.75 -19.98
CA LEU K 468 -24.87 8.16 -18.60
C LEU K 468 -26.00 9.10 -18.20
N ASN K 469 -26.39 10.05 -19.06
CA ASN K 469 -27.51 10.91 -18.70
C ASN K 469 -28.85 10.16 -18.70
N ALA K 470 -28.88 8.98 -19.31
CA ALA K 470 -30.12 8.19 -19.29
C ALA K 470 -30.18 7.44 -17.97
N VAL K 471 -29.03 6.95 -17.51
CA VAL K 471 -29.03 6.29 -16.21
C VAL K 471 -29.23 7.36 -15.13
N ASP K 472 -28.71 8.58 -15.35
CA ASP K 472 -28.91 9.68 -14.43
C ASP K 472 -30.39 10.00 -14.26
N ALA K 473 -31.13 10.01 -15.38
CA ALA K 473 -32.56 10.29 -15.30
C ALA K 473 -33.30 9.12 -14.68
N LEU K 474 -32.78 7.90 -14.89
CA LEU K 474 -33.41 6.72 -14.31
C LEU K 474 -33.28 6.73 -12.78
N ILE K 475 -32.08 7.04 -12.28
CA ILE K 475 -31.85 7.07 -10.85
C ILE K 475 -32.67 8.20 -10.21
N ASP K 476 -32.75 9.36 -10.87
CA ASP K 476 -33.57 10.45 -10.35
C ASP K 476 -35.05 10.09 -10.34
N SER K 477 -35.53 9.38 -11.36
CA SER K 477 -36.93 8.99 -11.43
C SER K 477 -37.28 7.87 -10.46
N MET K 478 -36.38 6.91 -10.25
CA MET K 478 -36.63 5.78 -9.37
C MET K 478 -36.13 6.00 -7.95
N SER K 479 -36.06 7.24 -7.49
CA SER K 479 -35.60 7.51 -6.14
C SER K 479 -36.67 7.13 -5.11
N LEU K 480 -36.22 6.43 -4.07
CA LEU K 480 -37.05 5.94 -2.97
C LEU K 480 -36.98 6.87 -1.77
N ALA K 481 -36.60 8.13 -2.00
CA ALA K 481 -36.50 9.09 -0.90
C ALA K 481 -37.06 10.45 -1.30
N LYS K 482 -37.68 11.09 -0.32
CA LYS K 482 -38.29 12.42 -0.42
C LYS K 482 -37.67 13.35 0.62
N LYS K 483 -37.47 14.59 0.23
CA LYS K 483 -36.87 15.58 1.11
C LYS K 483 -37.78 16.81 1.23
N LYS K 486 -39.76 19.82 0.82
CA LYS K 486 -40.29 19.81 2.18
C LYS K 486 -39.19 20.01 3.20
N THR K 487 -39.24 19.26 4.30
CA THR K 487 -38.20 19.41 5.31
C THR K 487 -36.93 18.70 4.85
N ASP K 488 -35.80 19.07 5.48
CA ASP K 488 -34.53 18.51 5.07
C ASP K 488 -34.43 17.02 5.38
N THR K 489 -35.46 16.44 6.00
CA THR K 489 -35.40 15.02 6.33
C THR K 489 -35.61 14.21 5.07
N LEU K 490 -34.85 13.13 4.96
CA LEU K 490 -34.92 12.22 3.82
C LEU K 490 -35.98 11.14 4.07
N GLU K 491 -37.24 11.56 4.02
CA GLU K 491 -38.34 10.61 4.27
C GLU K 491 -38.15 9.39 3.38
N ASP K 492 -38.01 8.23 4.01
CA ASP K 492 -37.84 7.00 3.24
C ASP K 492 -39.21 6.53 2.77
N LEU K 493 -39.32 6.28 1.47
CA LEU K 493 -40.59 5.83 0.90
C LEU K 493 -40.69 4.31 0.78
N PHE K 494 -39.60 3.58 0.99
CA PHE K 494 -39.62 2.11 0.94
C PHE K 494 -38.82 1.49 2.08
N PRO K 495 -39.16 1.80 3.34
CA PRO K 495 -38.46 1.16 4.47
C PRO K 495 -38.66 -0.35 4.51
N THR K 496 -37.64 -1.09 4.08
CA THR K 496 -37.75 -2.56 4.03
C THR K 496 -37.65 -3.16 5.42
N THR K 497 -36.93 -2.51 6.33
CA THR K 497 -36.77 -3.00 7.69
C THR K 497 -38.10 -3.04 8.46
N LYS K 498 -39.14 -2.39 7.94
CA LYS K 498 -40.46 -2.38 8.57
C LYS K 498 -41.38 -3.45 8.01
N ILE K 499 -41.10 -3.91 6.79
CA ILE K 499 -41.91 -4.93 6.10
C ILE K 499 -41.62 -6.30 6.70
N PRO K 500 -42.64 -7.09 7.04
CA PRO K 500 -42.41 -8.44 7.54
C PRO K 500 -42.05 -9.42 6.44
N ASN K 501 -41.27 -10.43 6.80
CA ASN K 501 -40.85 -11.51 5.93
C ASN K 501 -42.06 -12.23 5.33
N PRO K 502 -42.29 -12.15 4.02
CA PRO K 502 -43.51 -12.78 3.45
C PRO K 502 -43.59 -14.28 3.67
N ARG K 503 -42.46 -14.92 4.00
CA ARG K 503 -42.43 -16.37 4.22
C ARG K 503 -43.45 -16.80 5.25
N PHE K 504 -43.56 -16.05 6.35
CA PHE K 504 -44.42 -16.43 7.45
C PHE K 504 -45.91 -16.27 7.14
N GLN K 505 -46.34 -15.07 6.73
CA GLN K 505 -47.77 -14.91 6.46
C GLN K 505 -48.21 -15.78 5.27
N ARG K 506 -47.30 -16.11 4.35
CA ARG K 506 -47.65 -17.00 3.25
C ARG K 506 -47.81 -18.43 3.77
N LEU K 507 -46.91 -18.84 4.67
CA LEU K 507 -47.00 -20.17 5.26
C LEU K 507 -48.28 -20.31 6.06
N PHE K 508 -48.61 -19.30 6.88
CA PHE K 508 -49.83 -19.38 7.68
C PHE K 508 -51.05 -19.46 6.77
N GLN K 509 -51.05 -18.70 5.67
CA GLN K 509 -52.14 -18.75 4.70
C GLN K 509 -52.35 -20.16 4.18
N CYS K 510 -51.27 -20.79 3.70
CA CYS K 510 -51.38 -22.14 3.15
C CYS K 510 -51.76 -23.18 4.21
N LEU K 511 -51.15 -23.09 5.41
CA LEU K 511 -51.46 -24.03 6.49
C LEU K 511 -52.93 -23.97 6.87
N LEU K 512 -53.49 -22.77 6.97
CA LEU K 512 -54.89 -22.65 7.33
C LEU K 512 -55.78 -23.14 6.20
N HIS K 513 -55.45 -22.80 4.94
CA HIS K 513 -56.26 -23.26 3.82
C HIS K 513 -56.32 -24.78 3.75
N ARG K 514 -55.19 -25.46 4.01
CA ARG K 514 -55.24 -26.93 4.01
C ARG K 514 -55.99 -27.47 5.21
N ALA K 515 -55.92 -26.79 6.36
CA ALA K 515 -56.64 -27.26 7.53
C ALA K 515 -58.16 -27.14 7.36
N LEU K 516 -58.61 -26.08 6.68
CA LEU K 516 -60.04 -25.85 6.48
C LEU K 516 -60.56 -26.43 5.16
N HIS K 517 -59.80 -26.35 4.07
CA HIS K 517 -60.22 -26.88 2.78
C HIS K 517 -59.23 -27.94 2.33
N PRO K 518 -59.40 -29.17 2.80
CA PRO K 518 -58.44 -30.23 2.47
C PRO K 518 -58.57 -30.70 1.03
N ARG K 519 -59.79 -30.64 0.48
CA ARG K 519 -60.03 -31.10 -0.88
C ARG K 519 -59.42 -30.14 -1.91
N GLU K 520 -59.52 -28.84 -1.64
CA GLU K 520 -58.99 -27.78 -2.51
C GLU K 520 -57.46 -27.72 -2.48
N PRO K 521 -56.83 -27.37 -3.61
CA PRO K 521 -55.37 -27.23 -3.63
C PRO K 521 -54.92 -25.91 -3.01
N LEU K 522 -53.60 -25.77 -2.86
CA LEU K 522 -53.02 -24.58 -2.24
C LEU K 522 -53.45 -23.30 -2.96
N PRO K 523 -53.78 -22.26 -2.20
CA PRO K 523 -54.21 -20.98 -2.81
C PRO K 523 -53.03 -20.17 -3.31
N PRO K 524 -53.25 -19.22 -4.22
CA PRO K 524 -52.16 -18.39 -4.73
C PRO K 524 -51.78 -17.31 -3.72
N ILE K 525 -50.61 -16.70 -3.97
CA ILE K 525 -50.14 -15.63 -3.09
C ILE K 525 -51.14 -14.49 -3.06
N GLN K 526 -51.55 -14.11 -1.86
CA GLN K 526 -52.50 -13.00 -1.70
C GLN K 526 -51.93 -11.71 -2.26
N GLN K 527 -52.76 -10.98 -3.00
CA GLN K 527 -52.36 -9.75 -3.68
C GLN K 527 -51.67 -8.74 -2.76
N HIS K 528 -52.16 -8.58 -1.53
CA HIS K 528 -51.52 -7.60 -0.63
C HIS K 528 -50.07 -7.94 -0.33
N ILE K 529 -49.69 -9.22 -0.37
CA ILE K 529 -48.30 -9.57 -0.15
C ILE K 529 -47.43 -9.09 -1.31
N TRP K 530 -47.95 -9.18 -2.53
CA TRP K 530 -47.19 -8.67 -3.66
C TRP K 530 -47.18 -7.15 -3.64
N ASN K 531 -48.30 -6.57 -3.21
CA ASN K 531 -48.42 -5.11 -3.16
C ASN K 531 -47.46 -4.51 -2.13
N MET K 532 -47.26 -5.19 -1.00
CA MET K 532 -46.36 -4.69 0.02
C MET K 532 -44.91 -4.94 -0.36
N LEU K 533 -44.64 -5.93 -1.21
CA LEU K 533 -43.25 -6.19 -1.60
C LEU K 533 -42.79 -5.28 -2.73
N ASN K 534 -43.70 -4.82 -3.59
CA ASN K 534 -43.33 -3.95 -4.70
C ASN K 534 -43.23 -2.48 -4.26
N PRO K 535 -42.37 -1.70 -4.93
CA PRO K 535 -42.20 -0.27 -4.57
C PRO K 535 -43.46 0.54 -4.79
N PRO K 536 -43.54 1.73 -4.19
CA PRO K 536 -44.74 2.59 -4.34
C PRO K 536 -45.07 2.90 -5.79
N ALA K 537 -46.37 2.87 -6.08
CA ALA K 537 -46.88 3.12 -7.43
C ALA K 537 -46.30 4.38 -8.08
N GLU K 538 -46.02 5.42 -7.29
CA GLU K 538 -45.44 6.63 -7.87
C GLU K 538 -44.04 6.38 -8.43
N VAL K 539 -43.26 5.51 -7.81
CA VAL K 539 -41.91 5.20 -8.30
C VAL K 539 -42.00 4.37 -9.58
N THR K 540 -42.90 3.39 -9.60
CA THR K 540 -43.07 2.54 -10.78
C THR K 540 -43.54 3.36 -11.96
N THR K 541 -44.46 4.31 -11.72
CA THR K 541 -44.96 5.15 -12.80
C THR K 541 -43.88 6.12 -13.27
N LYS K 542 -43.14 6.71 -12.35
CA LYS K 542 -42.07 7.63 -12.69
C LYS K 542 -41.00 6.96 -13.56
N SER K 543 -40.64 5.72 -13.24
CA SER K 543 -39.58 4.99 -13.96
C SER K 543 -39.93 4.59 -15.40
N GLN K 544 -41.22 4.56 -15.77
CA GLN K 544 -41.63 4.12 -17.10
C GLN K 544 -40.86 4.78 -18.25
N ILE K 545 -40.83 6.10 -18.30
CA ILE K 545 -40.16 6.80 -19.41
C ILE K 545 -38.65 6.55 -19.45
N PRO K 546 -37.88 6.75 -18.37
CA PRO K 546 -36.44 6.50 -18.48
C PRO K 546 -36.13 5.04 -18.76
N LEU K 547 -36.97 4.11 -18.32
CA LEU K 547 -36.69 2.71 -18.62
C LEU K 547 -36.81 2.46 -20.12
N SER K 548 -37.82 3.06 -20.77
CA SER K 548 -37.94 2.91 -22.22
C SER K 548 -36.78 3.57 -22.95
N LYS K 549 -36.27 4.70 -22.44
CA LYS K 549 -35.12 5.31 -23.11
C LYS K 549 -33.84 4.48 -22.92
N ILE K 550 -33.65 3.91 -21.73
CA ILE K 550 -32.45 3.09 -21.52
C ILE K 550 -32.55 1.76 -22.24
N LYS K 551 -33.76 1.28 -22.52
CA LYS K 551 -33.87 0.03 -23.27
C LYS K 551 -33.25 0.19 -24.66
N THR K 552 -33.59 1.28 -25.34
CA THR K 552 -33.05 1.55 -26.66
C THR K 552 -31.58 1.96 -26.59
N LEU K 553 -31.22 2.75 -25.59
CA LEU K 553 -29.84 3.21 -25.44
C LEU K 553 -28.89 2.09 -25.01
N PHE K 554 -29.38 1.17 -24.18
CA PHE K 554 -28.60 0.03 -23.69
C PHE K 554 -29.03 -1.25 -24.38
N PRO K 555 -28.18 -1.74 -25.28
CA PRO K 555 -28.48 -2.95 -26.06
C PRO K 555 -28.31 -4.21 -25.25
N LEU K 556 -29.30 -5.10 -25.39
CA LEU K 556 -29.31 -6.36 -24.68
C LEU K 556 -29.52 -7.44 -25.72
N ILE K 557 -28.66 -8.46 -25.66
CA ILE K 557 -28.67 -9.59 -26.58
C ILE K 557 -28.21 -10.83 -25.84
N GLU K 558 -28.81 -11.97 -26.16
CA GLU K 558 -28.40 -13.21 -25.51
C GLU K 558 -27.15 -13.76 -26.19
N ALA K 559 -26.32 -14.47 -25.42
CA ALA K 559 -25.10 -15.08 -25.94
C ALA K 559 -25.40 -16.50 -26.45
N LYS K 560 -25.06 -16.78 -27.71
CA LYS K 560 -25.13 -18.16 -28.17
C LYS K 560 -23.86 -18.56 -28.91
N SER N 33 -57.82 -28.13 102.07
CA SER N 33 -58.43 -27.97 100.76
C SER N 33 -59.93 -27.68 100.85
N GLY N 34 -60.52 -27.12 99.80
CA GLY N 34 -61.96 -27.14 99.68
C GLY N 34 -62.56 -26.46 98.44
N ARG N 35 -63.82 -26.80 98.21
CA ARG N 35 -64.60 -26.12 97.22
C ARG N 35 -65.15 -24.91 97.93
N ASP N 36 -65.02 -23.76 97.29
CA ASP N 36 -65.50 -22.55 97.89
C ASP N 36 -66.95 -22.27 97.53
N SER N 37 -67.71 -21.81 98.54
CA SER N 37 -69.12 -21.48 98.37
C SER N 37 -69.31 -19.97 98.38
N LEU N 38 -70.00 -19.43 97.38
CA LEU N 38 -70.23 -17.99 97.31
C LEU N 38 -71.69 -17.68 97.01
N ILE N 39 -72.35 -16.88 97.85
CA ILE N 39 -73.75 -16.53 97.63
C ILE N 39 -73.86 -15.02 97.39
N PHE N 40 -74.47 -14.65 96.25
CA PHE N 40 -74.72 -13.27 95.88
C PHE N 40 -76.15 -12.90 96.27
N LEU N 41 -76.29 -12.03 97.27
CA LEU N 41 -77.58 -11.58 97.78
C LEU N 41 -77.89 -10.19 97.22
N VAL N 42 -78.98 -10.06 96.46
CA VAL N 42 -79.31 -8.80 95.80
C VAL N 42 -80.64 -8.21 96.29
N ASP N 43 -80.59 -6.93 96.68
CA ASP N 43 -81.75 -6.15 97.10
C ASP N 43 -82.62 -5.82 95.88
N ALA N 44 -83.93 -5.99 96.01
CA ALA N 44 -84.86 -5.68 94.91
C ALA N 44 -85.91 -4.65 95.33
N SER N 45 -85.53 -3.69 96.16
CA SER N 45 -86.45 -2.64 96.59
C SER N 45 -86.52 -1.52 95.55
N LYS N 46 -87.54 -0.67 95.70
CA LYS N 46 -87.78 0.46 94.78
C LYS N 46 -86.53 1.31 94.56
N ALA N 47 -85.77 1.55 95.62
CA ALA N 47 -84.57 2.39 95.53
C ALA N 47 -83.52 1.79 94.61
N MET N 48 -83.46 0.47 94.53
CA MET N 48 -82.47 -0.17 93.69
C MET N 48 -82.71 0.05 92.20
N PHE N 49 -83.94 0.35 91.76
CA PHE N 49 -84.12 0.51 90.32
C PHE N 49 -84.07 1.95 89.86
N GLU N 50 -83.70 2.89 90.72
CA GLU N 50 -83.65 4.28 90.31
C GLU N 50 -82.16 4.60 90.24
N SER N 51 -81.66 5.10 89.11
CA SER N 51 -80.23 5.42 89.15
C SER N 51 -80.03 6.82 89.69
N GLN N 52 -79.00 6.99 90.50
CA GLN N 52 -78.66 8.27 91.10
C GLN N 52 -77.94 9.15 90.09
N SER N 53 -76.65 8.88 89.91
CA SER N 53 -75.86 9.64 88.96
C SER N 53 -76.58 9.54 87.64
N GLU N 54 -76.85 10.68 86.99
CA GLU N 54 -77.60 10.57 85.76
C GLU N 54 -76.82 9.71 84.76
N ASP N 55 -77.47 9.39 83.64
CA ASP N 55 -76.82 8.64 82.56
C ASP N 55 -75.94 7.51 83.10
N GLU N 56 -76.39 6.85 84.19
CA GLU N 56 -75.68 5.75 84.82
C GLU N 56 -76.63 4.59 85.10
N LEU N 57 -76.08 3.37 85.10
CA LEU N 57 -76.89 2.19 85.33
C LEU N 57 -77.45 2.18 86.75
N THR N 58 -78.62 1.56 86.89
CA THR N 58 -79.27 1.40 88.18
C THR N 58 -78.43 0.50 89.09
N PRO N 59 -78.47 0.71 90.41
CA PRO N 59 -77.71 -0.15 91.32
C PRO N 59 -77.97 -1.63 91.06
N PHE N 60 -79.20 -1.94 90.63
CA PHE N 60 -79.56 -3.30 90.28
C PHE N 60 -78.80 -3.75 89.03
N ASP N 61 -78.80 -2.90 88.00
CA ASP N 61 -78.07 -3.21 86.78
C ASP N 61 -76.60 -3.43 87.09
N MET N 62 -76.04 -2.59 87.97
CA MET N 62 -74.65 -2.73 88.38
C MET N 62 -74.43 -4.10 89.02
N SER N 63 -75.35 -4.50 89.88
CA SER N 63 -75.24 -5.79 90.56
C SER N 63 -75.30 -6.94 89.56
N ILE N 64 -76.35 -7.00 88.74
CA ILE N 64 -76.49 -8.07 87.73
C ILE N 64 -75.25 -8.19 86.85
N GLN N 65 -74.69 -7.07 86.38
CA GLN N 65 -73.50 -7.15 85.53
C GLN N 65 -72.29 -7.62 86.33
N CYS N 66 -72.18 -7.15 87.57
CA CYS N 66 -71.08 -7.55 88.44
C CYS N 66 -71.12 -9.06 88.69
N ILE N 67 -72.32 -9.57 88.97
CA ILE N 67 -72.50 -11.01 89.22
C ILE N 67 -72.07 -11.80 88.01
N GLN N 68 -72.55 -11.38 86.83
CA GLN N 68 -72.19 -12.04 85.57
C GLN N 68 -70.67 -12.06 85.39
N SER N 69 -70.01 -10.93 85.65
CA SER N 69 -68.55 -10.86 85.51
C SER N 69 -67.87 -11.84 86.46
N VAL N 70 -68.39 -11.98 87.68
CA VAL N 70 -67.80 -12.94 88.62
C VAL N 70 -67.97 -14.36 88.11
N TYR N 71 -69.18 -14.70 87.64
CA TYR N 71 -69.43 -16.03 87.09
C TYR N 71 -68.46 -16.38 85.95
N ILE N 72 -68.27 -15.47 85.01
CA ILE N 72 -67.34 -15.76 83.93
C ILE N 72 -65.91 -15.91 84.47
N SER N 73 -65.49 -15.00 85.37
CA SER N 73 -64.15 -15.11 85.92
C SER N 73 -63.95 -16.45 86.63
N LYS N 74 -64.97 -16.91 87.33
CA LYS N 74 -64.93 -18.18 88.06
C LYS N 74 -64.85 -19.37 87.11
N ILE N 75 -65.43 -19.28 85.91
CA ILE N 75 -65.36 -20.41 84.97
C ILE N 75 -63.94 -20.52 84.41
N ILE N 76 -63.07 -19.61 84.82
CA ILE N 76 -61.67 -19.61 84.42
C ILE N 76 -60.75 -19.88 85.61
N SER N 77 -60.92 -19.12 86.70
CA SER N 77 -60.08 -19.29 87.88
C SER N 77 -60.32 -20.60 88.61
N SER N 78 -61.57 -20.91 88.92
CA SER N 78 -61.84 -22.16 89.63
C SER N 78 -63.22 -22.66 89.25
N ASP N 79 -63.28 -23.73 88.46
CA ASP N 79 -64.58 -24.26 88.08
C ASP N 79 -65.25 -25.02 89.21
N ARG N 80 -64.49 -25.61 90.14
CA ARG N 80 -65.26 -26.34 91.13
C ARG N 80 -65.96 -25.44 92.14
N ASP N 81 -65.70 -24.13 92.14
CA ASP N 81 -66.36 -23.24 93.10
C ASP N 81 -67.87 -23.29 92.93
N LEU N 82 -68.61 -23.28 94.04
CA LEU N 82 -70.06 -23.29 93.98
C LEU N 82 -70.60 -21.88 94.17
N LEU N 83 -71.47 -21.43 93.28
CA LEU N 83 -72.05 -20.09 93.33
C LEU N 83 -73.57 -20.16 93.49
N ALA N 84 -74.15 -19.08 94.01
CA ALA N 84 -75.60 -19.02 94.19
C ALA N 84 -76.04 -17.57 94.04
N VAL N 85 -77.27 -17.38 93.54
CA VAL N 85 -77.86 -16.05 93.33
C VAL N 85 -79.23 -16.00 94.01
N VAL N 86 -79.36 -15.16 95.05
CA VAL N 86 -80.59 -15.01 95.82
C VAL N 86 -81.04 -13.54 95.79
N PHE N 87 -82.33 -13.33 95.59
CA PHE N 87 -82.93 -12.00 95.57
C PHE N 87 -83.88 -11.86 96.75
N TYR N 88 -84.00 -10.63 97.25
CA TYR N 88 -84.93 -10.37 98.35
C TYR N 88 -85.72 -9.09 98.10
N GLY N 89 -86.93 -9.06 98.67
CA GLY N 89 -87.84 -7.94 98.48
C GLY N 89 -88.72 -8.06 97.26
N THR N 90 -88.86 -9.27 96.72
CA THR N 90 -89.69 -9.59 95.57
C THR N 90 -91.04 -10.15 96.00
N GLU N 91 -92.08 -9.84 95.23
CA GLU N 91 -93.41 -10.36 95.55
C GLU N 91 -93.46 -11.89 95.43
N LYS N 92 -92.96 -12.43 94.31
CA LYS N 92 -92.95 -13.87 94.11
C LYS N 92 -91.85 -14.51 94.96
N ASP N 93 -92.23 -15.49 95.78
CA ASP N 93 -91.25 -16.17 96.64
C ASP N 93 -91.09 -17.62 96.22
N LYS N 94 -89.83 -18.03 96.03
CA LYS N 94 -89.47 -19.40 95.66
C LYS N 94 -88.31 -19.82 96.57
N ASN N 95 -88.55 -20.52 97.67
CA ASN N 95 -87.42 -20.91 98.50
C ASN N 95 -87.73 -22.14 99.35
N SER N 96 -86.64 -22.75 99.82
CA SER N 96 -86.66 -23.98 100.63
C SER N 96 -87.77 -24.05 101.67
N VAL N 97 -87.89 -23.04 102.53
CA VAL N 97 -88.86 -23.06 103.62
C VAL N 97 -90.03 -22.12 103.34
N ASN N 98 -90.19 -21.71 102.08
CA ASN N 98 -91.27 -20.82 101.63
C ASN N 98 -91.37 -19.52 102.43
N PHE N 99 -90.22 -18.90 102.67
CA PHE N 99 -90.19 -17.61 103.34
C PHE N 99 -90.68 -16.53 102.38
N LYS N 100 -91.62 -15.70 102.85
CA LYS N 100 -92.20 -14.68 101.98
C LYS N 100 -91.15 -13.69 101.49
N ASN N 101 -91.25 -13.35 100.20
CA ASN N 101 -90.45 -12.34 99.51
C ASN N 101 -88.96 -12.72 99.37
N ILE N 102 -88.66 -14.00 99.24
CA ILE N 102 -87.29 -14.48 99.02
C ILE N 102 -87.31 -15.38 97.81
N TYR N 103 -86.67 -14.96 96.73
CA TYR N 103 -86.60 -15.71 95.48
C TYR N 103 -85.17 -16.20 95.26
N VAL N 104 -84.96 -17.51 95.41
CA VAL N 104 -83.65 -18.11 95.19
C VAL N 104 -83.57 -18.43 93.70
N LEU N 105 -82.96 -17.52 92.94
CA LEU N 105 -82.85 -17.70 91.51
C LEU N 105 -81.95 -18.89 91.19
N GLN N 106 -80.78 -18.94 91.81
CA GLN N 106 -79.84 -20.02 91.58
C GLN N 106 -79.33 -20.57 92.90
N GLU N 107 -79.44 -21.89 93.02
CA GLU N 107 -78.97 -22.65 94.17
C GLU N 107 -77.44 -22.71 94.11
N LEU N 108 -76.83 -23.24 95.18
CA LEU N 108 -75.38 -23.34 95.20
C LEU N 108 -74.94 -24.43 94.24
N ASP N 109 -74.27 -24.03 93.16
CA ASP N 109 -73.81 -24.99 92.17
C ASP N 109 -72.69 -24.37 91.34
N ASN N 110 -71.98 -25.25 90.62
CA ASN N 110 -70.88 -24.85 89.76
C ASN N 110 -71.35 -23.85 88.69
N PRO N 111 -70.46 -22.99 88.21
CA PRO N 111 -70.85 -22.03 87.17
C PRO N 111 -71.06 -22.68 85.81
N GLY N 112 -72.07 -22.21 85.08
CA GLY N 112 -72.38 -22.73 83.77
C GLY N 112 -72.70 -21.64 82.78
N ALA N 113 -72.70 -22.02 81.49
CA ALA N 113 -73.01 -21.07 80.42
C ALA N 113 -74.47 -20.63 80.48
N LYS N 114 -75.39 -21.56 80.79
CA LYS N 114 -76.80 -21.22 80.88
C LYS N 114 -77.10 -20.36 82.11
N ARG N 115 -76.33 -20.51 83.18
CA ARG N 115 -76.58 -19.66 84.36
C ARG N 115 -76.27 -18.21 84.01
N ILE N 116 -75.17 -17.97 83.30
CA ILE N 116 -74.84 -16.62 82.87
C ILE N 116 -75.90 -16.13 81.89
N LEU N 117 -76.39 -17.03 81.03
CA LEU N 117 -77.44 -16.65 80.10
C LEU N 117 -78.72 -16.24 80.85
N GLU N 118 -79.03 -16.92 81.96
CA GLU N 118 -80.21 -16.55 82.74
C GLU N 118 -80.04 -15.17 83.37
N LEU N 119 -78.85 -14.86 83.86
CA LEU N 119 -78.63 -13.52 84.42
C LEU N 119 -78.68 -12.45 83.34
N ASP N 120 -78.28 -12.79 82.12
CA ASP N 120 -78.28 -11.82 81.03
C ASP N 120 -79.69 -11.34 80.71
N GLN N 121 -80.72 -12.09 81.13
CA GLN N 121 -82.11 -11.69 80.89
C GLN N 121 -82.51 -10.48 81.73
N PHE N 122 -81.72 -10.12 82.74
CA PHE N 122 -81.99 -8.98 83.62
C PHE N 122 -81.03 -7.82 83.39
N LYS N 123 -79.99 -8.04 82.60
CA LYS N 123 -79.01 -7.01 82.29
C LYS N 123 -79.64 -5.92 81.43
N GLY N 124 -79.42 -4.67 81.82
CA GLY N 124 -79.94 -3.53 81.09
C GLY N 124 -81.32 -3.07 81.56
N GLN N 125 -81.80 -2.03 80.90
CA GLN N 125 -83.11 -1.45 81.19
C GLN N 125 -84.23 -2.37 80.78
N GLN N 126 -84.03 -3.10 79.69
CA GLN N 126 -85.00 -4.06 79.20
C GLN N 126 -84.97 -5.29 80.07
N GLY N 127 -83.79 -5.63 80.59
CA GLY N 127 -83.70 -6.73 81.52
C GLY N 127 -84.35 -6.39 82.84
N GLN N 128 -84.26 -5.11 83.23
CA GLN N 128 -84.95 -4.67 84.45
C GLN N 128 -86.44 -4.85 84.30
N LYS N 129 -86.95 -4.50 83.11
CA LYS N 129 -88.36 -4.67 82.83
C LYS N 129 -88.74 -6.15 82.92
N ARG N 130 -87.87 -7.01 82.38
CA ARG N 130 -88.12 -8.46 82.41
C ARG N 130 -88.15 -8.95 83.85
N PHE N 131 -87.30 -8.37 84.71
CA PHE N 131 -87.29 -8.74 86.13
C PHE N 131 -88.59 -8.33 86.80
N GLN N 132 -89.01 -7.08 86.61
CA GLN N 132 -90.27 -6.64 87.22
C GLN N 132 -91.44 -7.49 86.74
N ASP N 133 -91.37 -8.00 85.52
CA ASP N 133 -92.45 -8.82 85.00
C ASP N 133 -92.45 -10.23 85.58
N MET N 134 -91.29 -10.88 85.61
CA MET N 134 -91.21 -12.23 86.16
C MET N 134 -91.56 -12.25 87.65
N MET N 135 -90.94 -11.36 88.42
CA MET N 135 -91.15 -11.26 89.85
C MET N 135 -91.34 -9.80 90.24
N GLY N 136 -92.01 -9.58 91.36
CA GLY N 136 -92.26 -8.22 91.80
C GLY N 136 -91.02 -7.55 92.33
N HIS N 137 -91.25 -6.36 92.90
CA HIS N 137 -90.17 -5.56 93.45
C HIS N 137 -90.71 -4.59 94.50
N GLY N 138 -89.78 -4.12 95.34
CA GLY N 138 -90.09 -3.18 96.41
C GLY N 138 -91.02 -3.68 97.49
N SER N 139 -91.07 -5.00 97.71
CA SER N 139 -91.94 -5.61 98.70
C SER N 139 -91.27 -5.65 100.07
N ASP N 140 -92.08 -5.61 101.12
CA ASP N 140 -91.57 -5.66 102.49
C ASP N 140 -90.90 -7.01 102.74
N TYR N 141 -89.64 -6.97 103.15
CA TYR N 141 -88.82 -8.13 103.44
C TYR N 141 -88.46 -8.17 104.93
N SER N 142 -87.70 -9.20 105.31
CA SER N 142 -87.22 -9.39 106.68
C SER N 142 -85.83 -10.00 106.61
N LEU N 143 -84.80 -9.15 106.77
CA LEU N 143 -83.40 -9.58 106.69
C LEU N 143 -83.09 -10.81 107.54
N SER N 144 -83.80 -10.99 108.66
CA SER N 144 -83.59 -12.18 109.48
C SER N 144 -83.88 -13.44 108.68
N GLU N 145 -85.02 -13.47 108.00
CA GLU N 145 -85.40 -14.62 107.19
C GLU N 145 -84.45 -14.76 106.00
N VAL N 146 -84.00 -13.63 105.44
CA VAL N 146 -83.09 -13.66 104.30
C VAL N 146 -81.79 -14.37 104.68
N LEU N 147 -81.16 -13.97 105.80
CA LEU N 147 -79.94 -14.66 106.17
C LEU N 147 -80.20 -16.11 106.58
N TRP N 148 -81.37 -16.40 107.16
CA TRP N 148 -81.62 -17.81 107.48
C TRP N 148 -81.69 -18.66 106.23
N VAL N 149 -82.39 -18.18 105.19
CA VAL N 149 -82.44 -18.95 103.95
C VAL N 149 -81.04 -19.12 103.39
N CYS N 150 -80.23 -18.06 103.35
CA CYS N 150 -78.85 -18.21 102.86
C CYS N 150 -78.09 -19.28 103.64
N ALA N 151 -78.16 -19.23 104.98
CA ALA N 151 -77.47 -20.25 105.77
C ALA N 151 -78.03 -21.63 105.44
N ASN N 152 -79.35 -21.72 105.27
CA ASN N 152 -79.92 -23.00 104.93
C ASN N 152 -79.44 -23.43 103.57
N LEU N 153 -78.99 -22.47 102.74
CA LEU N 153 -78.46 -22.87 101.46
C LEU N 153 -77.10 -23.52 101.66
N PHE N 154 -76.35 -23.07 102.68
CA PHE N 154 -75.09 -23.79 102.79
C PHE N 154 -75.33 -25.17 103.40
N SER N 155 -76.37 -25.28 104.22
CA SER N 155 -76.72 -26.55 104.88
C SER N 155 -76.83 -27.73 103.90
N ASP N 156 -77.42 -27.48 102.73
CA ASP N 156 -77.67 -28.45 101.67
C ASP N 156 -76.47 -28.80 100.80
N VAL N 157 -75.26 -28.41 101.16
CA VAL N 157 -74.08 -28.79 100.39
C VAL N 157 -73.40 -29.97 101.07
N GLN N 158 -72.92 -30.92 100.27
CA GLN N 158 -72.27 -32.12 100.78
C GLN N 158 -70.75 -32.06 100.75
N PHE N 159 -70.18 -31.49 99.69
CA PHE N 159 -68.73 -31.40 99.54
C PHE N 159 -68.13 -30.34 100.46
N LYS N 160 -66.83 -30.50 100.75
CA LYS N 160 -66.11 -29.63 101.66
C LYS N 160 -66.29 -28.17 101.28
N MET N 161 -66.95 -27.38 102.14
CA MET N 161 -67.01 -25.93 101.91
C MET N 161 -65.80 -25.35 102.60
N SER N 162 -64.77 -25.00 101.82
CA SER N 162 -63.60 -24.37 102.41
C SER N 162 -63.92 -22.95 102.86
N HIS N 163 -64.71 -22.23 102.08
CA HIS N 163 -65.02 -20.86 102.48
C HIS N 163 -66.50 -20.59 102.32
N LYS N 164 -67.13 -20.01 103.34
CA LYS N 164 -68.54 -19.68 103.21
C LYS N 164 -68.58 -18.14 103.13
N ARG N 165 -69.16 -17.60 102.07
CA ARG N 165 -69.20 -16.16 101.89
C ARG N 165 -70.50 -15.67 101.27
N ILE N 166 -71.03 -14.60 101.83
CA ILE N 166 -72.24 -13.90 101.36
C ILE N 166 -71.87 -12.48 100.99
N MET N 167 -72.21 -12.06 99.77
CA MET N 167 -71.94 -10.72 99.27
C MET N 167 -73.29 -10.02 99.06
N LEU N 168 -73.61 -9.10 99.96
CA LEU N 168 -74.88 -8.37 99.97
C LEU N 168 -74.80 -7.08 99.13
N PHE N 169 -75.50 -7.07 97.99
CA PHE N 169 -75.57 -5.90 97.11
C PHE N 169 -76.84 -5.13 97.46
N THR N 170 -76.66 -3.97 98.09
CA THR N 170 -77.79 -3.15 98.50
C THR N 170 -77.39 -1.69 98.57
N ASN N 171 -78.37 -0.81 98.37
CA ASN N 171 -78.18 0.62 98.47
C ASN N 171 -78.99 1.22 99.61
N GLU N 172 -79.60 0.39 100.46
CA GLU N 172 -80.38 0.85 101.61
C GLU N 172 -79.48 0.79 102.84
N ASP N 173 -79.05 1.96 103.32
CA ASP N 173 -78.14 2.02 104.46
C ASP N 173 -78.82 1.69 105.79
N ASN N 174 -80.10 2.01 105.94
CA ASN N 174 -80.90 1.78 107.14
C ASN N 174 -82.24 1.19 106.70
N PRO N 175 -82.30 -0.10 106.37
CA PRO N 175 -83.60 -0.68 105.98
C PRO N 175 -84.61 -0.78 107.13
N HIS N 176 -84.44 -1.63 108.14
CA HIS N 176 -85.46 -1.74 109.19
C HIS N 176 -85.32 -0.71 110.33
N GLY N 177 -85.05 0.52 109.90
CA GLY N 177 -84.95 1.62 110.83
C GLY N 177 -86.33 1.92 111.38
N ASN N 178 -87.36 1.68 110.56
CA ASN N 178 -88.74 1.90 111.02
C ASN N 178 -89.21 0.72 111.86
N ASP N 179 -88.86 -0.51 111.48
CA ASP N 179 -89.25 -1.71 112.21
C ASP N 179 -88.12 -2.09 113.19
N SER N 180 -88.37 -1.97 114.49
CA SER N 180 -87.34 -2.31 115.47
C SER N 180 -87.12 -3.82 115.62
N ALA N 181 -88.19 -4.60 115.57
CA ALA N 181 -88.09 -6.05 115.73
C ALA N 181 -87.29 -6.69 114.61
N LYS N 182 -87.60 -6.36 113.35
CA LYS N 182 -86.88 -6.94 112.23
C LYS N 182 -85.39 -6.60 112.30
N ALA N 183 -85.06 -5.38 112.74
CA ALA N 183 -83.66 -4.97 112.85
C ALA N 183 -82.90 -5.75 113.91
N SER N 184 -83.50 -5.93 115.11
CA SER N 184 -82.78 -6.67 116.13
C SER N 184 -82.65 -8.15 115.78
N ARG N 185 -83.71 -8.74 115.20
CA ARG N 185 -83.60 -10.15 114.80
C ARG N 185 -82.54 -10.33 113.73
N ALA N 186 -82.43 -9.38 112.81
CA ALA N 186 -81.41 -9.47 111.77
C ALA N 186 -80.01 -9.37 112.38
N ARG N 187 -79.82 -8.49 113.37
CA ARG N 187 -78.52 -8.38 114.02
C ARG N 187 -78.14 -9.70 114.71
N THR N 188 -79.13 -10.35 115.31
CA THR N 188 -78.91 -11.61 116.00
C THR N 188 -78.51 -12.70 115.01
N LYS N 189 -79.26 -12.82 113.92
CA LYS N 189 -78.93 -13.83 112.92
C LYS N 189 -77.58 -13.56 112.24
N ALA N 190 -77.18 -12.30 112.11
CA ALA N 190 -75.86 -12.01 111.55
C ALA N 190 -74.78 -12.52 112.49
N GLY N 191 -75.00 -12.36 113.79
CA GLY N 191 -74.04 -12.90 114.75
C GLY N 191 -73.97 -14.41 114.63
N ASP N 192 -75.15 -15.06 114.53
CA ASP N 192 -75.20 -16.52 114.38
C ASP N 192 -74.43 -16.98 113.13
N LEU N 193 -74.51 -16.21 112.04
CA LEU N 193 -73.78 -16.58 110.85
C LEU N 193 -72.28 -16.46 111.07
N ARG N 194 -71.83 -15.37 111.68
CA ARG N 194 -70.37 -15.28 111.88
C ARG N 194 -69.89 -16.39 112.82
N ASP N 195 -70.69 -16.75 113.81
CA ASP N 195 -70.32 -17.83 114.72
C ASP N 195 -70.33 -19.17 114.00
N THR N 196 -71.02 -19.25 112.85
CA THR N 196 -71.04 -20.48 112.08
C THR N 196 -69.77 -20.60 111.24
N GLY N 197 -69.25 -19.47 110.76
CA GLY N 197 -68.05 -19.45 109.93
C GLY N 197 -68.28 -18.79 108.60
N ILE N 198 -69.47 -18.21 108.45
CA ILE N 198 -69.88 -17.51 107.24
C ILE N 198 -69.36 -16.08 107.24
N PHE N 199 -68.76 -15.67 106.13
CA PHE N 199 -68.23 -14.32 105.95
C PHE N 199 -69.35 -13.45 105.38
N LEU N 200 -69.53 -12.25 105.93
CA LEU N 200 -70.55 -11.32 105.44
C LEU N 200 -69.90 -10.04 104.91
N ASP N 201 -69.96 -9.84 103.59
CA ASP N 201 -69.36 -8.67 102.95
C ASP N 201 -70.42 -7.80 102.28
N LEU N 202 -70.34 -6.51 102.55
CA LEU N 202 -71.25 -5.50 102.02
C LEU N 202 -70.74 -4.88 100.72
N MET N 203 -71.61 -4.78 99.72
CA MET N 203 -71.34 -4.16 98.43
C MET N 203 -72.23 -2.93 98.29
N HIS N 204 -72.06 -1.97 99.19
CA HIS N 204 -72.86 -0.75 99.22
C HIS N 204 -72.79 0.05 97.92
N LEU N 205 -73.97 0.40 97.42
CA LEU N 205 -74.27 1.10 96.18
C LEU N 205 -74.79 2.50 96.48
N LYS N 206 -74.75 3.35 95.44
CA LYS N 206 -75.13 4.76 95.47
C LYS N 206 -76.49 5.00 96.13
N LYS N 207 -76.50 5.86 97.16
CA LYS N 207 -77.70 6.22 97.91
C LYS N 207 -77.83 7.74 98.02
N PRO N 208 -79.02 8.30 97.76
CA PRO N 208 -79.20 9.76 97.92
C PRO N 208 -78.87 10.19 99.34
N GLY N 209 -77.91 11.09 99.47
CA GLY N 209 -77.50 11.52 100.79
C GLY N 209 -76.45 10.64 101.41
N GLY N 210 -75.72 9.88 100.60
CA GLY N 210 -74.68 9.01 101.08
C GLY N 210 -75.18 7.73 101.73
N PHE N 211 -74.24 6.81 101.90
CA PHE N 211 -74.46 5.51 102.52
C PHE N 211 -73.79 5.54 103.89
N ASP N 212 -74.54 5.22 104.93
CA ASP N 212 -74.00 5.22 106.28
C ASP N 212 -73.82 3.79 106.78
N ILE N 213 -72.59 3.47 107.18
CA ILE N 213 -72.32 2.14 107.72
C ILE N 213 -72.71 2.10 109.19
N SER N 214 -72.47 3.21 109.91
CA SER N 214 -72.76 3.28 111.33
C SER N 214 -74.23 3.02 111.65
N LEU N 215 -75.15 3.42 110.75
CA LEU N 215 -76.57 3.19 111.01
C LEU N 215 -76.89 1.71 110.95
N PHE N 216 -76.41 1.05 109.91
CA PHE N 216 -76.57 -0.36 109.66
C PHE N 216 -75.47 -0.82 108.73
N TYR N 217 -75.14 -2.10 108.88
CA TYR N 217 -74.16 -2.90 108.18
C TYR N 217 -72.85 -2.84 108.96
N ARG N 218 -72.69 -1.85 109.85
CA ARG N 218 -71.47 -1.76 110.65
C ARG N 218 -71.27 -2.95 111.59
N ASP N 219 -72.34 -3.39 112.26
CA ASP N 219 -72.26 -4.52 113.17
C ASP N 219 -72.46 -5.88 112.52
N ILE N 220 -73.28 -5.94 111.48
CA ILE N 220 -73.56 -7.20 110.82
C ILE N 220 -72.32 -7.72 110.09
N ILE N 221 -71.67 -6.88 109.28
CA ILE N 221 -70.53 -7.33 108.48
C ILE N 221 -69.38 -7.89 109.30
N SER N 222 -68.68 -8.85 108.67
CA SER N 222 -67.49 -9.49 109.19
C SER N 222 -66.28 -8.62 108.87
N ILE N 223 -65.57 -8.16 109.89
CA ILE N 223 -64.40 -7.32 109.61
C ILE N 223 -63.13 -8.12 109.88
N LEU N 229 -64.12 3.74 104.38
CA LEU N 229 -65.10 3.32 105.37
C LEU N 229 -65.98 4.49 105.75
N ARG N 230 -66.67 4.36 106.89
CA ARG N 230 -67.61 5.36 107.41
C ARG N 230 -68.63 5.65 106.31
N VAL N 231 -68.95 6.92 106.04
CA VAL N 231 -69.88 7.24 104.97
C VAL N 231 -69.23 6.93 103.62
N HIS N 232 -69.99 6.26 102.73
CA HIS N 232 -69.50 5.84 101.41
C HIS N 232 -70.65 6.02 100.42
N PHE N 233 -70.81 7.26 99.93
CA PHE N 233 -72.00 7.61 99.16
C PHE N 233 -72.06 6.90 97.81
N GLU N 234 -70.91 6.67 97.21
CA GLU N 234 -70.76 5.99 95.94
C GLU N 234 -70.72 4.47 96.13
N GLU N 235 -70.89 3.74 95.03
CA GLU N 235 -70.84 2.28 95.10
C GLU N 235 -69.49 1.85 95.63
N SER N 236 -69.49 0.84 96.50
CA SER N 236 -68.25 0.36 97.09
C SER N 236 -67.18 0.17 96.04
N SER N 237 -66.00 0.75 96.30
CA SER N 237 -64.88 0.66 95.37
C SER N 237 -64.63 -0.80 94.96
N LYS N 238 -64.88 -1.74 95.88
CA LYS N 238 -64.73 -3.17 95.66
C LYS N 238 -65.39 -3.63 94.36
N LEU N 239 -66.36 -2.83 93.87
CA LEU N 239 -67.06 -3.14 92.63
C LEU N 239 -66.13 -3.14 91.42
N GLU N 240 -65.16 -2.21 91.37
CA GLU N 240 -64.26 -2.19 90.22
C GLU N 240 -63.52 -3.51 90.09
N ASP N 241 -63.13 -4.11 91.22
CA ASP N 241 -62.43 -5.38 91.18
C ASP N 241 -63.39 -6.51 90.82
N LEU N 242 -64.58 -6.51 91.40
CA LEU N 242 -65.56 -7.55 91.07
C LEU N 242 -65.91 -7.49 89.58
N LEU N 243 -66.23 -6.30 89.09
CA LEU N 243 -66.57 -6.08 87.68
C LEU N 243 -65.43 -6.48 86.76
N ARG N 244 -64.18 -6.25 87.16
CA ARG N 244 -63.06 -6.62 86.31
C ARG N 244 -62.96 -8.15 86.21
N LYS N 245 -62.91 -8.62 84.96
CA LYS N 245 -62.82 -10.03 84.63
C LYS N 245 -61.45 -10.62 84.97
N VAL N 246 -61.46 -11.81 85.58
CA VAL N 246 -60.23 -12.50 85.98
C VAL N 246 -59.98 -13.77 85.15
N ARG N 247 -59.51 -13.60 83.91
CA ARG N 247 -59.18 -14.71 83.03
C ARG N 247 -57.93 -15.48 83.49
N ALA N 248 -57.82 -15.92 84.74
CA ALA N 248 -56.66 -16.67 85.21
C ALA N 248 -56.98 -18.08 85.68
N LYS N 249 -56.19 -19.07 85.20
CA LYS N 249 -56.31 -20.50 85.55
C LYS N 249 -55.67 -20.85 86.90
N GLU N 250 -55.80 -20.01 87.93
CA GLU N 250 -55.17 -20.26 89.24
C GLU N 250 -55.61 -21.55 89.92
N THR N 251 -54.64 -22.27 90.50
CA THR N 251 -54.80 -23.57 91.14
C THR N 251 -54.34 -23.59 92.60
N ARG N 252 -55.13 -24.30 93.43
CA ARG N 252 -54.89 -24.54 94.86
C ARG N 252 -53.49 -25.10 95.11
N LYS N 253 -52.83 -24.64 96.17
CA LYS N 253 -51.46 -25.07 96.42
C LYS N 253 -51.38 -26.59 96.53
N ARG N 254 -50.50 -27.10 95.68
CA ARG N 254 -50.10 -28.49 95.42
C ARG N 254 -48.63 -28.73 95.70
N ALA N 255 -48.29 -29.44 96.75
CA ALA N 255 -46.86 -29.63 96.92
C ALA N 255 -46.52 -30.64 95.82
N LEU N 256 -45.57 -30.26 94.97
CA LEU N 256 -45.16 -31.11 93.86
C LEU N 256 -44.54 -32.40 94.35
N SER N 257 -43.75 -32.33 95.41
CA SER N 257 -43.19 -33.59 95.91
C SER N 257 -42.73 -33.39 97.34
N ARG N 258 -42.68 -34.50 98.08
CA ARG N 258 -42.18 -34.45 99.45
C ARG N 258 -40.95 -35.34 99.46
N LEU N 259 -39.78 -34.73 99.54
CA LEU N 259 -38.53 -35.45 99.47
C LEU N 259 -37.75 -35.31 100.77
N LYS N 260 -36.76 -36.18 100.89
CA LYS N 260 -35.85 -36.20 102.03
C LYS N 260 -34.61 -35.40 101.65
N LEU N 261 -34.26 -34.42 102.48
CA LEU N 261 -33.06 -33.62 102.30
C LEU N 261 -32.03 -34.22 103.25
N LYS N 262 -31.17 -35.06 102.69
CA LYS N 262 -30.17 -35.80 103.45
C LYS N 262 -28.91 -34.96 103.57
N LEU N 263 -28.73 -34.32 104.73
CA LEU N 263 -27.51 -33.54 104.98
C LEU N 263 -26.30 -34.46 105.01
N ASN N 264 -26.49 -35.64 105.59
CA ASN N 264 -25.50 -36.68 105.79
C ASN N 264 -26.28 -37.96 105.98
N LYS N 265 -25.59 -39.10 105.89
CA LYS N 265 -26.18 -40.41 106.06
C LYS N 265 -27.14 -40.48 107.25
N ASP N 266 -26.82 -39.76 108.32
CA ASP N 266 -27.65 -39.79 109.53
C ASP N 266 -28.56 -38.58 109.71
N ILE N 267 -28.16 -37.41 109.20
CA ILE N 267 -28.95 -36.18 109.29
C ILE N 267 -29.87 -36.02 108.08
N VAL N 268 -31.16 -36.34 108.25
CA VAL N 268 -32.13 -36.27 107.15
C VAL N 268 -33.35 -35.48 107.62
N ILE N 269 -33.65 -34.37 106.95
CA ILE N 269 -34.84 -33.55 107.22
C ILE N 269 -35.81 -33.76 106.05
N SER N 270 -37.09 -33.48 106.25
CA SER N 270 -38.07 -33.64 105.18
C SER N 270 -38.49 -32.28 104.64
N VAL N 271 -38.45 -32.13 103.30
CA VAL N 271 -38.79 -30.89 102.62
C VAL N 271 -39.83 -31.11 101.53
N GLY N 272 -40.63 -30.08 101.28
CA GLY N 272 -41.62 -30.05 100.22
C GLY N 272 -41.14 -29.17 99.06
N ILE N 273 -41.20 -29.75 97.86
CA ILE N 273 -40.81 -29.08 96.63
C ILE N 273 -42.08 -28.58 95.95
N TYR N 274 -42.17 -27.25 95.80
CA TYR N 274 -43.30 -26.51 95.23
C TYR N 274 -42.88 -25.79 93.97
N ASN N 275 -43.69 -25.88 92.92
CA ASN N 275 -43.44 -25.19 91.66
C ASN N 275 -44.20 -23.85 91.66
N LEU N 276 -43.51 -22.78 92.06
CA LEU N 276 -44.11 -21.44 92.16
C LEU N 276 -44.34 -20.78 90.81
N VAL N 277 -43.75 -21.28 89.73
CA VAL N 277 -44.00 -20.75 88.40
C VAL N 277 -44.20 -21.95 87.48
N GLN N 278 -45.31 -21.96 86.74
CA GLN N 278 -45.55 -23.08 85.83
C GLN N 278 -46.34 -22.59 84.63
N LYS N 279 -45.77 -22.78 83.45
CA LYS N 279 -46.38 -22.36 82.18
C LYS N 279 -47.79 -22.92 82.00
N ALA N 280 -48.77 -22.02 82.03
CA ALA N 280 -50.19 -22.34 81.84
C ALA N 280 -50.47 -22.57 80.37
N LEU N 281 -50.95 -23.76 80.01
CA LEU N 281 -51.18 -24.13 78.62
C LEU N 281 -52.65 -24.33 78.30
N LYS N 282 -52.92 -24.31 77.00
CA LYS N 282 -54.25 -24.50 76.44
C LYS N 282 -54.84 -25.85 76.86
N PRO N 283 -56.03 -25.86 77.45
CA PRO N 283 -56.63 -27.13 77.91
C PRO N 283 -56.81 -28.10 76.75
N PRO N 284 -56.55 -29.38 76.96
CA PRO N 284 -56.70 -30.37 75.89
C PRO N 284 -58.15 -30.56 75.50
N PRO N 285 -58.44 -30.79 74.22
CA PRO N 285 -59.81 -31.00 73.79
C PRO N 285 -60.32 -32.37 74.23
N ILE N 286 -61.65 -32.49 74.33
CA ILE N 286 -62.31 -33.72 74.72
C ILE N 286 -63.07 -34.26 73.51
N LYS N 287 -62.81 -35.52 73.18
CA LYS N 287 -63.42 -36.21 72.05
C LYS N 287 -64.86 -36.59 72.38
N LEU N 288 -65.81 -36.01 71.65
CA LEU N 288 -67.25 -36.19 71.83
C LEU N 288 -67.87 -37.02 70.70
N TYR N 289 -69.20 -37.04 70.65
CA TYR N 289 -69.98 -37.72 69.64
C TYR N 289 -70.78 -36.69 68.85
N ARG N 290 -71.00 -36.97 67.55
CA ARG N 290 -71.69 -36.00 66.69
C ARG N 290 -73.12 -35.67 67.11
N GLU N 291 -73.86 -36.63 67.66
CA GLU N 291 -75.25 -36.38 68.01
C GLU N 291 -75.45 -36.12 69.50
N THR N 292 -74.99 -37.04 70.34
CA THR N 292 -75.17 -36.93 71.79
C THR N 292 -74.25 -35.87 72.39
N ASN N 293 -73.05 -35.69 71.82
CA ASN N 293 -72.09 -34.70 72.33
C ASN N 293 -71.61 -35.06 73.74
N GLU N 294 -71.44 -36.37 73.99
CA GLU N 294 -70.97 -36.84 75.27
C GLU N 294 -69.50 -37.27 75.13
N PRO N 295 -68.70 -37.17 76.19
CA PRO N 295 -67.28 -37.55 76.09
C PRO N 295 -67.08 -39.02 75.77
N VAL N 296 -65.99 -39.29 75.03
CA VAL N 296 -65.60 -40.63 74.61
C VAL N 296 -64.25 -40.98 75.23
N LYS N 297 -64.19 -42.10 75.95
CA LYS N 297 -62.96 -42.55 76.59
C LYS N 297 -62.05 -43.29 75.62
N THR N 298 -60.77 -42.93 75.57
CA THR N 298 -59.82 -43.57 74.66
C THR N 298 -58.94 -44.60 75.37
N LYS N 299 -58.91 -45.83 74.82
CA LYS N 299 -58.10 -46.94 75.30
C LYS N 299 -57.14 -47.35 74.18
N THR N 300 -55.86 -47.00 74.32
CA THR N 300 -54.83 -47.31 73.33
C THR N 300 -54.20 -48.66 73.68
N ARG N 301 -54.63 -49.68 72.93
CA ARG N 301 -54.28 -51.10 73.05
C ARG N 301 -53.17 -51.56 72.10
N THR N 302 -52.21 -52.34 72.64
CA THR N 302 -51.07 -52.90 71.90
C THR N 302 -51.27 -54.40 71.71
N PHE N 303 -51.30 -54.86 70.46
CA PHE N 303 -51.47 -56.29 70.23
C PHE N 303 -50.68 -56.73 69.00
N ASN N 304 -50.54 -58.03 68.86
CA ASN N 304 -49.79 -58.63 67.76
C ASN N 304 -50.48 -58.48 66.40
N THR N 305 -49.64 -58.54 65.36
CA THR N 305 -50.05 -58.47 63.97
C THR N 305 -50.25 -59.89 63.45
N SER N 306 -49.31 -60.78 63.80
CA SER N 306 -49.35 -62.18 63.38
C SER N 306 -50.50 -62.93 64.05
N THR N 307 -50.72 -62.67 65.34
CA THR N 307 -51.77 -63.35 66.10
C THR N 307 -53.05 -62.53 66.22
N GLY N 308 -52.95 -61.23 66.49
CA GLY N 308 -54.11 -60.38 66.61
C GLY N 308 -54.57 -60.11 68.03
N GLY N 309 -54.18 -60.97 68.97
CA GLY N 309 -54.57 -60.80 70.36
C GLY N 309 -53.62 -59.91 71.15
N LEU N 310 -54.15 -59.38 72.24
CA LEU N 310 -53.38 -58.51 73.14
C LEU N 310 -52.13 -59.22 73.65
N LEU N 311 -50.99 -58.54 73.54
CA LEU N 311 -49.71 -59.09 73.97
C LEU N 311 -49.38 -58.63 75.39
N LEU N 312 -48.88 -59.56 76.19
CA LEU N 312 -48.48 -59.23 77.56
C LEU N 312 -47.17 -58.44 77.58
N PRO N 313 -46.98 -57.58 78.59
CA PRO N 313 -45.72 -56.83 78.67
C PRO N 313 -44.49 -57.68 78.94
N SER N 314 -44.66 -58.91 79.45
CA SER N 314 -43.51 -59.78 79.68
C SER N 314 -42.92 -60.29 78.38
N ASP N 315 -43.75 -60.46 77.36
CA ASP N 315 -43.39 -60.93 76.03
C ASP N 315 -42.75 -59.86 75.16
N THR N 316 -42.66 -58.62 75.64
CA THR N 316 -42.09 -57.50 74.90
C THR N 316 -40.70 -57.17 75.43
N LYS N 317 -39.84 -56.74 74.51
CA LYS N 317 -38.47 -56.35 74.80
C LYS N 317 -38.15 -55.07 74.02
N ARG N 318 -37.12 -54.36 74.48
CA ARG N 318 -36.71 -53.11 73.85
C ARG N 318 -35.41 -53.34 73.09
N SER N 319 -35.32 -52.74 71.91
CA SER N 319 -34.18 -52.89 71.04
C SER N 319 -33.70 -51.56 70.51
N GLN N 320 -32.39 -51.50 70.25
CA GLN N 320 -31.75 -50.34 69.65
C GLN N 320 -30.71 -50.87 68.68
N ILE N 321 -30.81 -50.47 67.41
CA ILE N 321 -29.97 -50.97 66.34
C ILE N 321 -28.98 -49.89 65.93
N TYR N 322 -27.69 -50.20 66.08
CA TYR N 322 -26.58 -49.32 65.71
C TYR N 322 -25.83 -50.00 64.57
N GLY N 323 -26.09 -49.52 63.35
CA GLY N 323 -25.48 -50.07 62.16
C GLY N 323 -26.05 -51.44 61.92
N SER N 324 -25.21 -52.44 62.17
CA SER N 324 -25.60 -53.83 62.04
C SER N 324 -25.96 -54.47 63.37
N ARG N 325 -25.32 -54.03 64.45
CA ARG N 325 -25.57 -54.62 65.77
C ARG N 325 -26.92 -54.18 66.34
N GLN N 326 -27.62 -55.13 66.96
CA GLN N 326 -28.89 -54.87 67.61
C GLN N 326 -28.76 -55.21 69.09
N ILE N 327 -28.91 -54.20 69.94
CA ILE N 327 -28.81 -54.37 71.39
C ILE N 327 -30.21 -54.57 71.96
N ILE N 328 -30.38 -55.66 72.70
CA ILE N 328 -31.65 -56.06 73.29
C ILE N 328 -31.59 -55.87 74.80
N LEU N 329 -32.52 -55.09 75.34
CA LEU N 329 -32.64 -54.85 76.78
C LEU N 329 -34.09 -54.99 77.21
N GLU N 330 -34.28 -55.53 78.41
CA GLU N 330 -35.61 -55.66 78.98
C GLU N 330 -36.05 -54.30 79.53
N LYS N 331 -37.37 -54.15 79.71
CA LYS N 331 -37.89 -52.89 80.24
C LYS N 331 -37.27 -52.57 81.61
N GLU N 332 -37.03 -53.63 82.39
CA GLU N 332 -36.39 -53.48 83.69
C GLU N 332 -34.96 -53.03 83.54
N GLU N 333 -34.23 -53.58 82.55
CA GLU N 333 -32.84 -53.20 82.35
C GLU N 333 -32.75 -51.74 81.88
N THR N 334 -33.68 -51.33 81.01
CA THR N 334 -33.68 -49.95 80.54
C THR N 334 -33.94 -49.01 81.69
N GLU N 335 -34.64 -49.47 82.73
CA GLU N 335 -34.84 -48.59 83.88
C GLU N 335 -33.70 -48.71 84.89
N GLU N 336 -33.10 -49.91 85.00
CA GLU N 336 -31.99 -50.14 85.93
C GLU N 336 -30.79 -49.26 85.60
N LEU N 337 -30.53 -49.03 84.31
CA LEU N 337 -29.40 -48.17 83.95
C LEU N 337 -29.71 -46.73 84.31
N LYS N 338 -31.01 -46.41 84.32
CA LYS N 338 -31.69 -45.16 84.65
C LYS N 338 -31.68 -44.84 86.15
N ARG N 339 -31.47 -45.81 87.05
CA ARG N 339 -31.60 -45.56 88.48
C ARG N 339 -30.64 -44.49 89.01
N PHE N 340 -29.33 -44.72 88.96
CA PHE N 340 -28.37 -43.69 89.37
C PHE N 340 -28.54 -43.43 90.87
N ASP N 341 -28.83 -42.20 91.30
CA ASP N 341 -29.03 -41.77 92.67
C ASP N 341 -30.45 -42.10 93.15
N ASP N 342 -30.64 -42.12 94.50
CA ASP N 342 -31.94 -42.38 95.10
C ASP N 342 -32.75 -41.10 95.31
N PRO N 343 -34.07 -41.21 95.37
CA PRO N 343 -34.92 -40.02 95.51
C PRO N 343 -34.65 -39.22 96.77
N GLY N 344 -34.38 -37.94 96.61
CA GLY N 344 -34.13 -37.05 97.72
C GLY N 344 -33.10 -35.99 97.42
N LEU N 345 -32.84 -35.11 98.37
CA LEU N 345 -31.84 -34.06 98.21
C LEU N 345 -30.59 -34.47 98.99
N MET N 346 -29.43 -34.43 98.34
CA MET N 346 -28.17 -34.80 98.97
C MET N 346 -27.28 -33.56 99.06
N LEU N 347 -27.03 -33.10 100.28
CA LEU N 347 -26.22 -31.91 100.47
C LEU N 347 -24.78 -32.13 100.01
N MET N 348 -24.36 -31.35 99.02
CA MET N 348 -23.00 -31.41 98.49
C MET N 348 -22.10 -30.44 99.23
N GLY N 349 -22.60 -29.23 99.45
CA GLY N 349 -21.81 -28.24 100.16
C GLY N 349 -22.40 -26.86 100.01
N PHE N 350 -21.56 -25.85 100.20
CA PHE N 350 -22.02 -24.46 100.13
C PHE N 350 -21.15 -23.64 99.19
N LYS N 351 -21.72 -23.22 98.04
CA LYS N 351 -21.06 -22.42 97.00
C LYS N 351 -21.47 -20.95 97.08
N PRO N 352 -20.53 -20.00 97.15
CA PRO N 352 -20.94 -18.59 97.20
C PRO N 352 -21.71 -18.16 95.96
N LEU N 353 -22.76 -17.37 96.19
CA LEU N 353 -23.67 -16.90 95.14
C LEU N 353 -22.97 -16.28 93.93
N VAL N 354 -21.83 -15.61 94.13
CA VAL N 354 -21.12 -14.98 93.01
C VAL N 354 -20.76 -16.01 91.95
N LEU N 355 -20.43 -17.23 92.37
CA LEU N 355 -20.08 -18.28 91.43
C LEU N 355 -21.27 -18.74 90.60
N LEU N 356 -22.50 -18.61 91.11
CA LEU N 356 -23.67 -19.01 90.34
C LEU N 356 -23.93 -17.94 89.27
N LYS N 357 -23.80 -18.32 87.99
CA LYS N 357 -23.96 -17.35 86.90
C LYS N 357 -25.41 -17.17 86.44
N LYS N 358 -25.74 -15.93 86.08
CA LYS N 358 -27.09 -15.57 85.60
C LYS N 358 -27.51 -16.28 84.31
N HIS N 359 -26.57 -16.49 83.37
CA HIS N 359 -26.78 -17.21 82.10
C HIS N 359 -26.74 -18.76 82.17
N HIS N 360 -26.82 -19.39 83.32
CA HIS N 360 -26.73 -20.85 83.44
C HIS N 360 -28.06 -21.51 83.77
N TYR N 361 -29.15 -20.90 83.29
CA TYR N 361 -30.49 -21.41 83.47
C TYR N 361 -30.78 -22.54 82.46
N LEU N 362 -31.29 -23.64 82.99
CA LEU N 362 -31.60 -24.88 82.28
C LEU N 362 -33.10 -25.14 82.18
N ARG N 363 -33.80 -25.16 83.31
CA ARG N 363 -35.23 -25.41 83.39
C ARG N 363 -35.75 -24.55 84.53
N PRO N 364 -37.07 -24.27 84.58
CA PRO N 364 -37.56 -23.35 85.61
C PRO N 364 -37.30 -23.80 87.04
N SER N 365 -36.89 -22.84 87.86
CA SER N 365 -36.54 -23.04 89.25
C SER N 365 -37.73 -23.48 90.09
N LEU N 366 -37.43 -24.17 91.19
CA LEU N 366 -38.44 -24.65 92.14
C LEU N 366 -38.26 -23.96 93.49
N PHE N 367 -39.19 -24.20 94.41
CA PHE N 367 -39.14 -23.62 95.75
C PHE N 367 -39.12 -24.74 96.79
N VAL N 368 -38.13 -24.70 97.68
CA VAL N 368 -37.94 -25.67 98.74
C VAL N 368 -38.40 -25.05 100.05
N TYR N 369 -39.30 -25.74 100.74
CA TYR N 369 -39.86 -25.33 102.03
C TYR N 369 -39.88 -26.58 102.90
N PRO N 370 -39.71 -26.45 104.21
CA PRO N 370 -39.67 -27.66 105.04
C PRO N 370 -41.04 -28.33 105.14
N GLU N 371 -41.01 -29.61 105.51
CA GLU N 371 -42.22 -30.43 105.67
C GLU N 371 -42.20 -31.08 107.05
N GLU N 372 -42.69 -30.33 108.05
CA GLU N 372 -42.73 -30.80 109.42
C GLU N 372 -43.65 -32.00 109.57
N SER N 373 -44.64 -32.13 108.67
CA SER N 373 -45.59 -33.24 108.72
C SER N 373 -44.92 -34.61 108.63
N LEU N 374 -43.78 -34.73 107.94
CA LEU N 374 -43.14 -36.03 107.85
C LEU N 374 -42.07 -36.23 108.92
N VAL N 375 -41.12 -35.29 109.02
CA VAL N 375 -40.06 -35.34 110.02
C VAL N 375 -40.15 -34.11 110.91
N ILE N 376 -40.38 -34.36 112.20
CA ILE N 376 -40.53 -33.30 113.20
C ILE N 376 -39.16 -32.78 113.60
N GLY N 377 -38.98 -31.46 113.47
CA GLY N 377 -37.75 -30.76 113.74
C GLY N 377 -37.05 -30.30 112.48
N SER N 378 -37.65 -30.58 111.33
CA SER N 378 -37.09 -30.17 110.04
C SER N 378 -37.09 -28.66 109.91
N SER N 379 -38.22 -28.03 110.23
CA SER N 379 -38.40 -26.58 110.12
C SER N 379 -37.34 -25.81 110.91
N THR N 380 -36.95 -26.31 112.08
CA THR N 380 -35.94 -25.62 112.89
C THR N 380 -34.57 -25.60 112.18
N LEU N 381 -34.13 -26.76 111.68
CA LEU N 381 -32.86 -26.81 110.97
C LEU N 381 -32.93 -26.05 109.67
N PHE N 382 -34.09 -26.09 109.01
CA PHE N 382 -34.28 -25.34 107.77
C PHE N 382 -34.16 -23.84 108.04
N SER N 383 -34.79 -23.36 109.10
CA SER N 383 -34.72 -21.94 109.47
C SER N 383 -33.28 -21.54 109.77
N ALA N 384 -32.58 -22.35 110.57
CA ALA N 384 -31.18 -22.06 110.89
C ALA N 384 -30.31 -22.03 109.64
N LEU N 385 -30.55 -22.94 108.70
CA LEU N 385 -29.80 -22.98 107.45
C LEU N 385 -30.09 -21.75 106.60
N LEU N 386 -31.36 -21.37 106.48
CA LEU N 386 -31.72 -20.19 105.70
C LEU N 386 -31.08 -18.93 106.27
N ILE N 387 -31.18 -18.75 107.58
CA ILE N 387 -30.62 -17.57 108.23
C ILE N 387 -29.10 -17.50 108.04
N LYS N 388 -28.39 -18.60 108.29
CA LYS N 388 -26.94 -18.53 108.16
C LYS N 388 -26.49 -18.47 106.69
N CYS N 389 -27.29 -19.00 105.77
CA CYS N 389 -26.92 -18.92 104.36
C CYS N 389 -27.09 -17.48 103.87
N LEU N 390 -28.16 -16.83 104.29
CA LEU N 390 -28.37 -15.43 103.93
C LEU N 390 -27.25 -14.58 104.52
N GLU N 391 -26.88 -14.84 105.78
CA GLU N 391 -25.79 -14.09 106.41
C GLU N 391 -24.48 -14.24 105.65
N LYS N 392 -24.14 -15.47 105.26
CA LYS N 392 -22.88 -15.72 104.54
C LYS N 392 -22.96 -15.54 103.04
N GLU N 393 -24.14 -15.24 102.50
CA GLU N 393 -24.34 -15.07 101.06
C GLU N 393 -23.76 -16.26 100.29
N VAL N 394 -24.33 -17.43 100.58
CA VAL N 394 -23.89 -18.71 100.04
C VAL N 394 -25.12 -19.57 99.78
N ALA N 395 -25.06 -20.40 98.75
CA ALA N 395 -26.14 -21.31 98.40
C ALA N 395 -25.75 -22.75 98.74
N ALA N 396 -26.76 -23.56 99.05
CA ALA N 396 -26.53 -24.96 99.40
C ALA N 396 -26.63 -25.84 98.15
N LEU N 397 -25.48 -26.39 97.73
CA LEU N 397 -25.41 -27.27 96.58
C LEU N 397 -25.83 -28.68 96.96
N CYS N 398 -26.81 -29.21 96.21
CA CYS N 398 -27.41 -30.53 96.42
C CYS N 398 -27.41 -31.35 95.13
N ARG N 399 -27.61 -32.66 95.29
CA ARG N 399 -27.75 -33.64 94.20
C ARG N 399 -29.21 -34.11 94.15
N TYR N 400 -30.00 -33.44 93.33
CA TYR N 400 -31.45 -33.65 93.23
C TYR N 400 -31.82 -34.86 92.38
N THR N 401 -32.58 -35.77 92.99
CA THR N 401 -33.15 -36.96 92.34
C THR N 401 -34.65 -36.94 92.64
N PRO N 402 -35.49 -36.53 91.68
CA PRO N 402 -36.93 -36.40 92.00
C PRO N 402 -37.68 -37.71 92.23
N ARG N 403 -37.45 -38.75 91.44
CA ARG N 403 -38.16 -40.00 91.61
C ARG N 403 -37.20 -41.17 91.47
N ARG N 404 -37.71 -42.36 91.79
CA ARG N 404 -36.94 -43.59 91.67
C ARG N 404 -36.55 -43.81 90.20
N ASN N 405 -35.39 -44.43 90.02
CA ASN N 405 -34.83 -44.72 88.70
C ASN N 405 -34.77 -43.46 87.83
N ILE N 406 -34.14 -42.43 88.37
CA ILE N 406 -33.96 -41.16 87.67
C ILE N 406 -32.53 -40.66 87.87
N PRO N 407 -31.85 -40.20 86.81
CA PRO N 407 -30.48 -39.70 86.97
C PRO N 407 -30.46 -38.43 87.78
N PRO N 408 -29.40 -38.17 88.54
CA PRO N 408 -29.37 -36.99 89.39
C PRO N 408 -29.02 -35.73 88.60
N TYR N 409 -29.26 -34.58 89.24
CA TYR N 409 -28.94 -33.28 88.67
C TYR N 409 -28.48 -32.37 89.79
N PHE N 410 -27.45 -31.56 89.53
CA PHE N 410 -26.95 -30.65 90.56
C PHE N 410 -27.80 -29.38 90.62
N VAL N 411 -28.33 -29.11 91.81
CA VAL N 411 -29.16 -27.93 92.04
C VAL N 411 -28.50 -27.09 93.12
N ALA N 412 -28.77 -25.79 93.08
CA ALA N 412 -28.25 -24.84 94.06
C ALA N 412 -29.43 -24.20 94.77
N LEU N 413 -29.55 -24.46 96.07
CA LEU N 413 -30.62 -23.90 96.89
C LEU N 413 -30.22 -22.49 97.33
N VAL N 414 -30.71 -21.47 96.63
CA VAL N 414 -30.36 -20.09 96.93
C VAL N 414 -31.27 -19.58 98.05
N PRO N 415 -30.69 -19.08 99.15
CA PRO N 415 -31.50 -18.60 100.28
C PRO N 415 -32.37 -17.40 99.94
N GLN N 416 -33.69 -17.61 100.01
CA GLN N 416 -34.69 -16.61 99.70
C GLN N 416 -35.27 -16.07 101.01
N GLU N 417 -35.12 -14.77 101.23
CA GLU N 417 -35.63 -14.16 102.44
C GLU N 417 -37.10 -13.76 102.30
N GLU N 418 -37.79 -13.76 103.44
CA GLU N 418 -39.19 -13.39 103.49
C GLU N 418 -39.33 -11.89 103.27
N GLU N 419 -40.32 -11.50 102.49
CA GLU N 419 -40.55 -10.10 102.20
C GLU N 419 -42.04 -9.85 102.34
N LEU N 420 -42.39 -8.84 103.13
CA LEU N 420 -43.75 -8.45 103.39
C LEU N 420 -43.93 -6.99 103.01
N ASP N 421 -44.99 -6.69 102.26
CA ASP N 421 -45.24 -5.31 101.86
C ASP N 421 -45.87 -4.53 103.01
N ASP N 422 -46.22 -3.27 102.73
CA ASP N 422 -46.84 -2.41 103.73
C ASP N 422 -48.17 -2.98 104.17
N GLN N 423 -48.78 -3.79 103.34
CA GLN N 423 -50.07 -4.35 103.69
C GLN N 423 -49.88 -5.63 104.48
N LYS N 424 -48.63 -5.98 104.78
CA LYS N 424 -48.24 -7.19 105.49
C LYS N 424 -48.52 -8.46 104.68
N ILE N 425 -48.44 -8.33 103.35
CA ILE N 425 -48.66 -9.42 102.41
C ILE N 425 -47.29 -9.98 102.03
N GLN N 426 -47.17 -11.29 102.14
CA GLN N 426 -45.97 -12.06 101.83
C GLN N 426 -45.67 -11.93 100.35
N VAL N 427 -44.75 -11.02 99.99
CA VAL N 427 -44.44 -10.85 98.58
C VAL N 427 -43.48 -11.91 98.06
N THR N 428 -42.57 -12.39 98.92
CA THR N 428 -41.58 -13.43 98.66
C THR N 428 -41.57 -14.36 99.86
N PRO N 429 -41.99 -15.61 99.76
CA PRO N 429 -42.01 -16.46 100.95
C PRO N 429 -40.60 -16.88 101.33
N PRO N 430 -40.37 -17.18 102.61
CA PRO N 430 -39.03 -17.61 103.07
C PRO N 430 -38.73 -19.08 102.86
N GLY N 431 -37.57 -19.34 102.26
CA GLY N 431 -37.12 -20.70 102.00
C GLY N 431 -35.97 -20.69 101.02
N PHE N 432 -35.87 -21.75 100.22
CA PHE N 432 -34.79 -21.83 99.24
C PHE N 432 -35.30 -22.00 97.83
N GLN N 433 -34.66 -21.30 96.90
CA GLN N 433 -35.00 -21.44 95.49
C GLN N 433 -34.08 -22.50 94.89
N LEU N 434 -34.68 -23.60 94.41
CA LEU N 434 -33.97 -24.71 93.81
C LEU N 434 -33.63 -24.36 92.36
N VAL N 435 -32.38 -23.92 92.16
CA VAL N 435 -31.87 -23.48 90.86
C VAL N 435 -31.18 -24.64 90.17
N PHE N 436 -31.72 -25.09 89.04
CA PHE N 436 -31.13 -26.18 88.28
C PHE N 436 -29.86 -25.76 87.56
N LEU N 437 -28.76 -26.51 87.77
CA LEU N 437 -27.49 -26.21 87.14
C LEU N 437 -27.23 -27.21 86.02
N PRO N 438 -26.75 -26.72 84.88
CA PRO N 438 -26.51 -27.60 83.74
C PRO N 438 -25.22 -28.40 83.86
N PHE N 439 -25.23 -29.57 83.24
CA PHE N 439 -24.06 -30.42 83.15
C PHE N 439 -23.22 -29.98 81.95
N ALA N 440 -22.03 -30.57 81.82
CA ALA N 440 -21.17 -30.22 80.70
C ALA N 440 -21.89 -30.41 79.37
N ASP N 441 -22.79 -31.40 79.31
CA ASP N 441 -23.54 -31.68 78.09
C ASP N 441 -24.52 -30.55 77.76
N ASP N 442 -25.13 -29.96 78.79
CA ASP N 442 -26.15 -28.92 78.60
C ASP N 442 -25.58 -27.57 78.16
N LYS N 443 -24.30 -27.31 78.37
CA LYS N 443 -23.69 -26.06 77.92
C LYS N 443 -23.33 -26.25 76.45
N ARG N 444 -23.93 -25.46 75.57
CA ARG N 444 -23.71 -25.61 74.15
C ARG N 444 -22.54 -24.75 73.68
N LYS N 445 -21.75 -25.32 72.77
CA LYS N 445 -20.57 -24.68 72.20
C LYS N 445 -20.97 -23.41 71.45
N MET N 446 -20.08 -22.39 71.49
CA MET N 446 -20.46 -21.15 70.84
C MET N 446 -19.70 -20.82 69.56
N PRO N 447 -20.42 -20.31 68.55
CA PRO N 447 -19.79 -19.89 67.28
C PRO N 447 -18.92 -18.66 67.44
N PHE N 448 -17.61 -18.87 67.35
CA PHE N 448 -16.60 -17.84 67.56
C PHE N 448 -16.74 -16.66 66.58
N THR N 449 -17.06 -15.49 67.11
CA THR N 449 -17.24 -14.32 66.26
C THR N 449 -16.14 -13.32 66.61
N GLU N 450 -15.78 -12.49 65.64
CA GLU N 450 -14.74 -11.50 65.83
C GLU N 450 -15.29 -10.35 66.67
N LYS N 451 -14.55 -9.96 67.71
CA LYS N 451 -15.01 -8.87 68.57
C LYS N 451 -14.81 -7.52 67.89
N ILE N 452 -15.92 -6.83 67.66
CA ILE N 452 -15.99 -5.49 67.07
C ILE N 452 -16.68 -4.62 68.10
N MET N 453 -15.94 -3.70 68.71
CA MET N 453 -16.48 -2.85 69.76
C MET N 453 -16.88 -1.49 69.23
N ALA N 454 -18.05 -1.03 69.67
CA ALA N 454 -18.59 0.26 69.25
C ALA N 454 -17.82 1.41 69.90
N THR N 455 -17.82 2.55 69.21
CA THR N 455 -17.16 3.74 69.71
C THR N 455 -17.98 4.33 70.86
N PRO N 456 -17.34 5.05 71.79
CA PRO N 456 -18.10 5.62 72.90
C PRO N 456 -19.21 6.56 72.47
N GLU N 457 -19.13 7.12 71.26
CA GLU N 457 -20.20 7.99 70.80
C GLU N 457 -21.44 7.18 70.48
N GLN N 458 -21.27 6.02 69.85
CA GLN N 458 -22.42 5.19 69.53
C GLN N 458 -23.08 4.60 70.78
N VAL N 459 -22.29 4.14 71.76
CA VAL N 459 -22.86 3.59 72.99
C VAL N 459 -23.54 4.67 73.85
N GLY N 460 -22.91 5.84 74.01
CA GLY N 460 -23.54 6.91 74.77
C GLY N 460 -24.85 7.30 74.10
N LYS N 461 -24.86 7.18 72.78
CA LYS N 461 -26.05 7.52 72.04
C LYS N 461 -27.11 6.43 72.22
N MET N 462 -26.70 5.14 72.29
CA MET N 462 -27.67 4.08 72.51
C MET N 462 -28.22 4.25 73.93
N LYS N 463 -27.40 4.82 74.80
CA LYS N 463 -27.78 5.17 76.16
C LYS N 463 -28.93 6.15 76.10
N ALA N 464 -28.87 7.11 75.16
CA ALA N 464 -29.98 8.06 75.03
C ALA N 464 -31.27 7.36 74.58
N ILE N 465 -31.16 6.37 73.68
CA ILE N 465 -32.39 5.66 73.27
C ILE N 465 -32.96 4.89 74.45
N VAL N 466 -32.10 4.22 75.22
CA VAL N 466 -32.57 3.45 76.38
C VAL N 466 -33.21 4.38 77.39
N GLU N 467 -32.54 5.50 77.68
CA GLU N 467 -33.05 6.47 78.64
C GLU N 467 -34.44 6.97 78.22
N LYS N 468 -34.70 7.09 76.90
CA LYS N 468 -36.00 7.58 76.45
C LYS N 468 -37.09 6.49 76.42
N LEU N 469 -36.73 5.22 76.17
CA LEU N 469 -37.67 4.10 76.13
C LEU N 469 -37.82 3.40 77.49
N ARG N 470 -37.41 4.07 78.55
CA ARG N 470 -37.48 3.57 79.91
C ARG N 470 -38.90 3.27 80.35
N PHE N 471 -39.10 2.15 81.04
CA PHE N 471 -40.41 1.76 81.55
C PHE N 471 -40.25 0.95 82.85
N THR N 472 -41.38 0.79 83.54
CA THR N 472 -41.46 0.07 84.83
C THR N 472 -41.96 -1.36 84.62
N TYR N 473 -41.08 -2.33 84.91
CA TYR N 473 -41.39 -3.75 84.75
C TYR N 473 -42.05 -4.35 85.99
N ARG N 474 -43.12 -5.11 85.76
CA ARG N 474 -43.81 -5.88 86.79
C ARG N 474 -43.83 -7.33 86.32
N SER N 475 -43.72 -8.26 87.25
CA SER N 475 -43.75 -9.68 86.86
C SER N 475 -45.08 -10.04 86.20
N ASP N 476 -46.17 -9.44 86.66
CA ASP N 476 -47.52 -9.65 86.13
C ASP N 476 -47.89 -8.63 85.06
N SER N 477 -46.90 -7.99 84.42
CA SER N 477 -47.21 -6.98 83.41
C SER N 477 -47.86 -7.55 82.15
N PHE N 478 -47.54 -8.78 81.75
CA PHE N 478 -48.08 -9.31 80.50
C PHE N 478 -48.90 -10.57 80.71
N GLU N 479 -49.95 -10.68 79.90
CA GLU N 479 -50.85 -11.82 79.86
C GLU N 479 -50.62 -12.60 78.58
N ASN N 480 -50.70 -13.93 78.66
CA ASN N 480 -50.52 -14.81 77.51
C ASN N 480 -51.60 -14.52 76.47
N PRO N 481 -51.25 -14.00 75.29
CA PRO N 481 -52.31 -13.66 74.32
C PRO N 481 -52.99 -14.87 73.72
N VAL N 482 -52.31 -16.00 73.63
CA VAL N 482 -52.93 -17.21 73.09
C VAL N 482 -54.03 -17.67 74.03
N LEU N 483 -53.74 -17.71 75.32
CA LEU N 483 -54.72 -18.13 76.33
C LEU N 483 -55.84 -17.11 76.44
N GLN N 484 -55.49 -15.82 76.52
CA GLN N 484 -56.52 -14.80 76.63
C GLN N 484 -57.53 -14.90 75.49
N GLN N 485 -57.03 -15.13 74.27
CA GLN N 485 -57.92 -15.29 73.13
C GLN N 485 -58.70 -16.60 73.23
N HIS N 486 -58.03 -17.66 73.68
CA HIS N 486 -58.68 -18.97 73.83
C HIS N 486 -59.89 -18.91 74.77
N PHE N 487 -59.72 -18.30 75.94
CA PHE N 487 -60.84 -18.22 76.87
C PHE N 487 -61.86 -17.16 76.48
N ARG N 488 -61.45 -16.14 75.71
CA ARG N 488 -62.42 -15.16 75.24
C ARG N 488 -63.29 -15.80 74.16
N ASN N 489 -62.69 -16.69 73.37
CA ASN N 489 -63.43 -17.40 72.33
C ASN N 489 -64.41 -18.36 72.98
N LEU N 490 -63.98 -19.11 73.99
CA LEU N 490 -64.92 -20.04 74.60
C LEU N 490 -66.06 -19.28 75.31
N GLU N 491 -65.77 -18.14 75.92
CA GLU N 491 -66.85 -17.38 76.56
C GLU N 491 -67.86 -16.91 75.52
N ALA N 492 -67.38 -16.32 74.41
CA ALA N 492 -68.30 -15.83 73.39
C ALA N 492 -69.09 -16.96 72.74
N LEU N 493 -68.48 -18.13 72.50
CA LEU N 493 -69.26 -19.21 71.92
C LEU N 493 -70.30 -19.72 72.92
N ALA N 494 -69.97 -19.70 74.21
CA ALA N 494 -70.91 -20.13 75.24
C ALA N 494 -72.09 -19.18 75.38
N LEU N 495 -71.89 -17.88 75.18
CA LEU N 495 -72.98 -16.92 75.27
C LEU N 495 -73.70 -16.75 73.93
N ASP N 496 -73.35 -17.59 72.94
CA ASP N 496 -73.93 -17.59 71.61
C ASP N 496 -73.77 -16.26 70.91
N LEU N 497 -72.78 -15.48 71.35
CA LEU N 497 -72.48 -14.19 70.76
C LEU N 497 -71.66 -14.42 69.50
N MET N 498 -72.19 -13.94 68.38
CA MET N 498 -71.55 -14.12 67.08
C MET N 498 -70.18 -13.45 67.09
N GLU N 499 -70.07 -12.32 67.75
CA GLU N 499 -68.85 -11.55 67.83
C GLU N 499 -67.95 -12.14 68.91
N PRO N 500 -66.76 -12.66 68.57
CA PRO N 500 -65.87 -13.20 69.59
C PRO N 500 -65.08 -12.08 70.25
N GLU N 501 -64.93 -12.21 71.56
CA GLU N 501 -64.25 -11.22 72.40
C GLU N 501 -62.74 -11.25 72.16
N GLN N 502 -62.26 -10.22 71.46
CA GLN N 502 -60.88 -10.00 71.04
C GLN N 502 -59.94 -9.37 72.08
N ALA N 503 -59.03 -10.18 72.64
CA ALA N 503 -58.07 -9.68 73.65
C ALA N 503 -56.98 -8.88 72.95
N VAL N 504 -56.74 -7.64 73.39
CA VAL N 504 -55.71 -6.84 72.75
C VAL N 504 -54.36 -7.41 73.15
N ASP N 505 -53.50 -7.64 72.15
CA ASP N 505 -52.19 -8.22 72.42
C ASP N 505 -51.30 -7.22 73.15
N LEU N 506 -50.98 -7.54 74.41
CA LEU N 506 -50.13 -6.70 75.23
C LEU N 506 -48.66 -6.87 74.88
N THR N 507 -48.31 -8.01 74.29
CA THR N 507 -46.93 -8.31 73.91
C THR N 507 -46.43 -7.52 72.70
N LEU N 508 -47.31 -6.87 71.95
CA LEU N 508 -46.79 -6.07 70.84
C LEU N 508 -46.32 -4.70 71.34
N PRO N 509 -45.19 -4.20 70.85
CA PRO N 509 -44.73 -2.89 71.33
C PRO N 509 -45.53 -1.74 70.73
N LYS N 510 -45.68 -0.67 71.51
CA LYS N 510 -46.41 0.51 71.06
C LYS N 510 -45.55 1.31 70.06
N VAL N 511 -45.41 0.76 68.87
CA VAL N 511 -44.59 1.29 67.78
C VAL N 511 -44.76 2.81 67.61
N GLU N 512 -46.00 3.28 67.44
CA GLU N 512 -46.24 4.71 67.21
C GLU N 512 -45.79 5.57 68.40
N ALA N 513 -46.02 5.10 69.62
CA ALA N 513 -45.60 5.86 70.80
C ALA N 513 -44.08 5.95 70.86
N MET N 514 -43.41 4.88 70.46
CA MET N 514 -41.96 4.85 70.45
C MET N 514 -41.41 5.79 69.37
N ASN N 515 -42.07 5.83 68.22
CA ASN N 515 -41.62 6.74 67.17
C ASN N 515 -41.87 8.18 67.58
N LYS N 516 -42.91 8.41 68.37
CA LYS N 516 -43.18 9.76 68.83
C LYS N 516 -42.15 10.19 69.86
N ARG N 517 -41.81 9.29 70.79
CA ARG N 517 -40.81 9.63 71.79
C ARG N 517 -39.39 9.85 71.20
N LEU N 518 -38.93 9.03 70.22
CA LEU N 518 -37.56 9.24 69.74
C LEU N 518 -37.28 9.33 68.22
N GLY N 519 -38.23 9.74 67.37
CA GLY N 519 -37.95 9.88 65.93
C GLY N 519 -36.63 10.37 65.36
N SER N 520 -36.20 11.57 65.78
CA SER N 520 -34.96 12.11 65.25
C SER N 520 -33.77 11.32 65.76
N LEU N 521 -33.77 10.98 67.04
CA LEU N 521 -32.66 10.22 67.62
C LEU N 521 -32.48 8.91 66.84
N VAL N 522 -33.60 8.29 66.46
CA VAL N 522 -33.55 7.03 65.72
C VAL N 522 -32.86 7.24 64.37
N ASP N 523 -33.26 8.28 63.65
CA ASP N 523 -32.60 8.53 62.37
C ASP N 523 -31.12 8.90 62.58
N GLU N 524 -30.79 9.55 63.69
CA GLU N 524 -29.40 9.93 63.93
C GLU N 524 -28.48 8.72 64.16
N PHE N 525 -28.90 7.77 64.96
CA PHE N 525 -28.04 6.61 65.18
C PHE N 525 -27.94 5.75 63.96
N LYS N 526 -29.10 5.54 63.35
CA LYS N 526 -29.12 4.75 62.15
C LYS N 526 -28.12 5.37 61.19
N GLU N 527 -28.04 6.71 61.16
CA GLU N 527 -27.05 7.38 60.33
C GLU N 527 -25.62 7.17 60.81
N LEU N 528 -25.42 7.10 62.13
CA LEU N 528 -24.08 6.95 62.70
C LEU N 528 -23.50 5.57 62.48
N VAL N 529 -24.28 4.51 62.59
CA VAL N 529 -23.73 3.16 62.47
C VAL N 529 -23.92 2.56 61.09
N TYR N 530 -25.11 2.62 60.50
CA TYR N 530 -25.31 1.99 59.19
C TYR N 530 -24.95 2.91 58.03
N PRO N 531 -24.03 2.51 57.14
CA PRO N 531 -23.70 3.32 55.95
C PRO N 531 -24.81 3.20 54.92
N PRO N 532 -24.89 4.10 53.94
CA PRO N 532 -25.97 3.98 52.95
C PRO N 532 -25.90 2.76 52.03
N ASP N 533 -24.72 2.18 51.80
CA ASP N 533 -24.60 0.98 50.96
C ASP N 533 -24.82 -0.28 51.79
N TYR N 534 -26.02 -0.39 52.36
CA TYR N 534 -26.27 -1.55 53.18
C TYR N 534 -26.45 -2.80 52.30
N ASN N 535 -26.32 -3.97 52.92
CA ASN N 535 -26.36 -5.24 52.22
C ASN N 535 -27.74 -5.54 51.63
N SER O 21 -22.86 -31.49 55.51
CA SER O 21 -23.85 -30.95 56.44
C SER O 21 -23.46 -31.26 57.88
N GLY O 22 -22.32 -31.91 58.06
CA GLY O 22 -21.87 -32.29 59.39
C GLY O 22 -20.37 -32.09 59.54
N ASN O 23 -19.95 -31.85 60.78
CA ASN O 23 -18.56 -31.57 61.09
C ASN O 23 -17.80 -32.88 61.18
N LYS O 24 -16.94 -33.16 60.19
CA LYS O 24 -16.15 -34.38 60.23
C LYS O 24 -14.77 -34.13 60.83
N ALA O 25 -14.11 -35.21 61.24
CA ALA O 25 -12.78 -35.05 61.81
C ALA O 25 -12.05 -36.38 61.96
N ALA O 26 -10.76 -36.34 61.62
CA ALA O 26 -9.82 -37.45 61.73
C ALA O 26 -9.15 -37.41 63.10
N VAL O 27 -9.47 -38.36 63.98
CA VAL O 27 -8.88 -38.39 65.33
C VAL O 27 -7.99 -39.61 65.43
N VAL O 28 -6.77 -39.42 65.92
CA VAL O 28 -5.81 -40.51 66.13
C VAL O 28 -5.44 -40.51 67.61
N LEU O 29 -5.77 -41.60 68.30
CA LEU O 29 -5.46 -41.75 69.72
C LEU O 29 -4.13 -42.50 69.86
N CYS O 30 -3.13 -41.81 70.41
CA CYS O 30 -1.78 -42.33 70.58
C CYS O 30 -1.58 -42.70 72.06
N MET O 31 -1.73 -43.99 72.36
CA MET O 31 -1.67 -44.52 73.72
C MET O 31 -0.35 -45.18 74.07
N ASP O 32 0.20 -44.83 75.22
CA ASP O 32 1.42 -45.48 75.70
C ASP O 32 0.98 -46.76 76.39
N VAL O 33 1.50 -47.89 75.92
CA VAL O 33 1.20 -49.20 76.49
C VAL O 33 2.44 -49.85 77.09
N GLY O 34 3.54 -49.10 77.18
CA GLY O 34 4.77 -49.61 77.74
C GLY O 34 4.65 -50.24 79.11
N PHE O 35 5.63 -51.09 79.44
CA PHE O 35 5.66 -51.79 80.72
C PHE O 35 5.44 -50.80 81.87
N THR O 36 6.09 -49.63 81.81
CA THR O 36 5.97 -48.64 82.87
C THR O 36 4.54 -48.16 83.00
N MET O 37 3.74 -48.29 81.95
CA MET O 37 2.34 -47.92 82.06
C MET O 37 1.65 -48.93 82.94
N SER O 38 2.19 -50.17 82.99
CA SER O 38 1.65 -51.24 83.81
C SER O 38 2.11 -51.06 85.25
N ASN O 39 3.19 -50.30 85.43
CA ASN O 39 3.73 -49.98 86.76
C ASN O 39 2.68 -49.12 87.45
N SER O 40 2.20 -49.58 88.58
CA SER O 40 1.10 -48.92 89.28
C SER O 40 1.55 -48.42 90.64
N ILE O 41 1.02 -47.25 90.98
CA ILE O 41 1.24 -46.54 92.23
C ILE O 41 0.13 -46.99 93.17
N PRO O 42 0.47 -47.40 94.40
CA PRO O 42 -0.52 -47.93 95.36
C PRO O 42 -1.84 -47.20 95.54
N GLY O 43 -2.94 -47.97 95.41
CA GLY O 43 -4.30 -47.47 95.54
C GLY O 43 -4.89 -46.94 94.25
N ILE O 44 -4.04 -46.39 93.42
CA ILE O 44 -4.34 -45.79 92.12
C ILE O 44 -4.21 -46.81 91.00
N GLU O 45 -5.22 -46.81 90.12
CA GLU O 45 -5.20 -47.72 88.99
C GLU O 45 -4.02 -47.31 88.10
N SER O 46 -3.38 -48.31 87.54
CA SER O 46 -2.21 -48.10 86.70
C SER O 46 -2.54 -47.23 85.50
N PRO O 47 -1.64 -46.27 85.16
CA PRO O 47 -1.84 -45.37 84.01
C PRO O 47 -2.34 -46.11 82.79
N PHE O 48 -2.00 -47.39 82.67
CA PHE O 48 -2.51 -48.17 81.56
C PHE O 48 -4.02 -48.33 81.67
N GLU O 49 -4.50 -48.72 82.85
CA GLU O 49 -5.94 -48.86 83.06
C GLU O 49 -6.63 -47.51 83.03
N GLN O 50 -5.95 -46.47 83.51
CA GLN O 50 -6.52 -45.11 83.49
C GLN O 50 -6.70 -44.62 82.05
N ALA O 51 -5.67 -44.76 81.23
CA ALA O 51 -5.76 -44.35 79.84
C ALA O 51 -6.78 -45.19 79.10
N LYS O 52 -6.82 -46.48 79.39
CA LYS O 52 -7.81 -47.36 78.78
C LYS O 52 -9.23 -46.87 79.08
N LYS O 53 -9.48 -46.51 80.34
CA LYS O 53 -10.79 -46.02 80.75
C LYS O 53 -11.15 -44.73 80.00
N VAL O 54 -10.17 -43.84 79.82
CA VAL O 54 -10.44 -42.57 79.11
C VAL O 54 -10.70 -42.81 77.62
N ILE O 55 -9.90 -43.67 77.00
CA ILE O 55 -10.05 -43.97 75.58
C ILE O 55 -11.41 -44.61 75.34
N THR O 56 -11.76 -45.60 76.17
CA THR O 56 -13.06 -46.25 76.04
C THR O 56 -14.19 -45.23 76.16
N MET O 57 -14.07 -44.27 77.08
CA MET O 57 -15.10 -43.24 77.22
C MET O 57 -15.26 -42.45 75.91
N PHE O 58 -14.15 -42.08 75.29
CA PHE O 58 -14.17 -41.32 74.04
C PHE O 58 -14.81 -42.14 72.91
N VAL O 59 -14.26 -43.33 72.67
CA VAL O 59 -14.76 -44.17 71.60
C VAL O 59 -16.24 -44.48 71.81
N GLN O 60 -16.63 -44.76 73.06
CA GLN O 60 -18.03 -45.04 73.35
C GLN O 60 -18.94 -43.90 72.89
N ARG O 61 -18.57 -42.65 73.19
CA ARG O 61 -19.42 -41.55 72.74
C ARG O 61 -19.49 -41.51 71.21
N GLN O 62 -18.33 -41.62 70.53
CA GLN O 62 -18.33 -41.60 69.05
C GLN O 62 -19.07 -42.78 68.43
N VAL O 63 -19.08 -43.94 69.10
CA VAL O 63 -19.77 -45.10 68.56
C VAL O 63 -21.27 -44.97 68.74
N PHE O 64 -21.72 -44.78 69.98
CA PHE O 64 -23.16 -44.73 70.21
C PHE O 64 -23.80 -43.45 69.67
N ALA O 65 -23.06 -42.35 69.60
CA ALA O 65 -23.67 -41.16 69.00
C ALA O 65 -23.62 -41.17 67.48
N GLU O 66 -22.96 -42.18 66.90
CA GLU O 66 -22.86 -42.36 65.45
C GLU O 66 -22.34 -41.11 64.75
N ASN O 67 -21.26 -40.53 65.28
CA ASN O 67 -20.69 -39.37 64.61
C ASN O 67 -19.91 -39.84 63.38
N LYS O 68 -20.01 -39.08 62.28
CA LYS O 68 -19.34 -39.45 61.03
C LYS O 68 -17.87 -39.02 60.98
N ASP O 69 -17.21 -39.12 62.13
CA ASP O 69 -15.80 -38.81 62.33
C ASP O 69 -14.99 -40.10 62.41
N GLU O 70 -13.86 -40.16 61.69
CA GLU O 70 -13.02 -41.36 61.68
C GLU O 70 -11.94 -41.36 62.76
N ILE O 71 -11.78 -42.51 63.43
CA ILE O 71 -10.85 -42.66 64.55
C ILE O 71 -9.85 -43.80 64.29
N ALA O 72 -8.57 -43.49 64.48
CA ALA O 72 -7.43 -44.40 64.39
C ALA O 72 -6.79 -44.56 65.76
N LEU O 73 -6.16 -45.71 66.00
CA LEU O 73 -5.53 -45.98 67.30
C LEU O 73 -4.11 -46.50 67.13
N VAL O 74 -3.15 -45.77 67.70
CA VAL O 74 -1.73 -46.13 67.68
C VAL O 74 -1.31 -46.39 69.12
N LEU O 75 -0.58 -47.48 69.34
CA LEU O 75 -0.10 -47.84 70.66
C LEU O 75 1.42 -47.84 70.62
N PHE O 76 2.06 -47.17 71.58
CA PHE O 76 3.52 -47.18 71.58
C PHE O 76 4.09 -47.74 72.87
N GLY O 77 5.04 -48.64 72.67
CA GLY O 77 5.74 -49.42 73.66
C GLY O 77 5.23 -50.83 73.76
N THR O 78 4.40 -51.25 72.81
CA THR O 78 3.93 -52.62 72.79
C THR O 78 5.06 -53.54 72.37
N ASP O 79 4.95 -54.80 72.71
CA ASP O 79 5.97 -55.74 72.26
C ASP O 79 5.87 -55.88 70.73
N GLY O 80 6.93 -55.49 70.03
CA GLY O 80 7.02 -55.58 68.59
C GLY O 80 6.63 -54.28 67.89
N THR O 81 6.68 -54.31 66.56
CA THR O 81 6.35 -53.14 65.73
C THR O 81 5.46 -53.44 64.52
N ASP O 82 4.26 -52.87 64.48
CA ASP O 82 3.38 -53.10 63.32
C ASP O 82 3.90 -52.25 62.14
N ASN O 83 5.21 -52.00 62.11
CA ASN O 83 5.93 -51.24 61.09
C ASN O 83 5.19 -50.07 60.43
N PRO O 84 4.59 -49.14 61.16
CA PRO O 84 3.86 -48.06 60.48
C PRO O 84 4.78 -47.09 59.77
N LEU O 85 6.06 -47.03 60.17
CA LEU O 85 7.10 -46.16 59.60
C LEU O 85 8.45 -46.81 59.89
N SER O 86 8.41 -47.86 60.70
CA SER O 86 9.59 -48.62 61.06
C SER O 86 10.32 -49.11 59.81
N GLY O 87 10.85 -48.19 59.00
CA GLY O 87 11.55 -48.62 57.80
C GLY O 87 12.81 -49.41 58.10
N GLY O 88 13.36 -49.24 59.30
CA GLY O 88 14.58 -49.90 59.73
C GLY O 88 14.45 -50.42 61.15
N ASP O 89 15.15 -49.72 62.04
CA ASP O 89 15.22 -49.92 63.47
C ASP O 89 14.45 -48.80 64.18
N GLN O 90 13.91 -47.91 63.37
CA GLN O 90 13.15 -46.71 63.72
C GLN O 90 11.69 -47.01 64.05
N TYR O 91 11.17 -46.30 65.04
CA TYR O 91 9.77 -46.43 65.48
C TYR O 91 9.42 -47.84 65.94
N GLN O 92 10.29 -48.40 66.75
CA GLN O 92 10.08 -49.73 67.29
C GLN O 92 9.14 -49.64 68.48
N ASN O 93 8.43 -50.73 68.70
CA ASN O 93 7.44 -50.90 69.76
C ASN O 93 6.27 -49.94 69.59
N ILE O 94 5.89 -49.72 68.33
CA ILE O 94 4.74 -48.89 67.97
C ILE O 94 3.89 -49.73 67.03
N THR O 95 2.64 -49.93 67.39
CA THR O 95 1.68 -50.72 66.63
C THR O 95 0.49 -49.86 66.24
N VAL O 96 0.12 -49.85 64.97
CA VAL O 96 -1.06 -49.11 64.54
C VAL O 96 -2.21 -50.12 64.66
N HIS O 97 -2.84 -50.12 65.84
CA HIS O 97 -3.92 -51.07 66.10
C HIS O 97 -5.13 -50.78 65.21
N ARG O 98 -5.46 -49.51 65.03
CA ARG O 98 -6.61 -49.18 64.20
C ARG O 98 -6.27 -48.04 63.27
N HIS O 99 -6.49 -48.26 61.98
CA HIS O 99 -6.29 -47.24 60.97
C HIS O 99 -7.49 -46.31 60.96
N LEU O 100 -7.29 -45.11 60.43
CA LEU O 100 -8.34 -44.11 60.42
C LEU O 100 -9.57 -44.61 59.68
N MET O 101 -10.65 -44.80 60.43
CA MET O 101 -11.92 -45.28 59.92
C MET O 101 -12.96 -45.10 61.02
N LEU O 102 -14.21 -45.22 60.63
CA LEU O 102 -15.33 -45.11 61.56
C LEU O 102 -15.21 -46.17 62.66
N PRO O 103 -15.29 -45.81 63.93
CA PRO O 103 -15.14 -46.79 65.01
C PRO O 103 -16.30 -47.77 65.07
N ASP O 104 -16.02 -49.00 65.48
CA ASP O 104 -17.04 -50.04 65.58
C ASP O 104 -16.92 -50.78 66.91
N PHE O 105 -17.81 -51.77 67.07
CA PHE O 105 -17.85 -52.60 68.28
C PHE O 105 -16.62 -53.48 68.40
N ASP O 106 -16.03 -53.89 67.27
CA ASP O 106 -14.81 -54.70 67.33
C ASP O 106 -13.68 -53.91 67.98
N LEU O 107 -13.59 -52.62 67.67
CA LEU O 107 -12.59 -51.76 68.31
C LEU O 107 -12.83 -51.63 69.80
N LEU O 108 -14.08 -51.42 70.21
CA LEU O 108 -14.39 -51.30 71.62
C LEU O 108 -14.07 -52.61 72.35
N GLU O 109 -14.37 -53.74 71.71
CA GLU O 109 -14.06 -55.03 72.31
C GLU O 109 -12.56 -55.22 72.45
N ASP O 110 -11.79 -54.74 71.47
CA ASP O 110 -10.33 -54.85 71.55
C ASP O 110 -9.78 -54.01 72.69
N ILE O 111 -10.27 -52.77 72.85
CA ILE O 111 -9.83 -51.92 73.95
C ILE O 111 -10.20 -52.53 75.30
N GLU O 112 -11.43 -53.02 75.42
CA GLU O 112 -11.92 -53.59 76.68
C GLU O 112 -11.05 -54.75 77.18
N SER O 113 -10.67 -55.67 76.30
CA SER O 113 -9.94 -56.84 76.78
C SER O 113 -8.78 -57.32 75.90
N LYS O 114 -8.83 -57.15 74.58
CA LYS O 114 -7.78 -57.69 73.72
C LYS O 114 -6.46 -56.97 73.92
N ILE O 115 -6.47 -55.65 73.97
CA ILE O 115 -5.23 -54.90 74.16
C ILE O 115 -4.76 -55.07 75.60
N GLN O 116 -3.55 -55.58 75.75
CA GLN O 116 -2.82 -55.92 76.96
C GLN O 116 -1.60 -55.02 77.05
N PRO O 117 -1.10 -54.74 78.25
CA PRO O 117 0.09 -53.90 78.36
C PRO O 117 1.32 -54.60 77.83
N GLY O 118 2.19 -53.82 77.18
CA GLY O 118 3.40 -54.35 76.60
C GLY O 118 4.54 -54.25 77.58
N SER O 119 5.65 -54.90 77.23
CA SER O 119 6.82 -54.90 78.10
C SER O 119 7.90 -53.92 77.69
N GLN O 120 7.90 -53.43 76.45
CA GLN O 120 8.91 -52.49 76.00
C GLN O 120 8.49 -51.04 76.29
N GLN O 121 9.39 -50.10 75.98
CA GLN O 121 9.14 -48.66 76.10
C GLN O 121 9.53 -47.96 74.82
N ALA O 122 8.72 -46.99 74.40
CA ALA O 122 8.98 -46.23 73.19
C ALA O 122 9.08 -44.74 73.46
N ASP O 123 9.56 -44.04 72.45
CA ASP O 123 9.69 -42.59 72.45
C ASP O 123 8.32 -42.01 72.08
N PHE O 124 7.72 -41.25 72.98
CA PHE O 124 6.38 -40.71 72.72
C PHE O 124 6.36 -39.79 71.50
N LEU O 125 7.46 -39.08 71.22
CA LEU O 125 7.50 -38.23 70.04
C LEU O 125 7.55 -39.07 68.76
N ASP O 126 8.20 -40.24 68.81
CA ASP O 126 8.24 -41.14 67.67
C ASP O 126 6.84 -41.65 67.35
N ALA O 127 6.07 -41.97 68.41
CA ALA O 127 4.69 -42.42 68.24
C ALA O 127 3.84 -41.30 67.65
N LEU O 128 4.10 -40.07 68.10
CA LEU O 128 3.39 -38.90 67.57
C LEU O 128 3.65 -38.79 66.07
N ILE O 129 4.87 -39.13 65.64
CA ILE O 129 5.19 -39.09 64.22
C ILE O 129 4.40 -40.15 63.47
N VAL O 130 4.27 -41.34 64.05
CA VAL O 130 3.47 -42.40 63.42
C VAL O 130 2.01 -41.95 63.24
N SER O 131 1.45 -41.34 64.28
CA SER O 131 0.09 -40.81 64.21
C SER O 131 -0.04 -39.75 63.13
N MET O 132 0.95 -38.87 63.03
CA MET O 132 0.94 -37.84 62.01
C MET O 132 0.95 -38.45 60.62
N ASP O 133 1.74 -39.50 60.40
CA ASP O 133 1.72 -40.14 59.09
C ASP O 133 0.35 -40.72 58.76
N VAL O 134 -0.36 -41.21 59.78
CA VAL O 134 -1.71 -41.74 59.54
C VAL O 134 -2.62 -40.63 59.05
N ILE O 135 -2.58 -39.48 59.72
CA ILE O 135 -3.40 -38.33 59.31
C ILE O 135 -3.01 -37.86 57.92
N GLN O 136 -1.70 -37.74 57.66
CA GLN O 136 -1.22 -37.26 56.37
C GLN O 136 -1.71 -38.12 55.21
N HIS O 137 -1.77 -39.43 55.40
CA HIS O 137 -2.17 -40.27 54.27
C HIS O 137 -3.66 -40.60 54.16
N GLU O 138 -4.39 -40.78 55.26
CA GLU O 138 -5.78 -41.20 55.24
C GLU O 138 -6.83 -40.09 55.14
N THR O 139 -6.42 -38.82 55.10
CA THR O 139 -7.31 -37.66 54.97
C THR O 139 -7.36 -37.05 53.57
N ILE O 140 -6.70 -37.67 52.59
CA ILE O 140 -6.60 -37.14 51.23
C ILE O 140 -7.96 -36.75 50.66
N GLY O 141 -7.98 -35.55 50.05
CA GLY O 141 -9.16 -34.97 49.42
C GLY O 141 -10.14 -34.35 50.39
N LYS O 142 -9.77 -33.21 51.02
CA LYS O 142 -10.57 -32.52 52.04
C LYS O 142 -11.80 -33.28 52.53
N LYS O 143 -11.60 -34.53 52.92
CA LYS O 143 -12.69 -35.35 53.44
C LYS O 143 -13.10 -34.88 54.82
N PHE O 144 -12.12 -34.47 55.61
CA PHE O 144 -12.26 -34.04 56.99
C PHE O 144 -12.08 -32.56 57.27
N GLU O 145 -13.00 -32.02 58.07
CA GLU O 145 -12.98 -30.62 58.47
C GLU O 145 -11.92 -30.35 59.55
N LYS O 146 -11.75 -31.25 60.52
CA LYS O 146 -10.78 -31.07 61.60
C LYS O 146 -9.82 -32.27 61.73
N ARG O 147 -8.57 -31.99 62.12
CA ARG O 147 -7.53 -33.01 62.35
C ARG O 147 -7.00 -32.93 63.79
N HIS O 148 -7.03 -34.05 64.52
CA HIS O 148 -6.67 -34.06 65.94
C HIS O 148 -5.94 -35.33 66.40
N ILE O 149 -4.91 -35.14 67.24
CA ILE O 149 -4.13 -36.22 67.85
C ILE O 149 -4.18 -36.09 69.38
N GLU O 150 -4.43 -37.22 70.05
CA GLU O 150 -4.51 -37.29 71.51
C GLU O 150 -3.48 -38.29 72.05
N ILE O 151 -2.44 -37.79 72.71
CA ILE O 151 -1.36 -38.59 73.27
C ILE O 151 -1.67 -38.97 74.72
N PHE O 152 -1.55 -40.26 75.03
CA PHE O 152 -1.79 -40.81 76.36
C PHE O 152 -0.51 -41.48 76.84
N THR O 153 0.24 -40.81 77.71
CA THR O 153 1.52 -41.35 78.19
C THR O 153 1.74 -40.94 79.64
N ASP O 154 2.80 -41.50 80.22
CA ASP O 154 3.24 -41.20 81.58
C ASP O 154 4.55 -40.42 81.64
N LEU O 155 5.27 -40.32 80.53
CA LEU O 155 6.54 -39.60 80.36
C LEU O 155 7.67 -40.22 81.15
N SER O 156 7.47 -41.42 81.70
CA SER O 156 8.52 -42.09 82.46
C SER O 156 9.60 -42.62 81.54
N SER O 157 9.33 -42.73 80.25
CA SER O 157 10.27 -43.25 79.27
C SER O 157 11.20 -42.15 78.76
N ARG O 158 12.43 -42.55 78.48
CA ARG O 158 13.41 -41.63 77.92
C ARG O 158 13.01 -41.29 76.48
N PHE O 159 13.45 -40.12 76.01
CA PHE O 159 13.06 -39.71 74.67
C PHE O 159 14.12 -38.81 74.07
N SER O 160 14.03 -38.64 72.74
CA SER O 160 14.95 -37.83 71.98
C SER O 160 14.28 -36.56 71.45
N LYS O 161 15.01 -35.47 71.60
CA LYS O 161 14.70 -34.11 71.22
C LYS O 161 15.13 -33.79 69.80
N SER O 162 15.57 -34.81 69.06
CA SER O 162 16.08 -34.64 67.69
C SER O 162 15.07 -34.00 66.72
N GLN O 163 13.94 -34.63 66.39
CA GLN O 163 13.03 -33.96 65.44
C GLN O 163 11.94 -33.13 66.05
N LEU O 164 12.07 -32.58 67.25
CA LEU O 164 10.96 -31.79 67.76
C LEU O 164 10.61 -30.59 66.85
N ASP O 165 11.62 -29.88 66.33
CA ASP O 165 11.36 -28.75 65.43
C ASP O 165 10.55 -29.16 64.20
N ILE O 166 10.84 -30.36 63.67
CA ILE O 166 10.11 -30.85 62.50
C ILE O 166 8.71 -31.31 62.90
N ILE O 167 8.60 -31.97 64.05
CA ILE O 167 7.28 -32.38 64.53
C ILE O 167 6.35 -31.18 64.62
N ILE O 168 6.82 -30.09 65.23
CA ILE O 168 5.99 -28.88 65.34
C ILE O 168 5.67 -28.30 63.97
N HIS O 169 6.65 -28.28 63.07
CA HIS O 169 6.41 -27.74 61.73
C HIS O 169 5.38 -28.57 60.97
N SER O 170 5.51 -29.89 61.01
CA SER O 170 4.56 -30.76 60.32
C SER O 170 3.17 -30.67 60.94
N LEU O 171 3.10 -30.45 62.26
CA LEU O 171 1.78 -30.31 62.89
C LEU O 171 1.09 -29.04 62.42
N LYS O 172 1.84 -27.93 62.31
CA LYS O 172 1.24 -26.68 61.83
C LYS O 172 0.86 -26.76 60.35
N LYS O 173 1.76 -27.24 59.51
CA LYS O 173 1.46 -27.32 58.07
C LYS O 173 0.26 -28.23 57.80
N CYS O 174 0.11 -29.30 58.57
CA CYS O 174 -1.03 -30.17 58.38
C CYS O 174 -2.29 -29.70 59.11
N ASP O 175 -2.16 -28.68 59.97
CA ASP O 175 -3.25 -28.16 60.79
C ASP O 175 -3.86 -29.26 61.67
N ILE O 176 -2.99 -29.88 62.46
CA ILE O 176 -3.39 -30.93 63.41
C ILE O 176 -3.23 -30.38 64.81
N SER O 177 -4.27 -30.55 65.63
CA SER O 177 -4.22 -30.09 67.02
C SER O 177 -3.84 -31.27 67.91
N LEU O 178 -3.22 -30.97 69.04
CA LEU O 178 -2.78 -31.98 70.00
C LEU O 178 -3.49 -31.84 71.33
N GLN O 179 -3.46 -32.94 72.09
CA GLN O 179 -4.00 -32.99 73.44
C GLN O 179 -3.24 -34.06 74.20
N PHE O 180 -2.66 -33.69 75.34
CA PHE O 180 -1.88 -34.61 76.16
C PHE O 180 -2.64 -35.05 77.40
N PHE O 181 -2.45 -36.32 77.77
CA PHE O 181 -3.10 -36.93 78.92
C PHE O 181 -2.09 -37.71 79.74
N LEU O 182 -1.81 -37.24 80.94
CA LEU O 182 -0.81 -37.79 81.86
C LEU O 182 -1.50 -38.30 83.11
N PRO O 183 -0.83 -39.12 83.93
CA PRO O 183 -1.46 -39.59 85.16
C PRO O 183 -1.55 -38.50 86.22
N PHE O 184 -0.72 -37.47 86.13
CA PHE O 184 -0.72 -36.35 87.06
C PHE O 184 -1.19 -35.08 86.38
N SER O 185 -1.69 -34.16 87.20
CA SER O 185 -2.20 -32.85 86.79
C SER O 185 -1.19 -31.72 86.99
N LEU O 186 -1.36 -30.67 86.18
CA LEU O 186 -0.50 -29.49 86.22
C LEU O 186 -0.77 -28.72 87.50
N GLY O 187 0.20 -28.78 88.43
CA GLY O 187 0.07 -28.07 89.69
C GLY O 187 1.37 -28.02 90.47
N ASP O 197 -0.61 -35.43 99.78
CA ASP O 197 -1.03 -36.75 99.31
C ASP O 197 -2.30 -37.20 100.00
N GLY O 198 -2.27 -38.38 100.63
CA GLY O 198 -3.48 -38.95 101.17
C GLY O 198 -4.05 -39.96 100.20
N PRO O 199 -5.22 -40.52 100.52
CA PRO O 199 -5.83 -41.47 99.58
C PRO O 199 -6.21 -40.77 98.30
N PHE O 200 -6.35 -41.57 97.24
CA PHE O 200 -6.68 -41.15 95.88
C PHE O 200 -7.83 -41.97 95.31
N ARG O 201 -8.82 -41.27 94.77
CA ARG O 201 -10.02 -41.86 94.14
C ARG O 201 -10.19 -41.23 92.76
N LEU O 202 -10.10 -42.10 91.75
CA LEU O 202 -10.17 -41.74 90.33
C LEU O 202 -11.49 -41.11 89.91
N GLY O 203 -11.37 -39.93 89.30
CA GLY O 203 -12.46 -39.09 88.88
C GLY O 203 -12.87 -38.10 89.93
N GLY O 204 -12.39 -38.27 91.15
CA GLY O 204 -12.72 -37.35 92.22
C GLY O 204 -12.10 -35.99 91.99
N HIS O 205 -12.64 -35.01 92.70
CA HIS O 205 -12.18 -33.63 92.59
C HIS O 205 -11.07 -33.39 93.61
N GLY O 206 -9.91 -32.93 93.15
CA GLY O 206 -8.84 -32.57 94.04
C GLY O 206 -7.70 -33.57 94.05
N PRO O 207 -7.61 -34.39 95.11
CA PRO O 207 -6.50 -35.34 95.21
C PRO O 207 -6.65 -36.50 94.23
N SER O 208 -6.25 -36.29 92.97
CA SER O 208 -6.43 -37.27 91.91
C SER O 208 -5.10 -37.64 91.25
N PHE O 209 -3.99 -37.40 91.93
CA PHE O 209 -2.65 -37.75 91.47
C PHE O 209 -1.67 -37.61 92.61
N PRO O 210 -0.75 -38.54 92.78
CA PRO O 210 0.19 -38.48 93.90
C PRO O 210 1.11 -37.27 93.77
N LEU O 211 1.16 -36.47 94.84
CA LEU O 211 1.97 -35.26 94.80
C LEU O 211 3.45 -35.60 94.68
N LYS O 212 3.90 -36.58 95.44
CA LYS O 212 5.24 -37.13 95.32
C LYS O 212 5.16 -38.42 94.54
N GLY O 213 6.21 -38.73 93.78
CA GLY O 213 6.21 -39.96 93.01
C GLY O 213 6.65 -39.66 91.59
N ILE O 214 6.68 -38.36 91.28
CA ILE O 214 7.10 -37.93 89.96
C ILE O 214 8.61 -38.02 89.87
N THR O 215 9.07 -38.55 88.75
CA THR O 215 10.48 -38.73 88.46
C THR O 215 11.01 -37.54 87.66
N GLU O 216 12.33 -37.36 87.73
CA GLU O 216 12.99 -36.30 86.97
C GLU O 216 12.77 -36.51 85.48
N GLN O 217 12.62 -37.78 85.08
CA GLN O 217 12.34 -38.10 83.68
C GLN O 217 10.96 -37.62 83.30
N GLN O 218 9.99 -37.75 84.22
CA GLN O 218 8.66 -37.23 83.96
C GLN O 218 8.67 -35.71 83.90
N LYS O 219 9.44 -35.06 84.78
CA LYS O 219 9.56 -33.60 84.77
C LYS O 219 10.14 -33.09 83.44
N GLU O 220 11.22 -33.73 82.98
CA GLU O 220 11.84 -33.36 81.71
C GLU O 220 10.86 -33.53 80.55
N GLY O 221 10.14 -34.66 80.53
CA GLY O 221 9.16 -34.86 79.49
C GLY O 221 8.07 -33.81 79.56
N LEU O 222 7.66 -33.45 80.78
CA LEU O 222 6.63 -32.43 80.95
C LEU O 222 7.08 -31.09 80.39
N GLU O 223 8.34 -30.70 80.66
CA GLU O 223 8.83 -29.43 80.13
C GLU O 223 8.78 -29.42 78.60
N ILE O 224 9.09 -30.56 77.99
CA ILE O 224 9.01 -30.64 76.53
C ILE O 224 7.56 -30.56 76.06
N VAL O 225 6.65 -31.22 76.78
CA VAL O 225 5.23 -31.17 76.47
C VAL O 225 4.71 -29.74 76.53
N LYS O 226 5.09 -29.02 77.60
CA LYS O 226 4.70 -27.63 77.76
C LYS O 226 5.16 -26.80 76.57
N MET O 227 6.46 -26.82 76.28
CA MET O 227 6.97 -26.09 75.12
C MET O 227 6.21 -26.40 73.83
N VAL O 228 5.95 -27.69 73.56
CA VAL O 228 5.24 -28.08 72.34
C VAL O 228 3.82 -27.50 72.31
N MET O 229 3.10 -27.61 73.43
CA MET O 229 1.74 -27.09 73.46
C MET O 229 1.73 -25.57 73.29
N ILE O 230 2.70 -24.88 73.90
CA ILE O 230 2.79 -23.43 73.72
C ILE O 230 3.13 -23.09 72.28
N SER O 231 4.04 -23.83 71.68
CA SER O 231 4.41 -23.58 70.28
C SER O 231 3.23 -23.78 69.36
N LEU O 232 2.29 -24.64 69.72
CA LEU O 232 1.17 -24.85 68.80
C LEU O 232 0.00 -23.90 69.05
N GLU O 233 -0.48 -23.78 70.30
CA GLU O 233 -1.66 -22.97 70.58
C GLU O 233 -1.41 -21.75 71.47
N GLY O 234 -0.17 -21.29 71.60
CA GLY O 234 0.19 -20.14 72.40
C GLY O 234 0.14 -20.44 73.90
N GLU O 235 0.09 -19.36 74.68
CA GLU O 235 0.04 -19.45 76.14
C GLU O 235 -1.10 -20.36 76.62
N ASP O 236 -2.25 -20.28 75.97
CA ASP O 236 -3.40 -21.08 76.38
C ASP O 236 -3.30 -22.53 75.94
N GLY O 237 -2.19 -22.91 75.30
CA GLY O 237 -2.00 -24.29 74.91
C GLY O 237 -1.85 -25.18 76.12
N LEU O 238 -1.28 -24.64 77.20
CA LEU O 238 -1.06 -25.35 78.45
C LEU O 238 -2.35 -25.88 79.06
N ASP O 239 -3.50 -25.26 78.74
CA ASP O 239 -4.79 -25.71 79.23
C ASP O 239 -5.21 -27.04 78.61
N GLU O 240 -4.54 -27.46 77.55
CA GLU O 240 -4.83 -28.69 76.82
C GLU O 240 -4.02 -29.89 77.33
N ILE O 241 -3.39 -29.78 78.49
CA ILE O 241 -2.66 -30.89 79.09
C ILE O 241 -3.44 -31.31 80.32
N TYR O 242 -4.08 -32.49 80.26
CA TYR O 242 -4.94 -32.99 81.31
C TYR O 242 -4.38 -34.25 81.98
N SER O 243 -4.96 -34.56 83.13
CA SER O 243 -4.72 -35.79 83.87
C SER O 243 -5.87 -36.74 83.56
N PHE O 244 -5.58 -38.05 83.56
CA PHE O 244 -6.62 -39.02 83.23
C PHE O 244 -7.87 -38.87 84.09
N SER O 245 -7.68 -38.65 85.40
CA SER O 245 -8.79 -38.47 86.32
C SER O 245 -9.69 -37.32 85.90
N GLU O 246 -9.13 -36.12 85.77
CA GLU O 246 -9.95 -34.98 85.38
C GLU O 246 -10.52 -35.17 83.98
N SER O 247 -9.80 -35.85 83.11
CA SER O 247 -10.29 -36.09 81.76
C SER O 247 -11.59 -36.89 81.82
N LEU O 248 -11.71 -37.80 82.79
CA LEU O 248 -12.92 -38.61 82.93
C LEU O 248 -14.13 -37.80 83.39
N ARG O 249 -13.93 -36.68 84.09
CA ARG O 249 -15.06 -35.88 84.57
C ARG O 249 -15.22 -34.58 83.79
N LYS O 250 -14.94 -34.63 82.50
CA LYS O 250 -15.05 -33.49 81.60
C LYS O 250 -15.30 -34.00 80.20
N LEU O 251 -15.65 -33.08 79.30
CA LEU O 251 -15.88 -33.43 77.91
C LEU O 251 -14.76 -32.86 77.04
N CYS O 252 -13.65 -32.48 77.68
CA CYS O 252 -12.50 -31.90 77.00
C CYS O 252 -11.96 -32.81 75.89
N VAL O 253 -12.14 -34.14 76.02
CA VAL O 253 -11.67 -35.07 75.01
C VAL O 253 -12.36 -34.88 73.66
N PHE O 254 -13.57 -34.31 73.64
CA PHE O 254 -14.33 -34.03 72.43
C PHE O 254 -14.24 -32.57 72.03
N LYS O 255 -13.75 -31.71 72.92
CA LYS O 255 -13.59 -30.29 72.70
C LYS O 255 -13.22 -29.93 71.26
N LYS O 256 -12.18 -30.59 70.75
CA LYS O 256 -11.69 -30.24 69.44
C LYS O 256 -12.54 -30.84 68.33
N ILE O 257 -13.29 -31.90 68.61
CA ILE O 257 -14.14 -32.54 67.61
C ILE O 257 -15.63 -32.34 67.90
N GLU O 258 -15.97 -31.46 68.84
CA GLU O 258 -17.37 -31.18 69.16
C GLU O 258 -18.02 -30.40 68.02
N ARG O 259 -19.20 -30.84 67.54
CA ARG O 259 -19.76 -30.05 66.45
C ARG O 259 -20.42 -28.76 66.95
N HIS O 260 -20.02 -27.66 66.35
CA HIS O 260 -20.54 -26.32 66.63
C HIS O 260 -22.07 -26.25 66.50
N SER O 261 -22.69 -25.52 67.40
CA SER O 261 -24.14 -25.38 67.44
C SER O 261 -24.72 -24.58 66.27
N ILE O 262 -25.85 -25.09 65.76
CA ILE O 262 -26.62 -24.56 64.64
C ILE O 262 -27.33 -23.27 65.06
N HIS O 263 -27.02 -22.19 64.36
CA HIS O 263 -27.60 -20.88 64.60
C HIS O 263 -28.61 -20.56 63.50
N TRP O 264 -29.53 -19.67 63.85
CA TRP O 264 -30.58 -19.21 62.98
C TRP O 264 -30.74 -17.70 63.01
N PRO O 265 -31.08 -17.09 61.87
CA PRO O 265 -31.22 -15.63 61.77
C PRO O 265 -32.59 -15.02 62.00
N CYS O 266 -32.53 -13.79 62.49
CA CYS O 266 -33.65 -12.89 62.76
C CYS O 266 -33.21 -11.43 62.71
N ARG O 267 -34.13 -10.59 63.12
CA ARG O 267 -33.98 -9.16 63.18
C ARG O 267 -34.49 -8.70 64.53
N LEU O 268 -33.67 -7.92 65.21
CA LEU O 268 -34.06 -7.32 66.46
C LEU O 268 -34.72 -6.05 65.98
N THR O 269 -36.00 -5.88 66.23
CA THR O 269 -36.70 -4.71 65.69
C THR O 269 -37.04 -3.81 66.86
N ILE O 270 -36.35 -2.67 66.93
CA ILE O 270 -36.65 -1.67 67.95
C ILE O 270 -37.60 -0.63 67.38
N GLY O 271 -38.89 -0.74 67.71
CA GLY O 271 -39.81 0.25 67.17
C GLY O 271 -40.19 0.08 65.72
N SER O 272 -39.88 1.17 65.03
CA SER O 272 -40.07 1.41 63.62
C SER O 272 -38.79 2.06 63.11
N ASN O 273 -38.40 1.74 61.88
CA ASN O 273 -37.18 2.25 61.26
C ASN O 273 -35.87 1.76 61.88
N LEU O 274 -35.84 1.42 63.17
CA LEU O 274 -34.61 0.93 63.76
C LEU O 274 -34.65 -0.60 63.86
N SER O 275 -33.64 -1.25 63.30
CA SER O 275 -33.55 -2.71 63.31
C SER O 275 -32.09 -3.13 63.36
N ILE O 276 -31.87 -4.43 63.63
CA ILE O 276 -30.52 -5.00 63.69
C ILE O 276 -30.57 -6.45 63.23
N ARG O 277 -29.80 -6.78 62.20
CA ARG O 277 -29.72 -8.13 61.67
C ARG O 277 -28.95 -8.99 62.67
N ILE O 278 -29.61 -10.00 63.24
CA ILE O 278 -28.97 -10.85 64.23
C ILE O 278 -29.03 -12.32 63.81
N ALA O 279 -28.35 -13.12 64.62
CA ALA O 279 -28.27 -14.58 64.45
C ALA O 279 -28.12 -15.14 65.85
N ALA O 280 -29.14 -15.84 66.31
CA ALA O 280 -29.13 -16.40 67.66
C ALA O 280 -29.05 -17.92 67.63
N TYR O 281 -28.44 -18.47 68.69
CA TYR O 281 -28.32 -19.91 68.82
C TYR O 281 -28.63 -20.27 70.27
N LYS O 282 -28.90 -21.54 70.53
CA LYS O 282 -29.20 -22.00 71.88
C LYS O 282 -27.92 -22.20 72.70
N SER O 283 -27.67 -21.24 73.59
CA SER O 283 -26.52 -21.25 74.50
C SER O 283 -26.58 -22.43 75.47
N ILE O 284 -27.70 -22.58 76.16
CA ILE O 284 -27.91 -23.69 77.09
C ILE O 284 -29.12 -24.47 76.60
N LEU O 285 -28.98 -25.79 76.55
CA LEU O 285 -30.08 -26.67 76.13
C LEU O 285 -29.84 -28.07 76.67
N GLN O 286 -30.81 -28.59 77.43
CA GLN O 286 -30.70 -29.89 78.08
C GLN O 286 -30.50 -31.01 77.06
N GLU O 287 -29.31 -31.61 77.10
CA GLU O 287 -28.94 -32.73 76.23
C GLU O 287 -29.64 -34.01 76.69
N ARG O 288 -30.48 -34.56 75.83
CA ARG O 288 -31.28 -35.75 76.08
C ARG O 288 -30.87 -36.89 75.16
N VAL O 289 -31.41 -38.06 75.47
CA VAL O 289 -31.11 -39.29 74.75
C VAL O 289 -31.41 -39.18 73.27
N LYS O 290 -30.38 -39.44 72.46
CA LYS O 290 -30.56 -39.33 71.04
C LYS O 290 -31.34 -40.53 70.48
N LYS O 291 -30.94 -41.76 70.83
CA LYS O 291 -31.56 -43.02 70.39
C LYS O 291 -32.85 -43.27 71.16
N THR O 292 -33.83 -43.86 70.47
CA THR O 292 -35.15 -44.18 71.04
C THR O 292 -35.29 -45.70 71.14
N TRP O 293 -35.97 -46.19 72.19
CA TRP O 293 -36.15 -47.64 72.37
C TRP O 293 -37.30 -48.22 71.54
N THR O 294 -36.96 -48.95 70.47
CA THR O 294 -37.98 -49.56 69.60
C THR O 294 -38.49 -50.86 70.25
N VAL O 295 -39.81 -50.98 70.39
CA VAL O 295 -40.42 -52.17 71.00
C VAL O 295 -40.41 -53.35 70.02
N VAL O 296 -39.72 -54.43 70.41
CA VAL O 296 -39.60 -55.64 69.59
C VAL O 296 -40.10 -56.83 70.42
N ASP O 297 -40.45 -57.91 69.72
CA ASP O 297 -40.91 -59.12 70.40
C ASP O 297 -39.71 -59.84 71.03
N ALA O 298 -39.91 -60.39 72.23
CA ALA O 298 -38.82 -61.07 72.93
C ALA O 298 -38.24 -62.26 72.16
N LYS O 299 -39.04 -62.93 71.33
CA LYS O 299 -38.54 -64.08 70.57
C LYS O 299 -38.00 -63.69 69.20
N THR O 300 -38.81 -63.01 68.39
CA THR O 300 -38.41 -62.68 67.03
C THR O 300 -37.49 -61.47 66.99
N LEU O 301 -37.67 -60.51 67.90
CA LEU O 301 -36.86 -59.28 67.94
C LEU O 301 -37.09 -58.42 66.70
N LYS O 302 -38.35 -58.20 66.38
CA LYS O 302 -38.71 -57.40 65.22
C LYS O 302 -39.85 -56.44 65.54
N LYS O 303 -39.75 -55.24 64.97
CA LYS O 303 -40.75 -54.20 65.13
C LYS O 303 -42.05 -54.55 64.41
N GLU O 304 -41.93 -55.15 63.23
CA GLU O 304 -43.08 -55.49 62.39
C GLU O 304 -44.15 -56.31 63.11
N ASP O 305 -43.74 -57.24 63.99
CA ASP O 305 -44.73 -58.07 64.68
C ASP O 305 -45.59 -57.36 65.72
N ILE O 306 -45.18 -56.21 66.27
CA ILE O 306 -45.97 -55.52 67.29
C ILE O 306 -46.77 -54.35 66.69
N GLN O 307 -48.06 -54.25 67.01
CA GLN O 307 -48.86 -53.13 66.50
C GLN O 307 -49.80 -52.56 67.57
N LYS O 308 -49.85 -51.22 67.67
CA LYS O 308 -50.71 -50.48 68.61
C LYS O 308 -51.86 -49.90 67.85
N GLU O 309 -53.08 -50.22 68.25
CA GLU O 309 -54.29 -49.72 67.61
C GLU O 309 -55.06 -48.95 68.68
N THR O 310 -55.62 -47.80 68.29
CA THR O 310 -56.37 -46.96 69.22
C THR O 310 -57.83 -47.33 69.06
N VAL O 311 -58.48 -47.51 70.20
CA VAL O 311 -59.87 -47.91 70.30
C VAL O 311 -60.67 -46.85 71.03
N TYR O 312 -61.89 -46.62 70.58
CA TYR O 312 -62.76 -45.64 71.18
C TYR O 312 -63.94 -46.40 71.73
N CYS O 313 -64.23 -46.09 72.98
CA CYS O 313 -65.25 -46.66 73.83
C CYS O 313 -65.84 -45.50 74.60
N LEU O 314 -67.07 -45.66 75.03
CA LEU O 314 -67.73 -44.58 75.74
C LEU O 314 -67.20 -44.38 77.15
N ASN O 315 -67.10 -43.08 77.50
CA ASN O 315 -66.62 -42.59 78.78
C ASN O 315 -67.56 -43.05 79.88
N ASP O 316 -68.81 -43.23 79.49
CA ASP O 316 -69.92 -43.68 80.32
C ASP O 316 -69.62 -45.09 80.80
N ASP O 317 -70.35 -45.53 81.84
CA ASP O 317 -70.12 -46.86 82.40
C ASP O 317 -70.13 -47.93 81.32
N ASP O 318 -70.90 -47.74 80.25
CA ASP O 318 -71.02 -48.73 79.19
C ASP O 318 -69.97 -48.36 78.14
N GLU O 319 -69.06 -49.28 77.83
CA GLU O 319 -67.97 -48.98 76.90
C GLU O 319 -68.22 -49.46 75.47
N THR O 320 -69.44 -49.32 74.93
CA THR O 320 -69.64 -49.77 73.57
C THR O 320 -68.70 -48.97 72.64
N GLU O 321 -68.25 -49.62 71.57
CA GLU O 321 -67.33 -48.95 70.66
C GLU O 321 -67.93 -47.74 69.96
N VAL O 322 -67.21 -46.62 70.06
CA VAL O 322 -67.60 -45.34 69.46
C VAL O 322 -66.89 -45.23 68.12
N LEU O 323 -67.64 -44.89 67.07
CA LEU O 323 -67.11 -44.75 65.73
C LEU O 323 -66.05 -43.66 65.63
N LYS O 324 -64.88 -44.02 65.06
CA LYS O 324 -63.76 -43.09 64.94
C LYS O 324 -64.09 -41.87 64.10
N GLU O 325 -64.97 -42.02 63.10
CA GLU O 325 -65.35 -40.90 62.25
C GLU O 325 -66.36 -40.00 62.94
N ASP O 326 -67.27 -40.56 63.73
CA ASP O 326 -68.30 -39.79 64.40
C ASP O 326 -67.77 -38.95 65.55
N ILE O 327 -66.52 -39.15 65.96
CA ILE O 327 -65.91 -38.39 67.05
C ILE O 327 -65.71 -36.93 66.63
N ILE O 328 -66.28 -36.01 67.41
CA ILE O 328 -66.18 -34.58 67.17
C ILE O 328 -65.39 -33.94 68.30
N GLN O 329 -64.63 -32.90 67.97
CA GLN O 329 -63.80 -32.19 68.93
C GLN O 329 -64.62 -31.26 69.83
N GLY O 330 -64.26 -31.24 71.12
CA GLY O 330 -64.94 -30.41 72.10
C GLY O 330 -64.02 -29.88 73.18
N PHE O 331 -64.47 -28.81 73.83
CA PHE O 331 -63.76 -28.13 74.92
C PHE O 331 -64.74 -27.83 76.05
N ARG O 332 -64.25 -27.91 77.28
CA ARG O 332 -65.06 -27.66 78.46
C ARG O 332 -65.07 -26.20 78.88
N TYR O 333 -66.26 -25.69 79.21
CA TYR O 333 -66.49 -24.34 79.72
C TYR O 333 -67.22 -24.54 81.05
N GLY O 334 -66.45 -24.95 82.05
CA GLY O 334 -66.93 -25.25 83.38
C GLY O 334 -67.72 -26.54 83.36
N SER O 335 -69.00 -26.44 83.73
CA SER O 335 -69.85 -27.62 83.68
C SER O 335 -70.18 -27.98 82.25
N ASP O 336 -70.47 -26.97 81.42
CA ASP O 336 -70.83 -27.21 80.02
C ASP O 336 -69.67 -27.72 79.19
N ILE O 337 -70.01 -28.56 78.21
CA ILE O 337 -69.07 -29.12 77.26
C ILE O 337 -69.53 -28.60 75.89
N VAL O 338 -68.73 -27.73 75.30
CA VAL O 338 -69.05 -27.04 74.05
C VAL O 338 -68.28 -27.71 72.92
N PRO O 339 -68.96 -28.16 71.86
CA PRO O 339 -68.27 -28.77 70.72
C PRO O 339 -67.67 -27.69 69.82
N PHE O 340 -66.35 -27.76 69.68
CA PHE O 340 -65.52 -26.82 68.92
C PHE O 340 -64.57 -27.67 68.09
N SER O 341 -64.89 -27.76 66.80
CA SER O 341 -64.12 -28.55 65.85
C SER O 341 -62.79 -27.88 65.56
N LYS O 342 -61.80 -28.70 65.17
CA LYS O 342 -60.47 -28.20 64.84
C LYS O 342 -60.53 -27.20 63.70
N VAL O 343 -61.50 -27.36 62.81
CA VAL O 343 -61.69 -26.47 61.67
C VAL O 343 -62.02 -25.06 62.14
N ASP O 344 -63.01 -24.94 63.04
CA ASP O 344 -63.36 -23.61 63.53
C ASP O 344 -62.27 -23.08 64.44
N GLU O 345 -61.52 -23.97 65.09
CA GLU O 345 -60.45 -23.54 65.98
C GLU O 345 -59.35 -22.81 65.21
N GLU O 346 -58.86 -23.41 64.12
CA GLU O 346 -57.81 -22.76 63.33
C GLU O 346 -58.21 -21.39 62.83
N GLN O 347 -59.48 -21.19 62.52
CA GLN O 347 -59.95 -19.91 62.03
C GLN O 347 -60.13 -18.90 63.15
N MET O 348 -60.73 -19.33 64.26
CA MET O 348 -61.01 -18.42 65.36
C MET O 348 -59.82 -18.15 66.27
N LYS O 349 -58.80 -19.00 66.28
CA LYS O 349 -57.62 -18.85 67.14
C LYS O 349 -56.79 -17.59 66.87
N TYR O 350 -55.96 -17.24 67.88
CA TYR O 350 -55.05 -16.10 67.86
C TYR O 350 -53.98 -16.27 66.79
N LYS O 351 -53.90 -15.33 65.85
CA LYS O 351 -52.91 -15.35 64.78
C LYS O 351 -51.74 -14.46 65.18
N SER O 352 -50.59 -15.09 65.45
CA SER O 352 -49.39 -14.38 65.86
C SER O 352 -48.81 -13.55 64.72
N GLU O 353 -48.30 -12.36 65.08
CA GLU O 353 -47.75 -11.45 64.08
C GLU O 353 -46.48 -11.99 63.45
N GLY O 354 -45.90 -13.05 64.02
CA GLY O 354 -44.71 -13.74 63.56
C GLY O 354 -43.40 -12.99 63.63
N LYS O 355 -43.42 -11.75 64.08
CA LYS O 355 -42.19 -10.99 64.20
C LYS O 355 -41.32 -11.53 65.33
N CYS O 356 -40.03 -11.70 65.07
CA CYS O 356 -39.22 -12.24 66.14
C CYS O 356 -38.44 -11.09 66.79
N PHE O 357 -37.87 -11.41 67.94
CA PHE O 357 -37.05 -10.58 68.83
C PHE O 357 -37.43 -9.10 68.81
N SER O 358 -38.72 -8.79 68.89
CA SER O 358 -39.17 -7.39 68.89
C SER O 358 -38.92 -6.81 70.27
N VAL O 359 -38.34 -5.62 70.38
CA VAL O 359 -38.11 -5.05 71.71
C VAL O 359 -39.35 -4.34 72.24
N LEU O 360 -39.79 -4.74 73.43
CA LEU O 360 -40.93 -4.09 74.07
C LEU O 360 -40.50 -2.83 74.85
N GLY O 361 -39.37 -2.91 75.55
CA GLY O 361 -38.90 -1.76 76.31
C GLY O 361 -37.62 -2.06 77.04
N PHE O 362 -37.23 -1.13 77.93
CA PHE O 362 -36.01 -1.29 78.73
C PHE O 362 -36.31 -0.98 80.19
N CYS O 363 -35.76 -1.82 81.07
CA CYS O 363 -35.93 -1.64 82.52
C CYS O 363 -34.62 -1.91 83.23
N LYS O 364 -34.53 -1.53 84.51
CA LYS O 364 -33.31 -1.81 85.24
C LYS O 364 -33.10 -3.30 85.51
N SER O 365 -31.82 -3.69 85.58
CA SER O 365 -31.43 -5.08 85.84
C SER O 365 -32.09 -5.66 87.08
N SER O 366 -32.28 -4.83 88.11
CA SER O 366 -32.88 -5.27 89.37
C SER O 366 -34.32 -5.74 89.20
N GLN O 367 -35.05 -5.18 88.23
CA GLN O 367 -36.45 -5.52 88.03
C GLN O 367 -36.66 -6.96 87.52
N VAL O 368 -35.67 -7.54 86.85
CA VAL O 368 -35.75 -8.90 86.31
C VAL O 368 -35.04 -9.86 87.27
N GLN O 369 -35.82 -10.70 87.96
CA GLN O 369 -35.29 -11.65 88.93
C GLN O 369 -35.13 -13.04 88.29
N ARG O 370 -33.99 -13.69 88.56
CA ARG O 370 -33.68 -15.01 88.02
C ARG O 370 -34.75 -16.07 88.32
N ARG O 371 -35.51 -15.90 89.41
CA ARG O 371 -36.55 -16.85 89.78
C ARG O 371 -37.71 -16.89 88.78
N PHE O 372 -37.86 -15.85 87.97
CA PHE O 372 -38.95 -15.76 87.00
C PHE O 372 -38.55 -16.28 85.62
N PHE O 373 -37.33 -16.80 85.47
CA PHE O 373 -36.89 -17.35 84.20
C PHE O 373 -37.71 -18.57 83.81
N MET O 374 -38.11 -18.63 82.54
CA MET O 374 -38.94 -19.70 82.02
C MET O 374 -38.36 -20.26 80.73
N GLY O 375 -38.92 -21.39 80.34
CA GLY O 375 -38.52 -22.11 79.15
C GLY O 375 -37.54 -23.21 79.47
N ASN O 376 -37.02 -23.81 78.41
CA ASN O 376 -36.04 -24.89 78.52
C ASN O 376 -34.80 -24.58 77.70
N GLN O 377 -34.55 -23.30 77.46
CA GLN O 377 -33.41 -22.90 76.66
C GLN O 377 -32.97 -21.49 77.04
N VAL O 378 -31.76 -21.17 76.63
CA VAL O 378 -31.15 -19.85 76.79
C VAL O 378 -30.65 -19.51 75.39
N LEU O 379 -30.95 -18.32 74.90
CA LEU O 379 -30.49 -17.94 73.57
C LEU O 379 -29.41 -16.89 73.63
N LYS O 380 -28.37 -17.08 72.84
CA LYS O 380 -27.29 -16.10 72.73
C LYS O 380 -27.46 -15.43 71.37
N VAL O 381 -27.90 -14.18 71.43
CA VAL O 381 -28.16 -13.31 70.28
C VAL O 381 -26.84 -12.68 69.86
N PHE O 382 -26.25 -13.18 68.78
CA PHE O 382 -25.00 -12.67 68.24
C PHE O 382 -25.29 -11.83 66.99
N ALA O 383 -24.29 -11.06 66.59
CA ALA O 383 -24.38 -10.22 65.42
C ALA O 383 -24.23 -11.07 64.15
N ALA O 384 -25.05 -10.78 63.15
CA ALA O 384 -25.01 -11.52 61.89
C ALA O 384 -23.59 -11.62 61.34
N ARG O 385 -23.19 -12.85 61.01
CA ARG O 385 -21.86 -13.15 60.50
C ARG O 385 -21.58 -12.42 59.19
N ASP O 386 -20.36 -11.90 59.06
CA ASP O 386 -19.91 -11.15 57.87
C ASP O 386 -20.74 -9.90 57.65
N ASP O 387 -21.17 -9.26 58.75
CA ASP O 387 -21.94 -8.02 58.70
C ASP O 387 -21.37 -7.04 59.73
N GLU O 388 -20.65 -6.03 59.26
CA GLU O 388 -20.02 -5.06 60.16
C GLU O 388 -21.03 -4.08 60.73
N ALA O 389 -21.94 -3.58 59.90
CA ALA O 389 -22.91 -2.60 60.37
C ALA O 389 -23.81 -3.18 61.42
N ALA O 390 -24.23 -4.45 61.26
CA ALA O 390 -25.07 -5.05 62.29
C ALA O 390 -24.26 -5.39 63.53
N ALA O 391 -22.98 -5.71 63.35
CA ALA O 391 -22.13 -6.02 64.50
C ALA O 391 -21.95 -4.80 65.39
N VAL O 392 -21.77 -3.63 64.76
CA VAL O 392 -21.61 -2.40 65.54
C VAL O 392 -22.95 -1.97 66.12
N ALA O 393 -24.03 -2.09 65.33
CA ALA O 393 -25.35 -1.73 65.82
C ALA O 393 -25.74 -2.53 67.05
N LEU O 394 -25.38 -3.82 67.09
CA LEU O 394 -25.67 -4.63 68.26
C LEU O 394 -24.72 -4.32 69.42
N SER O 395 -23.43 -4.15 69.11
CA SER O 395 -22.45 -3.81 70.15
C SER O 395 -22.83 -2.54 70.89
N SER O 396 -23.39 -1.56 70.16
CA SER O 396 -23.81 -0.31 70.79
C SER O 396 -24.89 -0.55 71.84
N LEU O 397 -25.86 -1.42 71.53
CA LEU O 397 -26.92 -1.72 72.49
C LEU O 397 -26.38 -2.49 73.68
N ILE O 398 -25.49 -3.45 73.42
CA ILE O 398 -24.92 -4.25 74.50
C ILE O 398 -24.19 -3.35 75.49
N HIS O 399 -23.34 -2.46 74.98
CA HIS O 399 -22.60 -1.58 75.88
C HIS O 399 -23.49 -0.53 76.53
N ALA O 400 -24.53 -0.06 75.83
CA ALA O 400 -25.43 0.91 76.45
C ALA O 400 -26.18 0.30 77.61
N LEU O 401 -26.61 -0.96 77.47
CA LEU O 401 -27.30 -1.63 78.55
C LEU O 401 -26.34 -1.94 79.69
N ASP O 402 -25.09 -2.27 79.36
CA ASP O 402 -24.09 -2.57 80.37
C ASP O 402 -23.75 -1.35 81.22
N ASP O 403 -23.43 -0.22 80.58
CA ASP O 403 -23.07 0.99 81.32
C ASP O 403 -24.22 1.54 82.15
N LEU O 404 -25.45 1.48 81.64
CA LEU O 404 -26.59 1.99 82.38
C LEU O 404 -27.14 0.98 83.39
N ASP O 405 -26.59 -0.23 83.40
CA ASP O 405 -27.06 -1.33 84.25
C ASP O 405 -28.55 -1.57 84.03
N MET O 406 -28.91 -1.76 82.77
CA MET O 406 -30.29 -1.98 82.36
C MET O 406 -30.38 -3.21 81.46
N VAL O 407 -31.61 -3.71 81.29
CA VAL O 407 -31.91 -4.86 80.48
C VAL O 407 -33.02 -4.48 79.50
N ALA O 408 -33.34 -5.39 78.58
CA ALA O 408 -34.36 -5.16 77.56
C ALA O 408 -35.45 -6.23 77.59
N ILE O 409 -36.70 -5.80 77.80
CA ILE O 409 -37.86 -6.69 77.78
C ILE O 409 -38.29 -6.79 76.31
N VAL O 410 -38.19 -8.00 75.74
CA VAL O 410 -38.46 -8.24 74.34
C VAL O 410 -39.57 -9.27 74.12
N ARG O 411 -40.12 -9.25 72.91
CA ARG O 411 -41.13 -10.19 72.42
C ARG O 411 -40.42 -11.10 71.43
N TYR O 412 -40.53 -12.41 71.62
CA TYR O 412 -39.84 -13.35 70.76
C TYR O 412 -40.76 -14.48 70.29
N ALA O 413 -40.51 -14.92 69.05
CA ALA O 413 -41.22 -16.02 68.42
C ALA O 413 -40.31 -16.56 67.33
N TYR O 414 -40.07 -17.87 67.32
CA TYR O 414 -39.20 -18.41 66.28
C TYR O 414 -39.87 -18.38 64.91
N ASP O 415 -41.18 -18.52 64.86
CA ASP O 415 -41.93 -18.48 63.61
C ASP O 415 -43.31 -17.91 63.91
N LYS O 416 -44.10 -17.66 62.85
CA LYS O 416 -45.45 -17.17 63.08
C LYS O 416 -46.30 -18.25 63.72
N ARG O 417 -45.92 -19.50 63.54
CA ARG O 417 -46.67 -20.62 64.07
C ARG O 417 -46.39 -20.79 65.57
N ALA O 418 -45.17 -20.48 65.98
CA ALA O 418 -44.81 -20.61 67.39
C ALA O 418 -45.59 -19.61 68.24
N ASN O 419 -45.87 -20.00 69.47
CA ASN O 419 -46.57 -19.11 70.38
C ASN O 419 -45.63 -17.98 70.78
N PRO O 420 -46.11 -16.74 70.83
CA PRO O 420 -45.20 -15.65 71.18
C PRO O 420 -44.76 -15.74 72.63
N GLN O 421 -43.55 -15.26 72.87
CA GLN O 421 -42.92 -15.27 74.18
C GLN O 421 -42.50 -13.86 74.55
N VAL O 422 -42.38 -13.65 75.85
CA VAL O 422 -41.92 -12.39 76.42
C VAL O 422 -40.75 -12.73 77.33
N GLY O 423 -39.61 -12.11 77.09
CA GLY O 423 -38.47 -12.44 77.91
C GLY O 423 -37.49 -11.31 78.12
N VAL O 424 -36.42 -11.64 78.83
CA VAL O 424 -35.33 -10.73 79.17
C VAL O 424 -34.18 -10.89 78.19
N ALA O 425 -33.58 -9.76 77.81
CA ALA O 425 -32.40 -9.70 76.94
C ALA O 425 -31.35 -8.84 77.63
N PHE O 426 -30.36 -9.50 78.27
CA PHE O 426 -29.35 -8.76 79.03
C PHE O 426 -27.96 -8.80 78.37
N PRO O 427 -27.14 -7.77 78.58
CA PRO O 427 -25.81 -7.73 77.97
C PRO O 427 -24.87 -8.79 78.54
N HIS O 428 -23.89 -9.18 77.71
CA HIS O 428 -22.91 -10.20 78.10
C HIS O 428 -21.60 -9.91 77.35
N ILE O 429 -20.71 -9.17 78.01
CA ILE O 429 -19.42 -8.78 77.44
C ILE O 429 -18.29 -9.55 78.12
N LYS O 430 -17.50 -10.26 77.31
CA LYS O 430 -16.32 -10.97 77.75
C LYS O 430 -15.13 -10.49 76.92
N HIS O 431 -13.93 -10.87 77.36
CA HIS O 431 -12.71 -10.43 76.68
C HIS O 431 -12.70 -10.83 75.21
N ASN O 432 -13.19 -12.03 74.89
CA ASN O 432 -13.15 -12.51 73.51
C ASN O 432 -14.42 -12.24 72.71
N TYR O 433 -15.60 -12.49 73.29
CA TYR O 433 -16.87 -12.30 72.59
C TYR O 433 -17.79 -11.32 73.30
N GLU O 434 -18.80 -10.88 72.56
CA GLU O 434 -19.79 -9.89 72.99
C GLU O 434 -21.16 -10.32 72.47
N CYS O 435 -22.16 -10.45 73.34
CA CYS O 435 -23.47 -10.88 72.87
C CYS O 435 -24.58 -10.49 73.84
N LEU O 436 -25.83 -10.65 73.39
CA LEU O 436 -26.99 -10.47 74.26
C LEU O 436 -27.51 -11.85 74.66
N VAL O 437 -28.03 -11.96 75.89
CA VAL O 437 -28.55 -13.24 76.36
C VAL O 437 -30.05 -13.13 76.63
N TYR O 438 -30.83 -13.87 75.85
CA TYR O 438 -32.28 -13.96 75.95
C TYR O 438 -32.71 -15.14 76.80
N VAL O 439 -33.57 -14.89 77.78
CA VAL O 439 -34.18 -15.94 78.60
C VAL O 439 -35.67 -15.61 78.74
N GLN O 440 -36.52 -16.58 78.43
CA GLN O 440 -37.96 -16.35 78.49
C GLN O 440 -38.43 -16.07 79.92
N LEU O 441 -39.35 -15.12 80.03
CA LEU O 441 -39.97 -14.69 81.27
C LEU O 441 -41.41 -15.19 81.31
N PRO O 442 -42.10 -15.08 82.45
CA PRO O 442 -43.45 -15.62 82.54
C PRO O 442 -44.57 -14.65 82.19
N PHE O 443 -45.71 -15.26 81.85
CA PHE O 443 -46.96 -14.57 81.61
C PHE O 443 -47.75 -14.56 82.92
N MET O 444 -48.74 -13.67 83.01
CA MET O 444 -49.54 -13.60 84.24
C MET O 444 -50.15 -14.96 84.60
N GLU O 445 -50.62 -15.70 83.60
CA GLU O 445 -51.22 -17.01 83.83
C GLU O 445 -50.21 -18.02 84.40
N ASP O 446 -48.95 -17.92 83.98
CA ASP O 446 -47.92 -18.85 84.42
C ASP O 446 -47.55 -18.68 85.89
N LEU O 447 -47.61 -17.45 86.39
CA LEU O 447 -47.24 -17.17 87.76
C LEU O 447 -48.20 -17.82 88.76
N ARG O 448 -47.64 -18.29 89.88
CA ARG O 448 -48.45 -18.90 90.93
C ARG O 448 -48.12 -18.26 92.27
N GLN O 449 -49.16 -17.82 92.95
CA GLN O 449 -49.07 -17.12 94.23
C GLN O 449 -49.69 -18.00 95.31
N TYR O 450 -48.85 -18.46 96.23
CA TYR O 450 -49.23 -19.28 97.37
C TYR O 450 -48.75 -18.57 98.62
N MET O 451 -49.34 -18.91 99.76
CA MET O 451 -48.94 -18.32 101.03
C MET O 451 -48.31 -19.38 101.90
N PHE O 452 -47.06 -19.14 102.29
CA PHE O 452 -46.28 -20.02 103.14
C PHE O 452 -46.20 -19.45 104.54
N SER O 453 -46.13 -20.32 105.54
CA SER O 453 -46.04 -19.82 106.90
C SER O 453 -44.70 -19.14 107.09
N SER O 454 -44.71 -18.03 107.82
CA SER O 454 -43.49 -17.30 108.11
C SER O 454 -42.58 -18.11 109.04
N LEU O 455 -41.28 -17.90 108.90
CA LEU O 455 -40.33 -18.63 109.74
C LEU O 455 -39.50 -17.65 110.52
N LYS O 456 -39.30 -16.44 109.96
CA LYS O 456 -38.56 -15.38 110.62
C LYS O 456 -39.08 -15.21 112.04
N ASN O 457 -40.40 -15.30 112.19
CA ASN O 457 -41.01 -15.08 113.48
C ASN O 457 -41.84 -16.28 113.91
N SER O 458 -41.43 -17.47 113.49
CA SER O 458 -42.12 -18.67 113.94
C SER O 458 -41.62 -18.94 115.36
N LYS O 459 -42.44 -18.65 116.36
CA LYS O 459 -42.02 -18.85 117.75
C LYS O 459 -41.69 -20.31 118.02
N LYS O 460 -42.41 -21.20 117.35
CA LYS O 460 -42.28 -22.65 117.47
C LYS O 460 -41.03 -23.22 116.80
N TYR O 461 -40.55 -22.62 115.70
CA TYR O 461 -39.39 -23.16 115.01
C TYR O 461 -38.12 -22.31 115.09
N ALA O 462 -38.13 -21.19 115.80
CA ALA O 462 -36.93 -20.33 115.90
C ALA O 462 -35.73 -21.02 116.53
N PRO O 463 -34.59 -21.09 115.84
CA PRO O 463 -33.39 -21.73 116.40
C PRO O 463 -32.57 -20.88 117.39
N THR O 464 -31.92 -21.58 118.32
CA THR O 464 -31.05 -21.02 119.35
C THR O 464 -29.69 -20.58 118.78
N GLU O 465 -28.96 -19.78 119.58
CA GLU O 465 -27.62 -19.32 119.20
C GLU O 465 -26.63 -20.45 118.98
N ALA O 466 -26.72 -21.52 119.79
CA ALA O 466 -25.81 -22.64 119.60
C ALA O 466 -26.13 -23.36 118.30
N GLN O 467 -27.41 -23.46 117.98
CA GLN O 467 -27.85 -24.11 116.76
C GLN O 467 -27.40 -23.30 115.54
N LEU O 468 -27.54 -21.97 115.62
CA LEU O 468 -27.10 -21.13 114.50
C LEU O 468 -25.58 -21.17 114.35
N ASN O 469 -24.82 -21.13 115.45
CA ASN O 469 -23.36 -21.21 115.31
C ASN O 469 -22.91 -22.59 114.88
N ALA O 470 -23.79 -23.59 114.99
CA ALA O 470 -23.46 -24.94 114.53
C ALA O 470 -23.67 -24.99 113.04
N VAL O 471 -24.72 -24.32 112.56
CA VAL O 471 -24.93 -24.28 111.12
C VAL O 471 -23.84 -23.38 110.52
N ASP O 472 -23.41 -22.36 111.26
CA ASP O 472 -22.31 -21.49 110.82
C ASP O 472 -21.04 -22.30 110.61
N ALA O 473 -20.76 -23.23 111.54
CA ALA O 473 -19.58 -24.06 111.41
C ALA O 473 -19.76 -25.06 110.29
N LEU O 474 -21.00 -25.49 110.06
CA LEU O 474 -21.29 -26.43 109.00
C LEU O 474 -21.03 -25.79 107.63
N ILE O 475 -21.54 -24.56 107.43
CA ILE O 475 -21.34 -23.87 106.16
C ILE O 475 -19.87 -23.54 105.93
N ASP O 476 -19.16 -23.12 106.99
CA ASP O 476 -17.72 -22.85 106.85
C ASP O 476 -16.91 -24.09 106.54
N SER O 477 -17.26 -25.23 107.16
CA SER O 477 -16.54 -26.47 106.91
C SER O 477 -16.86 -27.06 105.55
N MET O 478 -18.13 -26.97 105.11
CA MET O 478 -18.57 -27.51 103.84
C MET O 478 -18.54 -26.52 102.69
N SER O 479 -17.66 -25.52 102.74
CA SER O 479 -17.59 -24.55 101.66
C SER O 479 -16.92 -25.17 100.44
N LEU O 480 -17.52 -24.95 99.27
CA LEU O 480 -17.00 -25.51 98.03
C LEU O 480 -16.15 -24.50 97.24
N ALA O 481 -15.65 -23.45 97.89
CA ALA O 481 -14.81 -22.53 97.14
C ALA O 481 -13.62 -22.10 97.99
N LYS O 482 -12.48 -21.97 97.32
CA LYS O 482 -11.20 -21.54 97.87
C LYS O 482 -10.74 -20.35 97.06
N LYS O 483 -10.14 -19.35 97.68
CA LYS O 483 -9.69 -18.17 96.95
C LYS O 483 -8.20 -18.30 96.68
N ASP O 484 -7.84 -18.47 95.40
CA ASP O 484 -6.45 -18.67 95.04
C ASP O 484 -5.65 -17.39 95.28
N GLU O 485 -4.33 -17.55 95.29
CA GLU O 485 -3.41 -16.54 95.79
C GLU O 485 -3.92 -15.95 97.11
N LYS O 486 -3.97 -14.62 97.19
CA LYS O 486 -4.20 -13.94 98.46
C LYS O 486 -5.54 -13.23 98.53
N THR O 487 -5.88 -12.50 97.47
CA THR O 487 -7.13 -11.77 97.37
C THR O 487 -7.75 -12.00 95.99
N ASP O 488 -7.18 -12.92 95.21
CA ASP O 488 -7.62 -13.19 93.85
C ASP O 488 -9.06 -13.69 93.87
N THR O 489 -9.57 -14.13 92.73
CA THR O 489 -10.95 -14.59 92.68
C THR O 489 -11.08 -16.01 93.18
N LEU O 490 -12.17 -16.24 93.92
CA LEU O 490 -12.52 -17.52 94.49
C LEU O 490 -12.50 -18.61 93.42
N GLU O 491 -11.71 -19.64 93.68
CA GLU O 491 -11.53 -20.76 92.78
C GLU O 491 -12.49 -21.83 93.28
N ASP O 492 -13.40 -22.22 92.41
CA ASP O 492 -14.42 -23.22 92.69
C ASP O 492 -13.85 -24.63 92.63
N LEU O 493 -14.12 -25.37 93.70
CA LEU O 493 -13.64 -26.73 93.87
C LEU O 493 -14.66 -27.78 93.42
N PHE O 494 -15.90 -27.39 93.11
CA PHE O 494 -16.90 -28.33 92.62
C PHE O 494 -17.70 -27.75 91.45
N PRO O 495 -17.01 -27.34 90.36
CA PRO O 495 -17.75 -26.84 89.19
C PRO O 495 -18.63 -27.93 88.59
N THR O 496 -19.93 -27.86 88.86
CA THR O 496 -20.85 -28.88 88.36
C THR O 496 -21.10 -28.72 86.87
N THR O 497 -21.03 -27.50 86.37
CA THR O 497 -21.26 -27.22 84.96
C THR O 497 -20.19 -27.87 84.07
N LYS O 498 -19.09 -28.34 84.65
CA LYS O 498 -18.02 -28.99 83.91
C LYS O 498 -18.16 -30.52 83.92
N ILE O 499 -18.87 -31.06 84.89
CA ILE O 499 -19.08 -32.50 85.03
C ILE O 499 -20.10 -32.94 83.98
N PRO O 500 -19.83 -34.01 83.23
CA PRO O 500 -20.83 -34.48 82.26
C PRO O 500 -21.96 -35.25 82.94
N ASN O 501 -23.13 -35.18 82.30
CA ASN O 501 -24.34 -35.87 82.74
C ASN O 501 -24.06 -37.36 82.80
N PRO O 502 -24.06 -37.97 83.99
CA PRO O 502 -23.71 -39.41 84.08
C PRO O 502 -24.62 -40.33 83.27
N ARG O 503 -25.79 -39.85 82.88
CA ARG O 503 -26.73 -40.65 82.11
C ARG O 503 -26.11 -41.26 80.87
N PHE O 504 -25.33 -40.47 80.14
CA PHE O 504 -24.78 -40.91 78.86
C PHE O 504 -23.69 -41.96 79.03
N GLN O 505 -22.63 -41.67 79.80
CA GLN O 505 -21.58 -42.69 79.95
C GLN O 505 -22.08 -43.94 80.66
N ARG O 506 -23.13 -43.83 81.49
CA ARG O 506 -23.69 -45.02 82.13
C ARG O 506 -24.45 -45.85 81.09
N LEU O 507 -25.20 -45.17 80.23
CA LEU O 507 -25.93 -45.84 79.18
C LEU O 507 -24.97 -46.53 78.22
N PHE O 508 -23.90 -45.83 77.82
CA PHE O 508 -22.92 -46.43 76.91
C PHE O 508 -22.27 -47.65 77.54
N GLN O 509 -21.96 -47.57 78.83
CA GLN O 509 -21.37 -48.71 79.54
C GLN O 509 -22.28 -49.93 79.44
N CYS O 510 -23.55 -49.77 79.80
CA CYS O 510 -24.51 -50.88 79.76
C CYS O 510 -24.77 -51.38 78.33
N LEU O 511 -24.92 -50.46 77.38
CA LEU O 511 -25.16 -50.84 75.99
C LEU O 511 -24.01 -51.68 75.44
N LEU O 512 -22.78 -51.29 75.75
CA LEU O 512 -21.63 -52.05 75.28
C LEU O 512 -21.55 -53.40 75.99
N HIS O 513 -21.81 -53.40 77.31
CA HIS O 513 -21.77 -54.66 78.04
C HIS O 513 -22.78 -55.67 77.48
N ARG O 514 -23.98 -55.21 77.12
CA ARG O 514 -24.96 -56.13 76.53
C ARG O 514 -24.55 -56.56 75.13
N ALA O 515 -23.91 -55.66 74.37
CA ALA O 515 -23.49 -56.02 73.02
C ALA O 515 -22.37 -57.06 73.05
N LEU O 516 -21.47 -56.96 74.03
CA LEU O 516 -20.34 -57.89 74.15
C LEU O 516 -20.63 -59.07 75.07
N HIS O 517 -21.33 -58.86 76.18
CA HIS O 517 -21.65 -59.95 77.10
C HIS O 517 -23.16 -60.09 77.23
N PRO O 518 -23.77 -60.81 76.29
CA PRO O 518 -25.24 -60.96 76.29
C PRO O 518 -25.69 -61.90 77.39
N ARG O 519 -24.84 -62.86 77.74
CA ARG O 519 -25.16 -63.86 78.73
C ARG O 519 -25.17 -63.25 80.13
N GLU O 520 -24.22 -62.35 80.40
CA GLU O 520 -24.06 -61.62 81.65
C GLU O 520 -25.14 -60.54 81.86
N PRO O 521 -25.55 -60.31 83.11
CA PRO O 521 -26.51 -59.23 83.37
C PRO O 521 -25.78 -57.88 83.38
N LEU O 522 -26.57 -56.81 83.44
CA LEU O 522 -26.02 -55.45 83.41
C LEU O 522 -24.99 -55.21 84.52
N PRO O 523 -23.88 -54.53 84.20
CA PRO O 523 -22.84 -54.27 85.20
C PRO O 523 -23.23 -53.10 86.10
N PRO O 524 -22.61 -52.99 87.28
CA PRO O 524 -22.92 -51.88 88.19
C PRO O 524 -22.25 -50.59 87.75
N ILE O 525 -22.71 -49.48 88.37
CA ILE O 525 -22.15 -48.17 88.06
C ILE O 525 -20.66 -48.16 88.36
N GLN O 526 -19.88 -47.75 87.36
CA GLN O 526 -18.43 -47.67 87.55
C GLN O 526 -18.10 -46.66 88.64
N GLN O 527 -17.18 -47.06 89.52
CA GLN O 527 -16.78 -46.25 90.67
C GLN O 527 -16.38 -44.82 90.33
N HIS O 528 -15.67 -44.60 89.21
CA HIS O 528 -15.26 -43.24 88.87
C HIS O 528 -16.47 -42.32 88.66
N ILE O 529 -17.62 -42.86 88.27
CA ILE O 529 -18.80 -42.01 88.13
C ILE O 529 -19.27 -41.53 89.48
N TRP O 530 -19.17 -42.39 90.51
CA TRP O 530 -19.55 -41.97 91.85
C TRP O 530 -18.51 -41.00 92.39
N ASN O 531 -17.24 -41.24 92.04
CA ASN O 531 -16.15 -40.37 92.49
C ASN O 531 -16.28 -38.96 91.90
N MET O 532 -16.70 -38.87 90.63
CA MET O 532 -16.86 -37.56 90.01
C MET O 532 -18.13 -36.85 90.46
N LEU O 533 -19.14 -37.60 90.91
CA LEU O 533 -20.37 -36.95 91.36
C LEU O 533 -20.28 -36.47 92.80
N ASN O 534 -19.44 -37.11 93.64
CA ASN O 534 -19.32 -36.70 95.03
C ASN O 534 -18.33 -35.53 95.19
N PRO O 535 -18.54 -34.68 96.19
CA PRO O 535 -17.65 -33.53 96.43
C PRO O 535 -16.22 -33.95 96.77
N PRO O 536 -15.27 -33.02 96.66
CA PRO O 536 -13.87 -33.36 96.98
C PRO O 536 -13.71 -33.91 98.39
N ALA O 537 -12.85 -34.93 98.51
CA ALA O 537 -12.59 -35.60 99.78
C ALA O 537 -12.32 -34.64 100.93
N GLU O 538 -11.69 -33.50 100.65
CA GLU O 538 -11.40 -32.52 101.71
C GLU O 538 -12.68 -31.94 102.29
N VAL O 539 -13.72 -31.76 101.47
CA VAL O 539 -14.99 -31.23 101.96
C VAL O 539 -15.70 -32.27 102.82
N THR O 540 -15.69 -33.53 102.36
CA THR O 540 -16.34 -34.60 103.11
C THR O 540 -15.67 -34.80 104.45
N THR O 541 -14.33 -34.74 104.49
CA THR O 541 -13.62 -34.91 105.75
C THR O 541 -13.85 -33.73 106.69
N LYS O 542 -13.80 -32.51 106.14
CA LYS O 542 -14.03 -31.31 106.95
C LYS O 542 -15.42 -31.32 107.58
N SER O 543 -16.44 -31.75 106.84
CA SER O 543 -17.82 -31.75 107.32
C SER O 543 -18.09 -32.75 108.45
N GLN O 544 -17.25 -33.77 108.60
CA GLN O 544 -17.46 -34.81 109.60
C GLN O 544 -17.78 -34.27 111.00
N ILE O 545 -16.92 -33.41 111.54
CA ILE O 545 -17.09 -32.85 112.89
C ILE O 545 -18.33 -31.97 113.03
N PRO O 546 -18.54 -30.95 112.17
CA PRO O 546 -19.76 -30.13 112.35
C PRO O 546 -21.03 -30.91 112.12
N LEU O 547 -21.00 -31.92 111.26
CA LEU O 547 -22.19 -32.73 111.04
C LEU O 547 -22.55 -33.49 112.31
N SER O 548 -21.54 -34.01 113.00
CA SER O 548 -21.79 -34.70 114.27
C SER O 548 -22.32 -33.75 115.33
N LYS O 549 -21.83 -32.51 115.36
CA LYS O 549 -22.37 -31.57 116.36
C LYS O 549 -23.82 -31.17 116.05
N ILE O 550 -24.14 -30.98 114.76
CA ILE O 550 -25.50 -30.61 114.42
C ILE O 550 -26.46 -31.78 114.57
N LYS O 551 -25.97 -33.02 114.48
CA LYS O 551 -26.88 -34.16 114.68
C LYS O 551 -27.46 -34.13 116.09
N THR O 552 -26.60 -33.91 117.09
CA THR O 552 -27.05 -33.85 118.48
C THR O 552 -27.82 -32.56 118.75
N LEU O 553 -27.38 -31.44 118.18
CA LEU O 553 -28.04 -30.15 118.40
C LEU O 553 -29.41 -30.05 117.73
N PHE O 554 -29.58 -30.67 116.57
CA PHE O 554 -30.83 -30.66 115.83
C PHE O 554 -31.57 -31.98 115.94
N PRO O 555 -32.64 -32.02 116.73
CA PRO O 555 -33.41 -33.25 116.96
C PRO O 555 -34.28 -33.59 115.75
N LEU O 556 -34.24 -34.86 115.36
CA LEU O 556 -34.99 -35.34 114.22
C LEU O 556 -35.77 -36.58 114.63
N ILE O 557 -37.06 -36.59 114.29
CA ILE O 557 -37.94 -37.70 114.61
C ILE O 557 -38.97 -37.77 113.49
N GLU O 558 -39.31 -38.97 113.05
CA GLU O 558 -40.31 -39.06 112.00
C GLU O 558 -41.73 -38.99 112.56
N ALA O 559 -42.64 -38.45 111.78
CA ALA O 559 -44.05 -38.37 112.15
C ALA O 559 -44.74 -39.64 111.65
N LYS O 560 -45.44 -40.36 112.51
CA LYS O 560 -46.24 -41.48 112.00
C LYS O 560 -47.67 -41.47 112.51
N ARG R 1 -53.37 -24.63 110.64
CA ARG R 1 -52.20 -23.78 110.83
C ARG R 1 -52.53 -22.34 110.46
N ARG R 2 -51.57 -21.64 109.86
CA ARG R 2 -51.78 -20.28 109.41
C ARG R 2 -52.47 -20.28 108.05
N ARG R 3 -53.61 -19.58 107.95
CA ARG R 3 -54.44 -19.61 106.75
C ARG R 3 -55.21 -18.29 106.64
N CYS R 4 -54.49 -17.21 106.34
CA CYS R 4 -55.11 -15.90 106.15
C CYS R 4 -55.19 -15.58 104.67
N PRO R 5 -56.39 -15.45 104.09
CA PRO R 5 -56.46 -15.04 102.67
C PRO R 5 -55.87 -13.66 102.41
N GLY R 6 -55.96 -12.77 103.39
CA GLY R 6 -55.44 -11.42 103.23
C GLY R 6 -56.12 -10.67 102.12
N GLU R 7 -55.33 -10.14 101.19
CA GLU R 7 -55.87 -9.39 100.06
C GLU R 7 -55.98 -10.28 98.83
N SER R 8 -56.62 -11.43 99.02
CA SER R 8 -56.83 -12.39 97.96
C SER R 8 -58.14 -12.19 97.21
N LEU R 9 -59.09 -11.46 97.81
CA LEU R 9 -60.37 -11.10 97.23
C LEU R 9 -61.24 -12.32 96.91
N ILE R 10 -61.35 -12.67 95.63
CA ILE R 10 -62.27 -13.74 95.27
C ILE R 10 -61.64 -15.10 95.49
N ASN R 11 -60.32 -15.21 95.30
CA ASN R 11 -59.65 -16.50 95.42
C ASN R 11 -58.82 -16.46 96.70
N PRO R 12 -59.30 -17.05 97.79
CA PRO R 12 -58.58 -16.92 99.08
C PRO R 12 -57.26 -17.67 99.07
N GLY R 13 -56.24 -17.04 99.67
CA GLY R 13 -54.91 -17.56 99.61
C GLY R 13 -54.18 -17.27 98.32
N PHE R 14 -54.78 -16.46 97.45
CA PHE R 14 -54.21 -16.14 96.14
C PHE R 14 -54.23 -14.62 95.99
N LYS R 15 -53.06 -14.01 95.99
CA LYS R 15 -52.99 -12.55 95.90
C LYS R 15 -53.61 -12.06 94.60
N SER R 16 -54.43 -11.02 94.70
CA SER R 16 -55.09 -10.43 93.54
C SER R 16 -54.23 -9.31 93.00
N LYS R 17 -54.19 -9.17 91.68
CA LYS R 17 -53.26 -8.23 91.08
C LYS R 17 -53.86 -7.49 89.89
N LYS R 18 -53.30 -6.30 89.63
CA LYS R 18 -53.70 -5.48 88.50
C LYS R 18 -53.33 -6.18 87.19
N PRO R 19 -54.22 -6.19 86.21
CA PRO R 19 -53.93 -6.91 84.96
C PRO R 19 -53.09 -6.12 83.96
N ALA R 20 -52.96 -4.81 84.12
CA ALA R 20 -52.35 -4.01 83.07
C ALA R 20 -50.84 -3.91 83.29
N GLY R 21 -50.18 -3.26 82.34
CA GLY R 21 -48.76 -3.01 82.43
C GLY R 21 -48.09 -3.13 81.06
N GLY R 22 -46.93 -2.50 80.94
CA GLY R 22 -46.08 -2.60 79.77
C GLY R 22 -45.94 -1.33 78.97
N VAL R 23 -46.82 -0.35 79.17
CA VAL R 23 -46.77 0.91 78.42
C VAL R 23 -46.71 2.12 79.35
N ASP R 24 -46.38 1.92 80.62
CA ASP R 24 -46.21 3.02 81.57
C ASP R 24 -44.78 3.50 81.47
N PHE R 25 -44.58 4.70 80.93
CA PHE R 25 -43.26 5.23 80.60
C PHE R 25 -42.92 6.41 81.50
N ASP R 26 -41.75 6.36 82.11
CA ASP R 26 -41.21 7.52 82.82
C ASP R 26 -40.60 8.50 81.83
N GLU R 27 -40.81 9.80 82.06
CA GLU R 27 -40.40 10.84 81.13
C GLU R 27 -39.01 11.33 81.50
N THR R 28 -37.98 10.68 80.96
CA THR R 28 -36.61 11.14 81.20
C THR R 28 -36.33 12.42 80.40
S SO4 S . 18.27 49.95 -33.90
O1 SO4 S . 16.99 50.25 -34.55
O2 SO4 S . 19.12 51.12 -33.91
O3 SO4 S . 18.02 49.56 -32.50
O4 SO4 S . 18.93 48.85 -34.59
S SO4 T . 27.88 -7.85 -68.62
O1 SO4 T . 26.72 -7.22 -69.24
O2 SO4 T . 29.07 -7.55 -69.40
O3 SO4 T . 27.67 -9.29 -68.55
O4 SO4 T . 28.03 -7.31 -67.27
S SO4 U . -32.40 1.40 15.17
O1 SO4 U . -33.43 1.08 14.19
O2 SO4 U . -31.91 2.76 14.95
O3 SO4 U . -32.93 1.28 16.52
O4 SO4 U . -31.29 0.46 15.00
S SO4 V . -20.26 -19.10 79.34
O1 SO4 V . -20.37 -19.87 78.09
O2 SO4 V . -20.54 -17.69 79.07
O3 SO4 V . -21.21 -19.61 80.32
O4 SO4 V . -18.90 -19.24 79.86
#